data_2LAK
#
_entry.id   2LAK
#
_entity_poly.entity_id   1
_entity_poly.type   'polypeptide(L)'
_entity_poly.pdbx_seq_one_letter_code
;MEKAMPESFVVRREAHLAAPPAAVFALMTDPEKILRWMGTEAEVEPEPGGLYLVNVTGARFARGSFREVVPVHRLAYSFG
WDGSEVVPPGSSLVEIDLIEQGGGTLLRLTHSGLPSAEQCAGHEEGWAHYLGRLTEVAAGRDPGPDPFYGRRLEHHHHHH
;
_entity_poly.pdbx_strand_id   A
#
# COMPACT_ATOMS: atom_id res chain seq x y z
N MET A 1 -0.52 12.88 29.84
CA MET A 1 -1.88 12.48 29.38
C MET A 1 -1.78 11.90 27.97
N GLU A 2 -1.45 12.71 27.01
CA GLU A 2 -1.33 12.21 25.61
C GLU A 2 -0.53 13.23 24.79
N LYS A 3 0.74 13.36 25.09
CA LYS A 3 1.58 14.34 24.34
C LYS A 3 1.79 13.88 22.90
N ALA A 4 2.95 13.36 22.59
CA ALA A 4 3.24 12.91 21.20
C ALA A 4 2.56 11.57 20.91
N MET A 5 2.19 11.34 19.69
CA MET A 5 1.52 10.06 19.31
C MET A 5 0.48 9.68 20.36
N PRO A 6 -0.65 10.32 20.32
CA PRO A 6 -1.77 10.04 21.29
C PRO A 6 -2.26 8.59 21.21
N GLU A 7 -2.64 8.03 22.33
CA GLU A 7 -3.13 6.62 22.35
C GLU A 7 -2.22 5.73 21.51
N SER A 8 -2.66 4.52 21.26
CA SER A 8 -1.86 3.56 20.43
C SER A 8 -2.68 3.11 19.23
N PHE A 9 -3.69 2.31 19.47
CA PHE A 9 -4.54 1.82 18.34
C PHE A 9 -3.64 1.25 17.24
N VAL A 10 -3.51 -0.05 17.19
CA VAL A 10 -2.65 -0.70 16.16
C VAL A 10 -3.47 -1.72 15.37
N VAL A 11 -3.35 -1.73 14.07
CA VAL A 11 -4.12 -2.68 13.22
C VAL A 11 -3.14 -3.61 12.50
N ARG A 12 -3.38 -4.89 12.54
CA ARG A 12 -2.48 -5.87 11.86
C ARG A 12 -3.32 -6.79 10.99
N ARG A 13 -2.85 -7.13 9.82
CA ARG A 13 -3.62 -8.03 8.92
C ARG A 13 -2.66 -9.03 8.26
N GLU A 14 -3.16 -10.16 7.82
CA GLU A 14 -2.29 -11.17 7.17
C GLU A 14 -3.00 -11.74 5.94
N ALA A 15 -2.26 -12.27 5.01
CA ALA A 15 -2.90 -12.83 3.79
C ALA A 15 -2.01 -13.94 3.23
N HIS A 16 -2.60 -14.90 2.56
CA HIS A 16 -1.79 -16.03 1.98
C HIS A 16 -1.69 -15.85 0.47
N LEU A 17 -0.49 -15.78 -0.05
CA LEU A 17 -0.29 -15.59 -1.52
C LEU A 17 0.36 -16.85 -2.10
N ALA A 18 -0.11 -17.31 -3.22
CA ALA A 18 0.47 -18.53 -3.84
C ALA A 18 1.70 -18.15 -4.65
N ALA A 19 2.05 -16.88 -4.69
CA ALA A 19 3.25 -16.44 -5.47
C ALA A 19 4.41 -16.17 -4.52
N PRO A 20 5.63 -16.30 -5.00
CA PRO A 20 6.86 -16.06 -4.16
C PRO A 20 6.99 -14.58 -3.76
N PRO A 21 7.80 -14.29 -2.76
CA PRO A 21 8.02 -12.90 -2.26
C PRO A 21 8.64 -12.01 -3.35
N ALA A 22 9.41 -12.60 -4.23
CA ALA A 22 10.06 -11.79 -5.31
C ALA A 22 8.98 -11.20 -6.22
N ALA A 23 7.95 -11.96 -6.50
CA ALA A 23 6.87 -11.44 -7.40
C ALA A 23 6.13 -10.29 -6.71
N VAL A 24 5.89 -10.39 -5.43
CA VAL A 24 5.17 -9.30 -4.72
C VAL A 24 5.98 -8.01 -4.79
N PHE A 25 7.25 -8.08 -4.52
CA PHE A 25 8.10 -6.86 -4.56
C PHE A 25 8.07 -6.28 -5.99
N ALA A 26 8.18 -7.12 -6.97
CA ALA A 26 8.18 -6.63 -8.38
C ALA A 26 6.93 -5.77 -8.62
N LEU A 27 5.80 -6.20 -8.12
CA LEU A 27 4.56 -5.41 -8.33
C LEU A 27 4.69 -4.04 -7.66
N MET A 28 5.24 -4.01 -6.47
CA MET A 28 5.38 -2.70 -5.76
C MET A 28 6.65 -1.99 -6.24
N THR A 29 7.44 -2.64 -7.05
CA THR A 29 8.69 -2.01 -7.56
C THR A 29 8.44 -1.50 -8.98
N ASP A 30 7.38 -1.96 -9.60
CA ASP A 30 7.07 -1.51 -10.99
C ASP A 30 5.90 -0.51 -10.96
N PRO A 31 6.06 0.69 -11.50
CA PRO A 31 4.99 1.72 -11.50
C PRO A 31 3.88 1.42 -12.52
N GLU A 32 4.18 0.64 -13.53
CA GLU A 32 3.15 0.32 -14.56
C GLU A 32 2.30 -0.87 -14.10
N LYS A 33 2.91 -1.85 -13.50
CA LYS A 33 2.15 -3.04 -13.04
C LYS A 33 1.10 -2.62 -12.01
N ILE A 34 1.40 -1.63 -11.21
CA ILE A 34 0.42 -1.18 -10.18
C ILE A 34 -0.86 -0.68 -10.86
N LEU A 35 -0.73 0.06 -11.93
CA LEU A 35 -1.94 0.59 -12.62
C LEU A 35 -2.88 -0.55 -12.99
N ARG A 36 -2.36 -1.72 -13.22
CA ARG A 36 -3.24 -2.87 -13.57
C ARG A 36 -4.21 -3.12 -12.42
N TRP A 37 -3.77 -2.91 -11.20
CA TRP A 37 -4.65 -3.13 -10.03
C TRP A 37 -4.55 -1.93 -9.08
N MET A 38 -5.35 -0.92 -9.33
CA MET A 38 -5.35 0.31 -8.47
C MET A 38 -4.22 1.25 -8.87
N GLY A 39 -4.36 2.51 -8.55
CA GLY A 39 -3.30 3.50 -8.90
C GLY A 39 -3.61 4.15 -10.25
N THR A 40 -3.91 5.42 -10.24
CA THR A 40 -4.21 6.12 -11.53
C THR A 40 -2.93 6.80 -12.03
N GLU A 41 -1.98 6.99 -11.16
CA GLU A 41 -0.69 7.60 -11.58
C GLU A 41 0.40 7.20 -10.58
N ALA A 42 1.42 6.53 -11.04
CA ALA A 42 2.51 6.09 -10.11
C ALA A 42 3.87 6.29 -10.80
N GLU A 43 4.88 6.61 -10.04
CA GLU A 43 6.23 6.82 -10.65
C GLU A 43 7.28 6.47 -9.59
N VAL A 44 8.21 5.60 -9.91
CA VAL A 44 9.26 5.21 -8.91
C VAL A 44 10.63 5.19 -9.59
N GLU A 45 11.68 5.35 -8.81
CA GLU A 45 13.06 5.35 -9.38
C GLU A 45 13.10 6.14 -10.69
N PRO A 46 12.68 7.39 -10.66
CA PRO A 46 12.69 8.25 -11.87
C PRO A 46 14.10 8.73 -12.25
N GLU A 47 14.52 9.85 -11.72
CA GLU A 47 15.87 10.35 -12.06
C GLU A 47 16.93 9.60 -11.22
N PRO A 48 18.17 9.58 -11.67
CA PRO A 48 19.27 8.89 -10.92
C PRO A 48 19.31 9.27 -9.43
N GLY A 49 19.51 8.30 -8.58
CA GLY A 49 19.55 8.57 -7.10
C GLY A 49 18.59 7.62 -6.40
N GLY A 50 17.66 7.07 -7.14
CA GLY A 50 16.69 6.11 -6.53
C GLY A 50 15.70 6.86 -5.63
N LEU A 51 14.43 6.76 -5.90
CA LEU A 51 13.43 7.45 -5.04
C LEU A 51 12.09 6.74 -5.18
N TYR A 52 11.62 6.10 -4.14
CA TYR A 52 10.32 5.39 -4.22
C TYR A 52 9.19 6.30 -3.75
N LEU A 53 8.20 6.51 -4.57
CA LEU A 53 7.05 7.37 -4.16
C LEU A 53 5.90 7.15 -5.13
N VAL A 54 4.73 6.89 -4.62
CA VAL A 54 3.54 6.66 -5.51
C VAL A 54 2.33 7.39 -4.94
N ASN A 55 1.57 8.04 -5.79
CA ASN A 55 0.38 8.78 -5.30
C ASN A 55 -0.82 7.82 -5.24
N VAL A 56 -0.98 7.12 -4.16
CA VAL A 56 -2.13 6.18 -4.05
C VAL A 56 -3.44 6.97 -4.13
N THR A 57 -3.55 8.04 -3.41
CA THR A 57 -4.80 8.87 -3.46
C THR A 57 -4.45 10.36 -3.40
N GLY A 58 -5.32 11.19 -3.92
CA GLY A 58 -5.07 12.66 -3.89
C GLY A 58 -3.62 12.96 -4.26
N ALA A 59 -2.97 13.75 -3.45
CA ALA A 59 -1.55 14.10 -3.71
C ALA A 59 -1.01 14.87 -2.50
N ARG A 60 -1.19 14.34 -1.32
CA ARG A 60 -0.72 15.04 -0.08
C ARG A 60 0.14 14.09 0.76
N PHE A 61 1.23 14.61 1.26
CA PHE A 61 2.13 13.80 2.11
C PHE A 61 3.22 14.74 2.66
N ALA A 62 3.07 16.01 2.38
CA ALA A 62 4.05 17.02 2.85
C ALA A 62 5.45 16.63 2.41
N ARG A 63 6.10 15.75 3.13
CA ARG A 63 7.48 15.33 2.75
C ARG A 63 7.66 13.84 2.99
N GLY A 64 8.35 13.16 2.12
CA GLY A 64 8.57 11.70 2.29
C GLY A 64 9.56 11.45 3.43
N SER A 65 9.64 10.24 3.91
CA SER A 65 10.59 9.93 5.01
C SER A 65 10.84 8.42 5.05
N PHE A 66 11.81 7.96 4.32
CA PHE A 66 12.10 6.50 4.30
C PHE A 66 12.75 6.07 5.62
N ARG A 67 12.33 4.96 6.16
CA ARG A 67 12.93 4.46 7.44
C ARG A 67 13.87 3.31 7.14
N GLU A 68 13.42 2.31 6.43
CA GLU A 68 14.30 1.15 6.10
C GLU A 68 13.83 0.52 4.80
N VAL A 69 14.74 0.14 3.94
CA VAL A 69 14.35 -0.49 2.64
C VAL A 69 15.03 -1.85 2.49
N VAL A 70 14.28 -2.87 2.18
CA VAL A 70 14.86 -4.23 2.00
C VAL A 70 14.09 -4.92 0.85
N PRO A 71 14.59 -4.86 -0.36
CA PRO A 71 13.90 -5.48 -1.54
C PRO A 71 13.59 -6.97 -1.32
N VAL A 72 12.55 -7.47 -1.96
CA VAL A 72 12.15 -8.89 -1.82
C VAL A 72 12.36 -9.37 -0.37
N HIS A 73 12.06 -8.52 0.58
CA HIS A 73 12.25 -8.90 2.01
C HIS A 73 11.26 -8.14 2.88
N ARG A 74 11.46 -6.86 3.04
CA ARG A 74 10.52 -6.07 3.89
C ARG A 74 10.69 -4.57 3.61
N LEU A 75 9.70 -3.78 3.95
CA LEU A 75 9.79 -2.31 3.72
C LEU A 75 9.22 -1.56 4.92
N ALA A 76 9.78 -0.42 5.24
CA ALA A 76 9.27 0.37 6.39
C ALA A 76 9.21 1.85 5.99
N TYR A 77 8.04 2.44 6.05
CA TYR A 77 7.91 3.88 5.67
C TYR A 77 6.57 4.41 6.15
N SER A 78 6.39 5.70 6.16
CA SER A 78 5.09 6.30 6.63
C SER A 78 4.63 7.35 5.64
N PHE A 79 3.34 7.53 5.53
CA PHE A 79 2.81 8.55 4.58
C PHE A 79 1.31 8.70 4.86
N GLY A 80 0.73 7.75 5.53
CA GLY A 80 -0.72 7.82 5.86
C GLY A 80 -1.55 7.30 4.69
N TRP A 81 -2.78 6.94 4.94
CA TRP A 81 -3.65 6.44 3.84
C TRP A 81 -4.39 7.62 3.21
N ASP A 82 -4.17 8.80 3.72
CA ASP A 82 -4.84 10.02 3.16
C ASP A 82 -6.36 9.78 3.13
N GLY A 83 -6.87 9.01 4.05
CA GLY A 83 -8.34 8.77 4.08
C GLY A 83 -9.03 9.89 4.87
N SER A 84 -8.27 10.72 5.52
CA SER A 84 -8.88 11.84 6.31
C SER A 84 -7.83 12.91 6.60
N GLU A 85 -8.27 14.10 6.92
CA GLU A 85 -7.31 15.21 7.23
C GLU A 85 -6.13 15.18 6.26
N VAL A 86 -5.00 14.74 6.74
CA VAL A 86 -3.78 14.67 5.88
C VAL A 86 -2.87 13.55 6.41
N VAL A 87 -2.85 13.38 7.71
CA VAL A 87 -2.00 12.33 8.34
C VAL A 87 -0.53 12.59 7.98
N PRO A 88 0.12 13.49 8.67
CA PRO A 88 1.54 13.84 8.42
C PRO A 88 2.51 12.79 9.01
N PRO A 89 3.78 12.83 8.66
CA PRO A 89 4.79 11.86 9.18
C PRO A 89 4.81 11.74 10.71
N GLY A 90 4.89 10.54 11.22
CA GLY A 90 4.92 10.34 12.70
C GLY A 90 3.49 10.10 13.22
N SER A 91 2.51 10.62 12.54
CA SER A 91 1.10 10.42 13.01
C SER A 91 0.72 8.95 12.83
N SER A 92 1.39 8.25 11.97
CA SER A 92 1.06 6.81 11.75
C SER A 92 2.29 6.12 11.17
N LEU A 93 2.33 4.81 11.23
CA LEU A 93 3.52 4.07 10.68
C LEU A 93 3.03 2.90 9.83
N VAL A 94 3.55 2.78 8.63
CA VAL A 94 3.13 1.65 7.74
C VAL A 94 4.33 0.74 7.51
N GLU A 95 4.15 -0.54 7.67
CA GLU A 95 5.29 -1.49 7.47
C GLU A 95 4.80 -2.74 6.75
N ILE A 96 5.58 -3.22 5.82
CA ILE A 96 5.22 -4.44 5.05
C ILE A 96 6.36 -5.44 5.17
N ASP A 97 6.07 -6.66 5.54
CA ASP A 97 7.16 -7.68 5.70
C ASP A 97 6.83 -8.92 4.86
N LEU A 98 7.80 -9.45 4.17
CA LEU A 98 7.57 -10.66 3.33
C LEU A 98 8.27 -11.84 4.00
N ILE A 99 7.57 -12.93 4.18
CA ILE A 99 8.19 -14.14 4.83
C ILE A 99 8.06 -15.33 3.89
N GLU A 100 9.14 -15.97 3.59
CA GLU A 100 9.10 -17.15 2.68
C GLU A 100 8.49 -18.35 3.40
N GLN A 101 7.62 -19.08 2.75
CA GLN A 101 7.00 -20.27 3.41
C GLN A 101 6.81 -21.38 2.36
N GLY A 102 6.74 -22.61 2.79
CA GLY A 102 6.57 -23.72 1.80
C GLY A 102 5.23 -23.57 1.09
N GLY A 103 4.18 -23.24 1.80
CA GLY A 103 2.85 -23.09 1.15
C GLY A 103 2.59 -21.62 0.80
N GLY A 104 3.08 -21.17 -0.32
CA GLY A 104 2.84 -19.74 -0.72
C GLY A 104 3.72 -18.81 0.11
N THR A 105 3.42 -17.53 0.09
CA THR A 105 4.22 -16.52 0.86
C THR A 105 3.30 -15.79 1.83
N LEU A 106 3.72 -15.64 3.06
CA LEU A 106 2.88 -14.95 4.08
C LEU A 106 3.26 -13.46 4.11
N LEU A 107 2.28 -12.59 3.99
CA LEU A 107 2.57 -11.12 4.01
C LEU A 107 1.94 -10.50 5.26
N ARG A 108 2.73 -9.83 6.06
CA ARG A 108 2.20 -9.19 7.30
C ARG A 108 2.11 -7.69 7.07
N LEU A 109 1.03 -7.07 7.47
CA LEU A 109 0.87 -5.60 7.29
C LEU A 109 0.49 -4.97 8.63
N THR A 110 1.24 -3.99 9.07
CA THR A 110 0.93 -3.32 10.37
C THR A 110 0.77 -1.81 10.13
N HIS A 111 -0.30 -1.24 10.60
CA HIS A 111 -0.52 0.23 10.41
C HIS A 111 -0.79 0.86 11.79
N SER A 112 0.16 1.59 12.30
CA SER A 112 -0.02 2.22 13.65
C SER A 112 -0.61 3.62 13.50
N GLY A 113 -1.04 4.22 14.59
CA GLY A 113 -1.61 5.60 14.54
C GLY A 113 -3.14 5.55 14.70
N LEU A 114 -3.86 5.91 13.69
CA LEU A 114 -5.34 5.89 13.77
C LEU A 114 -5.81 6.77 14.93
N PRO A 115 -5.69 8.07 14.79
CA PRO A 115 -6.11 9.02 15.86
C PRO A 115 -7.64 9.16 15.91
N SER A 116 -8.33 8.59 14.95
CA SER A 116 -9.82 8.67 14.94
C SER A 116 -10.42 7.32 14.56
N ALA A 117 -11.61 7.05 15.01
CA ALA A 117 -12.27 5.75 14.68
C ALA A 117 -12.58 5.68 13.19
N GLU A 118 -12.94 6.80 12.60
CA GLU A 118 -13.26 6.78 11.14
C GLU A 118 -12.06 6.25 10.37
N GLN A 119 -10.89 6.71 10.72
CA GLN A 119 -9.66 6.22 10.02
C GLN A 119 -9.46 4.73 10.31
N CYS A 120 -9.75 4.32 11.53
CA CYS A 120 -9.58 2.88 11.88
C CYS A 120 -10.55 2.03 11.05
N ALA A 121 -11.81 2.38 11.05
CA ALA A 121 -12.81 1.61 10.25
C ALA A 121 -12.51 1.77 8.77
N GLY A 122 -12.15 2.95 8.34
CA GLY A 122 -11.86 3.17 6.90
C GLY A 122 -10.58 2.42 6.51
N HIS A 123 -9.57 2.48 7.34
CA HIS A 123 -8.30 1.78 7.03
C HIS A 123 -8.52 0.27 7.06
N GLU A 124 -9.23 -0.22 8.05
CA GLU A 124 -9.48 -1.68 8.12
C GLU A 124 -10.16 -2.15 6.84
N GLU A 125 -11.18 -1.46 6.43
CA GLU A 125 -11.89 -1.85 5.18
C GLU A 125 -11.00 -1.56 3.97
N GLY A 126 -10.27 -0.48 4.02
CA GLY A 126 -9.39 -0.11 2.87
C GLY A 126 -8.28 -1.16 2.70
N TRP A 127 -7.61 -1.52 3.76
CA TRP A 127 -6.51 -2.51 3.64
C TRP A 127 -7.07 -3.87 3.21
N ALA A 128 -8.22 -4.24 3.70
CA ALA A 128 -8.80 -5.55 3.31
C ALA A 128 -9.00 -5.62 1.80
N HIS A 129 -9.59 -4.60 1.24
CA HIS A 129 -9.82 -4.61 -0.24
C HIS A 129 -8.47 -4.51 -0.95
N TYR A 130 -7.58 -3.69 -0.47
CA TYR A 130 -6.24 -3.57 -1.11
C TYR A 130 -5.53 -4.92 -1.06
N LEU A 131 -5.48 -5.52 0.10
CA LEU A 131 -4.82 -6.84 0.23
C LEU A 131 -5.57 -7.89 -0.57
N GLY A 132 -6.88 -7.85 -0.54
CA GLY A 132 -7.67 -8.85 -1.31
C GLY A 132 -7.41 -8.67 -2.80
N ARG A 133 -7.35 -7.46 -3.25
CA ARG A 133 -7.09 -7.21 -4.71
C ARG A 133 -5.69 -7.70 -5.07
N LEU A 134 -4.72 -7.45 -4.20
CA LEU A 134 -3.33 -7.90 -4.49
C LEU A 134 -3.31 -9.43 -4.60
N THR A 135 -4.03 -10.11 -3.74
CA THR A 135 -4.04 -11.59 -3.80
C THR A 135 -4.52 -12.05 -5.17
N GLU A 136 -5.55 -11.43 -5.68
CA GLU A 136 -6.07 -11.82 -7.01
C GLU A 136 -4.95 -11.71 -8.05
N VAL A 137 -4.21 -10.63 -8.02
CA VAL A 137 -3.10 -10.45 -9.00
C VAL A 137 -2.02 -11.50 -8.74
N ALA A 138 -1.68 -11.72 -7.51
CA ALA A 138 -0.64 -12.73 -7.18
C ALA A 138 -1.09 -14.11 -7.61
N ALA A 139 -2.35 -14.41 -7.47
CA ALA A 139 -2.87 -15.74 -7.88
C ALA A 139 -3.24 -15.72 -9.36
N GLY A 140 -3.16 -14.57 -9.99
CA GLY A 140 -3.51 -14.49 -11.43
C GLY A 140 -3.69 -13.03 -11.83
N ARG A 141 -2.99 -12.58 -12.85
CA ARG A 141 -3.10 -11.16 -13.29
C ARG A 141 -4.46 -10.89 -13.93
N ASP A 142 -4.66 -9.66 -14.39
CA ASP A 142 -5.95 -9.29 -15.03
C ASP A 142 -7.11 -9.55 -14.06
N PRO A 143 -7.25 -8.70 -13.07
CA PRO A 143 -8.34 -8.84 -12.04
C PRO A 143 -9.74 -8.81 -12.66
N GLY A 144 -10.65 -9.55 -12.10
CA GLY A 144 -12.04 -9.58 -12.66
C GLY A 144 -12.71 -8.21 -12.49
N PRO A 145 -12.57 -7.61 -11.34
CA PRO A 145 -13.18 -6.27 -11.04
C PRO A 145 -12.69 -5.17 -11.98
N ASP A 146 -13.53 -4.21 -12.24
CA ASP A 146 -13.14 -3.08 -13.13
C ASP A 146 -13.63 -1.76 -12.52
N PRO A 147 -13.16 -1.42 -11.35
CA PRO A 147 -13.56 -0.15 -10.67
C PRO A 147 -13.43 1.03 -11.63
N PHE A 148 -12.41 1.04 -12.44
CA PHE A 148 -12.21 2.15 -13.40
C PHE A 148 -11.51 1.61 -14.64
N TYR A 149 -10.39 0.95 -14.46
CA TYR A 149 -9.65 0.40 -15.63
C TYR A 149 -10.28 -0.91 -16.09
N GLY A 150 -10.34 -1.12 -17.38
CA GLY A 150 -10.94 -2.37 -17.92
C GLY A 150 -11.02 -2.26 -19.45
N ARG A 151 -9.88 -2.18 -20.09
CA ARG A 151 -9.87 -2.05 -21.57
C ARG A 151 -10.46 -3.30 -22.23
N ARG A 152 -11.30 -3.12 -23.21
CA ARG A 152 -11.90 -4.29 -23.90
C ARG A 152 -12.46 -3.83 -25.26
N LEU A 153 -11.59 -3.52 -26.19
CA LEU A 153 -12.04 -3.05 -27.54
C LEU A 153 -13.24 -2.12 -27.41
N GLU A 154 -12.99 -0.84 -27.33
CA GLU A 154 -14.09 0.17 -27.20
C GLU A 154 -14.16 1.02 -28.47
N HIS A 155 -15.34 1.45 -28.84
CA HIS A 155 -15.50 2.27 -30.07
C HIS A 155 -14.75 3.59 -29.94
N HIS A 156 -14.73 4.38 -30.98
CA HIS A 156 -14.02 5.70 -30.93
C HIS A 156 -14.75 6.70 -31.84
N HIS A 157 -14.45 7.95 -31.69
CA HIS A 157 -15.13 8.98 -32.52
C HIS A 157 -14.60 8.93 -33.96
N HIS A 158 -15.48 8.95 -34.92
CA HIS A 158 -15.05 8.89 -36.35
C HIS A 158 -14.53 10.26 -36.82
N HIS A 159 -13.61 10.26 -37.74
CA HIS A 159 -13.04 11.55 -38.24
C HIS A 159 -14.11 12.33 -39.00
N HIS A 160 -14.13 13.63 -38.85
CA HIS A 160 -15.13 14.46 -39.56
C HIS A 160 -14.60 15.89 -39.68
N MET A 1 -2.01 12.83 33.23
CA MET A 1 -3.47 13.11 33.08
C MET A 1 -4.27 11.81 33.16
N GLU A 2 -5.56 11.88 32.98
CA GLU A 2 -6.40 10.65 33.05
C GLU A 2 -6.05 9.70 31.91
N LYS A 3 -6.02 8.43 32.18
CA LYS A 3 -5.68 7.43 31.12
C LYS A 3 -6.89 7.23 30.20
N ALA A 4 -6.65 7.04 28.93
CA ALA A 4 -7.78 6.82 27.98
C ALA A 4 -7.22 6.23 26.67
N MET A 5 -7.72 5.07 26.29
CA MET A 5 -7.24 4.43 25.03
C MET A 5 -5.73 4.55 24.90
N PRO A 6 -5.00 3.82 25.71
CA PRO A 6 -3.50 3.84 25.69
C PRO A 6 -2.92 3.42 24.33
N GLU A 7 -1.83 4.04 23.94
CA GLU A 7 -1.19 3.71 22.64
C GLU A 7 -2.16 3.92 21.48
N SER A 8 -1.64 4.23 20.32
CA SER A 8 -2.51 4.45 19.13
C SER A 8 -3.07 3.11 18.62
N PHE A 9 -4.06 3.17 17.78
CA PHE A 9 -4.66 1.92 17.25
C PHE A 9 -3.72 1.28 16.23
N VAL A 10 -3.66 -0.03 16.20
CA VAL A 10 -2.77 -0.76 15.24
C VAL A 10 -3.61 -1.76 14.45
N VAL A 11 -3.43 -1.82 13.16
CA VAL A 11 -4.21 -2.76 12.31
C VAL A 11 -3.25 -3.81 11.73
N ARG A 12 -3.61 -5.06 11.81
CA ARG A 12 -2.73 -6.14 11.28
C ARG A 12 -3.53 -6.99 10.29
N ARG A 13 -2.94 -7.32 9.16
CA ARG A 13 -3.67 -8.14 8.15
C ARG A 13 -2.73 -9.22 7.58
N GLU A 14 -3.30 -10.30 7.12
CA GLU A 14 -2.47 -11.40 6.55
C GLU A 14 -3.16 -11.96 5.31
N ALA A 15 -2.41 -12.46 4.37
CA ALA A 15 -3.03 -13.02 3.14
C ALA A 15 -2.11 -14.09 2.54
N HIS A 16 -2.66 -15.06 1.87
CA HIS A 16 -1.83 -16.13 1.25
C HIS A 16 -1.73 -15.89 -0.25
N LEU A 17 -0.56 -15.58 -0.73
CA LEU A 17 -0.38 -15.31 -2.19
C LEU A 17 0.38 -16.46 -2.84
N ALA A 18 -0.15 -17.01 -3.89
CA ALA A 18 0.54 -18.15 -4.57
C ALA A 18 1.59 -17.61 -5.54
N ALA A 19 2.72 -17.17 -5.03
CA ALA A 19 3.78 -16.63 -5.91
C ALA A 19 5.00 -16.27 -5.06
N PRO A 20 6.19 -16.32 -5.62
CA PRO A 20 7.44 -15.98 -4.87
C PRO A 20 7.41 -14.54 -4.33
N PRO A 21 8.26 -14.24 -3.39
CA PRO A 21 8.35 -12.87 -2.78
C PRO A 21 8.75 -11.82 -3.83
N ALA A 22 9.52 -12.21 -4.79
CA ALA A 22 9.97 -11.26 -5.84
C ALA A 22 8.76 -10.76 -6.66
N ALA A 23 7.83 -11.63 -6.96
CA ALA A 23 6.65 -11.21 -7.76
C ALA A 23 5.83 -10.18 -6.97
N VAL A 24 5.65 -10.40 -5.70
CA VAL A 24 4.85 -9.44 -4.90
C VAL A 24 5.54 -8.08 -4.86
N PHE A 25 6.83 -8.06 -4.62
CA PHE A 25 7.57 -6.77 -4.59
C PHE A 25 7.47 -6.08 -5.95
N ALA A 26 7.62 -6.83 -7.01
CA ALA A 26 7.53 -6.21 -8.37
C ALA A 26 6.24 -5.42 -8.48
N LEU A 27 5.15 -5.97 -7.99
CA LEU A 27 3.86 -5.24 -8.05
C LEU A 27 3.96 -3.95 -7.23
N MET A 28 4.57 -4.03 -6.08
CA MET A 28 4.72 -2.82 -5.23
C MET A 28 5.61 -1.78 -5.92
N THR A 29 6.68 -2.21 -6.54
CA THR A 29 7.58 -1.24 -7.22
C THR A 29 7.17 -1.08 -8.67
N ASP A 30 5.93 -0.75 -8.91
CA ASP A 30 5.44 -0.56 -10.30
C ASP A 30 4.10 0.20 -10.25
N PRO A 31 4.15 1.50 -10.31
CA PRO A 31 2.91 2.36 -10.26
C PRO A 31 1.88 1.92 -11.29
N GLU A 32 2.32 1.56 -12.47
CA GLU A 32 1.37 1.13 -13.53
C GLU A 32 0.69 -0.19 -13.12
N LYS A 33 1.44 -1.12 -12.62
CA LYS A 33 0.86 -2.42 -12.20
C LYS A 33 -0.09 -2.21 -11.02
N ILE A 34 0.24 -1.35 -10.11
CA ILE A 34 -0.67 -1.13 -8.94
C ILE A 34 -2.02 -0.59 -9.42
N LEU A 35 -1.99 0.38 -10.29
CA LEU A 35 -3.27 0.95 -10.79
C LEU A 35 -3.96 -0.08 -11.68
N ARG A 36 -3.25 -1.08 -12.12
CA ARG A 36 -3.87 -2.11 -12.97
C ARG A 36 -4.97 -2.83 -12.20
N TRP A 37 -4.72 -3.16 -10.95
CA TRP A 37 -5.77 -3.89 -10.14
C TRP A 37 -6.43 -2.92 -9.16
N MET A 38 -6.40 -1.64 -9.47
CA MET A 38 -7.02 -0.59 -8.60
C MET A 38 -6.03 -0.05 -7.57
N GLY A 39 -6.15 1.20 -7.23
CA GLY A 39 -5.22 1.80 -6.22
C GLY A 39 -5.67 3.22 -5.89
N THR A 40 -4.82 4.01 -5.30
CA THR A 40 -5.19 5.42 -4.94
C THR A 40 -4.47 6.39 -5.88
N GLU A 41 -4.61 6.17 -7.16
CA GLU A 41 -3.97 7.06 -8.18
C GLU A 41 -2.44 7.07 -7.99
N ALA A 42 -1.71 7.05 -9.08
CA ALA A 42 -0.23 7.06 -8.98
C ALA A 42 0.37 7.45 -10.33
N GLU A 43 1.49 8.14 -10.31
CA GLU A 43 2.14 8.56 -11.59
C GLU A 43 3.08 7.47 -12.08
N VAL A 44 3.47 7.54 -13.33
CA VAL A 44 4.40 6.52 -13.90
C VAL A 44 5.51 7.21 -14.69
N GLU A 45 6.69 6.68 -14.65
CA GLU A 45 7.82 7.30 -15.40
C GLU A 45 8.99 6.31 -15.47
N PRO A 46 9.85 6.43 -16.46
CA PRO A 46 11.02 5.53 -16.60
C PRO A 46 11.72 5.28 -15.26
N GLU A 47 11.81 6.28 -14.43
CA GLU A 47 12.48 6.10 -13.10
C GLU A 47 11.40 5.87 -12.02
N PRO A 48 11.33 4.69 -11.43
CA PRO A 48 10.31 4.39 -10.38
C PRO A 48 10.27 5.45 -9.28
N GLY A 49 9.09 5.84 -8.87
CA GLY A 49 8.95 6.88 -7.79
C GLY A 49 7.72 7.74 -8.09
N GLY A 50 7.50 8.07 -9.32
CA GLY A 50 6.32 8.89 -9.67
C GLY A 50 6.55 10.35 -9.25
N LEU A 51 7.79 10.72 -9.06
CA LEU A 51 8.12 12.12 -8.65
C LEU A 51 7.35 12.48 -7.37
N TYR A 52 6.09 12.79 -7.49
CA TYR A 52 5.28 13.17 -6.29
C TYR A 52 4.92 11.93 -5.47
N LEU A 53 4.64 12.10 -4.21
CA LEU A 53 4.29 10.94 -3.34
C LEU A 53 2.86 10.48 -3.65
N VAL A 54 2.68 9.22 -3.97
CA VAL A 54 1.31 8.70 -4.27
C VAL A 54 1.14 7.30 -3.69
N ASN A 55 -0.10 6.86 -3.53
CA ASN A 55 -0.42 5.50 -2.98
C ASN A 55 0.74 4.92 -2.14
N VAL A 56 0.94 3.64 -2.25
CA VAL A 56 2.03 2.98 -1.46
C VAL A 56 3.40 3.30 -2.08
N THR A 57 4.36 3.64 -1.26
CA THR A 57 5.73 3.98 -1.78
C THR A 57 6.74 3.00 -1.18
N GLY A 58 7.56 2.40 -2.00
CA GLY A 58 8.58 1.43 -1.50
C GLY A 58 9.97 2.05 -1.58
N ALA A 59 10.89 1.39 -2.22
CA ALA A 59 12.28 1.92 -2.33
C ALA A 59 12.46 2.72 -3.61
N ARG A 60 13.69 3.02 -3.95
CA ARG A 60 13.97 3.82 -5.19
C ARG A 60 13.19 5.14 -5.14
N PHE A 61 12.51 5.39 -4.06
CA PHE A 61 11.73 6.66 -3.93
C PHE A 61 12.67 7.75 -3.42
N ALA A 62 13.09 7.65 -2.19
CA ALA A 62 14.01 8.68 -1.62
C ALA A 62 14.41 8.27 -0.21
N ARG A 63 15.27 9.03 0.42
CA ARG A 63 15.70 8.69 1.82
C ARG A 63 15.71 9.97 2.67
N GLY A 64 15.51 9.84 3.96
CA GLY A 64 15.49 11.03 4.85
C GLY A 64 14.54 10.77 6.02
N SER A 65 13.36 10.30 5.73
CA SER A 65 12.36 10.00 6.80
C SER A 65 12.23 8.49 6.96
N PHE A 66 12.96 7.74 6.19
CA PHE A 66 12.88 6.25 6.27
C PHE A 66 13.58 5.76 7.54
N ARG A 67 13.08 4.71 8.13
CA ARG A 67 13.70 4.15 9.38
C ARG A 67 14.48 2.88 9.02
N GLU A 68 14.03 2.17 8.03
CA GLU A 68 14.76 0.93 7.62
C GLU A 68 14.33 0.56 6.20
N VAL A 69 15.27 0.28 5.33
CA VAL A 69 14.92 -0.09 3.92
C VAL A 69 15.58 -1.42 3.56
N VAL A 70 14.80 -2.38 3.13
CA VAL A 70 15.36 -3.69 2.72
C VAL A 70 14.47 -4.25 1.60
N PRO A 71 14.85 -4.06 0.34
CA PRO A 71 14.04 -4.54 -0.81
C PRO A 71 13.63 -6.02 -0.72
N VAL A 72 12.47 -6.34 -1.24
CA VAL A 72 11.95 -7.74 -1.22
C VAL A 72 12.30 -8.42 0.10
N HIS A 73 12.19 -7.73 1.21
CA HIS A 73 12.49 -8.35 2.52
C HIS A 73 11.72 -7.61 3.62
N ARG A 74 12.12 -6.42 3.95
CA ARG A 74 11.41 -5.63 5.00
C ARG A 74 11.44 -4.14 4.65
N LEU A 75 10.36 -3.44 4.90
CA LEU A 75 10.31 -1.98 4.58
C LEU A 75 9.68 -1.23 5.76
N ALA A 76 10.23 -0.11 6.13
CA ALA A 76 9.65 0.67 7.27
C ALA A 76 9.89 2.17 7.00
N TYR A 77 8.86 2.96 7.03
CA TYR A 77 9.04 4.42 6.78
C TYR A 77 7.88 5.21 7.38
N SER A 78 8.06 6.49 7.57
CA SER A 78 6.97 7.34 8.16
C SER A 78 6.90 8.65 7.38
N PHE A 79 5.73 9.18 7.16
CA PHE A 79 5.61 10.46 6.40
C PHE A 79 4.37 11.21 6.87
N GLY A 80 4.52 12.46 7.25
CA GLY A 80 3.34 13.25 7.74
C GLY A 80 2.68 14.01 6.58
N TRP A 81 1.70 14.81 6.90
CA TRP A 81 0.98 15.58 5.83
C TRP A 81 1.87 16.71 5.29
N ASP A 82 1.85 16.92 4.00
CA ASP A 82 2.68 18.01 3.40
C ASP A 82 1.92 18.59 2.21
N GLY A 83 0.88 19.35 2.47
CA GLY A 83 0.09 19.96 1.37
C GLY A 83 -0.99 18.98 0.91
N SER A 84 -0.89 17.74 1.29
CA SER A 84 -1.91 16.73 0.85
C SER A 84 -3.13 16.77 1.78
N GLU A 85 -4.25 16.30 1.31
CA GLU A 85 -5.48 16.30 2.14
C GLU A 85 -5.24 15.49 3.41
N VAL A 86 -4.59 16.10 4.39
CA VAL A 86 -4.29 15.43 5.70
C VAL A 86 -4.08 13.93 5.50
N VAL A 87 -2.85 13.53 5.25
CA VAL A 87 -2.51 12.08 5.05
C VAL A 87 -3.69 11.29 4.46
N PRO A 88 -3.96 11.46 3.19
CA PRO A 88 -5.07 10.74 2.52
C PRO A 88 -4.96 9.21 2.68
N PRO A 89 -3.78 8.64 2.52
CA PRO A 89 -3.59 7.18 2.65
C PRO A 89 -3.38 6.79 4.12
N GLY A 90 -3.23 7.77 4.98
CA GLY A 90 -3.00 7.49 6.42
C GLY A 90 -1.50 7.56 6.71
N SER A 91 -0.69 7.27 5.72
CA SER A 91 0.80 7.32 5.90
C SER A 91 1.19 6.94 7.33
N SER A 92 1.29 7.92 8.20
CA SER A 92 1.65 7.63 9.61
C SER A 92 2.84 6.68 9.65
N LEU A 93 2.64 5.47 10.14
CA LEU A 93 3.77 4.48 10.22
C LEU A 93 3.41 3.25 9.39
N VAL A 94 4.22 2.93 8.41
CA VAL A 94 3.93 1.75 7.54
C VAL A 94 5.09 0.76 7.68
N GLU A 95 4.78 -0.49 7.92
CA GLU A 95 5.85 -1.53 8.04
C GLU A 95 5.37 -2.79 7.34
N ILE A 96 6.19 -3.38 6.51
CA ILE A 96 5.79 -4.61 5.78
C ILE A 96 6.87 -5.68 5.95
N ASP A 97 6.48 -6.88 6.29
CA ASP A 97 7.46 -7.98 6.48
C ASP A 97 7.05 -9.17 5.62
N LEU A 98 7.98 -9.77 4.92
CA LEU A 98 7.64 -10.94 4.04
C LEU A 98 8.24 -12.21 4.64
N ILE A 99 7.44 -13.23 4.79
CA ILE A 99 7.94 -14.52 5.37
C ILE A 99 7.64 -15.66 4.40
N GLU A 100 8.62 -16.45 4.08
CA GLU A 100 8.42 -17.56 3.13
C GLU A 100 7.98 -18.82 3.87
N GLN A 101 7.01 -19.53 3.33
CA GLN A 101 6.53 -20.78 3.98
C GLN A 101 6.30 -21.84 2.90
N GLY A 102 7.07 -21.78 1.85
CA GLY A 102 6.95 -22.77 0.75
C GLY A 102 5.76 -22.43 -0.15
N GLY A 103 5.74 -23.01 -1.33
CA GLY A 103 4.62 -22.76 -2.29
C GLY A 103 4.22 -21.28 -2.28
N GLY A 104 3.22 -20.93 -1.52
CA GLY A 104 2.77 -19.51 -1.48
C GLY A 104 3.66 -18.70 -0.53
N THR A 105 3.45 -17.41 -0.47
CA THR A 105 4.27 -16.54 0.43
C THR A 105 3.34 -15.80 1.40
N LEU A 106 3.64 -15.82 2.66
CA LEU A 106 2.78 -15.12 3.66
C LEU A 106 3.20 -13.66 3.73
N LEU A 107 2.25 -12.76 3.60
CA LEU A 107 2.58 -11.30 3.67
C LEU A 107 1.94 -10.71 4.92
N ARG A 108 2.73 -10.12 5.77
CA ARG A 108 2.18 -9.51 7.02
C ARG A 108 2.17 -7.99 6.86
N LEU A 109 1.06 -7.36 7.15
CA LEU A 109 0.97 -5.88 7.02
C LEU A 109 0.76 -5.28 8.41
N THR A 110 1.59 -4.36 8.81
CA THR A 110 1.46 -3.71 10.15
C THR A 110 1.34 -2.21 9.96
N HIS A 111 0.34 -1.59 10.53
CA HIS A 111 0.17 -0.12 10.40
C HIS A 111 -0.18 0.48 11.75
N SER A 112 0.36 1.63 12.08
CA SER A 112 0.05 2.26 13.40
C SER A 112 -0.11 3.77 13.20
N GLY A 113 -0.80 4.42 14.10
CA GLY A 113 -1.02 5.90 14.00
C GLY A 113 -2.50 6.20 13.74
N LEU A 114 -2.84 6.71 12.59
CA LEU A 114 -4.26 7.02 12.29
C LEU A 114 -4.85 7.85 13.43
N PRO A 115 -4.54 9.11 13.48
CA PRO A 115 -5.06 10.05 14.53
C PRO A 115 -6.59 10.11 14.50
N SER A 116 -7.19 9.77 13.40
CA SER A 116 -8.68 9.82 13.28
C SER A 116 -9.25 8.39 13.28
N ALA A 117 -10.28 8.18 14.05
CA ALA A 117 -10.91 6.83 14.11
C ALA A 117 -11.59 6.50 12.78
N GLU A 118 -12.15 7.48 12.13
CA GLU A 118 -12.83 7.23 10.83
C GLU A 118 -11.84 6.61 9.85
N GLN A 119 -10.64 7.12 9.80
CA GLN A 119 -9.63 6.56 8.87
C GLN A 119 -9.29 5.12 9.29
N CYS A 120 -9.27 4.87 10.57
CA CYS A 120 -8.95 3.49 11.04
C CYS A 120 -9.94 2.49 10.43
N ALA A 121 -11.20 2.81 10.47
CA ALA A 121 -12.21 1.88 9.89
C ALA A 121 -12.01 1.81 8.38
N GLY A 122 -11.70 2.90 7.75
CA GLY A 122 -11.49 2.89 6.27
C GLY A 122 -10.25 2.06 5.93
N HIS A 123 -9.24 2.14 6.75
CA HIS A 123 -7.99 1.37 6.48
C HIS A 123 -8.30 -0.12 6.60
N GLU A 124 -9.02 -0.51 7.61
CA GLU A 124 -9.35 -1.96 7.79
C GLU A 124 -10.04 -2.49 6.55
N GLU A 125 -11.05 -1.83 6.09
CA GLU A 125 -11.78 -2.29 4.88
C GLU A 125 -10.89 -2.07 3.64
N GLY A 126 -10.14 -1.00 3.62
CA GLY A 126 -9.28 -0.73 2.44
C GLY A 126 -8.21 -1.82 2.28
N TRP A 127 -7.50 -2.13 3.33
CA TRP A 127 -6.44 -3.18 3.23
C TRP A 127 -7.08 -4.52 2.89
N ALA A 128 -8.19 -4.84 3.48
CA ALA A 128 -8.85 -6.13 3.20
C ALA A 128 -9.22 -6.21 1.72
N HIS A 129 -9.75 -5.14 1.18
CA HIS A 129 -10.13 -5.14 -0.25
C HIS A 129 -8.86 -5.20 -1.12
N TYR A 130 -7.88 -4.40 -0.79
CA TYR A 130 -6.62 -4.38 -1.57
C TYR A 130 -5.95 -5.76 -1.51
N LEU A 131 -5.86 -6.33 -0.35
CA LEU A 131 -5.21 -7.65 -0.21
C LEU A 131 -6.01 -8.69 -1.00
N GLY A 132 -7.32 -8.63 -0.95
CA GLY A 132 -8.13 -9.62 -1.71
C GLY A 132 -7.83 -9.50 -3.20
N ARG A 133 -7.86 -8.31 -3.73
CA ARG A 133 -7.56 -8.14 -5.19
C ARG A 133 -6.10 -8.51 -5.46
N LEU A 134 -5.22 -8.12 -4.59
CA LEU A 134 -3.78 -8.43 -4.78
C LEU A 134 -3.59 -9.95 -4.77
N THR A 135 -4.26 -10.63 -3.87
CA THR A 135 -4.13 -12.11 -3.80
C THR A 135 -4.60 -12.73 -5.11
N GLU A 136 -5.70 -12.27 -5.63
CA GLU A 136 -6.23 -12.83 -6.90
C GLU A 136 -5.23 -12.60 -8.03
N VAL A 137 -4.64 -11.43 -8.10
CA VAL A 137 -3.66 -11.16 -9.19
C VAL A 137 -2.47 -12.09 -9.05
N ALA A 138 -1.94 -12.22 -7.86
CA ALA A 138 -0.77 -13.13 -7.66
C ALA A 138 -1.20 -14.58 -7.84
N ALA A 139 -2.38 -14.92 -7.37
CA ALA A 139 -2.86 -16.33 -7.51
C ALA A 139 -3.81 -16.42 -8.70
N GLY A 140 -3.70 -15.51 -9.63
CA GLY A 140 -4.59 -15.54 -10.82
C GLY A 140 -3.91 -14.86 -12.01
N ARG A 141 -4.62 -14.03 -12.71
CA ARG A 141 -4.04 -13.33 -13.90
C ARG A 141 -2.62 -12.85 -13.60
N ASP A 142 -1.88 -12.49 -14.63
CA ASP A 142 -0.48 -12.01 -14.44
C ASP A 142 -0.24 -10.72 -15.24
N PRO A 143 -0.66 -9.60 -14.71
CA PRO A 143 -0.49 -8.28 -15.40
C PRO A 143 0.98 -7.98 -15.74
N GLY A 144 1.23 -7.34 -16.85
CA GLY A 144 2.63 -7.01 -17.24
C GLY A 144 3.49 -8.29 -17.26
N PRO A 145 4.73 -8.16 -17.64
CA PRO A 145 5.68 -9.30 -17.71
C PRO A 145 6.04 -9.84 -16.33
N ASP A 146 6.49 -11.07 -16.25
CA ASP A 146 6.87 -11.68 -14.94
C ASP A 146 8.23 -12.37 -15.07
N PRO A 147 9.30 -11.61 -15.12
CA PRO A 147 10.67 -12.16 -15.23
C PRO A 147 10.97 -13.19 -14.13
N PHE A 148 10.46 -12.95 -12.95
CA PHE A 148 10.70 -13.89 -11.83
C PHE A 148 12.22 -14.10 -11.68
N TYR A 149 13.00 -13.36 -12.41
CA TYR A 149 14.47 -13.52 -12.30
C TYR A 149 14.93 -13.14 -10.89
N GLY A 150 14.39 -12.08 -10.34
CA GLY A 150 14.79 -11.66 -8.97
C GLY A 150 16.02 -10.75 -9.07
N ARG A 151 15.86 -9.56 -9.58
CA ARG A 151 17.02 -8.64 -9.72
C ARG A 151 17.43 -8.12 -8.33
N ARG A 152 18.71 -8.06 -8.05
CA ARG A 152 19.18 -7.57 -6.73
C ARG A 152 20.41 -6.67 -6.92
N LEU A 153 20.43 -5.54 -6.27
CA LEU A 153 21.58 -4.61 -6.41
C LEU A 153 22.66 -4.98 -5.38
N GLU A 154 22.71 -4.26 -4.30
CA GLU A 154 23.73 -4.54 -3.24
C GLU A 154 23.03 -4.95 -1.94
N HIS A 155 23.38 -6.09 -1.41
CA HIS A 155 22.75 -6.58 -0.16
C HIS A 155 23.59 -6.13 1.04
N HIS A 156 24.84 -5.80 0.81
CA HIS A 156 25.73 -5.35 1.93
C HIS A 156 26.49 -4.09 1.52
N HIS A 157 26.40 -3.06 2.31
CA HIS A 157 27.12 -1.79 1.99
C HIS A 157 27.37 -1.03 3.29
N HIS A 158 26.81 -1.50 4.37
CA HIS A 158 26.99 -0.79 5.67
C HIS A 158 28.39 -1.04 6.22
N HIS A 159 29.00 -0.01 6.76
CA HIS A 159 30.37 -0.14 7.34
C HIS A 159 31.28 -0.90 6.37
N HIS A 160 32.05 -0.18 5.60
CA HIS A 160 32.98 -0.84 4.62
C HIS A 160 34.22 0.05 4.44
N MET A 1 11.93 -12.25 28.82
CA MET A 1 12.88 -11.14 28.50
C MET A 1 12.13 -10.04 27.75
N GLU A 2 10.94 -9.72 28.20
CA GLU A 2 10.14 -8.67 27.52
C GLU A 2 10.82 -7.31 27.68
N LYS A 3 10.79 -6.52 26.65
CA LYS A 3 11.44 -5.17 26.71
C LYS A 3 10.77 -4.23 25.70
N ALA A 4 10.02 -3.28 26.18
CA ALA A 4 9.33 -2.32 25.27
C ALA A 4 8.37 -3.06 24.33
N MET A 5 7.15 -2.60 24.25
CA MET A 5 6.16 -3.26 23.34
C MET A 5 5.05 -2.27 22.97
N PRO A 6 5.44 -1.14 22.42
CA PRO A 6 4.48 -0.07 21.99
C PRO A 6 3.68 -0.47 20.74
N GLU A 7 2.49 0.07 20.61
CA GLU A 7 1.66 -0.24 19.41
C GLU A 7 0.40 0.63 19.48
N SER A 8 0.57 1.93 19.52
CA SER A 8 -0.60 2.85 19.60
C SER A 8 -1.34 2.87 18.25
N PHE A 9 -2.64 2.74 18.28
CA PHE A 9 -3.44 2.75 17.02
C PHE A 9 -2.68 2.03 15.90
N VAL A 10 -2.65 0.72 15.92
CA VAL A 10 -1.92 -0.05 14.86
C VAL A 10 -2.87 -1.08 14.26
N VAL A 11 -2.82 -1.22 12.96
CA VAL A 11 -3.71 -2.21 12.27
C VAL A 11 -2.85 -3.31 11.65
N ARG A 12 -3.22 -4.55 11.85
CA ARG A 12 -2.45 -5.69 11.29
C ARG A 12 -3.33 -6.50 10.33
N ARG A 13 -2.79 -6.90 9.21
CA ARG A 13 -3.60 -7.69 8.22
C ARG A 13 -2.72 -8.79 7.62
N GLU A 14 -3.34 -9.86 7.20
CA GLU A 14 -2.56 -10.99 6.60
C GLU A 14 -3.32 -11.54 5.39
N ALA A 15 -2.61 -12.09 4.45
CA ALA A 15 -3.26 -12.66 3.24
C ALA A 15 -2.33 -13.70 2.62
N HIS A 16 -2.87 -14.67 1.92
CA HIS A 16 -2.02 -15.71 1.30
C HIS A 16 -1.92 -15.48 -0.21
N LEU A 17 -0.73 -15.32 -0.71
CA LEU A 17 -0.51 -15.10 -2.18
C LEU A 17 0.25 -16.28 -2.75
N ALA A 18 -0.21 -16.83 -3.84
CA ALA A 18 0.47 -18.00 -4.45
C ALA A 18 1.60 -17.50 -5.37
N ALA A 19 2.72 -17.17 -4.81
CA ALA A 19 3.87 -16.70 -5.64
C ALA A 19 5.05 -16.36 -4.72
N PRO A 20 6.26 -16.46 -5.21
CA PRO A 20 7.47 -16.14 -4.41
C PRO A 20 7.51 -14.67 -3.97
N PRO A 21 8.27 -14.36 -2.95
CA PRO A 21 8.39 -12.96 -2.44
C PRO A 21 9.05 -12.03 -3.46
N ALA A 22 9.84 -12.59 -4.35
CA ALA A 22 10.50 -11.75 -5.38
C ALA A 22 9.47 -11.10 -6.28
N ALA A 23 8.51 -11.85 -6.75
CA ALA A 23 7.46 -11.28 -7.63
C ALA A 23 6.58 -10.32 -6.83
N VAL A 24 6.28 -10.68 -5.61
CA VAL A 24 5.43 -9.79 -4.76
C VAL A 24 6.16 -8.48 -4.49
N PHE A 25 7.42 -8.57 -4.16
CA PHE A 25 8.20 -7.33 -3.87
C PHE A 25 8.24 -6.42 -5.10
N ALA A 26 8.47 -6.98 -6.25
CA ALA A 26 8.51 -6.14 -7.49
C ALA A 26 7.19 -5.39 -7.64
N LEU A 27 6.09 -6.06 -7.46
CA LEU A 27 4.76 -5.40 -7.59
C LEU A 27 4.62 -4.32 -6.53
N MET A 28 5.11 -4.57 -5.35
CA MET A 28 5.00 -3.56 -4.27
C MET A 28 6.04 -2.46 -4.47
N THR A 29 6.93 -2.65 -5.41
CA THR A 29 7.98 -1.60 -5.67
C THR A 29 7.84 -1.12 -7.11
N ASP A 30 6.87 -0.30 -7.36
CA ASP A 30 6.67 0.26 -8.73
C ASP A 30 5.30 0.97 -8.76
N PRO A 31 5.25 2.25 -9.08
CA PRO A 31 3.96 3.01 -9.13
C PRO A 31 3.12 2.60 -10.34
N GLU A 32 3.73 1.94 -11.28
CA GLU A 32 3.00 1.51 -12.51
C GLU A 32 2.27 0.18 -12.27
N LYS A 33 2.98 -0.81 -11.79
CA LYS A 33 2.35 -2.15 -11.57
C LYS A 33 1.29 -2.04 -10.46
N ILE A 34 1.57 -1.29 -9.44
CA ILE A 34 0.59 -1.16 -8.33
C ILE A 34 -0.78 -0.79 -8.90
N LEU A 35 -0.81 -0.14 -10.03
CA LEU A 35 -2.11 0.27 -10.63
C LEU A 35 -2.93 -0.98 -10.96
N ARG A 36 -2.29 -2.11 -11.10
CA ARG A 36 -3.04 -3.36 -11.42
C ARG A 36 -4.01 -3.71 -10.29
N TRP A 37 -3.60 -3.57 -9.05
CA TRP A 37 -4.50 -3.93 -7.91
C TRP A 37 -5.00 -2.65 -7.22
N MET A 38 -4.91 -1.51 -7.88
CA MET A 38 -5.39 -0.25 -7.24
C MET A 38 -6.08 0.65 -8.27
N GLY A 39 -6.22 1.91 -7.94
CA GLY A 39 -6.90 2.86 -8.86
C GLY A 39 -6.09 3.06 -10.14
N THR A 40 -6.63 3.82 -11.06
CA THR A 40 -5.92 4.07 -12.34
C THR A 40 -5.01 5.29 -12.17
N GLU A 41 -4.98 5.87 -10.99
CA GLU A 41 -4.11 7.06 -10.75
C GLU A 41 -3.48 6.92 -9.37
N ALA A 42 -2.19 7.11 -9.28
CA ALA A 42 -1.51 6.99 -7.96
C ALA A 42 -0.19 7.75 -8.00
N GLU A 43 0.25 8.22 -6.86
CA GLU A 43 1.54 8.97 -6.81
C GLU A 43 2.37 8.41 -5.66
N VAL A 44 3.68 8.43 -5.80
CA VAL A 44 4.57 7.90 -4.72
C VAL A 44 5.57 8.98 -4.33
N GLU A 45 5.73 9.18 -3.06
CA GLU A 45 6.68 10.21 -2.56
C GLU A 45 6.80 10.08 -1.05
N PRO A 46 7.67 9.22 -0.58
CA PRO A 46 7.86 9.01 0.88
C PRO A 46 8.13 10.34 1.60
N GLU A 47 8.80 11.23 0.95
CA GLU A 47 9.12 12.55 1.57
C GLU A 47 7.91 13.50 1.44
N PRO A 48 7.77 14.43 2.36
CA PRO A 48 6.64 15.41 2.35
C PRO A 48 6.72 16.41 1.18
N GLY A 49 5.59 16.80 0.66
CA GLY A 49 5.57 17.77 -0.48
C GLY A 49 4.30 17.51 -1.31
N GLY A 50 3.84 16.29 -1.34
CA GLY A 50 2.61 15.96 -2.10
C GLY A 50 2.76 16.42 -3.56
N LEU A 51 3.21 15.55 -4.42
CA LEU A 51 3.38 15.92 -5.85
C LEU A 51 2.03 15.96 -6.54
N TYR A 52 1.87 16.85 -7.48
CA TYR A 52 0.58 16.97 -8.22
C TYR A 52 0.54 15.91 -9.32
N LEU A 53 1.65 15.28 -9.60
CA LEU A 53 1.69 14.24 -10.67
C LEU A 53 1.02 12.95 -10.19
N VAL A 54 0.41 12.23 -11.08
CA VAL A 54 -0.26 10.94 -10.70
C VAL A 54 0.09 9.86 -11.72
N ASN A 55 -0.10 8.62 -11.36
CA ASN A 55 0.21 7.49 -12.30
C ASN A 55 1.68 7.59 -12.75
N VAL A 56 1.96 8.48 -13.67
CA VAL A 56 3.36 8.65 -14.15
C VAL A 56 3.89 7.35 -14.76
N THR A 57 4.43 7.42 -15.95
CA THR A 57 4.98 6.21 -16.63
C THR A 57 6.51 6.23 -16.50
N GLY A 58 7.06 7.29 -15.98
CA GLY A 58 8.54 7.38 -15.82
C GLY A 58 8.94 6.77 -14.46
N ALA A 59 8.00 6.55 -13.61
CA ALA A 59 8.30 5.95 -12.27
C ALA A 59 9.53 6.59 -11.65
N ARG A 60 10.24 5.85 -10.83
CA ARG A 60 11.46 6.39 -10.15
C ARG A 60 11.24 7.83 -9.70
N PHE A 61 11.51 8.78 -10.56
CA PHE A 61 11.32 10.21 -10.21
C PHE A 61 12.19 10.60 -9.02
N ALA A 62 11.86 10.12 -7.85
CA ALA A 62 12.65 10.46 -6.63
C ALA A 62 13.61 9.33 -6.28
N ARG A 63 14.75 9.66 -5.75
CA ARG A 63 15.76 8.62 -5.36
C ARG A 63 16.46 9.04 -4.08
N GLY A 64 16.87 8.09 -3.28
CA GLY A 64 17.58 8.43 -2.02
C GLY A 64 16.56 8.74 -0.93
N SER A 65 15.30 8.61 -1.23
CA SER A 65 14.24 8.89 -0.22
C SER A 65 13.90 7.61 0.55
N PHE A 66 12.63 7.42 0.82
CA PHE A 66 12.18 6.20 1.56
C PHE A 66 12.89 6.09 2.91
N ARG A 67 12.26 5.47 3.87
CA ARG A 67 12.87 5.32 5.22
C ARG A 67 13.75 4.08 5.23
N GLU A 68 13.19 2.94 4.95
CA GLU A 68 14.00 1.68 4.95
C GLU A 68 13.47 0.75 3.87
N VAL A 69 14.36 0.21 3.06
CA VAL A 69 13.94 -0.73 1.98
C VAL A 69 14.76 -2.02 2.08
N VAL A 70 14.11 -3.15 2.04
CA VAL A 70 14.84 -4.44 2.10
C VAL A 70 14.09 -5.45 1.22
N PRO A 71 14.52 -5.67 0.00
CA PRO A 71 13.86 -6.62 -0.93
C PRO A 71 13.66 -8.02 -0.33
N VAL A 72 12.64 -8.71 -0.79
CA VAL A 72 12.33 -10.09 -0.28
C VAL A 72 12.65 -10.20 1.22
N HIS A 73 12.29 -9.21 1.98
CA HIS A 73 12.56 -9.24 3.44
C HIS A 73 11.59 -8.32 4.18
N ARG A 74 11.87 -7.04 4.21
CA ARG A 74 10.97 -6.09 4.92
C ARG A 74 10.91 -4.76 4.16
N LEU A 75 9.84 -4.04 4.29
CA LEU A 75 9.70 -2.74 3.58
C LEU A 75 8.97 -1.74 4.49
N ALA A 76 9.49 -0.54 4.60
CA ALA A 76 8.82 0.48 5.46
C ALA A 76 9.03 1.87 4.87
N TYR A 77 8.02 2.69 4.89
CA TYR A 77 8.15 4.07 4.33
C TYR A 77 6.96 4.92 4.78
N SER A 78 7.13 6.22 4.80
CA SER A 78 6.00 7.10 5.23
C SER A 78 5.05 7.35 4.06
N PHE A 79 3.80 7.59 4.35
CA PHE A 79 2.80 7.84 3.27
C PHE A 79 1.46 8.16 3.93
N GLY A 80 0.95 7.25 4.73
CA GLY A 80 -0.35 7.49 5.41
C GLY A 80 -1.48 7.52 4.38
N TRP A 81 -2.45 8.37 4.57
CA TRP A 81 -3.60 8.47 3.61
C TRP A 81 -3.45 9.75 2.78
N ASP A 82 -3.37 9.62 1.49
CA ASP A 82 -3.20 10.80 0.61
C ASP A 82 -4.45 11.69 0.66
N GLY A 83 -4.25 12.99 0.63
CA GLY A 83 -5.40 13.93 0.68
C GLY A 83 -5.68 14.29 2.13
N SER A 84 -4.81 13.88 3.03
CA SER A 84 -5.00 14.19 4.48
C SER A 84 -3.81 15.01 4.97
N GLU A 85 -4.07 16.20 5.46
CA GLU A 85 -2.97 17.07 5.98
C GLU A 85 -2.96 17.00 7.50
N VAL A 86 -4.03 16.53 8.09
CA VAL A 86 -4.07 16.43 9.58
C VAL A 86 -3.22 15.24 10.03
N VAL A 87 -2.29 14.82 9.20
CA VAL A 87 -1.41 13.67 9.57
C VAL A 87 0.03 13.95 9.09
N PRO A 88 0.68 14.93 9.66
CA PRO A 88 2.08 15.28 9.27
C PRO A 88 3.05 14.10 9.48
N PRO A 89 4.32 14.29 9.21
CA PRO A 89 5.35 13.21 9.37
C PRO A 89 5.46 12.71 10.83
N GLY A 90 5.72 11.45 11.00
CA GLY A 90 5.84 10.89 12.38
C GLY A 90 4.46 10.48 12.89
N SER A 91 3.44 11.14 12.41
CA SER A 91 2.06 10.81 12.84
C SER A 91 1.71 9.38 12.41
N SER A 92 2.09 9.01 11.21
CA SER A 92 1.77 7.62 10.72
C SER A 92 2.98 7.04 10.00
N LEU A 93 3.09 5.75 9.96
CA LEU A 93 4.23 5.10 9.27
C LEU A 93 3.78 3.75 8.71
N VAL A 94 4.02 3.52 7.44
CA VAL A 94 3.61 2.22 6.83
C VAL A 94 4.74 1.20 6.96
N GLU A 95 4.42 0.01 7.38
CA GLU A 95 5.45 -1.06 7.53
C GLU A 95 4.90 -2.37 6.98
N ILE A 96 5.72 -3.14 6.31
CA ILE A 96 5.25 -4.43 5.73
C ILE A 96 6.29 -5.52 6.04
N ASP A 97 5.84 -6.71 6.34
CA ASP A 97 6.77 -7.83 6.66
C ASP A 97 6.45 -9.03 5.77
N LEU A 98 7.42 -9.50 5.03
CA LEU A 98 7.19 -10.68 4.13
C LEU A 98 7.76 -11.93 4.79
N ILE A 99 7.00 -13.00 4.83
CA ILE A 99 7.49 -14.26 5.46
C ILE A 99 7.41 -15.40 4.44
N GLU A 100 8.47 -16.13 4.29
CA GLU A 100 8.48 -17.25 3.31
C GLU A 100 7.77 -18.46 3.92
N GLN A 101 6.94 -19.11 3.15
CA GLN A 101 6.22 -20.31 3.67
C GLN A 101 6.03 -21.35 2.56
N GLY A 102 5.79 -22.57 2.93
CA GLY A 102 5.62 -23.65 1.92
C GLY A 102 4.44 -23.32 1.00
N GLY A 103 3.37 -22.82 1.55
CA GLY A 103 2.18 -22.48 0.71
C GLY A 103 2.31 -21.05 0.18
N GLY A 104 2.89 -20.89 -0.97
CA GLY A 104 3.03 -19.53 -1.57
C GLY A 104 3.82 -18.61 -0.64
N THR A 105 3.43 -17.37 -0.56
CA THR A 105 4.14 -16.40 0.31
C THR A 105 3.15 -15.69 1.23
N LEU A 106 3.44 -15.62 2.49
CA LEU A 106 2.51 -14.94 3.45
C LEU A 106 2.86 -13.47 3.51
N LEU A 107 1.89 -12.61 3.32
CA LEU A 107 2.15 -11.14 3.36
C LEU A 107 1.45 -10.54 4.58
N ARG A 108 2.19 -9.83 5.40
CA ARG A 108 1.60 -9.19 6.61
C ARG A 108 1.65 -7.68 6.44
N LEU A 109 0.57 -7.01 6.73
CA LEU A 109 0.56 -5.52 6.57
C LEU A 109 0.56 -4.86 7.95
N THR A 110 1.48 -3.97 8.18
CA THR A 110 1.57 -3.26 9.50
C THR A 110 1.45 -1.76 9.25
N HIS A 111 0.51 -1.12 9.90
CA HIS A 111 0.32 0.36 9.71
C HIS A 111 0.09 1.01 11.08
N SER A 112 0.67 2.15 11.31
CA SER A 112 0.49 2.85 12.63
C SER A 112 0.06 4.29 12.39
N GLY A 113 -0.66 4.86 13.33
CA GLY A 113 -1.12 6.28 13.19
C GLY A 113 -2.64 6.33 13.36
N LEU A 114 -3.33 6.84 12.37
CA LEU A 114 -4.82 6.96 12.44
C LEU A 114 -5.26 7.38 13.84
N PRO A 115 -5.26 8.66 14.13
CA PRO A 115 -5.66 9.19 15.46
C PRO A 115 -7.18 9.27 15.60
N SER A 116 -7.91 8.70 14.67
CA SER A 116 -9.41 8.73 14.73
C SER A 116 -9.97 7.31 14.60
N ALA A 117 -11.05 7.04 15.27
CA ALA A 117 -11.68 5.69 15.21
C ALA A 117 -12.25 5.44 13.80
N GLU A 118 -12.81 6.45 13.20
CA GLU A 118 -13.40 6.28 11.84
C GLU A 118 -12.30 5.94 10.84
N GLN A 119 -11.18 6.59 10.94
CA GLN A 119 -10.06 6.32 10.00
C GLN A 119 -9.55 4.88 10.21
N CYS A 120 -9.48 4.45 11.44
CA CYS A 120 -8.99 3.06 11.73
C CYS A 120 -9.97 2.06 11.16
N ALA A 121 -11.22 2.33 11.36
CA ALA A 121 -12.32 1.45 10.88
C ALA A 121 -12.37 1.35 9.36
N GLY A 122 -12.36 2.46 8.67
CA GLY A 122 -12.44 2.44 7.17
C GLY A 122 -11.16 1.87 6.56
N HIS A 123 -10.03 2.21 7.11
CA HIS A 123 -8.75 1.70 6.56
C HIS A 123 -8.67 0.19 6.76
N GLU A 124 -9.03 -0.27 7.93
CA GLU A 124 -8.98 -1.73 8.21
C GLU A 124 -9.81 -2.49 7.18
N GLU A 125 -11.02 -2.07 6.97
CA GLU A 125 -11.90 -2.75 5.97
C GLU A 125 -11.36 -2.47 4.56
N GLY A 126 -10.85 -1.29 4.34
CA GLY A 126 -10.31 -0.94 2.99
C GLY A 126 -9.11 -1.83 2.68
N TRP A 127 -8.17 -1.92 3.57
CA TRP A 127 -6.97 -2.76 3.33
C TRP A 127 -7.40 -4.19 3.01
N ALA A 128 -8.39 -4.69 3.70
CA ALA A 128 -8.85 -6.08 3.43
C ALA A 128 -9.36 -6.18 1.99
N HIS A 129 -10.03 -5.17 1.52
CA HIS A 129 -10.55 -5.18 0.13
C HIS A 129 -9.39 -5.05 -0.86
N TYR A 130 -8.56 -4.06 -0.66
CA TYR A 130 -7.41 -3.84 -1.58
C TYR A 130 -6.46 -5.04 -1.52
N LEU A 131 -6.28 -5.60 -0.35
CA LEU A 131 -5.37 -6.77 -0.21
C LEU A 131 -5.94 -7.91 -1.05
N GLY A 132 -7.22 -8.07 -1.05
CA GLY A 132 -7.85 -9.17 -1.85
C GLY A 132 -7.50 -8.98 -3.33
N ARG A 133 -7.55 -7.77 -3.80
CA ARG A 133 -7.22 -7.52 -5.24
C ARG A 133 -5.75 -7.90 -5.50
N LEU A 134 -4.88 -7.56 -4.58
CA LEU A 134 -3.44 -7.88 -4.78
C LEU A 134 -3.26 -9.39 -4.88
N THR A 135 -3.96 -10.13 -4.07
CA THR A 135 -3.83 -11.62 -4.09
C THR A 135 -4.24 -12.15 -5.47
N GLU A 136 -5.30 -11.65 -6.04
CA GLU A 136 -5.75 -12.14 -7.37
C GLU A 136 -4.68 -11.84 -8.42
N VAL A 137 -3.99 -10.74 -8.29
CA VAL A 137 -2.93 -10.41 -9.29
C VAL A 137 -1.80 -11.44 -9.21
N ALA A 138 -1.39 -11.80 -8.02
CA ALA A 138 -0.29 -12.77 -7.87
C ALA A 138 -0.69 -14.12 -8.48
N ALA A 139 -1.92 -14.51 -8.32
CA ALA A 139 -2.40 -15.81 -8.89
C ALA A 139 -3.39 -15.53 -10.01
N GLY A 140 -3.35 -14.35 -10.59
CA GLY A 140 -4.30 -14.03 -11.69
C GLY A 140 -3.97 -12.65 -12.27
N ARG A 141 -4.87 -12.11 -13.05
CA ARG A 141 -4.64 -10.76 -13.66
C ARG A 141 -5.96 -9.99 -13.73
N ASP A 142 -5.88 -8.70 -13.89
CA ASP A 142 -7.10 -7.85 -13.98
C ASP A 142 -8.13 -8.30 -12.93
N PRO A 143 -7.84 -8.09 -11.67
CA PRO A 143 -8.76 -8.46 -10.56
C PRO A 143 -10.15 -7.86 -10.75
N GLY A 144 -10.20 -6.66 -11.25
CA GLY A 144 -11.52 -6.00 -11.47
C GLY A 144 -11.36 -4.47 -11.40
N PRO A 145 -12.43 -3.76 -11.18
CA PRO A 145 -12.42 -2.27 -11.12
C PRO A 145 -11.90 -1.74 -9.78
N ASP A 146 -12.15 -0.49 -9.49
CA ASP A 146 -11.69 0.11 -8.19
C ASP A 146 -12.89 0.74 -7.46
N PRO A 147 -13.66 -0.08 -6.76
CA PRO A 147 -14.85 0.40 -5.99
C PRO A 147 -14.48 1.37 -4.87
N PHE A 148 -15.40 2.21 -4.46
CA PHE A 148 -15.14 3.19 -3.37
C PHE A 148 -14.11 4.23 -3.85
N TYR A 149 -12.93 3.79 -4.18
CA TYR A 149 -11.89 4.75 -4.66
C TYR A 149 -12.37 5.44 -5.94
N GLY A 150 -12.93 4.69 -6.85
CA GLY A 150 -13.41 5.28 -8.14
C GLY A 150 -14.45 6.37 -7.88
N ARG A 151 -14.86 7.05 -8.91
CA ARG A 151 -15.88 8.12 -8.76
C ARG A 151 -17.23 7.48 -8.41
N ARG A 152 -17.32 6.18 -8.52
CA ARG A 152 -18.60 5.47 -8.19
C ARG A 152 -19.71 6.01 -9.09
N LEU A 153 -20.19 7.20 -8.83
CA LEU A 153 -21.29 7.77 -9.65
C LEU A 153 -21.03 9.26 -9.88
N GLU A 154 -22.02 10.08 -9.65
CA GLU A 154 -21.87 11.54 -9.87
C GLU A 154 -21.44 11.79 -11.31
N HIS A 155 -21.92 10.97 -12.22
CA HIS A 155 -21.54 11.13 -13.65
C HIS A 155 -22.13 12.41 -14.21
N HIS A 156 -21.36 13.14 -14.99
CA HIS A 156 -21.86 14.41 -15.58
C HIS A 156 -22.32 14.17 -17.03
N HIS A 157 -23.60 14.02 -17.22
CA HIS A 157 -24.16 13.79 -18.58
C HIS A 157 -23.40 12.67 -19.31
N HIS A 158 -23.81 12.37 -20.51
CA HIS A 158 -23.15 11.29 -21.29
C HIS A 158 -21.80 11.77 -21.81
N HIS A 159 -20.79 10.95 -21.70
CA HIS A 159 -19.43 11.36 -22.16
C HIS A 159 -19.28 11.06 -23.67
N HIS A 160 -18.87 12.05 -24.43
CA HIS A 160 -18.69 11.85 -25.90
C HIS A 160 -19.94 11.22 -26.50
N MET A 1 -11.33 17.68 28.35
CA MET A 1 -10.24 18.64 27.98
C MET A 1 -9.81 18.39 26.53
N GLU A 2 -9.17 19.35 25.93
CA GLU A 2 -8.70 19.19 24.53
C GLU A 2 -7.35 18.46 24.52
N LYS A 3 -6.82 18.17 25.68
CA LYS A 3 -5.51 17.47 25.74
C LYS A 3 -5.73 15.95 25.62
N ALA A 4 -5.45 15.40 24.46
CA ALA A 4 -5.64 13.93 24.26
C ALA A 4 -4.28 13.22 24.37
N MET A 5 -4.28 12.00 24.84
CA MET A 5 -3.00 11.25 24.98
C MET A 5 -2.59 10.66 23.62
N PRO A 6 -1.32 10.35 23.43
CA PRO A 6 -0.83 9.76 22.15
C PRO A 6 -1.71 8.61 21.68
N GLU A 7 -2.14 7.78 22.60
CA GLU A 7 -3.02 6.61 22.25
C GLU A 7 -2.57 5.99 20.93
N SER A 8 -3.12 6.45 19.84
CA SER A 8 -2.76 5.91 18.50
C SER A 8 -3.15 4.43 18.42
N PHE A 9 -3.89 4.07 17.41
CA PHE A 9 -4.32 2.64 17.24
C PHE A 9 -3.42 1.94 16.23
N VAL A 10 -3.29 0.65 16.35
CA VAL A 10 -2.41 -0.13 15.40
C VAL A 10 -3.28 -1.14 14.66
N VAL A 11 -3.09 -1.25 13.36
CA VAL A 11 -3.88 -2.20 12.53
C VAL A 11 -2.95 -3.27 11.97
N ARG A 12 -3.33 -4.51 12.09
CA ARG A 12 -2.48 -5.63 11.57
C ARG A 12 -3.31 -6.45 10.59
N ARG A 13 -2.76 -6.77 9.44
CA ARG A 13 -3.53 -7.56 8.43
C ARG A 13 -2.64 -8.66 7.85
N GLU A 14 -3.23 -9.73 7.41
CA GLU A 14 -2.45 -10.87 6.82
C GLU A 14 -3.16 -11.34 5.55
N ALA A 15 -2.42 -11.80 4.58
CA ALA A 15 -3.05 -12.27 3.31
C ALA A 15 -2.24 -13.43 2.75
N HIS A 16 -2.90 -14.40 2.18
CA HIS A 16 -2.17 -15.56 1.59
C HIS A 16 -2.06 -15.37 0.08
N LEU A 17 -0.87 -15.22 -0.43
CA LEU A 17 -0.68 -15.01 -1.90
C LEU A 17 -0.01 -16.24 -2.51
N ALA A 18 -0.52 -16.72 -3.60
CA ALA A 18 0.08 -17.91 -4.26
C ALA A 18 1.22 -17.48 -5.18
N ALA A 19 2.32 -17.03 -4.62
CA ALA A 19 3.47 -16.60 -5.47
C ALA A 19 4.64 -16.22 -4.56
N PRO A 20 5.86 -16.36 -5.04
CA PRO A 20 7.09 -16.03 -4.26
C PRO A 20 7.19 -14.52 -3.96
N PRO A 21 8.01 -14.15 -3.01
CA PRO A 21 8.21 -12.72 -2.62
C PRO A 21 8.78 -11.91 -3.78
N ALA A 22 9.50 -12.55 -4.66
CA ALA A 22 10.08 -11.83 -5.83
C ALA A 22 8.95 -11.27 -6.70
N ALA A 23 7.94 -12.06 -6.93
CA ALA A 23 6.81 -11.58 -7.77
C ALA A 23 6.08 -10.43 -7.07
N VAL A 24 5.81 -10.59 -5.80
CA VAL A 24 5.10 -9.50 -5.05
C VAL A 24 6.00 -8.26 -5.02
N PHE A 25 7.25 -8.44 -4.70
CA PHE A 25 8.19 -7.29 -4.65
C PHE A 25 8.29 -6.65 -6.03
N ALA A 26 8.40 -7.46 -7.06
CA ALA A 26 8.51 -6.90 -8.44
C ALA A 26 7.33 -5.97 -8.73
N LEU A 27 6.15 -6.37 -8.34
CA LEU A 27 4.96 -5.51 -8.60
C LEU A 27 5.11 -4.18 -7.84
N MET A 28 5.55 -4.24 -6.61
CA MET A 28 5.72 -2.99 -5.82
C MET A 28 6.84 -2.13 -6.43
N THR A 29 7.89 -2.76 -6.88
CA THR A 29 9.02 -1.99 -7.48
C THR A 29 8.70 -1.64 -8.93
N ASP A 30 7.53 -2.02 -9.39
CA ASP A 30 7.13 -1.73 -10.81
C ASP A 30 5.86 -0.85 -10.79
N PRO A 31 6.03 0.45 -10.69
CA PRO A 31 4.88 1.39 -10.66
C PRO A 31 3.92 1.19 -11.84
N GLU A 32 4.46 0.89 -12.99
CA GLU A 32 3.60 0.68 -14.19
C GLU A 32 2.75 -0.58 -13.99
N LYS A 33 3.32 -1.62 -13.46
CA LYS A 33 2.54 -2.88 -13.24
C LYS A 33 1.45 -2.63 -12.20
N ILE A 34 1.69 -1.76 -11.25
CA ILE A 34 0.66 -1.50 -10.20
C ILE A 34 -0.60 -0.93 -10.86
N LEU A 35 -0.44 -0.03 -11.78
CA LEU A 35 -1.63 0.59 -12.45
C LEU A 35 -2.47 -0.51 -13.10
N ARG A 36 -1.94 -1.70 -13.21
CA ARG A 36 -2.72 -2.81 -13.84
C ARG A 36 -3.93 -3.15 -12.96
N TRP A 37 -3.74 -3.22 -11.66
CA TRP A 37 -4.88 -3.56 -10.74
C TRP A 37 -5.26 -2.32 -9.91
N MET A 38 -5.28 -1.18 -10.53
CA MET A 38 -5.67 0.08 -9.82
C MET A 38 -6.32 1.04 -10.81
N GLY A 39 -5.62 1.35 -11.88
CA GLY A 39 -6.19 2.29 -12.90
C GLY A 39 -5.99 3.74 -12.44
N THR A 40 -5.14 3.94 -11.45
CA THR A 40 -4.88 5.32 -10.94
C THR A 40 -3.40 5.65 -11.16
N GLU A 41 -3.13 6.52 -12.09
CA GLU A 41 -1.72 6.91 -12.40
C GLU A 41 -0.94 7.12 -11.11
N ALA A 42 0.36 6.99 -11.17
CA ALA A 42 1.19 7.18 -9.94
C ALA A 42 2.60 7.65 -10.33
N GLU A 43 3.26 8.36 -9.45
CA GLU A 43 4.62 8.87 -9.74
C GLU A 43 5.65 7.77 -9.46
N VAL A 44 6.85 7.90 -9.96
CA VAL A 44 7.91 6.87 -9.73
C VAL A 44 9.18 7.57 -9.27
N GLU A 45 9.88 6.99 -8.32
CA GLU A 45 11.13 7.61 -7.80
C GLU A 45 12.36 6.93 -8.43
N PRO A 46 13.45 7.65 -8.63
CA PRO A 46 14.69 7.06 -9.21
C PRO A 46 15.06 5.72 -8.55
N GLU A 47 14.82 5.60 -7.28
CA GLU A 47 15.17 4.34 -6.57
C GLU A 47 14.85 4.51 -5.07
N PRO A 48 15.35 5.56 -4.44
CA PRO A 48 15.12 5.81 -2.99
C PRO A 48 13.73 6.38 -2.70
N GLY A 49 13.16 6.05 -1.58
CA GLY A 49 11.82 6.58 -1.23
C GLY A 49 10.75 5.73 -1.91
N GLY A 50 10.23 4.76 -1.21
CA GLY A 50 9.18 3.87 -1.81
C GLY A 50 8.05 4.70 -2.41
N LEU A 51 7.34 4.11 -3.34
CA LEU A 51 6.21 4.83 -4.01
C LEU A 51 5.28 5.46 -2.97
N TYR A 52 4.16 4.82 -2.72
CA TYR A 52 3.18 5.37 -1.73
C TYR A 52 2.71 6.75 -2.20
N LEU A 53 3.09 7.14 -3.39
CA LEU A 53 2.66 8.48 -3.94
C LEU A 53 1.70 8.28 -5.10
N VAL A 54 0.80 9.21 -5.28
CA VAL A 54 -0.20 9.11 -6.39
C VAL A 54 -0.32 10.45 -7.10
N ASN A 55 -0.78 10.44 -8.33
CA ASN A 55 -0.92 11.71 -9.10
C ASN A 55 -2.21 12.41 -8.71
N VAL A 56 -2.57 13.45 -9.45
CA VAL A 56 -3.82 14.23 -9.16
C VAL A 56 -4.10 14.26 -7.65
N THR A 57 -3.06 14.31 -6.87
CA THR A 57 -3.20 14.35 -5.39
C THR A 57 -2.89 15.76 -4.90
N GLY A 58 -2.35 16.59 -5.76
CA GLY A 58 -2.01 17.98 -5.37
C GLY A 58 -0.69 17.98 -4.59
N ALA A 59 0.12 16.98 -4.77
CA ALA A 59 1.42 16.93 -4.04
C ALA A 59 2.45 16.16 -4.87
N ARG A 60 3.71 16.43 -4.69
CA ARG A 60 4.77 15.72 -5.48
C ARG A 60 5.99 15.46 -4.58
N PHE A 61 6.75 14.43 -4.88
CA PHE A 61 7.95 14.10 -4.06
C PHE A 61 7.69 14.33 -2.58
N ALA A 62 8.19 15.41 -2.05
CA ALA A 62 7.98 15.70 -0.59
C ALA A 62 8.36 14.48 0.23
N ARG A 63 9.55 14.44 0.78
CA ARG A 63 9.99 13.27 1.59
C ARG A 63 10.67 13.79 2.87
N GLY A 64 10.55 13.06 3.96
CA GLY A 64 11.17 13.48 5.25
C GLY A 64 12.34 12.54 5.57
N SER A 65 12.05 11.45 6.22
CA SER A 65 13.14 10.48 6.57
C SER A 65 12.64 9.05 6.33
N PHE A 66 13.31 8.33 5.47
CA PHE A 66 12.88 6.93 5.18
C PHE A 66 13.15 6.03 6.38
N ARG A 67 12.20 5.20 6.73
CA ARG A 67 12.38 4.31 7.91
C ARG A 67 13.34 3.17 7.55
N GLU A 68 12.86 2.18 6.86
CA GLU A 68 13.75 1.03 6.49
C GLU A 68 13.32 0.46 5.14
N VAL A 69 14.26 0.21 4.28
CA VAL A 69 13.93 -0.35 2.92
C VAL A 69 14.73 -1.64 2.71
N VAL A 70 14.06 -2.71 2.36
CA VAL A 70 14.78 -4.00 2.12
C VAL A 70 14.06 -4.78 1.01
N PRO A 71 14.77 -5.29 0.03
CA PRO A 71 14.12 -6.06 -1.08
C PRO A 71 13.65 -7.45 -0.63
N VAL A 72 12.71 -8.02 -1.36
CA VAL A 72 12.15 -9.38 -1.04
C VAL A 72 12.26 -9.70 0.46
N HIS A 73 11.94 -8.75 1.30
CA HIS A 73 12.02 -9.00 2.77
C HIS A 73 11.04 -8.08 3.50
N ARG A 74 11.40 -6.85 3.71
CA ARG A 74 10.48 -5.91 4.43
C ARG A 74 10.63 -4.49 3.86
N LEU A 75 9.58 -3.72 3.94
CA LEU A 75 9.62 -2.31 3.43
C LEU A 75 8.90 -1.41 4.43
N ALA A 76 9.49 -0.29 4.77
CA ALA A 76 8.85 0.65 5.73
C ALA A 76 9.01 2.07 5.20
N TYR A 77 7.91 2.72 4.89
CA TYR A 77 7.95 4.11 4.36
C TYR A 77 7.06 4.99 5.24
N SER A 78 7.58 6.10 5.70
CA SER A 78 6.76 7.01 6.57
C SER A 78 6.49 8.32 5.84
N PHE A 79 5.25 8.62 5.58
CA PHE A 79 4.92 9.90 4.88
C PHE A 79 3.44 10.23 5.11
N GLY A 80 3.15 11.45 5.47
CA GLY A 80 1.72 11.83 5.73
C GLY A 80 0.95 11.87 4.41
N TRP A 81 -0.35 11.96 4.48
CA TRP A 81 -1.19 12.00 3.25
C TRP A 81 -1.27 13.44 2.72
N ASP A 82 -1.55 13.61 1.46
CA ASP A 82 -1.64 14.98 0.86
C ASP A 82 -0.33 15.72 1.11
N GLY A 83 -0.18 16.30 2.26
CA GLY A 83 1.08 17.05 2.56
C GLY A 83 0.95 17.70 3.94
N SER A 84 -0.23 18.07 4.31
CA SER A 84 -0.46 18.72 5.64
C SER A 84 -0.63 17.66 6.72
N GLU A 85 -0.92 18.09 7.92
CA GLU A 85 -1.12 17.13 9.04
C GLU A 85 -2.43 16.37 8.81
N VAL A 86 -3.08 16.62 7.71
CA VAL A 86 -4.36 15.93 7.40
C VAL A 86 -4.11 14.45 7.13
N VAL A 87 -4.94 13.60 7.64
CA VAL A 87 -4.77 12.14 7.41
C VAL A 87 -6.14 11.45 7.42
N PRO A 88 -6.95 11.73 6.42
CA PRO A 88 -8.30 11.11 6.31
C PRO A 88 -8.25 9.57 6.34
N PRO A 89 -7.31 8.95 5.65
CA PRO A 89 -7.19 7.46 5.67
C PRO A 89 -6.46 6.99 6.92
N GLY A 90 -5.98 7.90 7.73
CA GLY A 90 -5.25 7.50 8.97
C GLY A 90 -3.79 7.21 8.62
N SER A 91 -3.28 7.89 7.64
CA SER A 91 -1.87 7.63 7.23
C SER A 91 -0.91 8.03 8.35
N SER A 92 0.24 7.40 8.39
CA SER A 92 1.25 7.71 9.44
C SER A 92 2.51 6.88 9.18
N LEU A 93 2.61 5.73 9.80
CA LEU A 93 3.80 4.84 9.60
C LEU A 93 3.34 3.59 8.86
N VAL A 94 3.90 3.34 7.70
CA VAL A 94 3.52 2.14 6.92
C VAL A 94 4.64 1.10 7.05
N GLU A 95 4.33 -0.07 7.54
CA GLU A 95 5.38 -1.13 7.71
C GLU A 95 4.90 -2.42 7.04
N ILE A 96 5.73 -3.02 6.23
CA ILE A 96 5.35 -4.29 5.53
C ILE A 96 6.46 -5.32 5.72
N ASP A 97 6.12 -6.51 6.14
CA ASP A 97 7.15 -7.58 6.34
C ASP A 97 6.76 -8.83 5.54
N LEU A 98 7.71 -9.47 4.92
CA LEU A 98 7.41 -10.69 4.12
C LEU A 98 7.93 -11.93 4.86
N ILE A 99 7.08 -12.91 5.07
CA ILE A 99 7.51 -14.15 5.79
C ILE A 99 7.06 -15.37 4.99
N GLU A 100 7.95 -16.29 4.78
CA GLU A 100 7.60 -17.52 3.99
C GLU A 100 6.65 -18.42 4.79
N GLN A 101 5.67 -18.96 4.13
CA GLN A 101 4.70 -19.87 4.84
C GLN A 101 4.20 -20.95 3.87
N GLY A 102 4.52 -22.19 4.16
CA GLY A 102 4.08 -23.33 3.29
C GLY A 102 4.14 -22.95 1.81
N GLY A 103 3.14 -23.34 1.06
CA GLY A 103 3.14 -23.03 -0.41
C GLY A 103 2.62 -21.62 -0.65
N GLY A 104 3.50 -20.67 -0.83
CA GLY A 104 3.06 -19.26 -1.09
C GLY A 104 3.87 -18.31 -0.20
N THR A 105 3.53 -17.06 -0.20
CA THR A 105 4.25 -16.06 0.64
C THR A 105 3.24 -15.32 1.52
N LEU A 106 3.51 -15.24 2.80
CA LEU A 106 2.57 -14.54 3.72
C LEU A 106 2.93 -13.05 3.76
N LEU A 107 1.98 -12.18 3.58
CA LEU A 107 2.26 -10.71 3.61
C LEU A 107 1.65 -10.13 4.88
N ARG A 108 2.45 -9.53 5.70
CA ARG A 108 1.95 -8.90 6.97
C ARG A 108 2.03 -7.39 6.84
N LEU A 109 0.94 -6.70 6.99
CA LEU A 109 0.94 -5.20 6.89
C LEU A 109 0.58 -4.62 8.25
N THR A 110 1.43 -3.76 8.75
CA THR A 110 1.17 -3.13 10.09
C THR A 110 1.24 -1.60 9.93
N HIS A 111 0.25 -0.91 10.41
CA HIS A 111 0.24 0.59 10.31
C HIS A 111 -0.05 1.18 11.69
N SER A 112 0.61 2.25 12.04
CA SER A 112 0.38 2.88 13.38
C SER A 112 0.35 4.40 13.25
N GLY A 113 -0.42 5.06 14.08
CA GLY A 113 -0.51 6.56 14.02
C GLY A 113 -1.88 6.95 13.48
N LEU A 114 -2.93 6.35 13.98
CA LEU A 114 -4.30 6.69 13.48
C LEU A 114 -4.95 7.74 14.41
N PRO A 115 -5.76 8.62 13.86
CA PRO A 115 -6.44 9.68 14.68
C PRO A 115 -7.45 9.08 15.66
N SER A 116 -8.27 8.17 15.20
CA SER A 116 -9.29 7.56 16.09
C SER A 116 -9.71 6.20 15.56
N ALA A 117 -10.44 5.45 16.34
CA ALA A 117 -10.90 4.10 15.89
C ALA A 117 -11.82 4.25 14.69
N GLU A 118 -12.61 5.29 14.66
CA GLU A 118 -13.54 5.50 13.52
C GLU A 118 -12.78 5.37 12.20
N GLN A 119 -11.76 6.17 12.04
CA GLN A 119 -10.96 6.12 10.78
C GLN A 119 -10.25 4.76 10.71
N CYS A 120 -9.92 4.20 11.83
CA CYS A 120 -9.23 2.88 11.83
C CYS A 120 -10.12 1.82 11.19
N ALA A 121 -11.38 1.81 11.54
CA ALA A 121 -12.30 0.80 10.94
C ALA A 121 -12.39 1.01 9.44
N GLY A 122 -12.60 2.22 9.00
CA GLY A 122 -12.68 2.48 7.53
C GLY A 122 -11.32 2.24 6.90
N HIS A 123 -10.27 2.67 7.55
CA HIS A 123 -8.90 2.49 6.98
C HIS A 123 -8.57 1.00 6.93
N GLU A 124 -8.91 0.28 7.96
CA GLU A 124 -8.62 -1.19 7.98
C GLU A 124 -9.38 -1.87 6.84
N GLU A 125 -10.59 -1.45 6.58
CA GLU A 125 -11.37 -2.08 5.49
C GLU A 125 -10.71 -1.78 4.15
N GLY A 126 -10.13 -0.62 4.00
CA GLY A 126 -9.47 -0.28 2.71
C GLY A 126 -8.32 -1.26 2.45
N TRP A 127 -7.52 -1.53 3.45
CA TRP A 127 -6.39 -2.48 3.25
C TRP A 127 -6.93 -3.86 2.88
N ALA A 128 -8.03 -4.25 3.46
CA ALA A 128 -8.61 -5.58 3.15
C ALA A 128 -8.97 -5.63 1.66
N HIS A 129 -9.48 -4.56 1.14
CA HIS A 129 -9.86 -4.55 -0.31
C HIS A 129 -8.59 -4.65 -1.16
N TYR A 130 -7.60 -3.85 -0.88
CA TYR A 130 -6.34 -3.91 -1.69
C TYR A 130 -5.69 -5.29 -1.53
N LEU A 131 -5.63 -5.77 -0.32
CA LEU A 131 -5.01 -7.10 -0.07
C LEU A 131 -5.79 -8.19 -0.79
N GLY A 132 -7.10 -8.11 -0.76
CA GLY A 132 -7.91 -9.15 -1.46
C GLY A 132 -7.65 -9.09 -2.96
N ARG A 133 -7.69 -7.91 -3.53
CA ARG A 133 -7.43 -7.78 -4.99
C ARG A 133 -6.00 -8.20 -5.31
N LEU A 134 -5.06 -7.80 -4.50
CA LEU A 134 -3.64 -8.16 -4.75
C LEU A 134 -3.49 -9.68 -4.68
N THR A 135 -4.15 -10.31 -3.75
CA THR A 135 -4.03 -11.80 -3.64
C THR A 135 -4.49 -12.43 -4.95
N GLU A 136 -5.58 -11.96 -5.49
CA GLU A 136 -6.09 -12.54 -6.77
C GLU A 136 -5.08 -12.27 -7.89
N VAL A 137 -4.53 -11.09 -7.94
CA VAL A 137 -3.55 -10.77 -9.02
C VAL A 137 -2.30 -11.64 -8.86
N ALA A 138 -1.80 -11.77 -7.66
CA ALA A 138 -0.58 -12.59 -7.44
C ALA A 138 -0.89 -14.04 -7.80
N ALA A 139 -2.11 -14.45 -7.64
CA ALA A 139 -2.49 -15.86 -7.97
C ALA A 139 -2.75 -15.97 -9.47
N GLY A 140 -2.61 -14.89 -10.19
CA GLY A 140 -2.85 -14.93 -11.66
C GLY A 140 -2.84 -13.50 -12.21
N ARG A 141 -3.96 -13.06 -12.73
CA ARG A 141 -4.03 -11.68 -13.28
C ARG A 141 -5.48 -11.36 -13.64
N ASP A 142 -6.37 -11.50 -12.69
CA ASP A 142 -7.81 -11.20 -12.95
C ASP A 142 -8.44 -10.57 -11.71
N PRO A 143 -8.24 -9.29 -11.51
CA PRO A 143 -8.81 -8.56 -10.35
C PRO A 143 -10.33 -8.77 -10.24
N GLY A 144 -11.00 -8.83 -11.36
CA GLY A 144 -12.47 -9.05 -11.34
C GLY A 144 -13.14 -8.01 -10.44
N PRO A 145 -14.43 -8.10 -10.27
CA PRO A 145 -15.20 -7.16 -9.41
C PRO A 145 -14.90 -7.37 -7.93
N ASP A 146 -13.85 -8.11 -7.63
CA ASP A 146 -13.48 -8.37 -6.22
C ASP A 146 -14.59 -9.15 -5.51
N PRO A 147 -14.90 -10.33 -5.99
CA PRO A 147 -15.96 -11.18 -5.37
C PRO A 147 -15.53 -11.72 -4.00
N PHE A 148 -14.27 -11.67 -3.69
CA PHE A 148 -13.79 -12.18 -2.38
C PHE A 148 -13.94 -11.08 -1.32
N TYR A 149 -15.14 -10.61 -1.12
CA TYR A 149 -15.40 -9.54 -0.10
C TYR A 149 -15.02 -10.05 1.29
N GLY A 150 -15.44 -11.24 1.63
CA GLY A 150 -15.11 -11.79 2.98
C GLY A 150 -15.77 -13.16 3.15
N ARG A 151 -17.03 -13.28 2.80
CA ARG A 151 -17.72 -14.59 2.96
C ARG A 151 -17.32 -15.53 1.82
N ARG A 152 -17.01 -16.76 2.16
CA ARG A 152 -16.60 -17.75 1.11
C ARG A 152 -17.79 -18.04 0.19
N LEU A 153 -18.97 -18.21 0.73
CA LEU A 153 -20.17 -18.51 -0.11
C LEU A 153 -21.15 -17.32 -0.07
N GLU A 154 -21.57 -16.87 -1.23
CA GLU A 154 -22.52 -15.71 -1.30
C GLU A 154 -23.88 -16.21 -1.78
N HIS A 155 -24.91 -15.46 -1.53
CA HIS A 155 -26.28 -15.89 -1.96
C HIS A 155 -26.54 -15.45 -3.40
N HIS A 156 -26.67 -16.38 -4.29
CA HIS A 156 -26.94 -16.06 -5.71
C HIS A 156 -28.45 -16.05 -5.95
N HIS A 157 -29.20 -16.54 -5.01
CA HIS A 157 -30.68 -16.59 -5.17
C HIS A 157 -31.23 -15.15 -5.21
N HIS A 158 -30.75 -14.30 -4.33
CA HIS A 158 -31.25 -12.89 -4.31
C HIS A 158 -30.13 -11.94 -3.90
N HIS A 159 -30.17 -10.72 -4.37
CA HIS A 159 -29.11 -9.74 -4.01
C HIS A 159 -29.69 -8.32 -4.14
N HIS A 160 -30.26 -7.80 -3.07
CA HIS A 160 -30.85 -6.43 -3.11
C HIS A 160 -31.61 -6.21 -4.42
N MET A 1 4.56 17.43 14.65
CA MET A 1 3.54 16.99 13.67
C MET A 1 2.90 15.69 14.13
N GLU A 2 1.61 15.70 14.34
CA GLU A 2 0.89 14.47 14.79
C GLU A 2 1.47 14.01 16.13
N LYS A 3 1.36 14.82 17.14
CA LYS A 3 1.87 14.45 18.50
C LYS A 3 3.37 14.14 18.45
N ALA A 4 4.00 14.17 19.59
CA ALA A 4 5.47 13.89 19.66
C ALA A 4 5.69 12.38 19.81
N MET A 5 4.62 11.63 19.92
CA MET A 5 4.75 10.14 20.06
C MET A 5 3.58 9.46 19.36
N PRO A 6 3.64 9.39 18.05
CA PRO A 6 2.56 8.75 17.23
C PRO A 6 2.32 7.29 17.64
N GLU A 7 1.08 6.89 17.71
CA GLU A 7 0.76 5.48 18.09
C GLU A 7 -0.75 5.27 17.96
N SER A 8 -1.51 5.93 18.80
CA SER A 8 -3.00 5.80 18.75
C SER A 8 -3.41 4.33 18.58
N PHE A 9 -4.24 4.05 17.62
CA PHE A 9 -4.71 2.65 17.40
C PHE A 9 -3.76 1.91 16.45
N VAL A 10 -3.68 0.62 16.59
CA VAL A 10 -2.78 -0.20 15.73
C VAL A 10 -3.63 -1.18 14.92
N VAL A 11 -3.37 -1.29 13.64
CA VAL A 11 -4.16 -2.22 12.78
C VAL A 11 -3.21 -3.26 12.16
N ARG A 12 -3.60 -4.51 12.20
CA ARG A 12 -2.76 -5.60 11.62
C ARG A 12 -3.61 -6.42 10.64
N ARG A 13 -3.03 -6.83 9.54
CA ARG A 13 -3.79 -7.64 8.54
C ARG A 13 -2.89 -8.75 8.02
N GLU A 14 -3.48 -9.84 7.58
CA GLU A 14 -2.67 -10.98 7.04
C GLU A 14 -3.34 -11.51 5.78
N ALA A 15 -2.56 -11.97 4.84
CA ALA A 15 -3.15 -12.51 3.58
C ALA A 15 -2.19 -13.54 2.99
N HIS A 16 -2.73 -14.52 2.30
CA HIS A 16 -1.86 -15.58 1.69
C HIS A 16 -1.81 -15.37 0.18
N LEU A 17 -0.62 -15.20 -0.36
CA LEU A 17 -0.47 -14.99 -1.84
C LEU A 17 0.31 -16.16 -2.42
N ALA A 18 -0.20 -16.76 -3.46
CA ALA A 18 0.50 -17.93 -4.07
C ALA A 18 1.55 -17.42 -5.06
N ALA A 19 2.70 -17.05 -4.57
CA ALA A 19 3.78 -16.55 -5.47
C ALA A 19 5.03 -16.24 -4.63
N PRO A 20 6.19 -16.33 -5.22
CA PRO A 20 7.48 -16.05 -4.51
C PRO A 20 7.59 -14.57 -4.11
N PRO A 21 8.47 -14.25 -3.19
CA PRO A 21 8.69 -12.85 -2.71
C PRO A 21 9.17 -11.94 -3.85
N ALA A 22 9.89 -12.48 -4.79
CA ALA A 22 10.40 -11.66 -5.92
C ALA A 22 9.23 -11.16 -6.78
N ALA A 23 8.25 -12.00 -7.01
CA ALA A 23 7.09 -11.57 -7.84
C ALA A 23 6.31 -10.47 -7.11
N VAL A 24 6.13 -10.63 -5.83
CA VAL A 24 5.37 -9.60 -5.05
C VAL A 24 6.14 -8.28 -5.03
N PHE A 25 7.43 -8.35 -4.80
CA PHE A 25 8.26 -7.11 -4.75
C PHE A 25 8.20 -6.39 -6.10
N ALA A 26 8.35 -7.12 -7.17
CA ALA A 26 8.32 -6.48 -8.51
C ALA A 26 7.02 -5.72 -8.70
N LEU A 27 5.92 -6.30 -8.30
CA LEU A 27 4.61 -5.63 -8.44
C LEU A 27 4.59 -4.35 -7.60
N MET A 28 5.12 -4.41 -6.42
CA MET A 28 5.13 -3.21 -5.52
C MET A 28 6.30 -2.30 -5.90
N THR A 29 7.16 -2.74 -6.78
CA THR A 29 8.32 -1.91 -7.19
C THR A 29 7.98 -1.15 -8.48
N ASP A 30 6.85 -1.43 -9.07
CA ASP A 30 6.45 -0.74 -10.34
C ASP A 30 5.09 -0.03 -10.12
N PRO A 31 4.98 1.25 -10.44
CA PRO A 31 3.70 1.99 -10.26
C PRO A 31 2.70 1.65 -11.38
N GLU A 32 3.20 1.37 -12.55
CA GLU A 32 2.30 1.04 -13.69
C GLU A 32 1.62 -0.31 -13.44
N LYS A 33 2.36 -1.27 -12.96
CA LYS A 33 1.76 -2.62 -12.70
C LYS A 33 0.71 -2.49 -11.59
N ILE A 34 0.96 -1.69 -10.60
CA ILE A 34 -0.03 -1.54 -9.50
C ILE A 34 -1.33 -0.96 -10.06
N LEU A 35 -1.22 0.01 -10.92
CA LEU A 35 -2.45 0.62 -11.50
C LEU A 35 -3.21 -0.41 -12.32
N ARG A 36 -2.63 -1.57 -12.55
CA ARG A 36 -3.33 -2.62 -13.34
C ARG A 36 -4.55 -3.12 -12.55
N TRP A 37 -4.40 -3.35 -11.27
CA TRP A 37 -5.54 -3.84 -10.44
C TRP A 37 -5.98 -2.75 -9.46
N MET A 38 -5.09 -1.88 -9.09
CA MET A 38 -5.44 -0.80 -8.13
C MET A 38 -6.17 0.32 -8.88
N GLY A 39 -5.46 1.05 -9.69
CA GLY A 39 -6.10 2.16 -10.47
C GLY A 39 -6.27 3.40 -9.58
N THR A 40 -7.07 4.33 -10.04
CA THR A 40 -7.30 5.59 -9.26
C THR A 40 -5.97 6.28 -8.94
N GLU A 41 -5.13 6.43 -9.94
CA GLU A 41 -3.81 7.10 -9.76
C GLU A 41 -2.99 6.40 -8.67
N ALA A 42 -1.69 6.34 -8.86
CA ALA A 42 -0.82 5.66 -7.85
C ALA A 42 0.64 5.98 -8.14
N GLU A 43 1.47 5.95 -7.13
CA GLU A 43 2.92 6.23 -7.33
C GLU A 43 3.75 5.22 -6.54
N VAL A 44 4.87 4.82 -7.07
CA VAL A 44 5.73 3.83 -6.36
C VAL A 44 6.60 4.56 -5.33
N GLU A 45 6.12 5.68 -4.82
CA GLU A 45 6.89 6.47 -3.81
C GLU A 45 6.04 6.68 -2.56
N PRO A 46 5.90 5.66 -1.74
CA PRO A 46 5.09 5.75 -0.49
C PRO A 46 5.40 7.02 0.31
N GLU A 47 4.82 8.13 -0.08
CA GLU A 47 5.06 9.41 0.65
C GLU A 47 4.15 10.49 0.06
N PRO A 48 2.92 10.54 0.50
CA PRO A 48 1.93 11.55 0.00
C PRO A 48 2.45 12.98 0.08
N GLY A 49 2.24 13.75 -0.96
CA GLY A 49 2.72 15.16 -0.95
C GLY A 49 4.23 15.18 -1.23
N GLY A 50 4.77 14.11 -1.75
CA GLY A 50 6.23 14.07 -2.03
C GLY A 50 6.56 14.92 -3.26
N LEU A 51 6.92 14.27 -4.34
CA LEU A 51 7.28 15.01 -5.58
C LEU A 51 6.01 15.35 -6.37
N TYR A 52 4.86 14.95 -5.86
CA TYR A 52 3.58 15.23 -6.57
C TYR A 52 3.62 14.66 -7.98
N LEU A 53 3.32 13.39 -8.12
CA LEU A 53 3.32 12.76 -9.47
C LEU A 53 2.59 11.41 -9.40
N VAL A 54 1.82 11.09 -10.39
CA VAL A 54 1.09 9.80 -10.40
C VAL A 54 0.98 9.29 -11.84
N ASN A 55 0.54 8.08 -12.01
CA ASN A 55 0.40 7.53 -13.39
C ASN A 55 1.73 7.65 -14.14
N VAL A 56 1.93 8.73 -14.84
CA VAL A 56 3.20 8.90 -15.61
C VAL A 56 4.40 8.92 -14.66
N THR A 57 5.33 8.02 -14.85
CA THR A 57 6.55 7.96 -13.97
C THR A 57 7.80 7.80 -14.85
N GLY A 58 8.81 8.59 -14.61
CA GLY A 58 10.05 8.48 -15.43
C GLY A 58 10.80 7.19 -15.11
N ALA A 59 10.95 6.33 -16.08
CA ALA A 59 11.69 5.04 -15.86
C ALA A 59 11.31 4.43 -14.50
N ARG A 60 12.24 4.41 -13.58
CA ARG A 60 11.94 3.84 -12.23
C ARG A 60 12.75 4.61 -11.18
N PHE A 61 12.08 5.44 -10.43
CA PHE A 61 12.80 6.25 -9.39
C PHE A 61 13.18 5.35 -8.21
N ALA A 62 14.40 5.42 -7.77
CA ALA A 62 14.85 4.59 -6.61
C ALA A 62 15.90 5.36 -5.80
N ARG A 63 15.63 5.60 -4.55
CA ARG A 63 16.62 6.36 -3.71
C ARG A 63 16.59 5.83 -2.28
N GLY A 64 17.71 5.81 -1.62
CA GLY A 64 17.73 5.30 -0.22
C GLY A 64 17.19 6.37 0.74
N SER A 65 16.15 6.05 1.45
CA SER A 65 15.56 7.04 2.40
C SER A 65 14.62 6.33 3.38
N PHE A 66 13.73 7.07 3.98
CA PHE A 66 12.75 6.46 4.94
C PHE A 66 13.47 5.83 6.14
N ARG A 67 12.72 5.33 7.07
CA ARG A 67 13.33 4.70 8.28
C ARG A 67 14.19 3.50 7.87
N GLU A 68 13.64 2.60 7.10
CA GLU A 68 14.42 1.41 6.66
C GLU A 68 13.89 0.93 5.31
N VAL A 69 14.75 0.40 4.49
CA VAL A 69 14.31 -0.10 3.15
C VAL A 69 15.03 -1.40 2.85
N VAL A 70 14.33 -2.50 2.88
CA VAL A 70 14.97 -3.83 2.59
C VAL A 70 14.34 -4.41 1.31
N PRO A 71 15.13 -4.81 0.33
CA PRO A 71 14.58 -5.37 -0.94
C PRO A 71 14.02 -6.79 -0.78
N VAL A 72 13.09 -7.16 -1.64
CA VAL A 72 12.45 -8.52 -1.60
C VAL A 72 12.45 -9.09 -0.17
N HIS A 73 12.23 -8.24 0.80
CA HIS A 73 12.21 -8.69 2.22
C HIS A 73 11.12 -7.93 2.98
N ARG A 74 11.42 -6.73 3.41
CA ARG A 74 10.42 -5.93 4.16
C ARG A 74 10.70 -4.43 3.95
N LEU A 75 9.69 -3.60 4.13
CA LEU A 75 9.88 -2.13 3.95
C LEU A 75 9.24 -1.39 5.12
N ALA A 76 9.79 -0.25 5.47
CA ALA A 76 9.23 0.54 6.59
C ALA A 76 9.40 2.03 6.30
N TYR A 77 8.34 2.79 6.39
CA TYR A 77 8.44 4.25 6.11
C TYR A 77 7.32 4.98 6.86
N SER A 78 7.50 6.24 7.12
CA SER A 78 6.45 7.03 7.82
C SER A 78 6.41 8.45 7.26
N PHE A 79 5.28 8.88 6.79
CA PHE A 79 5.19 10.26 6.23
C PHE A 79 3.73 10.71 6.28
N GLY A 80 3.36 11.45 7.30
CA GLY A 80 1.95 11.93 7.41
C GLY A 80 1.85 13.33 6.82
N TRP A 81 1.17 13.47 5.70
CA TRP A 81 1.02 14.81 5.05
C TRP A 81 -0.43 15.30 5.22
N ASP A 82 -0.61 16.56 5.53
CA ASP A 82 -1.98 17.11 5.71
C ASP A 82 -2.73 16.28 6.74
N GLY A 83 -2.10 16.00 7.85
CA GLY A 83 -2.73 15.18 8.93
C GLY A 83 -4.21 15.54 9.09
N SER A 84 -5.01 14.58 9.48
CA SER A 84 -6.47 14.84 9.67
C SER A 84 -7.05 15.55 8.44
N GLU A 85 -8.22 16.10 8.58
CA GLU A 85 -8.88 16.82 7.44
C GLU A 85 -9.08 15.85 6.28
N VAL A 86 -8.02 15.47 5.62
CA VAL A 86 -8.14 14.52 4.48
C VAL A 86 -6.83 13.74 4.33
N VAL A 87 -6.86 12.47 4.63
CA VAL A 87 -5.62 11.64 4.52
C VAL A 87 -6.01 10.21 4.11
N PRO A 88 -6.43 10.04 2.89
CA PRO A 88 -6.83 8.70 2.36
C PRO A 88 -5.71 7.64 2.46
N PRO A 89 -4.49 7.97 2.12
CA PRO A 89 -3.36 7.00 2.18
C PRO A 89 -2.78 6.86 3.59
N GLY A 90 -2.06 5.79 3.83
CA GLY A 90 -1.47 5.57 5.18
C GLY A 90 -0.68 6.82 5.61
N SER A 91 -1.35 7.77 6.20
CA SER A 91 -0.67 9.01 6.65
C SER A 91 -0.14 8.79 8.07
N SER A 92 0.67 7.78 8.28
CA SER A 92 1.21 7.51 9.64
C SER A 92 2.38 6.53 9.54
N LEU A 93 2.37 5.48 10.34
CA LEU A 93 3.49 4.49 10.31
C LEU A 93 3.02 3.26 9.52
N VAL A 94 3.63 3.01 8.39
CA VAL A 94 3.27 1.82 7.55
C VAL A 94 4.44 0.83 7.56
N GLU A 95 4.18 -0.41 7.82
CA GLU A 95 5.27 -1.44 7.82
C GLU A 95 4.78 -2.71 7.14
N ILE A 96 5.56 -3.23 6.24
CA ILE A 96 5.18 -4.48 5.50
C ILE A 96 6.29 -5.51 5.66
N ASP A 97 5.94 -6.72 6.04
CA ASP A 97 6.98 -7.79 6.22
C ASP A 97 6.60 -9.01 5.39
N LEU A 98 7.52 -9.51 4.60
CA LEU A 98 7.25 -10.70 3.76
C LEU A 98 7.86 -11.93 4.44
N ILE A 99 7.06 -12.94 4.68
CA ILE A 99 7.58 -14.18 5.35
C ILE A 99 7.26 -15.39 4.49
N GLU A 100 8.25 -16.21 4.24
CA GLU A 100 8.03 -17.42 3.38
C GLU A 100 7.01 -18.35 4.04
N GLN A 101 6.17 -18.98 3.25
CA GLN A 101 5.16 -19.92 3.81
C GLN A 101 4.98 -21.10 2.86
N GLY A 102 4.47 -22.20 3.34
CA GLY A 102 4.28 -23.40 2.47
C GLY A 102 3.00 -23.27 1.65
N GLY A 103 3.08 -23.44 0.36
CA GLY A 103 1.86 -23.34 -0.49
C GLY A 103 1.60 -21.87 -0.86
N GLY A 104 2.51 -21.01 -0.53
CA GLY A 104 2.31 -19.57 -0.86
C GLY A 104 3.21 -18.71 0.02
N THR A 105 3.02 -17.41 -0.02
CA THR A 105 3.85 -16.48 0.81
C THR A 105 2.94 -15.67 1.73
N LEU A 106 3.25 -15.63 2.99
CA LEU A 106 2.39 -14.85 3.95
C LEU A 106 2.84 -13.39 3.95
N LEU A 107 1.91 -12.49 3.81
CA LEU A 107 2.24 -11.04 3.82
C LEU A 107 1.62 -10.40 5.05
N ARG A 108 2.44 -9.78 5.87
CA ARG A 108 1.91 -9.13 7.11
C ARG A 108 1.94 -7.61 6.93
N LEU A 109 0.88 -6.94 7.26
CA LEU A 109 0.83 -5.45 7.12
C LEU A 109 0.46 -4.85 8.48
N THR A 110 1.32 -4.03 9.02
CA THR A 110 1.04 -3.40 10.34
C THR A 110 0.98 -1.88 10.16
N HIS A 111 -0.05 -1.26 10.69
CA HIS A 111 -0.20 0.22 10.55
C HIS A 111 -0.55 0.82 11.92
N SER A 112 -0.01 1.96 12.25
CA SER A 112 -0.31 2.56 13.58
C SER A 112 -0.05 4.07 13.54
N GLY A 113 -0.55 4.79 14.51
CA GLY A 113 -0.33 6.27 14.54
C GLY A 113 -1.39 6.95 13.67
N LEU A 114 -2.58 6.42 13.63
CA LEU A 114 -3.65 7.04 12.79
C LEU A 114 -4.35 8.16 13.60
N PRO A 115 -4.93 9.13 12.94
CA PRO A 115 -5.65 10.25 13.63
C PRO A 115 -6.65 9.75 14.68
N SER A 116 -7.43 8.75 14.35
CA SER A 116 -8.42 8.23 15.34
C SER A 116 -8.86 6.81 14.97
N ALA A 117 -9.63 6.20 15.82
CA ALA A 117 -10.12 4.81 15.56
C ALA A 117 -11.00 4.82 14.31
N GLU A 118 -11.74 5.87 14.10
CA GLU A 118 -12.64 5.94 12.92
C GLU A 118 -11.82 5.70 11.64
N GLN A 119 -10.65 6.26 11.58
CA GLN A 119 -9.80 6.08 10.35
C GLN A 119 -9.38 4.62 10.23
N CYS A 120 -9.11 3.97 11.33
CA CYS A 120 -8.69 2.54 11.28
C CYS A 120 -9.79 1.70 10.66
N ALA A 121 -11.02 1.98 11.00
CA ALA A 121 -12.15 1.19 10.43
C ALA A 121 -12.23 1.43 8.92
N GLY A 122 -12.11 2.66 8.50
CA GLY A 122 -12.18 2.97 7.04
C GLY A 122 -10.94 2.40 6.34
N HIS A 123 -9.80 2.56 6.95
CA HIS A 123 -8.54 2.04 6.33
C HIS A 123 -8.59 0.51 6.31
N GLU A 124 -9.09 -0.08 7.36
CA GLU A 124 -9.15 -1.57 7.42
C GLU A 124 -9.94 -2.10 6.23
N GLU A 125 -11.06 -1.50 5.92
CA GLU A 125 -11.87 -1.97 4.77
C GLU A 125 -11.13 -1.68 3.47
N GLY A 126 -10.49 -0.55 3.37
CA GLY A 126 -9.75 -0.20 2.12
C GLY A 126 -8.59 -1.17 1.91
N TRP A 127 -7.78 -1.38 2.92
CA TRP A 127 -6.63 -2.32 2.77
C TRP A 127 -7.15 -3.73 2.51
N ALA A 128 -8.24 -4.08 3.11
CA ALA A 128 -8.80 -5.45 2.91
C ALA A 128 -9.07 -5.69 1.42
N HIS A 129 -9.66 -4.74 0.76
CA HIS A 129 -9.95 -4.89 -0.69
C HIS A 129 -8.64 -4.94 -1.48
N TYR A 130 -7.71 -4.09 -1.13
CA TYR A 130 -6.41 -4.07 -1.86
C TYR A 130 -5.71 -5.43 -1.69
N LEU A 131 -5.67 -5.93 -0.49
CA LEU A 131 -5.02 -7.25 -0.25
C LEU A 131 -5.78 -8.32 -1.01
N GLY A 132 -7.08 -8.27 -1.00
CA GLY A 132 -7.89 -9.29 -1.71
C GLY A 132 -7.61 -9.22 -3.22
N ARG A 133 -7.63 -8.04 -3.78
CA ARG A 133 -7.37 -7.90 -5.24
C ARG A 133 -5.94 -8.33 -5.54
N LEU A 134 -5.01 -7.94 -4.70
CA LEU A 134 -3.59 -8.31 -4.93
C LEU A 134 -3.45 -9.83 -4.85
N THR A 135 -4.14 -10.44 -3.93
CA THR A 135 -4.05 -11.92 -3.78
C THR A 135 -4.50 -12.60 -5.07
N GLU A 136 -5.56 -12.15 -5.65
CA GLU A 136 -6.04 -12.77 -6.92
C GLU A 136 -4.98 -12.58 -8.00
N VAL A 137 -4.36 -11.44 -8.03
CA VAL A 137 -3.32 -11.18 -9.07
C VAL A 137 -2.16 -12.16 -8.87
N ALA A 138 -1.72 -12.33 -7.65
CA ALA A 138 -0.58 -13.24 -7.38
C ALA A 138 -0.98 -14.69 -7.70
N ALA A 139 -2.20 -15.05 -7.36
CA ALA A 139 -2.66 -16.45 -7.64
C ALA A 139 -3.33 -16.50 -9.01
N GLY A 140 -3.46 -15.38 -9.64
CA GLY A 140 -4.10 -15.35 -10.99
C GLY A 140 -3.94 -13.96 -11.61
N ARG A 141 -2.94 -13.78 -12.45
CA ARG A 141 -2.71 -12.46 -13.07
C ARG A 141 -3.77 -12.18 -14.15
N ASP A 142 -4.02 -10.93 -14.45
CA ASP A 142 -5.02 -10.57 -15.48
C ASP A 142 -6.40 -11.09 -15.08
N PRO A 143 -6.91 -10.63 -13.96
CA PRO A 143 -8.26 -11.04 -13.46
C PRO A 143 -9.36 -10.32 -14.25
N GLY A 144 -8.99 -9.44 -15.13
CA GLY A 144 -10.00 -8.69 -15.96
C GLY A 144 -10.13 -7.26 -15.43
N PRO A 145 -9.06 -6.51 -15.40
CA PRO A 145 -9.06 -5.10 -14.91
C PRO A 145 -9.81 -4.15 -15.85
N ASP A 146 -10.30 -3.05 -15.33
CA ASP A 146 -11.04 -2.07 -16.18
C ASP A 146 -11.03 -0.70 -15.48
N PRO A 147 -9.93 0.00 -15.56
CA PRO A 147 -9.78 1.34 -14.93
C PRO A 147 -10.82 2.34 -15.45
N PHE A 148 -11.31 3.20 -14.58
CA PHE A 148 -12.33 4.20 -15.01
C PHE A 148 -11.63 5.50 -15.43
N TYR A 149 -11.17 5.56 -16.66
CA TYR A 149 -10.47 6.78 -17.14
C TYR A 149 -11.47 7.94 -17.28
N GLY A 150 -11.15 9.08 -16.72
CA GLY A 150 -12.08 10.26 -16.82
C GLY A 150 -11.72 11.09 -18.05
N ARG A 151 -12.54 11.07 -19.06
CA ARG A 151 -12.26 11.87 -20.29
C ARG A 151 -12.54 13.34 -20.03
N ARG A 152 -11.62 14.21 -20.38
CA ARG A 152 -11.83 15.67 -20.19
C ARG A 152 -11.57 16.40 -21.51
N LEU A 153 -11.40 15.66 -22.58
CA LEU A 153 -11.13 16.29 -23.91
C LEU A 153 -12.38 16.15 -24.79
N GLU A 154 -12.96 17.25 -25.17
CA GLU A 154 -14.16 17.21 -26.04
C GLU A 154 -14.50 18.64 -26.49
N HIS A 155 -13.70 19.19 -27.37
CA HIS A 155 -13.95 20.58 -27.86
C HIS A 155 -14.60 20.50 -29.24
N HIS A 156 -14.76 19.30 -29.75
CA HIS A 156 -15.37 19.14 -31.09
C HIS A 156 -16.76 19.77 -31.12
N HIS A 157 -16.91 20.83 -31.87
CA HIS A 157 -18.24 21.50 -31.97
C HIS A 157 -18.19 22.49 -33.13
N HIS A 158 -17.02 22.72 -33.68
CA HIS A 158 -16.88 23.67 -34.81
C HIS A 158 -17.70 23.15 -36.00
N HIS A 159 -17.63 21.87 -36.26
CA HIS A 159 -18.40 21.31 -37.40
C HIS A 159 -19.89 21.46 -37.15
N HIS A 160 -20.33 21.17 -35.96
CA HIS A 160 -21.77 21.30 -35.64
C HIS A 160 -22.10 22.75 -35.27
N MET A 1 -7.46 3.89 28.01
CA MET A 1 -6.19 3.36 27.41
C MET A 1 -4.98 3.94 28.15
N GLU A 2 -3.80 3.66 27.67
CA GLU A 2 -2.57 4.17 28.34
C GLU A 2 -2.46 5.69 28.19
N LYS A 3 -2.13 6.37 29.25
CA LYS A 3 -2.00 7.84 29.19
C LYS A 3 -0.60 8.23 28.70
N ALA A 4 0.37 8.17 29.57
CA ALA A 4 1.75 8.56 29.18
C ALA A 4 2.36 7.51 28.24
N MET A 5 3.19 7.95 27.32
CA MET A 5 3.85 7.01 26.37
C MET A 5 2.82 6.01 25.84
N PRO A 6 1.78 6.49 25.21
CA PRO A 6 0.71 5.62 24.63
C PRO A 6 1.20 4.82 23.41
N GLU A 7 0.74 3.60 23.27
CA GLU A 7 1.14 2.76 22.11
C GLU A 7 0.06 2.82 21.03
N SER A 8 -1.02 3.51 21.31
CA SER A 8 -2.13 3.64 20.31
C SER A 8 -2.57 2.26 19.80
N PHE A 9 -3.67 2.22 19.08
CA PHE A 9 -4.17 0.92 18.56
C PHE A 9 -3.31 0.48 17.37
N VAL A 10 -3.11 -0.81 17.23
CA VAL A 10 -2.29 -1.34 16.11
C VAL A 10 -3.12 -2.34 15.32
N VAL A 11 -3.08 -2.24 14.01
CA VAL A 11 -3.87 -3.17 13.16
C VAL A 11 -2.95 -4.26 12.62
N ARG A 12 -3.35 -5.50 12.72
CA ARG A 12 -2.52 -6.63 12.21
C ARG A 12 -3.33 -7.43 11.20
N ARG A 13 -2.82 -7.60 10.02
CA ARG A 13 -3.56 -8.37 8.97
C ARG A 13 -2.62 -9.37 8.30
N GLU A 14 -3.17 -10.43 7.79
CA GLU A 14 -2.33 -11.47 7.13
C GLU A 14 -3.05 -11.98 5.88
N ALA A 15 -2.29 -12.44 4.92
CA ALA A 15 -2.92 -12.97 3.67
C ALA A 15 -1.95 -13.94 3.01
N HIS A 16 -2.47 -14.88 2.25
CA HIS A 16 -1.58 -15.88 1.58
C HIS A 16 -1.58 -15.61 0.06
N LEU A 17 -0.42 -15.39 -0.50
CA LEU A 17 -0.33 -15.11 -1.96
C LEU A 17 0.33 -16.29 -2.67
N ALA A 18 -0.25 -16.73 -3.74
CA ALA A 18 0.33 -17.87 -4.49
C ALA A 18 1.39 -17.37 -5.47
N ALA A 19 2.56 -17.06 -4.97
CA ALA A 19 3.65 -16.56 -5.87
C ALA A 19 4.92 -16.35 -5.03
N PRO A 20 6.08 -16.45 -5.63
CA PRO A 20 7.37 -16.25 -4.91
C PRO A 20 7.50 -14.83 -4.34
N PRO A 21 8.40 -14.63 -3.41
CA PRO A 21 8.62 -13.28 -2.79
C PRO A 21 9.15 -12.27 -3.82
N ALA A 22 9.85 -12.73 -4.82
CA ALA A 22 10.39 -11.82 -5.85
C ALA A 22 9.23 -11.16 -6.62
N ALA A 23 8.21 -11.91 -6.91
CA ALA A 23 7.06 -11.35 -7.66
C ALA A 23 6.32 -10.31 -6.78
N VAL A 24 6.19 -10.59 -5.51
CA VAL A 24 5.49 -9.63 -4.61
C VAL A 24 6.25 -8.30 -4.57
N PHE A 25 7.54 -8.35 -4.40
CA PHE A 25 8.34 -7.11 -4.36
C PHE A 25 8.24 -6.35 -5.69
N ALA A 26 8.34 -7.06 -6.78
CA ALA A 26 8.26 -6.39 -8.11
C ALA A 26 6.95 -5.61 -8.21
N LEU A 27 5.89 -6.17 -7.70
CA LEU A 27 4.58 -5.47 -7.76
C LEU A 27 4.65 -4.18 -6.96
N MET A 28 5.27 -4.21 -5.82
CA MET A 28 5.38 -2.99 -4.99
C MET A 28 6.52 -2.13 -5.51
N THR A 29 7.28 -2.64 -6.44
CA THR A 29 8.43 -1.86 -7.01
C THR A 29 8.13 -1.48 -8.45
N ASP A 30 7.20 -0.57 -8.63
CA ASP A 30 6.84 -0.10 -10.01
C ASP A 30 5.47 0.61 -9.93
N PRO A 31 5.31 1.72 -10.62
CA PRO A 31 4.02 2.48 -10.63
C PRO A 31 2.94 1.80 -11.50
N GLU A 32 3.35 1.20 -12.59
CA GLU A 32 2.36 0.53 -13.48
C GLU A 32 1.81 -0.73 -12.81
N LYS A 33 2.67 -1.51 -12.21
CA LYS A 33 2.21 -2.76 -11.56
C LYS A 33 1.28 -2.44 -10.38
N ILE A 34 1.60 -1.42 -9.64
CA ILE A 34 0.76 -1.04 -8.47
C ILE A 34 -0.66 -0.66 -8.95
N LEU A 35 -0.75 0.07 -10.02
CA LEU A 35 -2.08 0.49 -10.54
C LEU A 35 -2.93 -0.73 -10.88
N ARG A 36 -2.33 -1.87 -11.12
CA ARG A 36 -3.12 -3.07 -11.48
C ARG A 36 -4.04 -3.46 -10.32
N TRP A 37 -3.58 -3.35 -9.10
CA TRP A 37 -4.41 -3.73 -7.91
C TRP A 37 -4.54 -2.54 -6.96
N MET A 38 -4.33 -1.33 -7.44
CA MET A 38 -4.46 -0.14 -6.54
C MET A 38 -5.15 1.02 -7.28
N GLY A 39 -4.61 2.20 -7.15
CA GLY A 39 -5.21 3.40 -7.79
C GLY A 39 -5.31 3.20 -9.30
N THR A 40 -5.91 4.16 -9.97
CA THR A 40 -6.07 4.09 -11.45
C THR A 40 -5.05 5.04 -12.09
N GLU A 41 -4.48 5.92 -11.31
CA GLU A 41 -3.47 6.87 -11.85
C GLU A 41 -2.44 7.18 -10.76
N ALA A 42 -1.20 6.85 -10.99
CA ALA A 42 -0.16 7.13 -9.97
C ALA A 42 1.22 6.91 -10.57
N GLU A 43 2.21 7.58 -10.06
CA GLU A 43 3.59 7.43 -10.60
C GLU A 43 4.60 7.44 -9.45
N VAL A 44 5.81 7.00 -9.71
CA VAL A 44 6.85 6.97 -8.65
C VAL A 44 8.02 7.86 -9.07
N GLU A 45 8.47 8.71 -8.17
CA GLU A 45 9.58 9.63 -8.49
C GLU A 45 10.15 10.19 -7.17
N PRO A 46 11.00 9.44 -6.51
CA PRO A 46 11.62 9.86 -5.22
C PRO A 46 12.33 11.22 -5.35
N GLU A 47 13.07 11.40 -6.41
CA GLU A 47 13.81 12.69 -6.63
C GLU A 47 13.19 13.46 -7.80
N PRO A 48 12.85 12.79 -8.87
CA PRO A 48 12.26 13.43 -10.08
C PRO A 48 10.95 14.15 -9.79
N GLY A 49 10.59 15.09 -10.63
CA GLY A 49 9.32 15.85 -10.40
C GLY A 49 8.16 15.08 -11.03
N GLY A 50 8.47 14.12 -11.87
CA GLY A 50 7.40 13.30 -12.53
C GLY A 50 6.19 14.15 -12.90
N LEU A 51 5.01 13.60 -12.75
CA LEU A 51 3.78 14.34 -13.10
C LEU A 51 3.30 15.19 -11.92
N TYR A 52 2.08 15.62 -11.95
CA TYR A 52 1.52 16.46 -10.85
C TYR A 52 1.21 15.59 -9.63
N LEU A 53 -0.04 15.27 -9.44
CA LEU A 53 -0.42 14.43 -8.27
C LEU A 53 -1.65 13.59 -8.61
N VAL A 54 -1.50 12.30 -8.66
CA VAL A 54 -2.65 11.42 -8.96
C VAL A 54 -2.47 10.10 -8.21
N ASN A 55 -3.50 9.64 -7.55
CA ASN A 55 -3.42 8.36 -6.78
C ASN A 55 -4.61 8.25 -5.80
N VAL A 56 -5.31 7.14 -5.84
CA VAL A 56 -6.47 6.94 -4.92
C VAL A 56 -5.97 6.86 -3.48
N THR A 57 -4.89 6.15 -3.25
CA THR A 57 -4.33 6.01 -1.88
C THR A 57 -4.45 7.33 -1.11
N GLY A 58 -3.59 8.29 -1.39
CA GLY A 58 -3.68 9.58 -0.66
C GLY A 58 -2.96 10.68 -1.45
N ALA A 59 -2.32 11.57 -0.77
CA ALA A 59 -1.61 12.69 -1.44
C ALA A 59 -0.19 12.28 -1.81
N ARG A 60 0.67 13.24 -2.02
CA ARG A 60 2.09 12.96 -2.39
C ARG A 60 2.13 12.12 -3.67
N PHE A 61 3.22 12.21 -4.40
CA PHE A 61 3.34 11.45 -5.67
C PHE A 61 3.24 9.95 -5.38
N ALA A 62 3.92 9.48 -4.35
CA ALA A 62 3.90 8.03 -4.01
C ALA A 62 2.95 7.78 -2.83
N ARG A 63 3.49 7.40 -1.69
CA ARG A 63 2.64 7.13 -0.51
C ARG A 63 3.36 7.62 0.75
N GLY A 64 2.62 8.19 1.68
CA GLY A 64 3.23 8.68 2.95
C GLY A 64 4.62 9.26 2.72
N SER A 65 5.63 8.57 3.18
CA SER A 65 7.02 9.07 3.00
C SER A 65 8.00 7.91 3.03
N PHE A 66 9.14 8.06 2.42
CA PHE A 66 10.15 6.96 2.40
C PHE A 66 10.77 6.79 3.79
N ARG A 67 11.02 5.56 4.17
CA ARG A 67 11.63 5.28 5.49
C ARG A 67 12.73 4.24 5.31
N GLU A 68 12.39 3.08 4.81
CA GLU A 68 13.42 2.03 4.59
C GLU A 68 12.95 1.07 3.50
N VAL A 69 13.86 0.67 2.64
CA VAL A 69 13.48 -0.27 1.53
C VAL A 69 14.39 -1.50 1.60
N VAL A 70 13.80 -2.67 1.62
CA VAL A 70 14.62 -3.92 1.67
C VAL A 70 13.99 -4.95 0.73
N PRO A 71 14.47 -5.06 -0.50
CA PRO A 71 13.90 -6.02 -1.50
C PRO A 71 13.76 -7.45 -0.96
N VAL A 72 12.70 -8.12 -1.38
CA VAL A 72 12.43 -9.53 -0.92
C VAL A 72 12.90 -9.72 0.53
N HIS A 73 12.44 -8.86 1.41
CA HIS A 73 12.84 -8.97 2.84
C HIS A 73 11.86 -8.18 3.70
N ARG A 74 11.97 -6.88 3.69
CA ARG A 74 11.06 -6.03 4.51
C ARG A 74 10.81 -4.68 3.82
N LEU A 75 9.77 -4.01 4.21
CA LEU A 75 9.47 -2.68 3.60
C LEU A 75 8.83 -1.78 4.66
N ALA A 76 9.25 -0.54 4.75
CA ALA A 76 8.67 0.39 5.76
C ALA A 76 8.34 1.73 5.09
N TYR A 77 7.14 2.22 5.31
CA TYR A 77 6.72 3.51 4.71
C TYR A 77 5.78 4.25 5.65
N SER A 78 5.79 5.55 5.60
CA SER A 78 4.91 6.37 6.47
C SER A 78 3.51 6.43 5.86
N PHE A 79 2.63 7.15 6.51
CA PHE A 79 1.23 7.27 6.00
C PHE A 79 0.77 8.73 6.08
N GLY A 80 0.18 9.24 5.02
CA GLY A 80 -0.30 10.66 5.02
C GLY A 80 0.63 11.54 4.19
N TRP A 81 1.03 12.66 4.70
CA TRP A 81 1.93 13.57 3.94
C TRP A 81 2.42 14.70 4.84
N ASP A 82 3.61 15.18 4.59
CA ASP A 82 4.18 16.28 5.44
C ASP A 82 3.36 17.57 5.28
N GLY A 83 3.11 18.25 6.37
CA GLY A 83 2.33 19.51 6.30
C GLY A 83 0.83 19.17 6.26
N SER A 84 0.50 17.92 6.46
CA SER A 84 -0.93 17.51 6.42
C SER A 84 -1.63 17.90 7.73
N GLU A 85 -2.94 17.90 7.72
CA GLU A 85 -3.73 18.24 8.93
C GLU A 85 -4.60 17.05 9.31
N VAL A 86 -5.10 16.33 8.33
CA VAL A 86 -5.95 15.14 8.63
C VAL A 86 -5.09 14.08 9.31
N VAL A 87 -3.87 13.92 8.88
CA VAL A 87 -2.98 12.90 9.50
C VAL A 87 -1.52 13.38 9.42
N PRO A 88 -1.14 14.28 10.30
CA PRO A 88 0.25 14.85 10.33
C PRO A 88 1.33 13.74 10.36
N PRO A 89 2.54 14.06 9.95
CA PRO A 89 3.66 13.07 9.93
C PRO A 89 4.01 12.53 11.33
N GLY A 90 4.37 11.28 11.41
CA GLY A 90 4.72 10.67 12.72
C GLY A 90 3.44 10.25 13.45
N SER A 91 2.31 10.71 13.00
CA SER A 91 1.03 10.33 13.65
C SER A 91 0.73 8.84 13.40
N SER A 92 1.38 8.25 12.44
CA SER A 92 1.11 6.81 12.15
C SER A 92 2.32 6.18 11.46
N LEU A 93 2.41 4.88 11.50
CA LEU A 93 3.56 4.19 10.84
C LEU A 93 3.07 2.90 10.19
N VAL A 94 3.43 2.69 8.95
CA VAL A 94 3.00 1.44 8.23
C VAL A 94 4.24 0.60 7.92
N GLU A 95 4.19 -0.68 8.20
CA GLU A 95 5.36 -1.56 7.92
C GLU A 95 4.87 -2.88 7.33
N ILE A 96 5.57 -3.38 6.34
CA ILE A 96 5.17 -4.67 5.70
C ILE A 96 6.38 -5.61 5.72
N ASP A 97 6.19 -6.83 6.17
CA ASP A 97 7.32 -7.81 6.22
C ASP A 97 6.99 -9.02 5.37
N LEU A 98 7.97 -9.56 4.69
CA LEU A 98 7.74 -10.76 3.83
C LEU A 98 8.35 -11.99 4.51
N ILE A 99 7.58 -13.02 4.68
CA ILE A 99 8.09 -14.27 5.34
C ILE A 99 7.83 -15.47 4.43
N GLU A 100 8.84 -16.26 4.19
CA GLU A 100 8.69 -17.46 3.33
C GLU A 100 7.83 -18.51 4.03
N GLN A 101 6.98 -19.19 3.30
CA GLN A 101 6.13 -20.23 3.95
C GLN A 101 5.69 -21.26 2.90
N GLY A 102 6.49 -22.27 2.69
CA GLY A 102 6.15 -23.34 1.71
C GLY A 102 5.43 -22.77 0.47
N GLY A 103 4.23 -23.22 0.24
CA GLY A 103 3.48 -22.75 -0.96
C GLY A 103 3.00 -21.31 -0.76
N GLY A 104 3.25 -20.48 -1.74
CA GLY A 104 2.81 -19.06 -1.64
C GLY A 104 3.73 -18.28 -0.72
N THR A 105 3.44 -17.02 -0.52
CA THR A 105 4.29 -16.17 0.38
C THR A 105 3.41 -15.48 1.41
N LEU A 106 3.82 -15.52 2.66
CA LEU A 106 3.01 -14.88 3.73
C LEU A 106 3.35 -13.39 3.78
N LEU A 107 2.36 -12.55 3.75
CA LEU A 107 2.61 -11.08 3.81
C LEU A 107 1.97 -10.50 5.06
N ARG A 108 2.74 -9.83 5.87
CA ARG A 108 2.20 -9.22 7.13
C ARG A 108 2.13 -7.71 6.97
N LEU A 109 1.04 -7.13 7.41
CA LEU A 109 0.88 -5.65 7.31
C LEU A 109 0.62 -5.10 8.71
N THR A 110 1.38 -4.10 9.10
CA THR A 110 1.21 -3.49 10.44
C THR A 110 0.97 -1.99 10.30
N HIS A 111 -0.07 -1.49 10.90
CA HIS A 111 -0.38 -0.03 10.82
C HIS A 111 -0.67 0.48 12.23
N SER A 112 -0.08 1.59 12.60
CA SER A 112 -0.30 2.15 13.97
C SER A 112 -0.67 3.62 13.86
N GLY A 113 -1.37 4.14 14.85
CA GLY A 113 -1.78 5.58 14.84
C GLY A 113 -3.30 5.66 14.92
N LEU A 114 -3.94 5.94 13.81
CA LEU A 114 -5.42 6.06 13.80
C LEU A 114 -5.86 7.20 14.73
N PRO A 115 -5.60 8.41 14.33
CA PRO A 115 -5.98 9.63 15.12
C PRO A 115 -7.47 9.62 15.47
N SER A 116 -8.29 9.15 14.56
CA SER A 116 -9.76 9.12 14.81
C SER A 116 -10.34 7.78 14.35
N ALA A 117 -11.56 7.51 14.73
CA ALA A 117 -12.21 6.24 14.32
C ALA A 117 -12.35 6.20 12.79
N GLU A 118 -12.36 7.34 12.17
CA GLU A 118 -12.50 7.40 10.68
C GLU A 118 -11.37 6.59 10.03
N GLN A 119 -10.16 6.78 10.48
CA GLN A 119 -9.02 6.03 9.90
C GLN A 119 -9.13 4.54 10.26
N CYS A 120 -9.73 4.25 11.38
CA CYS A 120 -9.87 2.82 11.79
C CYS A 120 -10.62 2.04 10.72
N ALA A 121 -11.85 2.42 10.47
CA ALA A 121 -12.65 1.72 9.43
C ALA A 121 -12.06 2.01 8.05
N GLY A 122 -11.44 3.14 7.89
CA GLY A 122 -10.86 3.50 6.56
C GLY A 122 -9.69 2.56 6.23
N HIS A 123 -8.78 2.37 7.16
CA HIS A 123 -7.62 1.48 6.89
C HIS A 123 -8.10 0.03 6.77
N GLU A 124 -8.91 -0.41 7.68
CA GLU A 124 -9.40 -1.81 7.63
C GLU A 124 -10.11 -2.08 6.31
N GLU A 125 -10.99 -1.19 5.92
CA GLU A 125 -11.71 -1.39 4.63
C GLU A 125 -10.75 -1.16 3.47
N GLY A 126 -9.89 -0.18 3.59
CA GLY A 126 -8.94 0.12 2.49
C GLY A 126 -7.97 -1.05 2.31
N TRP A 127 -7.31 -1.46 3.37
CA TRP A 127 -6.36 -2.60 3.27
C TRP A 127 -7.10 -3.88 2.92
N ALA A 128 -8.28 -4.07 3.45
CA ALA A 128 -9.05 -5.30 3.15
C ALA A 128 -9.32 -5.39 1.65
N HIS A 129 -9.82 -4.35 1.06
CA HIS A 129 -10.11 -4.37 -0.41
C HIS A 129 -8.79 -4.33 -1.20
N TYR A 130 -7.87 -3.50 -0.78
CA TYR A 130 -6.58 -3.40 -1.52
C TYR A 130 -5.85 -4.75 -1.47
N LEU A 131 -5.79 -5.36 -0.33
CA LEU A 131 -5.10 -6.67 -0.22
C LEU A 131 -5.85 -7.70 -1.04
N GLY A 132 -7.15 -7.67 -1.02
CA GLY A 132 -7.94 -8.66 -1.80
C GLY A 132 -7.58 -8.52 -3.28
N ARG A 133 -7.42 -7.32 -3.77
CA ARG A 133 -7.08 -7.13 -5.21
C ARG A 133 -5.68 -7.70 -5.46
N LEU A 134 -4.77 -7.47 -4.57
CA LEU A 134 -3.37 -7.98 -4.75
C LEU A 134 -3.39 -9.51 -4.76
N THR A 135 -4.16 -10.12 -3.90
CA THR A 135 -4.20 -11.61 -3.84
C THR A 135 -4.67 -12.16 -5.19
N GLU A 136 -5.67 -11.57 -5.76
CA GLU A 136 -6.18 -12.06 -7.07
C GLU A 136 -5.09 -11.94 -8.14
N VAL A 137 -4.40 -10.83 -8.16
CA VAL A 137 -3.32 -10.64 -9.18
C VAL A 137 -2.19 -11.66 -8.96
N ALA A 138 -1.76 -11.83 -7.74
CA ALA A 138 -0.66 -12.81 -7.47
C ALA A 138 -1.14 -14.21 -7.85
N ALA A 139 -2.37 -14.50 -7.57
CA ALA A 139 -2.92 -15.84 -7.90
C ALA A 139 -3.57 -15.78 -9.29
N GLY A 140 -3.53 -14.62 -9.92
CA GLY A 140 -4.14 -14.47 -11.28
C GLY A 140 -3.21 -13.67 -12.18
N ARG A 141 -3.75 -12.94 -13.11
CA ARG A 141 -2.90 -12.14 -14.05
C ARG A 141 -3.65 -10.86 -14.46
N ASP A 142 -4.95 -10.91 -14.53
CA ASP A 142 -5.72 -9.69 -14.94
C ASP A 142 -7.15 -9.73 -14.36
N PRO A 143 -7.29 -9.58 -13.06
CA PRO A 143 -8.63 -9.59 -12.40
C PRO A 143 -9.47 -8.35 -12.70
N GLY A 144 -10.77 -8.47 -12.60
CA GLY A 144 -11.66 -7.31 -12.86
C GLY A 144 -11.26 -6.61 -14.16
N PRO A 145 -11.78 -5.43 -14.38
CA PRO A 145 -11.47 -4.62 -15.60
C PRO A 145 -9.97 -4.41 -15.77
N ASP A 146 -9.26 -4.30 -14.66
CA ASP A 146 -7.79 -4.10 -14.72
C ASP A 146 -7.47 -2.78 -15.44
N PRO A 147 -7.90 -1.67 -14.90
CA PRO A 147 -7.65 -0.33 -15.51
C PRO A 147 -6.17 0.08 -15.42
N PHE A 148 -5.71 0.81 -16.40
CA PHE A 148 -4.29 1.27 -16.39
C PHE A 148 -4.19 2.51 -17.29
N TYR A 149 -5.31 3.16 -17.53
CA TYR A 149 -5.30 4.35 -18.40
C TYR A 149 -4.60 5.52 -17.69
N GLY A 150 -3.80 6.27 -18.42
CA GLY A 150 -3.07 7.42 -17.81
C GLY A 150 -3.69 8.73 -18.33
N ARG A 151 -3.97 8.81 -19.60
CA ARG A 151 -4.57 10.06 -20.16
C ARG A 151 -5.04 9.81 -21.59
N ARG A 152 -6.20 10.33 -21.93
CA ARG A 152 -6.74 10.14 -23.30
C ARG A 152 -6.27 11.30 -24.19
N LEU A 153 -5.99 11.01 -25.44
CA LEU A 153 -5.51 12.07 -26.37
C LEU A 153 -6.71 12.66 -27.12
N GLU A 154 -6.81 13.96 -27.15
CA GLU A 154 -7.93 14.62 -27.87
C GLU A 154 -7.35 15.56 -28.93
N HIS A 155 -7.50 15.20 -30.19
CA HIS A 155 -6.96 16.03 -31.29
C HIS A 155 -8.03 17.00 -31.77
N HIS A 156 -7.72 18.27 -31.85
CA HIS A 156 -8.71 19.28 -32.31
C HIS A 156 -8.08 20.16 -33.40
N HIS A 157 -8.80 20.38 -34.47
CA HIS A 157 -8.27 21.22 -35.57
C HIS A 157 -8.70 22.67 -35.35
N HIS A 158 -9.63 22.88 -34.45
CA HIS A 158 -10.11 24.27 -34.19
C HIS A 158 -9.04 25.06 -33.43
N HIS A 159 -8.90 26.31 -33.77
CA HIS A 159 -7.89 27.18 -33.09
C HIS A 159 -8.29 27.39 -31.62
N HIS A 160 -9.56 27.57 -31.36
CA HIS A 160 -10.01 27.79 -29.96
C HIS A 160 -9.95 26.47 -29.18
N MET A 1 1.95 -3.81 35.12
CA MET A 1 0.82 -3.84 34.17
C MET A 1 1.18 -2.99 32.95
N GLU A 2 2.39 -3.11 32.49
CA GLU A 2 2.83 -2.30 31.31
C GLU A 2 2.24 -2.90 30.02
N LYS A 3 3.08 -3.19 29.06
CA LYS A 3 2.60 -3.76 27.78
C LYS A 3 1.57 -2.80 27.16
N ALA A 4 1.91 -1.54 27.07
CA ALA A 4 0.97 -0.54 26.48
C ALA A 4 1.11 -0.57 24.95
N MET A 5 2.01 -1.38 24.45
CA MET A 5 2.21 -1.48 22.98
C MET A 5 2.54 -0.09 22.39
N PRO A 6 3.30 -0.05 21.32
CA PRO A 6 3.69 1.23 20.66
C PRO A 6 2.51 1.93 19.97
N GLU A 7 2.34 3.19 20.24
CA GLU A 7 1.23 3.99 19.62
C GLU A 7 -0.13 3.36 19.90
N SER A 8 -1.12 4.18 20.11
CA SER A 8 -2.49 3.66 20.38
C SER A 8 -3.19 3.25 19.09
N PHE A 9 -4.28 2.55 19.22
CA PHE A 9 -5.05 2.10 18.02
C PHE A 9 -4.10 1.52 16.98
N VAL A 10 -3.97 0.22 16.95
CA VAL A 10 -3.07 -0.46 15.97
C VAL A 10 -3.85 -1.49 15.18
N VAL A 11 -3.67 -1.52 13.89
CA VAL A 11 -4.39 -2.50 13.03
C VAL A 11 -3.37 -3.42 12.35
N ARG A 12 -3.61 -4.71 12.40
CA ARG A 12 -2.69 -5.69 11.78
C ARG A 12 -3.48 -6.62 10.87
N ARG A 13 -2.99 -6.85 9.68
CA ARG A 13 -3.72 -7.74 8.71
C ARG A 13 -2.72 -8.68 8.04
N GLU A 14 -3.21 -9.80 7.56
CA GLU A 14 -2.33 -10.79 6.89
C GLU A 14 -3.05 -11.35 5.66
N ALA A 15 -2.31 -11.79 4.68
CA ALA A 15 -2.94 -12.36 3.45
C ALA A 15 -2.09 -13.53 2.94
N HIS A 16 -2.72 -14.46 2.28
CA HIS A 16 -1.98 -15.65 1.74
C HIS A 16 -1.80 -15.49 0.24
N LEU A 17 -0.56 -15.49 -0.22
CA LEU A 17 -0.28 -15.33 -1.68
C LEU A 17 0.39 -16.58 -2.21
N ALA A 18 -0.09 -17.09 -3.31
CA ALA A 18 0.51 -18.31 -3.92
C ALA A 18 1.69 -17.90 -4.79
N ALA A 19 2.03 -16.64 -4.79
CA ALA A 19 3.19 -16.16 -5.62
C ALA A 19 4.42 -16.01 -4.73
N PRO A 20 5.60 -16.16 -5.28
CA PRO A 20 6.88 -16.02 -4.52
C PRO A 20 7.11 -14.59 -4.02
N PRO A 21 7.99 -14.42 -3.06
CA PRO A 21 8.31 -13.09 -2.48
C PRO A 21 8.89 -12.13 -3.53
N ALA A 22 9.61 -12.67 -4.47
CA ALA A 22 10.22 -11.82 -5.54
C ALA A 22 9.10 -11.20 -6.39
N ALA A 23 8.06 -11.95 -6.63
CA ALA A 23 6.93 -11.41 -7.45
C ALA A 23 6.26 -10.24 -6.71
N VAL A 24 6.10 -10.38 -5.42
CA VAL A 24 5.44 -9.30 -4.64
C VAL A 24 6.30 -8.02 -4.71
N PHE A 25 7.57 -8.15 -4.49
CA PHE A 25 8.47 -6.96 -4.55
C PHE A 25 8.49 -6.39 -5.98
N ALA A 26 8.60 -7.26 -6.95
CA ALA A 26 8.63 -6.79 -8.36
C ALA A 26 7.32 -6.06 -8.68
N LEU A 27 6.24 -6.54 -8.15
CA LEU A 27 4.92 -5.88 -8.40
C LEU A 27 4.95 -4.46 -7.81
N MET A 28 5.53 -4.29 -6.66
CA MET A 28 5.57 -2.95 -6.03
C MET A 28 6.76 -2.17 -6.60
N THR A 29 7.56 -2.80 -7.41
CA THR A 29 8.73 -2.10 -8.01
C THR A 29 8.38 -1.65 -9.42
N ASP A 30 7.94 -2.56 -10.24
CA ASP A 30 7.59 -2.18 -11.64
C ASP A 30 6.44 -1.16 -11.65
N PRO A 31 6.58 -0.07 -12.38
CA PRO A 31 5.52 0.98 -12.47
C PRO A 31 4.35 0.56 -13.37
N GLU A 32 4.64 -0.19 -14.40
CA GLU A 32 3.57 -0.62 -15.34
C GLU A 32 2.63 -1.64 -14.68
N LYS A 33 3.19 -2.58 -13.96
CA LYS A 33 2.35 -3.63 -13.31
C LYS A 33 1.44 -2.99 -12.25
N ILE A 34 1.92 -2.01 -11.54
CA ILE A 34 1.07 -1.37 -10.49
C ILE A 34 -0.21 -0.81 -11.13
N LEU A 35 -0.16 -0.52 -12.40
CA LEU A 35 -1.36 0.02 -13.10
C LEU A 35 -2.43 -1.07 -13.19
N ARG A 36 -2.06 -2.30 -12.96
CA ARG A 36 -3.05 -3.41 -13.03
C ARG A 36 -4.12 -3.24 -11.95
N TRP A 37 -3.75 -2.75 -10.79
CA TRP A 37 -4.75 -2.56 -9.69
C TRP A 37 -4.47 -1.26 -8.95
N MET A 38 -4.23 -0.20 -9.67
CA MET A 38 -3.97 1.12 -9.01
C MET A 38 -3.92 2.23 -10.06
N GLY A 39 -4.93 3.05 -10.09
CA GLY A 39 -4.97 4.19 -11.07
C GLY A 39 -4.73 3.69 -12.50
N THR A 40 -4.82 4.58 -13.45
CA THR A 40 -4.59 4.22 -14.88
C THR A 40 -3.21 4.72 -15.30
N GLU A 41 -2.64 5.61 -14.53
CA GLU A 41 -1.28 6.15 -14.87
C GLU A 41 -0.44 6.23 -13.59
N ALA A 42 0.81 5.86 -13.69
CA ALA A 42 1.70 5.92 -12.49
C ALA A 42 3.14 5.64 -12.93
N GLU A 43 4.10 6.22 -12.26
CA GLU A 43 5.52 5.99 -12.63
C GLU A 43 6.40 6.12 -11.39
N VAL A 44 6.82 5.01 -10.85
CA VAL A 44 7.69 5.04 -9.63
C VAL A 44 9.11 5.42 -10.03
N GLU A 45 9.86 4.47 -10.54
CA GLU A 45 11.27 4.74 -10.95
C GLU A 45 12.07 5.30 -9.77
N PRO A 46 13.36 5.10 -9.76
CA PRO A 46 14.25 5.60 -8.68
C PRO A 46 13.78 6.95 -8.12
N GLU A 47 13.91 7.14 -6.83
CA GLU A 47 13.48 8.42 -6.18
C GLU A 47 13.80 9.62 -7.08
N PRO A 48 15.07 9.88 -7.35
CA PRO A 48 15.48 11.01 -8.22
C PRO A 48 14.99 10.83 -9.66
N GLY A 49 14.73 9.61 -10.04
CA GLY A 49 14.24 9.33 -11.43
C GLY A 49 12.71 9.43 -11.47
N GLY A 50 12.14 10.28 -10.65
CA GLY A 50 10.67 10.42 -10.64
C GLY A 50 10.19 11.14 -11.89
N LEU A 51 9.98 10.42 -12.95
CA LEU A 51 9.51 11.05 -14.22
C LEU A 51 8.01 11.31 -14.16
N TYR A 52 7.57 12.34 -14.84
CA TYR A 52 6.12 12.68 -14.85
C TYR A 52 5.56 12.78 -13.43
N LEU A 53 4.26 12.72 -13.28
CA LEU A 53 3.63 12.83 -11.94
C LEU A 53 2.94 11.50 -11.60
N VAL A 54 2.94 11.12 -10.35
CA VAL A 54 2.30 9.83 -9.95
C VAL A 54 1.02 10.11 -9.14
N ASN A 55 -0.09 9.61 -9.63
CA ASN A 55 -1.40 9.81 -8.93
C ASN A 55 -1.80 8.51 -8.22
N VAL A 56 -1.61 8.45 -6.93
CA VAL A 56 -1.98 7.22 -6.17
C VAL A 56 -3.34 7.43 -5.50
N THR A 57 -4.31 7.91 -6.25
CA THR A 57 -5.67 8.16 -5.68
C THR A 57 -5.54 8.86 -4.32
N GLY A 58 -4.38 9.38 -4.02
CA GLY A 58 -4.16 10.09 -2.73
C GLY A 58 -4.51 11.56 -2.91
N ALA A 59 -4.75 11.98 -4.13
CA ALA A 59 -5.09 13.41 -4.40
C ALA A 59 -3.84 14.27 -4.18
N ARG A 60 -2.84 13.74 -3.53
CA ARG A 60 -1.60 14.52 -3.27
C ARG A 60 -0.79 14.70 -4.56
N PHE A 61 -0.05 15.77 -4.64
CA PHE A 61 0.78 16.03 -5.86
C PHE A 61 1.82 14.92 -6.03
N ALA A 62 2.49 14.56 -4.96
CA ALA A 62 3.53 13.49 -5.07
C ALA A 62 3.76 12.84 -3.70
N ARG A 63 4.47 11.73 -3.68
CA ARG A 63 4.74 11.02 -2.40
C ARG A 63 6.22 10.65 -2.30
N GLY A 64 6.71 10.53 -1.10
CA GLY A 64 8.14 10.16 -0.88
C GLY A 64 8.48 10.34 0.60
N SER A 65 8.04 9.43 1.43
CA SER A 65 8.31 9.52 2.90
C SER A 65 8.87 8.19 3.39
N PHE A 66 9.57 7.49 2.54
CA PHE A 66 10.15 6.17 2.93
C PHE A 66 11.10 6.35 4.12
N ARG A 67 10.98 5.46 5.08
CA ARG A 67 11.86 5.52 6.29
C ARG A 67 12.87 4.39 6.21
N GLU A 68 12.50 3.30 5.59
CA GLU A 68 13.44 2.16 5.46
C GLU A 68 12.97 1.28 4.30
N VAL A 69 13.90 0.77 3.53
CA VAL A 69 13.52 -0.10 2.38
C VAL A 69 14.35 -1.38 2.40
N VAL A 70 13.70 -2.51 2.30
CA VAL A 70 14.42 -3.81 2.30
C VAL A 70 13.70 -4.75 1.32
N PRO A 71 14.18 -4.85 0.09
CA PRO A 71 13.55 -5.73 -0.94
C PRO A 71 13.33 -7.17 -0.48
N VAL A 72 12.34 -7.82 -1.06
CA VAL A 72 11.99 -9.23 -0.72
C VAL A 72 12.29 -9.53 0.76
N HIS A 73 12.01 -8.58 1.62
CA HIS A 73 12.25 -8.80 3.08
C HIS A 73 11.28 -7.94 3.89
N ARG A 74 11.56 -6.66 3.98
CA ARG A 74 10.66 -5.75 4.77
C ARG A 74 10.57 -4.38 4.10
N LEU A 75 9.57 -3.62 4.46
CA LEU A 75 9.41 -2.26 3.86
C LEU A 75 8.73 -1.35 4.88
N ALA A 76 9.24 -0.15 5.07
CA ALA A 76 8.62 0.80 6.03
C ALA A 76 8.32 2.12 5.33
N TYR A 77 7.07 2.51 5.32
CA TYR A 77 6.68 3.79 4.65
C TYR A 77 5.60 4.48 5.49
N SER A 78 5.43 5.77 5.30
CA SER A 78 4.40 6.53 6.06
C SER A 78 3.27 6.95 5.12
N PHE A 79 2.05 6.64 5.49
CA PHE A 79 0.88 6.99 4.62
C PHE A 79 -0.18 7.72 5.44
N GLY A 80 -0.94 8.56 4.79
CA GLY A 80 -2.03 9.32 5.50
C GLY A 80 -2.07 10.74 4.96
N TRP A 81 -2.16 10.89 3.65
CA TRP A 81 -2.22 12.26 3.04
C TRP A 81 -3.58 12.47 2.38
N ASP A 82 -4.21 13.58 2.67
CA ASP A 82 -5.56 13.90 2.09
C ASP A 82 -6.48 12.68 2.22
N GLY A 83 -6.27 11.88 3.24
CA GLY A 83 -7.13 10.69 3.44
C GLY A 83 -8.50 11.09 3.97
N SER A 84 -8.93 10.48 5.03
CA SER A 84 -10.27 10.78 5.61
C SER A 84 -10.33 12.24 6.07
N GLU A 85 -11.40 12.61 6.73
CA GLU A 85 -11.58 14.01 7.21
C GLU A 85 -10.25 14.57 7.73
N VAL A 86 -9.88 14.18 8.91
CA VAL A 86 -8.60 14.67 9.50
C VAL A 86 -7.40 13.98 8.81
N VAL A 87 -6.74 13.11 9.53
CA VAL A 87 -5.56 12.39 8.97
C VAL A 87 -4.47 13.39 8.57
N PRO A 88 -3.87 14.05 9.55
CA PRO A 88 -2.79 15.05 9.30
C PRO A 88 -1.52 14.39 8.73
N PRO A 89 -0.64 15.19 8.19
CA PRO A 89 0.63 14.68 7.59
C PRO A 89 1.49 13.92 8.62
N GLY A 90 2.09 12.84 8.18
CA GLY A 90 2.95 12.04 9.10
C GLY A 90 2.11 11.41 10.22
N SER A 91 2.63 11.40 11.42
CA SER A 91 1.90 10.79 12.56
C SER A 91 1.35 9.42 12.15
N SER A 92 1.95 8.82 11.16
CA SER A 92 1.47 7.48 10.70
C SER A 92 2.67 6.64 10.26
N LEU A 93 2.61 5.36 10.50
CA LEU A 93 3.73 4.46 10.10
C LEU A 93 3.16 3.15 9.58
N VAL A 94 3.54 2.78 8.37
CA VAL A 94 3.06 1.51 7.77
C VAL A 94 4.27 0.61 7.49
N GLU A 95 4.19 -0.63 7.88
CA GLU A 95 5.33 -1.57 7.64
C GLU A 95 4.81 -2.88 7.06
N ILE A 96 5.59 -3.49 6.19
CA ILE A 96 5.18 -4.77 5.55
C ILE A 96 6.27 -5.81 5.78
N ASP A 97 5.88 -7.00 6.19
CA ASP A 97 6.88 -8.09 6.46
C ASP A 97 6.49 -9.33 5.66
N LEU A 98 7.38 -9.78 4.80
CA LEU A 98 7.09 -10.99 3.97
C LEU A 98 7.72 -12.21 4.62
N ILE A 99 6.93 -13.25 4.83
CA ILE A 99 7.46 -14.49 5.47
C ILE A 99 7.38 -15.65 4.47
N GLU A 100 8.48 -16.29 4.21
CA GLU A 100 8.50 -17.40 3.24
C GLU A 100 8.14 -18.70 3.95
N GLN A 101 6.95 -19.19 3.71
CA GLN A 101 6.49 -20.46 4.36
C GLN A 101 6.80 -21.65 3.46
N GLY A 102 6.20 -22.78 3.76
CA GLY A 102 6.42 -24.01 2.96
C GLY A 102 5.87 -23.81 1.54
N GLY A 103 4.78 -23.11 1.41
CA GLY A 103 4.18 -22.90 0.07
C GLY A 103 3.43 -21.57 0.03
N GLY A 104 3.87 -20.66 -0.79
CA GLY A 104 3.19 -19.34 -0.90
C GLY A 104 3.93 -18.29 -0.06
N THR A 105 3.49 -17.07 -0.11
CA THR A 105 4.18 -15.98 0.66
C THR A 105 3.14 -15.23 1.51
N LEU A 106 3.42 -15.07 2.77
CA LEU A 106 2.50 -14.36 3.68
C LEU A 106 2.82 -12.88 3.65
N LEU A 107 1.81 -12.05 3.61
CA LEU A 107 2.02 -10.58 3.59
C LEU A 107 1.35 -9.96 4.81
N ARG A 108 2.13 -9.53 5.76
CA ARG A 108 1.57 -8.90 7.00
C ARG A 108 1.68 -7.39 6.89
N LEU A 109 0.63 -6.69 7.24
CA LEU A 109 0.66 -5.20 7.18
C LEU A 109 0.30 -4.63 8.54
N THR A 110 1.16 -3.78 9.07
CA THR A 110 0.90 -3.17 10.41
C THR A 110 0.74 -1.67 10.25
N HIS A 111 -0.34 -1.13 10.75
CA HIS A 111 -0.58 0.34 10.66
C HIS A 111 -0.79 0.90 12.06
N SER A 112 0.01 1.85 12.45
CA SER A 112 -0.12 2.44 13.81
C SER A 112 0.08 3.96 13.76
N GLY A 113 -0.24 4.63 14.83
CA GLY A 113 -0.09 6.11 14.88
C GLY A 113 -1.39 6.74 14.39
N LEU A 114 -2.45 5.99 14.40
CA LEU A 114 -3.75 6.55 13.92
C LEU A 114 -4.31 7.56 14.93
N PRO A 115 -4.99 8.59 14.46
CA PRO A 115 -5.58 9.64 15.35
C PRO A 115 -6.74 9.10 16.19
N SER A 116 -7.48 8.16 15.66
CA SER A 116 -8.63 7.59 16.43
C SER A 116 -9.11 6.30 15.78
N ALA A 117 -9.99 5.60 16.44
CA ALA A 117 -10.53 4.32 15.89
C ALA A 117 -11.32 4.62 14.60
N GLU A 118 -11.78 5.83 14.45
CA GLU A 118 -12.55 6.18 13.23
C GLU A 118 -11.69 5.95 11.99
N GLN A 119 -10.46 6.37 12.04
CA GLN A 119 -9.54 6.18 10.88
C GLN A 119 -9.19 4.69 10.74
N CYS A 120 -8.99 4.02 11.85
CA CYS A 120 -8.65 2.57 11.80
C CYS A 120 -9.79 1.78 11.17
N ALA A 121 -10.99 2.09 11.52
CA ALA A 121 -12.17 1.36 10.95
C ALA A 121 -12.21 1.57 9.44
N GLY A 122 -12.06 2.80 9.01
CA GLY A 122 -12.09 3.09 7.56
C GLY A 122 -10.90 2.45 6.86
N HIS A 123 -9.73 2.57 7.44
CA HIS A 123 -8.52 1.97 6.82
C HIS A 123 -8.60 0.44 6.86
N GLU A 124 -9.06 -0.10 7.95
CA GLU A 124 -9.15 -1.58 8.08
C GLU A 124 -9.92 -2.13 6.88
N GLU A 125 -11.04 -1.55 6.58
CA GLU A 125 -11.85 -2.03 5.42
C GLU A 125 -11.10 -1.74 4.12
N GLY A 126 -10.42 -0.62 4.05
CA GLY A 126 -9.67 -0.26 2.82
C GLY A 126 -8.53 -1.26 2.60
N TRP A 127 -7.83 -1.61 3.64
CA TRP A 127 -6.72 -2.58 3.49
C TRP A 127 -7.26 -3.92 3.01
N ALA A 128 -8.41 -4.30 3.48
CA ALA A 128 -9.02 -5.60 3.08
C ALA A 128 -9.22 -5.63 1.56
N HIS A 129 -9.77 -4.59 1.00
CA HIS A 129 -10.00 -4.57 -0.47
C HIS A 129 -8.65 -4.51 -1.21
N TYR A 130 -7.75 -3.71 -0.72
CA TYR A 130 -6.41 -3.60 -1.37
C TYR A 130 -5.70 -4.96 -1.33
N LEU A 131 -5.71 -5.59 -0.18
CA LEU A 131 -5.04 -6.91 -0.06
C LEU A 131 -5.73 -7.93 -0.96
N GLY A 132 -7.04 -7.90 -1.01
CA GLY A 132 -7.79 -8.87 -1.85
C GLY A 132 -7.40 -8.69 -3.33
N ARG A 133 -7.30 -7.46 -3.78
CA ARG A 133 -6.94 -7.22 -5.20
C ARG A 133 -5.51 -7.69 -5.45
N LEU A 134 -4.62 -7.47 -4.51
CA LEU A 134 -3.21 -7.91 -4.69
C LEU A 134 -3.16 -9.43 -4.79
N THR A 135 -3.91 -10.12 -3.98
CA THR A 135 -3.90 -11.60 -4.00
C THR A 135 -4.35 -12.11 -5.37
N GLU A 136 -5.41 -11.55 -5.89
CA GLU A 136 -5.92 -11.98 -7.21
C GLU A 136 -4.87 -11.70 -8.29
N VAL A 137 -4.29 -10.53 -8.28
CA VAL A 137 -3.25 -10.19 -9.30
C VAL A 137 -2.01 -11.06 -9.10
N ALA A 138 -1.60 -11.22 -7.86
CA ALA A 138 -0.40 -12.06 -7.57
C ALA A 138 -0.66 -13.51 -7.98
N ALA A 139 -1.86 -13.97 -7.79
CA ALA A 139 -2.18 -15.38 -8.17
C ALA A 139 -2.24 -15.50 -9.70
N GLY A 140 -1.96 -14.42 -10.38
CA GLY A 140 -2.00 -14.44 -11.86
C GLY A 140 -3.45 -14.30 -12.33
N ARG A 141 -4.35 -14.08 -11.41
CA ARG A 141 -5.79 -13.95 -11.79
C ARG A 141 -6.12 -12.48 -12.06
N ASP A 142 -7.22 -12.25 -12.73
CA ASP A 142 -7.62 -10.85 -13.05
C ASP A 142 -8.25 -10.19 -11.80
N PRO A 143 -7.98 -8.92 -11.56
CA PRO A 143 -8.53 -8.18 -10.39
C PRO A 143 -10.04 -7.95 -10.51
N GLY A 144 -10.73 -7.97 -9.40
CA GLY A 144 -12.20 -7.75 -9.41
C GLY A 144 -12.51 -6.25 -9.45
N PRO A 145 -13.78 -5.92 -9.52
CA PRO A 145 -14.25 -4.50 -9.58
C PRO A 145 -14.03 -3.76 -8.25
N ASP A 146 -13.84 -2.47 -8.33
CA ASP A 146 -13.63 -1.65 -7.09
C ASP A 146 -14.63 -0.49 -7.08
N PRO A 147 -15.88 -0.77 -6.79
CA PRO A 147 -16.94 0.28 -6.74
C PRO A 147 -16.84 1.11 -5.46
N PHE A 148 -16.03 0.67 -4.54
CA PHE A 148 -15.89 1.41 -3.26
C PHE A 148 -15.06 2.68 -3.48
N TYR A 149 -15.63 3.82 -3.17
CA TYR A 149 -14.89 5.09 -3.34
C TYR A 149 -15.53 6.17 -2.47
N GLY A 150 -14.86 6.53 -1.40
CA GLY A 150 -15.39 7.58 -0.48
C GLY A 150 -16.50 7.01 0.40
N ARG A 151 -16.80 5.74 0.24
CA ARG A 151 -17.87 5.10 1.06
C ARG A 151 -19.21 5.80 0.82
N ARG A 152 -20.26 5.03 0.68
CA ARG A 152 -21.60 5.63 0.42
C ARG A 152 -22.19 6.20 1.72
N LEU A 153 -22.91 7.28 1.61
CA LEU A 153 -23.53 7.90 2.81
C LEU A 153 -24.89 7.25 3.09
N GLU A 154 -25.10 6.82 4.31
CA GLU A 154 -26.39 6.16 4.67
C GLU A 154 -27.02 6.87 5.88
N HIS A 155 -28.31 7.05 5.83
CA HIS A 155 -29.03 7.73 6.95
C HIS A 155 -28.43 9.11 7.21
N HIS A 156 -28.92 10.10 6.50
CA HIS A 156 -28.39 11.48 6.70
C HIS A 156 -29.50 12.50 6.44
N HIS A 157 -29.92 13.21 7.46
CA HIS A 157 -31.00 14.22 7.30
C HIS A 157 -30.76 15.38 8.26
N HIS A 158 -31.10 16.58 7.85
CA HIS A 158 -30.91 17.76 8.73
C HIS A 158 -31.84 18.88 8.29
N HIS A 159 -32.17 19.78 9.19
CA HIS A 159 -33.08 20.91 8.85
C HIS A 159 -32.73 22.12 9.72
N HIS A 160 -32.53 21.91 11.00
CA HIS A 160 -32.20 23.03 11.91
C HIS A 160 -31.04 23.86 11.33
N MET A 1 7.39 0.53 33.54
CA MET A 1 6.65 1.07 32.38
C MET A 1 6.96 0.20 31.16
N GLU A 2 8.06 -0.51 31.22
CA GLU A 2 8.45 -1.39 30.08
C GLU A 2 7.44 -2.53 29.90
N LYS A 3 7.13 -2.87 28.68
CA LYS A 3 6.16 -3.97 28.42
C LYS A 3 4.86 -3.69 29.18
N ALA A 4 4.76 -2.54 29.79
CA ALA A 4 3.52 -2.20 30.55
C ALA A 4 2.51 -1.57 29.58
N MET A 5 2.86 -1.49 28.32
CA MET A 5 1.94 -0.89 27.31
C MET A 5 1.63 -1.92 26.22
N PRO A 6 0.63 -2.76 26.44
CA PRO A 6 0.23 -3.81 25.46
C PRO A 6 -0.12 -3.21 24.10
N GLU A 7 0.16 -3.92 23.04
CA GLU A 7 -0.13 -3.39 21.68
C GLU A 7 -1.60 -3.00 21.55
N SER A 8 -1.86 -1.84 20.98
CA SER A 8 -3.28 -1.39 20.80
C SER A 8 -3.34 -0.32 19.73
N PHE A 9 -4.53 -0.03 19.24
CA PHE A 9 -4.70 0.99 18.18
C PHE A 9 -3.88 0.61 16.96
N VAL A 10 -3.56 -0.66 16.82
CA VAL A 10 -2.76 -1.14 15.65
C VAL A 10 -3.60 -2.12 14.83
N VAL A 11 -3.59 -1.98 13.54
CA VAL A 11 -4.40 -2.90 12.67
C VAL A 11 -3.49 -3.95 12.05
N ARG A 12 -3.84 -5.20 12.21
CA ARG A 12 -3.03 -6.32 11.65
C ARG A 12 -3.80 -6.96 10.49
N ARG A 13 -3.14 -7.21 9.38
CA ARG A 13 -3.82 -7.83 8.22
C ARG A 13 -2.90 -8.86 7.59
N GLU A 14 -3.44 -9.95 7.09
CA GLU A 14 -2.61 -11.00 6.46
C GLU A 14 -3.28 -11.51 5.18
N ALA A 15 -2.50 -11.97 4.25
CA ALA A 15 -3.07 -12.50 2.98
C ALA A 15 -2.16 -13.61 2.44
N HIS A 16 -2.74 -14.66 1.93
CA HIS A 16 -1.92 -15.80 1.40
C HIS A 16 -1.74 -15.62 -0.11
N LEU A 17 -0.52 -15.47 -0.55
CA LEU A 17 -0.25 -15.29 -2.01
C LEU A 17 0.46 -16.53 -2.55
N ALA A 18 0.02 -17.00 -3.68
CA ALA A 18 0.65 -18.20 -4.29
C ALA A 18 1.86 -17.76 -5.10
N ALA A 19 2.13 -16.48 -5.13
CA ALA A 19 3.30 -15.97 -5.91
C ALA A 19 4.51 -15.88 -4.99
N PRO A 20 5.70 -16.10 -5.52
CA PRO A 20 6.95 -16.03 -4.69
C PRO A 20 7.26 -14.61 -4.19
N PRO A 21 8.14 -14.48 -3.23
CA PRO A 21 8.53 -13.14 -2.69
C PRO A 21 8.96 -12.18 -3.80
N ALA A 22 9.67 -12.67 -4.77
CA ALA A 22 10.13 -11.80 -5.88
C ALA A 22 8.92 -11.28 -6.66
N ALA A 23 7.95 -12.12 -6.87
CA ALA A 23 6.74 -11.68 -7.63
C ALA A 23 6.02 -10.59 -6.84
N VAL A 24 5.84 -10.78 -5.57
CA VAL A 24 5.15 -9.74 -4.74
C VAL A 24 5.99 -8.47 -4.70
N PHE A 25 7.26 -8.61 -4.47
CA PHE A 25 8.15 -7.41 -4.41
C PHE A 25 8.14 -6.70 -5.76
N ALA A 26 8.22 -7.43 -6.83
CA ALA A 26 8.21 -6.81 -8.19
C ALA A 26 6.96 -5.93 -8.35
N LEU A 27 5.82 -6.44 -7.98
CA LEU A 27 4.57 -5.64 -8.11
C LEU A 27 4.62 -4.42 -7.19
N MET A 28 5.13 -4.60 -6.00
CA MET A 28 5.20 -3.46 -5.05
C MET A 28 6.17 -2.39 -5.57
N THR A 29 7.28 -2.81 -6.13
CA THR A 29 8.26 -1.81 -6.66
C THR A 29 7.97 -1.59 -8.15
N ASP A 30 6.76 -1.26 -8.47
CA ASP A 30 6.36 -1.00 -9.89
C ASP A 30 5.05 -0.21 -9.89
N PRO A 31 5.12 1.09 -9.74
CA PRO A 31 3.92 1.96 -9.71
C PRO A 31 2.99 1.73 -10.92
N GLU A 32 3.57 1.58 -12.07
CA GLU A 32 2.75 1.37 -13.30
C GLU A 32 2.11 -0.03 -13.29
N LYS A 33 2.85 -1.05 -12.91
CA LYS A 33 2.28 -2.42 -12.90
C LYS A 33 1.17 -2.52 -11.86
N ILE A 34 1.28 -1.79 -10.78
CA ILE A 34 0.22 -1.85 -9.73
C ILE A 34 -1.11 -1.36 -10.30
N LEU A 35 -1.08 -0.31 -11.07
CA LEU A 35 -2.35 0.24 -11.63
C LEU A 35 -3.15 -0.89 -12.29
N ARG A 36 -2.53 -2.02 -12.52
CA ARG A 36 -3.27 -3.16 -13.14
C ARG A 36 -4.32 -3.67 -12.16
N TRP A 37 -3.96 -3.75 -10.89
CA TRP A 37 -4.93 -4.24 -9.86
C TRP A 37 -5.34 -3.09 -8.95
N MET A 38 -5.89 -2.05 -9.52
CA MET A 38 -6.33 -0.87 -8.72
C MET A 38 -5.15 0.03 -8.36
N GLY A 39 -5.43 1.24 -7.96
CA GLY A 39 -4.35 2.20 -7.59
C GLY A 39 -4.80 3.61 -7.94
N THR A 40 -5.76 3.73 -8.82
CA THR A 40 -6.26 5.08 -9.23
C THR A 40 -5.12 5.87 -9.89
N GLU A 41 -4.15 6.27 -9.13
CA GLU A 41 -3.01 7.05 -9.68
C GLU A 41 -1.70 6.60 -9.02
N ALA A 42 -0.62 6.67 -9.73
CA ALA A 42 0.69 6.25 -9.13
C ALA A 42 1.83 7.03 -9.79
N GLU A 43 2.89 7.25 -9.06
CA GLU A 43 4.04 8.02 -9.62
C GLU A 43 4.94 7.08 -10.43
N VAL A 44 5.48 7.56 -11.51
CA VAL A 44 6.37 6.73 -12.36
C VAL A 44 7.31 7.66 -13.11
N GLU A 45 7.06 8.95 -13.06
CA GLU A 45 7.93 9.93 -13.78
C GLU A 45 8.92 10.56 -12.79
N PRO A 46 10.09 10.91 -13.23
CA PRO A 46 11.13 11.54 -12.35
C PRO A 46 10.75 12.97 -11.94
N GLU A 47 11.34 13.45 -10.87
CA GLU A 47 11.03 14.83 -10.40
C GLU A 47 9.53 14.95 -10.08
N PRO A 48 9.14 14.60 -8.88
CA PRO A 48 7.71 14.66 -8.44
C PRO A 48 7.09 16.05 -8.67
N GLY A 49 5.86 16.07 -9.12
CA GLY A 49 5.17 17.37 -9.37
C GLY A 49 4.24 17.21 -10.58
N GLY A 50 4.36 16.11 -11.28
CA GLY A 50 3.50 15.87 -12.46
C GLY A 50 2.08 15.48 -12.02
N LEU A 51 1.91 14.28 -11.52
CA LEU A 51 0.56 13.84 -11.06
C LEU A 51 0.25 14.47 -9.71
N TYR A 52 1.20 15.17 -9.13
CA TYR A 52 0.98 15.83 -7.81
C TYR A 52 0.49 14.80 -6.80
N LEU A 53 -0.77 14.48 -6.81
CA LEU A 53 -1.31 13.49 -5.85
C LEU A 53 -1.31 12.09 -6.48
N VAL A 54 -0.73 11.15 -5.80
CA VAL A 54 -0.67 9.75 -6.33
C VAL A 54 -1.11 8.76 -5.24
N ASN A 55 -1.89 7.78 -5.62
CA ASN A 55 -2.37 6.75 -4.66
C ASN A 55 -3.28 7.38 -3.60
N VAL A 56 -4.48 6.85 -3.47
CA VAL A 56 -5.43 7.39 -2.47
C VAL A 56 -4.87 7.20 -1.06
N THR A 57 -4.27 6.07 -0.79
CA THR A 57 -3.70 5.80 0.57
C THR A 57 -2.20 5.52 0.43
N GLY A 58 -1.39 6.21 1.18
CA GLY A 58 0.08 5.99 1.11
C GLY A 58 0.79 7.04 1.97
N ALA A 59 2.10 7.01 1.97
CA ALA A 59 2.89 7.99 2.78
C ALA A 59 3.61 8.97 1.86
N ARG A 60 3.42 10.24 2.08
CA ARG A 60 4.07 11.30 1.25
C ARG A 60 4.08 10.88 -0.23
N PHE A 61 3.01 11.13 -0.92
CA PHE A 61 2.93 10.74 -2.37
C PHE A 61 3.21 9.24 -2.51
N ALA A 62 3.19 8.53 -1.41
CA ALA A 62 3.44 7.07 -1.46
C ALA A 62 4.87 6.79 -1.95
N ARG A 63 5.63 7.83 -2.16
CA ARG A 63 7.05 7.67 -2.63
C ARG A 63 7.93 8.67 -1.88
N GLY A 64 7.36 9.76 -1.44
CA GLY A 64 8.17 10.78 -0.71
C GLY A 64 8.46 10.28 0.71
N SER A 65 8.54 8.99 0.89
CA SER A 65 8.83 8.44 2.25
C SER A 65 9.94 7.39 2.16
N PHE A 66 10.72 7.26 3.18
CA PHE A 66 11.82 6.27 3.19
C PHE A 66 12.29 6.03 4.63
N ARG A 67 11.82 4.98 5.24
CA ARG A 67 12.23 4.67 6.64
C ARG A 67 13.18 3.48 6.62
N GLU A 68 12.90 2.49 5.82
CA GLU A 68 13.79 1.30 5.77
C GLU A 68 13.47 0.48 4.52
N VAL A 69 14.48 0.16 3.73
CA VAL A 69 14.25 -0.65 2.51
C VAL A 69 15.18 -1.86 2.54
N VAL A 70 14.64 -3.03 2.32
CA VAL A 70 15.46 -4.26 2.32
C VAL A 70 15.14 -5.05 1.04
N PRO A 71 16.12 -5.38 0.23
CA PRO A 71 15.88 -6.12 -1.05
C PRO A 71 14.84 -7.22 -0.88
N VAL A 72 13.68 -7.03 -1.46
CA VAL A 72 12.58 -8.05 -1.37
C VAL A 72 12.64 -8.79 -0.03
N HIS A 73 12.34 -8.12 1.04
CA HIS A 73 12.39 -8.77 2.37
C HIS A 73 11.57 -7.96 3.37
N ARG A 74 11.80 -6.68 3.45
CA ARG A 74 11.03 -5.84 4.41
C ARG A 74 10.96 -4.40 3.91
N LEU A 75 9.78 -3.82 3.94
CA LEU A 75 9.61 -2.41 3.49
C LEU A 75 8.87 -1.63 4.57
N ALA A 76 9.27 -0.42 4.83
CA ALA A 76 8.59 0.40 5.87
C ALA A 76 8.66 1.87 5.47
N TYR A 77 7.55 2.55 5.52
CA TYR A 77 7.51 4.00 5.14
C TYR A 77 6.93 4.81 6.30
N SER A 78 7.62 5.84 6.71
CA SER A 78 7.13 6.68 7.83
C SER A 78 6.14 7.73 7.31
N PHE A 79 5.58 8.51 8.19
CA PHE A 79 4.62 9.56 7.78
C PHE A 79 3.38 8.93 7.14
N GLY A 80 2.31 9.67 7.05
CA GLY A 80 1.07 9.11 6.45
C GLY A 80 0.05 10.24 6.26
N TRP A 81 -0.20 10.63 5.03
CA TRP A 81 -1.17 11.74 4.77
C TRP A 81 -2.43 11.17 4.13
N ASP A 82 -3.59 11.65 4.53
CA ASP A 82 -4.86 11.14 3.96
C ASP A 82 -5.94 12.23 4.02
N GLY A 83 -7.17 11.86 3.82
CA GLY A 83 -8.29 12.86 3.84
C GLY A 83 -8.49 13.46 5.24
N SER A 84 -9.12 14.59 5.29
CA SER A 84 -9.38 15.26 6.59
C SER A 84 -8.05 15.68 7.21
N GLU A 85 -6.95 15.31 6.60
CA GLU A 85 -5.62 15.68 7.14
C GLU A 85 -5.58 15.39 8.64
N VAL A 86 -6.39 14.48 9.10
CA VAL A 86 -6.40 14.14 10.54
C VAL A 86 -5.16 13.33 10.88
N VAL A 87 -4.27 13.15 9.93
CA VAL A 87 -3.01 12.38 10.18
C VAL A 87 -1.81 13.17 9.63
N PRO A 88 -1.41 14.21 10.33
CA PRO A 88 -0.25 15.05 9.91
C PRO A 88 1.04 14.22 9.81
N PRO A 89 2.15 14.86 9.58
CA PRO A 89 3.47 14.18 9.47
C PRO A 89 3.86 13.44 10.76
N GLY A 90 4.44 12.28 10.63
CA GLY A 90 4.86 11.52 11.84
C GLY A 90 3.64 11.17 12.68
N SER A 91 2.48 11.57 12.23
CA SER A 91 1.24 11.27 13.00
C SER A 91 0.85 9.82 12.78
N SER A 92 1.51 9.14 11.88
CA SER A 92 1.19 7.71 11.62
C SER A 92 2.45 6.99 11.16
N LEU A 93 2.46 5.69 11.27
CA LEU A 93 3.66 4.90 10.86
C LEU A 93 3.20 3.67 10.09
N VAL A 94 3.71 3.49 8.90
CA VAL A 94 3.33 2.31 8.07
C VAL A 94 4.49 1.32 8.02
N GLU A 95 4.22 0.07 8.27
CA GLU A 95 5.30 -0.97 8.23
C GLU A 95 4.79 -2.21 7.51
N ILE A 96 5.58 -2.75 6.63
CA ILE A 96 5.16 -3.97 5.88
C ILE A 96 6.29 -5.00 5.94
N ASP A 97 5.97 -6.21 6.31
CA ASP A 97 7.01 -7.28 6.42
C ASP A 97 6.67 -8.43 5.47
N LEU A 98 7.66 -9.01 4.85
CA LEU A 98 7.43 -10.15 3.92
C LEU A 98 7.83 -11.44 4.61
N ILE A 99 6.95 -12.40 4.65
CA ILE A 99 7.28 -13.70 5.33
C ILE A 99 7.43 -14.80 4.29
N GLU A 100 8.54 -15.47 4.31
CA GLU A 100 8.79 -16.56 3.34
C GLU A 100 7.95 -17.79 3.69
N GLN A 101 7.35 -18.41 2.73
CA GLN A 101 6.52 -19.61 3.01
C GLN A 101 6.57 -20.56 1.80
N GLY A 102 6.39 -21.83 2.03
CA GLY A 102 6.44 -22.81 0.91
C GLY A 102 5.09 -22.91 0.19
N GLY A 103 5.12 -22.90 -1.11
CA GLY A 103 3.84 -23.00 -1.89
C GLY A 103 3.17 -21.63 -1.95
N GLY A 104 3.86 -20.60 -1.56
CA GLY A 104 3.26 -19.25 -1.60
C GLY A 104 4.02 -18.31 -0.65
N THR A 105 3.64 -17.05 -0.60
CA THR A 105 4.33 -16.08 0.29
C THR A 105 3.30 -15.38 1.18
N LEU A 106 3.55 -15.34 2.46
CA LEU A 106 2.60 -14.67 3.39
C LEU A 106 3.07 -13.25 3.64
N LEU A 107 2.20 -12.29 3.50
CA LEU A 107 2.59 -10.86 3.71
C LEU A 107 1.89 -10.31 4.95
N ARG A 108 2.64 -9.70 5.83
CA ARG A 108 2.05 -9.12 7.08
C ARG A 108 1.96 -7.61 6.93
N LEU A 109 0.83 -7.03 7.28
CA LEU A 109 0.66 -5.55 7.17
C LEU A 109 0.28 -4.99 8.54
N THR A 110 1.06 -4.07 9.04
CA THR A 110 0.77 -3.45 10.38
C THR A 110 0.68 -1.93 10.22
N HIS A 111 -0.31 -1.35 10.84
CA HIS A 111 -0.48 0.14 10.77
C HIS A 111 -0.67 0.67 12.19
N SER A 112 0.03 1.72 12.53
CA SER A 112 -0.09 2.28 13.92
C SER A 112 -0.28 3.79 13.83
N GLY A 113 -0.78 4.38 14.88
CA GLY A 113 -1.01 5.86 14.89
C GLY A 113 -2.39 6.17 14.31
N LEU A 114 -3.42 5.87 15.05
CA LEU A 114 -4.81 6.14 14.58
C LEU A 114 -5.55 6.96 15.65
N PRO A 115 -5.35 8.26 15.66
CA PRO A 115 -5.99 9.17 16.64
C PRO A 115 -7.52 9.04 16.63
N SER A 116 -8.09 8.61 15.53
CA SER A 116 -9.58 8.46 15.44
C SER A 116 -9.92 7.08 14.88
N ALA A 117 -10.97 6.49 15.39
CA ALA A 117 -11.39 5.14 14.91
C ALA A 117 -11.83 5.24 13.45
N GLU A 118 -12.44 6.34 13.08
CA GLU A 118 -12.90 6.50 11.68
C GLU A 118 -11.76 6.21 10.72
N GLN A 119 -10.58 6.68 11.04
CA GLN A 119 -9.41 6.43 10.15
C GLN A 119 -9.08 4.94 10.17
N CYS A 120 -9.20 4.31 11.30
CA CYS A 120 -8.89 2.86 11.39
C CYS A 120 -9.88 2.07 10.52
N ALA A 121 -11.13 2.39 10.61
CA ALA A 121 -12.14 1.66 9.79
C ALA A 121 -11.88 1.93 8.31
N GLY A 122 -11.54 3.14 7.98
CA GLY A 122 -11.27 3.49 6.55
C GLY A 122 -10.01 2.76 6.06
N HIS A 123 -8.94 2.86 6.80
CA HIS A 123 -7.68 2.18 6.39
C HIS A 123 -7.86 0.66 6.46
N GLU A 124 -8.42 0.18 7.54
CA GLU A 124 -8.62 -1.29 7.68
C GLU A 124 -9.46 -1.81 6.52
N GLU A 125 -10.52 -1.12 6.20
CA GLU A 125 -11.39 -1.57 5.08
C GLU A 125 -10.65 -1.40 3.75
N GLY A 126 -9.89 -0.34 3.62
CA GLY A 126 -9.16 -0.11 2.34
C GLY A 126 -8.12 -1.22 2.13
N TRP A 127 -7.26 -1.43 3.08
CA TRP A 127 -6.22 -2.50 2.94
C TRP A 127 -6.90 -3.84 2.69
N ALA A 128 -8.03 -4.07 3.30
CA ALA A 128 -8.72 -5.37 3.10
C ALA A 128 -9.04 -5.56 1.62
N HIS A 129 -9.55 -4.55 0.98
CA HIS A 129 -9.88 -4.66 -0.48
C HIS A 129 -8.59 -4.81 -1.29
N TYR A 130 -7.61 -4.00 -1.00
CA TYR A 130 -6.32 -4.08 -1.75
C TYR A 130 -5.67 -5.46 -1.54
N LEU A 131 -5.62 -5.91 -0.32
CA LEU A 131 -5.00 -7.24 -0.04
C LEU A 131 -5.80 -8.35 -0.73
N GLY A 132 -7.10 -8.25 -0.69
CA GLY A 132 -7.95 -9.30 -1.33
C GLY A 132 -7.71 -9.30 -2.84
N ARG A 133 -7.78 -8.16 -3.45
CA ARG A 133 -7.56 -8.07 -4.92
C ARG A 133 -6.11 -8.40 -5.24
N LEU A 134 -5.21 -7.95 -4.41
CA LEU A 134 -3.76 -8.23 -4.67
C LEU A 134 -3.52 -9.73 -4.71
N THR A 135 -4.12 -10.46 -3.80
CA THR A 135 -3.92 -11.94 -3.79
C THR A 135 -4.59 -12.56 -5.02
N GLU A 136 -5.64 -11.94 -5.51
CA GLU A 136 -6.34 -12.50 -6.70
C GLU A 136 -5.39 -12.53 -7.91
N VAL A 137 -4.79 -11.42 -8.22
CA VAL A 137 -3.84 -11.38 -9.38
C VAL A 137 -2.62 -12.25 -9.07
N ALA A 138 -2.09 -12.12 -7.88
CA ALA A 138 -0.89 -12.94 -7.52
C ALA A 138 -1.24 -14.43 -7.55
N ALA A 139 -2.42 -14.76 -7.09
CA ALA A 139 -2.86 -16.19 -7.08
C ALA A 139 -3.64 -16.48 -8.36
N GLY A 140 -3.88 -15.46 -9.16
CA GLY A 140 -4.65 -15.65 -10.42
C GLY A 140 -3.69 -15.66 -11.62
N ARG A 141 -3.17 -14.53 -11.97
CA ARG A 141 -2.24 -14.47 -13.14
C ARG A 141 -1.52 -13.12 -13.15
N ASP A 142 -1.10 -12.67 -14.31
CA ASP A 142 -0.41 -11.35 -14.42
C ASP A 142 -0.94 -10.59 -15.66
N PRO A 143 -1.87 -9.68 -15.48
CA PRO A 143 -2.46 -8.90 -16.61
C PRO A 143 -1.39 -8.26 -17.49
N GLY A 144 -1.20 -8.78 -18.68
CA GLY A 144 -0.19 -8.21 -19.62
C GLY A 144 1.19 -8.15 -18.95
N PRO A 145 2.23 -8.07 -19.73
CA PRO A 145 3.63 -7.98 -19.20
C PRO A 145 3.97 -6.56 -18.73
N ASP A 146 4.57 -5.79 -19.59
CA ASP A 146 4.94 -4.38 -19.23
C ASP A 146 5.90 -4.39 -18.05
N PRO A 147 7.11 -4.88 -18.25
CA PRO A 147 8.14 -4.94 -17.18
C PRO A 147 8.76 -3.57 -16.87
N PHE A 148 9.07 -3.33 -15.63
CA PHE A 148 9.67 -2.03 -15.25
C PHE A 148 11.18 -2.04 -15.54
N TYR A 149 11.96 -2.48 -14.59
CA TYR A 149 13.45 -2.53 -14.74
C TYR A 149 13.94 -1.31 -15.52
N GLY A 150 13.82 -0.15 -14.93
CA GLY A 150 14.28 1.10 -15.59
C GLY A 150 15.79 1.27 -15.43
N ARG A 151 16.30 2.37 -15.92
CA ARG A 151 17.77 2.64 -15.81
C ARG A 151 18.52 1.52 -16.55
N ARG A 152 17.95 1.00 -17.61
CA ARG A 152 18.62 -0.08 -18.38
C ARG A 152 18.48 0.18 -19.88
N LEU A 153 19.56 0.15 -20.59
CA LEU A 153 19.52 0.38 -22.05
C LEU A 153 20.78 -0.22 -22.67
N GLU A 154 21.66 -0.75 -21.84
CA GLU A 154 22.93 -1.36 -22.35
C GLU A 154 23.01 -2.83 -21.91
N HIS A 155 23.37 -3.68 -22.82
CA HIS A 155 23.47 -5.14 -22.50
C HIS A 155 24.86 -5.43 -21.92
N HIS A 156 25.89 -5.30 -22.72
CA HIS A 156 27.26 -5.57 -22.22
C HIS A 156 28.28 -5.21 -23.31
N HIS A 157 28.75 -3.99 -23.31
CA HIS A 157 29.75 -3.57 -24.35
C HIS A 157 30.61 -2.43 -23.80
N HIS A 158 31.88 -2.43 -24.12
CA HIS A 158 32.80 -1.36 -23.64
C HIS A 158 33.92 -1.17 -24.67
N HIS A 159 34.63 -2.23 -24.96
CA HIS A 159 35.74 -2.15 -25.95
C HIS A 159 36.58 -0.90 -25.69
N HIS A 160 37.60 -1.02 -24.88
CA HIS A 160 38.47 0.14 -24.57
C HIS A 160 39.04 0.73 -25.86
N MET A 1 1.21 19.32 24.18
CA MET A 1 2.28 18.31 24.42
C MET A 1 1.97 17.56 25.71
N GLU A 2 0.99 18.01 26.44
CA GLU A 2 0.60 17.33 27.71
C GLU A 2 -0.44 16.26 27.42
N LYS A 3 -0.89 16.18 26.19
CA LYS A 3 -1.91 15.16 25.83
C LYS A 3 -1.23 13.79 25.62
N ALA A 4 -1.82 12.75 26.12
CA ALA A 4 -1.22 11.39 25.98
C ALA A 4 -1.23 10.96 24.51
N MET A 5 -0.19 10.29 24.07
CA MET A 5 -0.14 9.82 22.65
C MET A 5 0.93 8.73 22.52
N PRO A 6 0.65 7.56 23.04
CA PRO A 6 1.59 6.40 22.98
C PRO A 6 1.51 5.68 21.63
N GLU A 7 0.72 4.66 21.55
CA GLU A 7 0.58 3.91 20.27
C GLU A 7 -0.76 3.19 20.27
N SER A 8 -1.84 3.92 20.37
CA SER A 8 -3.20 3.29 20.40
C SER A 8 -3.74 3.11 18.98
N PHE A 9 -4.75 2.29 18.83
CA PHE A 9 -5.35 2.06 17.48
C PHE A 9 -4.32 1.41 16.56
N VAL A 10 -4.30 0.11 16.51
CA VAL A 10 -3.32 -0.61 15.63
C VAL A 10 -4.07 -1.61 14.74
N VAL A 11 -3.72 -1.67 13.48
CA VAL A 11 -4.40 -2.62 12.54
C VAL A 11 -3.38 -3.63 12.04
N ARG A 12 -3.73 -4.89 12.06
CA ARG A 12 -2.79 -5.96 11.58
C ARG A 12 -3.54 -6.84 10.58
N ARG A 13 -2.89 -7.19 9.50
CA ARG A 13 -3.57 -8.04 8.46
C ARG A 13 -2.60 -9.11 7.95
N GLU A 14 -3.12 -10.21 7.48
CA GLU A 14 -2.26 -11.30 6.96
C GLU A 14 -2.89 -11.86 5.68
N ALA A 15 -2.08 -12.30 4.76
CA ALA A 15 -2.63 -12.86 3.49
C ALA A 15 -1.63 -13.87 2.93
N HIS A 16 -2.05 -15.07 2.66
CA HIS A 16 -1.12 -16.09 2.11
C HIS A 16 -1.14 -16.03 0.58
N LEU A 17 -0.06 -15.59 -0.01
CA LEU A 17 0.00 -15.49 -1.51
C LEU A 17 0.78 -16.69 -2.06
N ALA A 18 0.24 -17.33 -3.06
CA ALA A 18 0.93 -18.51 -3.65
C ALA A 18 2.04 -18.05 -4.58
N ALA A 19 2.35 -16.78 -4.58
CA ALA A 19 3.43 -16.24 -5.47
C ALA A 19 4.68 -15.94 -4.62
N PRO A 20 5.85 -16.01 -5.21
CA PRO A 20 7.12 -15.73 -4.49
C PRO A 20 7.23 -14.25 -4.04
N PRO A 21 8.10 -13.97 -3.11
CA PRO A 21 8.31 -12.57 -2.60
C PRO A 21 8.86 -11.66 -3.69
N ALA A 22 9.53 -12.22 -4.66
CA ALA A 22 10.10 -11.40 -5.76
C ALA A 22 8.95 -10.78 -6.56
N ALA A 23 7.90 -11.52 -6.79
CA ALA A 23 6.75 -10.99 -7.56
C ALA A 23 6.06 -9.88 -6.77
N VAL A 24 5.87 -10.08 -5.49
CA VAL A 24 5.20 -9.04 -4.66
C VAL A 24 6.05 -7.77 -4.62
N PHE A 25 7.33 -7.91 -4.39
CA PHE A 25 8.22 -6.72 -4.33
C PHE A 25 8.19 -5.99 -5.68
N ALA A 26 8.27 -6.74 -6.75
CA ALA A 26 8.27 -6.10 -8.09
C ALA A 26 6.99 -5.30 -8.29
N LEU A 27 5.86 -5.82 -7.86
CA LEU A 27 4.57 -5.10 -8.03
C LEU A 27 4.62 -3.77 -7.28
N MET A 28 5.14 -3.77 -6.08
CA MET A 28 5.21 -2.51 -5.29
C MET A 28 6.18 -1.54 -5.95
N THR A 29 7.23 -2.03 -6.54
CA THR A 29 8.23 -1.13 -7.19
C THR A 29 7.89 -0.98 -8.68
N ASP A 30 6.85 -1.61 -9.14
CA ASP A 30 6.46 -1.50 -10.58
C ASP A 30 5.19 -0.65 -10.70
N PRO A 31 5.30 0.64 -11.01
CA PRO A 31 4.11 1.53 -11.12
C PRO A 31 3.29 1.22 -12.38
N GLU A 32 3.90 0.59 -13.34
CA GLU A 32 3.16 0.25 -14.60
C GLU A 32 2.38 -1.06 -14.41
N LYS A 33 2.98 -2.02 -13.75
CA LYS A 33 2.30 -3.32 -13.54
C LYS A 33 1.07 -3.13 -12.65
N ILE A 34 1.14 -2.22 -11.70
CA ILE A 34 -0.02 -1.99 -10.81
C ILE A 34 -1.21 -1.53 -11.64
N LEU A 35 -0.98 -0.67 -12.60
CA LEU A 35 -2.11 -0.18 -13.45
C LEU A 35 -3.01 -1.36 -13.84
N ARG A 36 -2.47 -2.55 -13.78
CA ARG A 36 -3.28 -3.75 -14.13
C ARG A 36 -4.44 -3.88 -13.14
N TRP A 37 -4.17 -3.66 -11.87
CA TRP A 37 -5.23 -3.76 -10.82
C TRP A 37 -5.35 -2.44 -10.08
N MET A 38 -6.05 -1.49 -10.66
CA MET A 38 -6.26 -0.16 -10.03
C MET A 38 -4.98 0.67 -10.14
N GLY A 39 -5.11 1.93 -10.48
CA GLY A 39 -3.92 2.81 -10.61
C GLY A 39 -4.10 3.75 -11.81
N THR A 40 -4.27 3.19 -12.99
CA THR A 40 -4.45 4.02 -14.22
C THR A 40 -3.51 5.22 -14.19
N GLU A 41 -2.36 5.08 -14.83
CA GLU A 41 -1.37 6.19 -14.86
C GLU A 41 -1.03 6.62 -13.43
N ALA A 42 0.02 6.09 -12.87
CA ALA A 42 0.41 6.46 -11.47
C ALA A 42 1.94 6.39 -11.31
N GLU A 43 2.48 7.24 -10.48
CA GLU A 43 3.96 7.25 -10.26
C GLU A 43 4.31 6.40 -9.03
N VAL A 44 5.55 6.04 -8.88
CA VAL A 44 5.96 5.19 -7.73
C VAL A 44 5.55 5.88 -6.41
N GLU A 45 4.78 5.20 -5.61
CA GLU A 45 4.33 5.79 -4.30
C GLU A 45 3.56 4.73 -3.50
N PRO A 46 4.24 3.81 -2.85
CA PRO A 46 3.58 2.75 -2.06
C PRO A 46 2.95 3.29 -0.77
N GLU A 47 2.01 2.57 -0.21
CA GLU A 47 1.33 3.03 1.04
C GLU A 47 0.56 4.32 0.75
N PRO A 48 -0.68 4.22 0.34
CA PRO A 48 -1.54 5.40 0.01
C PRO A 48 -1.58 6.43 1.14
N GLY A 49 -1.51 7.69 0.79
CA GLY A 49 -1.52 8.79 1.79
C GLY A 49 -0.58 9.89 1.33
N GLY A 50 0.30 9.56 0.42
CA GLY A 50 1.27 10.57 -0.09
C GLY A 50 0.62 11.39 -1.20
N LEU A 51 1.43 12.03 -2.02
CA LEU A 51 0.89 12.88 -3.11
C LEU A 51 0.03 12.01 -4.04
N TYR A 52 -1.10 12.53 -4.46
CA TYR A 52 -2.03 11.77 -5.36
C TYR A 52 -1.22 10.99 -6.39
N LEU A 53 -1.57 9.76 -6.63
CA LEU A 53 -0.80 8.93 -7.59
C LEU A 53 -1.15 9.34 -9.02
N VAL A 54 -0.14 9.69 -9.79
CA VAL A 54 -0.37 10.09 -11.21
C VAL A 54 0.90 9.83 -12.00
N ASN A 55 0.78 9.54 -13.27
CA ASN A 55 2.01 9.28 -14.10
C ASN A 55 2.44 10.58 -14.78
N VAL A 56 1.93 11.70 -14.33
CA VAL A 56 2.30 13.00 -14.96
C VAL A 56 3.81 13.24 -14.76
N THR A 57 4.31 13.02 -13.57
CA THR A 57 5.77 13.23 -13.31
C THR A 57 6.31 12.10 -12.43
N GLY A 58 7.16 11.27 -12.97
CA GLY A 58 7.72 10.15 -12.16
C GLY A 58 8.98 10.62 -11.42
N ALA A 59 8.98 10.50 -10.12
CA ALA A 59 10.17 10.93 -9.33
C ALA A 59 9.92 10.60 -7.85
N ARG A 60 9.03 11.30 -7.23
CA ARG A 60 8.74 11.05 -5.79
C ARG A 60 7.37 11.61 -5.44
N PHE A 61 7.03 11.65 -4.17
CA PHE A 61 5.71 12.19 -3.74
C PHE A 61 5.90 13.09 -2.52
N ALA A 62 6.41 14.28 -2.74
CA ALA A 62 6.64 15.25 -1.62
C ALA A 62 7.21 14.52 -0.40
N ARG A 63 8.46 14.17 -0.45
CA ARG A 63 9.10 13.47 0.72
C ARG A 63 10.62 13.55 0.57
N GLY A 64 11.21 12.68 -0.21
CA GLY A 64 12.67 12.73 -0.39
C GLY A 64 13.38 12.23 0.87
N SER A 65 12.76 11.33 1.60
CA SER A 65 13.38 10.82 2.84
C SER A 65 12.82 9.42 3.17
N PHE A 66 13.50 8.39 2.75
CA PHE A 66 13.01 7.01 3.01
C PHE A 66 13.48 6.51 4.39
N ARG A 67 12.64 5.81 5.09
CA ARG A 67 13.02 5.29 6.44
C ARG A 67 13.94 4.08 6.29
N GLU A 68 13.37 2.94 6.00
CA GLU A 68 14.21 1.70 5.84
C GLU A 68 13.60 0.81 4.75
N VAL A 69 14.41 0.29 3.88
CA VAL A 69 13.92 -0.59 2.78
C VAL A 69 14.69 -1.91 2.77
N VAL A 70 13.99 -3.01 2.73
CA VAL A 70 14.66 -4.35 2.69
C VAL A 70 13.95 -5.20 1.63
N PRO A 71 14.45 -5.23 0.42
CA PRO A 71 13.81 -6.00 -0.70
C PRO A 71 13.53 -7.47 -0.35
N VAL A 72 12.52 -8.03 -0.97
CA VAL A 72 12.11 -9.46 -0.74
C VAL A 72 12.33 -9.84 0.73
N HIS A 73 12.13 -8.91 1.63
CA HIS A 73 12.30 -9.21 3.08
C HIS A 73 11.26 -8.43 3.89
N ARG A 74 11.46 -7.15 4.04
CA ARG A 74 10.49 -6.32 4.81
C ARG A 74 10.58 -4.86 4.35
N LEU A 75 9.54 -4.11 4.56
CA LEU A 75 9.56 -2.66 4.15
C LEU A 75 9.01 -1.80 5.29
N ALA A 76 9.50 -0.60 5.42
CA ALA A 76 9.02 0.31 6.50
C ALA A 76 9.05 1.76 5.99
N TYR A 77 7.90 2.37 5.90
CA TYR A 77 7.82 3.78 5.41
C TYR A 77 7.16 4.66 6.47
N SER A 78 7.72 5.82 6.72
CA SER A 78 7.13 6.75 7.73
C SER A 78 6.59 7.99 7.01
N PHE A 79 5.33 8.28 7.17
CA PHE A 79 4.75 9.47 6.49
C PHE A 79 3.44 9.87 7.18
N GLY A 80 3.32 11.12 7.59
CA GLY A 80 2.07 11.55 8.26
C GLY A 80 2.15 13.05 8.59
N TRP A 81 1.16 13.56 9.29
CA TRP A 81 1.15 15.00 9.67
C TRP A 81 1.01 15.90 8.44
N ASP A 82 0.53 17.10 8.63
CA ASP A 82 0.35 18.04 7.48
C ASP A 82 -0.51 17.39 6.41
N GLY A 83 -1.34 16.46 6.79
CA GLY A 83 -2.21 15.76 5.80
C GLY A 83 -3.45 16.61 5.51
N SER A 84 -4.36 16.08 4.73
CA SER A 84 -5.61 16.84 4.37
C SER A 84 -6.61 16.78 5.52
N GLU A 85 -7.71 17.49 5.38
CA GLU A 85 -8.75 17.52 6.45
C GLU A 85 -8.96 16.13 7.04
N VAL A 86 -8.69 15.98 8.30
CA VAL A 86 -8.85 14.66 8.98
C VAL A 86 -8.23 13.58 8.13
N VAL A 87 -6.93 13.41 8.25
CA VAL A 87 -6.20 12.36 7.45
C VAL A 87 -7.14 11.20 7.08
N PRO A 88 -7.77 11.26 5.92
CA PRO A 88 -8.70 10.18 5.48
C PRO A 88 -8.05 8.79 5.52
N PRO A 89 -6.80 8.65 5.10
CA PRO A 89 -6.11 7.34 5.13
C PRO A 89 -5.48 7.07 6.50
N GLY A 90 -5.47 8.05 7.36
CA GLY A 90 -4.88 7.88 8.72
C GLY A 90 -3.48 8.49 8.76
N SER A 91 -2.80 8.47 7.63
CA SER A 91 -1.41 9.04 7.54
C SER A 91 -0.65 8.85 8.87
N SER A 92 0.12 7.80 8.96
CA SER A 92 0.88 7.54 10.22
C SER A 92 2.11 6.68 9.91
N LEU A 93 2.36 5.68 10.71
CA LEU A 93 3.53 4.78 10.47
C LEU A 93 3.06 3.48 9.85
N VAL A 94 3.61 3.13 8.71
CA VAL A 94 3.22 1.87 8.01
C VAL A 94 4.41 0.92 7.97
N GLU A 95 4.19 -0.32 8.34
CA GLU A 95 5.29 -1.33 8.34
C GLU A 95 4.79 -2.62 7.69
N ILE A 96 5.49 -3.11 6.72
CA ILE A 96 5.07 -4.36 6.01
C ILE A 96 6.21 -5.38 6.08
N ASP A 97 5.91 -6.59 6.46
CA ASP A 97 6.97 -7.65 6.56
C ASP A 97 6.60 -8.82 5.65
N LEU A 98 7.55 -9.32 4.91
CA LEU A 98 7.29 -10.47 3.98
C LEU A 98 7.95 -11.72 4.55
N ILE A 99 7.20 -12.80 4.65
CA ILE A 99 7.77 -14.06 5.19
C ILE A 99 7.42 -15.21 4.24
N GLU A 100 8.40 -15.97 3.83
CA GLU A 100 8.13 -17.09 2.90
C GLU A 100 7.71 -18.34 3.69
N GLN A 101 6.67 -19.02 3.25
CA GLN A 101 6.21 -20.25 3.98
C GLN A 101 5.78 -21.33 2.99
N GLY A 102 6.35 -22.50 3.10
CA GLY A 102 5.98 -23.60 2.18
C GLY A 102 6.17 -23.17 0.73
N GLY A 103 7.10 -22.30 0.47
CA GLY A 103 7.33 -21.83 -0.92
C GLY A 103 6.42 -20.64 -1.22
N GLY A 104 5.33 -20.52 -0.50
CA GLY A 104 4.39 -19.40 -0.74
C GLY A 104 4.93 -18.13 -0.06
N THR A 105 4.23 -17.04 -0.18
CA THR A 105 4.68 -15.76 0.45
C THR A 105 3.58 -15.24 1.37
N LEU A 106 3.94 -14.93 2.59
CA LEU A 106 2.93 -14.41 3.56
C LEU A 106 3.09 -12.89 3.64
N LEU A 107 2.03 -12.17 3.39
CA LEU A 107 2.09 -10.68 3.43
C LEU A 107 1.55 -10.20 4.78
N ARG A 108 2.33 -9.42 5.48
CA ARG A 108 1.89 -8.90 6.80
C ARG A 108 1.91 -7.36 6.76
N LEU A 109 0.79 -6.75 7.06
CA LEU A 109 0.72 -5.25 7.03
C LEU A 109 0.36 -4.75 8.43
N THR A 110 1.15 -3.86 8.97
CA THR A 110 0.88 -3.31 10.33
C THR A 110 0.80 -1.78 10.26
N HIS A 111 -0.22 -1.21 10.82
CA HIS A 111 -0.39 0.28 10.80
C HIS A 111 -0.67 0.79 12.21
N SER A 112 -0.05 1.86 12.60
CA SER A 112 -0.27 2.39 13.99
C SER A 112 -0.01 3.90 14.03
N GLY A 113 -0.36 4.54 15.11
CA GLY A 113 -0.13 6.01 15.24
C GLY A 113 -1.32 6.77 14.64
N LEU A 114 -2.48 6.20 14.66
CA LEU A 114 -3.67 6.90 14.09
C LEU A 114 -4.24 7.89 15.12
N PRO A 115 -4.77 9.00 14.66
CA PRO A 115 -5.37 10.03 15.57
C PRO A 115 -6.68 9.55 16.18
N SER A 116 -7.33 8.61 15.53
CA SER A 116 -8.62 8.09 16.07
C SER A 116 -8.90 6.69 15.50
N ALA A 117 -9.71 5.93 16.19
CA ALA A 117 -10.04 4.56 15.72
C ALA A 117 -10.94 4.62 14.48
N GLU A 118 -11.83 5.59 14.42
CA GLU A 118 -12.74 5.68 13.25
C GLU A 118 -11.93 5.63 11.96
N GLN A 119 -10.80 6.28 11.94
CA GLN A 119 -9.96 6.27 10.71
C GLN A 119 -9.40 4.87 10.49
N CYS A 120 -9.05 4.19 11.56
CA CYS A 120 -8.51 2.82 11.42
C CYS A 120 -9.56 1.89 10.83
N ALA A 121 -10.78 2.01 11.28
CA ALA A 121 -11.87 1.14 10.75
C ALA A 121 -12.04 1.36 9.24
N GLY A 122 -12.17 2.59 8.82
CA GLY A 122 -12.34 2.86 7.38
C GLY A 122 -11.05 2.55 6.63
N HIS A 123 -9.93 2.88 7.22
CA HIS A 123 -8.63 2.62 6.55
C HIS A 123 -8.41 1.11 6.41
N GLU A 124 -8.75 0.36 7.43
CA GLU A 124 -8.56 -1.12 7.37
C GLU A 124 -9.42 -1.69 6.25
N GLU A 125 -10.60 -1.17 6.08
CA GLU A 125 -11.49 -1.69 5.00
C GLU A 125 -10.83 -1.40 3.65
N GLY A 126 -10.18 -0.29 3.51
CA GLY A 126 -9.51 0.04 2.22
C GLY A 126 -8.45 -1.01 1.93
N TRP A 127 -7.69 -1.40 2.92
CA TRP A 127 -6.64 -2.43 2.69
C TRP A 127 -7.30 -3.77 2.36
N ALA A 128 -8.44 -4.03 2.92
CA ALA A 128 -9.13 -5.32 2.63
C ALA A 128 -9.38 -5.44 1.12
N HIS A 129 -9.85 -4.39 0.51
CA HIS A 129 -10.11 -4.44 -0.96
C HIS A 129 -8.78 -4.58 -1.72
N TYR A 130 -7.81 -3.79 -1.39
CA TYR A 130 -6.50 -3.87 -2.09
C TYR A 130 -5.88 -5.25 -1.86
N LEU A 131 -5.88 -5.71 -0.64
CA LEU A 131 -5.29 -7.04 -0.35
C LEU A 131 -6.09 -8.12 -1.09
N GLY A 132 -7.40 -8.01 -1.09
CA GLY A 132 -8.22 -9.02 -1.79
C GLY A 132 -7.89 -8.98 -3.29
N ARG A 133 -7.87 -7.81 -3.86
CA ARG A 133 -7.55 -7.69 -5.32
C ARG A 133 -6.10 -8.12 -5.54
N LEU A 134 -5.22 -7.73 -4.65
CA LEU A 134 -3.78 -8.09 -4.80
C LEU A 134 -3.62 -9.61 -4.77
N THR A 135 -4.30 -10.26 -3.87
CA THR A 135 -4.18 -11.75 -3.77
C THR A 135 -4.60 -12.36 -5.10
N GLU A 136 -5.67 -11.89 -5.67
CA GLU A 136 -6.14 -12.46 -6.96
C GLU A 136 -5.04 -12.29 -8.01
N VAL A 137 -4.44 -11.13 -8.08
CA VAL A 137 -3.36 -10.89 -9.07
C VAL A 137 -2.16 -11.81 -8.75
N ALA A 138 -1.80 -11.90 -7.50
CA ALA A 138 -0.64 -12.75 -7.11
C ALA A 138 -0.91 -14.19 -7.49
N ALA A 139 -2.14 -14.64 -7.35
CA ALA A 139 -2.45 -16.05 -7.70
C ALA A 139 -2.82 -16.14 -9.19
N GLY A 140 -2.90 -15.03 -9.86
CA GLY A 140 -3.24 -15.05 -11.31
C GLY A 140 -3.71 -13.65 -11.76
N ARG A 141 -3.20 -13.17 -12.86
CA ARG A 141 -3.61 -11.83 -13.35
C ARG A 141 -5.06 -11.85 -13.87
N ASP A 142 -5.57 -10.69 -14.24
CA ASP A 142 -6.97 -10.58 -14.77
C ASP A 142 -7.97 -10.53 -13.61
N PRO A 143 -8.09 -9.39 -12.96
CA PRO A 143 -9.03 -9.20 -11.83
C PRO A 143 -10.49 -9.51 -12.21
N GLY A 144 -11.26 -10.04 -11.30
CA GLY A 144 -12.68 -10.37 -11.61
C GLY A 144 -13.56 -9.13 -11.46
N PRO A 145 -13.67 -8.59 -10.28
CA PRO A 145 -14.51 -7.37 -10.05
C PRO A 145 -14.13 -6.21 -10.95
N ASP A 146 -15.12 -5.50 -11.41
CA ASP A 146 -14.88 -4.31 -12.28
C ASP A 146 -15.09 -3.01 -11.47
N PRO A 147 -15.90 -3.01 -10.41
CA PRO A 147 -16.13 -1.79 -9.61
C PRO A 147 -15.04 -1.56 -8.55
N PHE A 148 -14.80 -0.32 -8.19
CA PHE A 148 -13.75 -0.02 -7.17
C PHE A 148 -14.40 0.20 -5.80
N TYR A 149 -13.84 -0.39 -4.77
CA TYR A 149 -14.41 -0.23 -3.40
C TYR A 149 -15.92 -0.45 -3.43
N GLY A 150 -16.36 -1.65 -3.20
CA GLY A 150 -17.82 -1.96 -3.23
C GLY A 150 -18.44 -1.61 -1.87
N ARG A 151 -19.30 -0.64 -1.83
CA ARG A 151 -19.95 -0.25 -0.54
C ARG A 151 -21.24 -1.07 -0.38
N ARG A 152 -21.70 -1.70 -1.43
CA ARG A 152 -22.96 -2.51 -1.36
C ARG A 152 -22.70 -3.91 -1.94
N LEU A 153 -23.13 -4.92 -1.24
CA LEU A 153 -22.94 -6.32 -1.74
C LEU A 153 -23.73 -6.51 -3.03
N GLU A 154 -24.92 -5.96 -3.10
CA GLU A 154 -25.77 -6.13 -4.32
C GLU A 154 -25.67 -4.87 -5.19
N HIS A 155 -26.12 -4.94 -6.41
CA HIS A 155 -26.06 -3.74 -7.30
C HIS A 155 -27.13 -3.84 -8.39
N HIS A 156 -27.02 -3.03 -9.41
CA HIS A 156 -28.02 -3.04 -10.52
C HIS A 156 -29.44 -3.15 -9.94
N HIS A 157 -29.71 -2.39 -8.91
CA HIS A 157 -31.07 -2.43 -8.27
C HIS A 157 -31.50 -3.88 -8.08
N HIS A 158 -31.09 -4.49 -7.00
CA HIS A 158 -31.49 -5.91 -6.73
C HIS A 158 -31.58 -6.13 -5.22
N HIS A 159 -32.60 -6.83 -4.79
CA HIS A 159 -32.77 -7.10 -3.33
C HIS A 159 -33.90 -8.10 -3.15
N HIS A 160 -33.85 -9.17 -3.90
CA HIS A 160 -34.91 -10.22 -3.79
C HIS A 160 -34.46 -11.49 -4.51
N MET A 1 14.34 9.77 13.48
CA MET A 1 12.97 9.19 13.39
C MET A 1 12.06 9.92 14.38
N GLU A 2 12.59 10.89 15.09
CA GLU A 2 11.79 11.67 16.08
C GLU A 2 10.86 10.72 16.85
N LYS A 3 11.42 9.94 17.75
CA LYS A 3 10.57 8.99 18.53
C LYS A 3 9.80 9.75 19.60
N ALA A 4 8.63 9.27 19.94
CA ALA A 4 7.82 9.97 20.97
C ALA A 4 6.71 9.03 21.47
N MET A 5 5.48 9.38 21.22
CA MET A 5 4.35 8.50 21.67
C MET A 5 3.25 8.52 20.60
N PRO A 6 3.43 7.75 19.55
CA PRO A 6 2.44 7.67 18.43
C PRO A 6 1.06 7.22 18.91
N GLU A 7 0.02 7.71 18.30
CA GLU A 7 -1.37 7.32 18.74
C GLU A 7 -1.51 5.79 18.71
N SER A 8 -2.27 5.27 19.64
CA SER A 8 -2.49 3.79 19.72
C SER A 8 -3.26 3.30 18.49
N PHE A 9 -4.36 2.61 18.71
CA PHE A 9 -5.18 2.08 17.58
C PHE A 9 -4.27 1.52 16.47
N VAL A 10 -4.06 0.23 16.47
CA VAL A 10 -3.20 -0.42 15.44
C VAL A 10 -3.99 -1.55 14.78
N VAL A 11 -3.92 -1.66 13.48
CA VAL A 11 -4.66 -2.74 12.76
C VAL A 11 -3.66 -3.76 12.23
N ARG A 12 -3.91 -5.02 12.47
CA ARG A 12 -2.98 -6.09 11.98
C ARG A 12 -3.73 -7.05 11.06
N ARG A 13 -3.14 -7.39 9.95
CA ARG A 13 -3.80 -8.33 8.99
C ARG A 13 -2.73 -9.17 8.30
N GLU A 14 -3.10 -10.33 7.82
CA GLU A 14 -2.11 -11.22 7.12
C GLU A 14 -2.79 -11.86 5.92
N ALA A 15 -2.04 -12.22 4.92
CA ALA A 15 -2.64 -12.86 3.71
C ALA A 15 -1.63 -13.81 3.09
N HIS A 16 -2.08 -14.91 2.54
CA HIS A 16 -1.14 -15.89 1.91
C HIS A 16 -1.17 -15.73 0.40
N LEU A 17 -0.03 -15.53 -0.20
CA LEU A 17 0.04 -15.37 -1.69
C LEU A 17 0.74 -16.58 -2.30
N ALA A 18 0.25 -17.07 -3.40
CA ALA A 18 0.87 -18.26 -4.03
C ALA A 18 2.08 -17.83 -4.87
N ALA A 19 2.41 -16.55 -4.85
CA ALA A 19 3.57 -16.06 -5.65
C ALA A 19 4.79 -15.90 -4.73
N PRO A 20 5.99 -16.11 -5.24
CA PRO A 20 7.24 -15.98 -4.42
C PRO A 20 7.54 -14.51 -4.04
N PRO A 21 8.43 -14.29 -3.09
CA PRO A 21 8.80 -12.90 -2.67
C PRO A 21 9.20 -12.03 -3.87
N ALA A 22 9.87 -12.60 -4.82
CA ALA A 22 10.30 -11.82 -6.01
C ALA A 22 9.06 -11.30 -6.75
N ALA A 23 8.04 -12.11 -6.84
CA ALA A 23 6.80 -11.66 -7.55
C ALA A 23 6.21 -10.46 -6.81
N VAL A 24 6.10 -10.53 -5.51
CA VAL A 24 5.53 -9.39 -4.75
C VAL A 24 6.45 -8.18 -4.87
N PHE A 25 7.72 -8.38 -4.72
CA PHE A 25 8.68 -7.25 -4.83
C PHE A 25 8.60 -6.65 -6.24
N ALA A 26 8.57 -7.47 -7.24
CA ALA A 26 8.50 -6.94 -8.63
C ALA A 26 7.30 -6.00 -8.76
N LEU A 27 6.18 -6.36 -8.20
CA LEU A 27 4.98 -5.50 -8.27
C LEU A 27 5.24 -4.18 -7.55
N MET A 28 5.85 -4.24 -6.40
CA MET A 28 6.13 -2.99 -5.63
C MET A 28 7.39 -2.33 -6.16
N THR A 29 8.04 -2.95 -7.10
CA THR A 29 9.30 -2.35 -7.67
C THR A 29 8.95 -1.57 -8.93
N ASP A 30 7.77 -1.77 -9.47
CA ASP A 30 7.35 -1.03 -10.71
C ASP A 30 6.14 -0.14 -10.38
N PRO A 31 6.18 1.14 -10.73
CA PRO A 31 5.04 2.06 -10.45
C PRO A 31 3.86 1.82 -11.39
N GLU A 32 4.11 1.20 -12.51
CA GLU A 32 3.02 0.94 -13.49
C GLU A 32 2.24 -0.31 -13.08
N LYS A 33 2.92 -1.34 -12.65
CA LYS A 33 2.23 -2.59 -12.25
C LYS A 33 1.33 -2.32 -11.04
N ILE A 34 1.72 -1.44 -10.17
CA ILE A 34 0.90 -1.16 -8.96
C ILE A 34 -0.47 -0.61 -9.38
N LEU A 35 -0.52 0.27 -10.34
CA LEU A 35 -1.83 0.84 -10.75
C LEU A 35 -2.67 -0.25 -11.42
N ARG A 36 -2.11 -1.42 -11.61
CA ARG A 36 -2.89 -2.52 -12.24
C ARG A 36 -3.95 -3.01 -11.25
N TRP A 37 -3.76 -2.73 -9.98
CA TRP A 37 -4.75 -3.17 -8.95
C TRP A 37 -4.92 -2.09 -7.88
N MET A 38 -3.84 -1.59 -7.34
CA MET A 38 -3.94 -0.55 -6.28
C MET A 38 -4.58 0.74 -6.83
N GLY A 39 -4.02 1.87 -6.50
CA GLY A 39 -4.57 3.17 -6.96
C GLY A 39 -4.57 3.24 -8.49
N THR A 40 -4.80 4.41 -9.02
CA THR A 40 -4.83 4.58 -10.50
C THR A 40 -4.17 5.92 -10.85
N GLU A 41 -3.27 6.37 -10.03
CA GLU A 41 -2.58 7.67 -10.30
C GLU A 41 -1.22 7.68 -9.60
N ALA A 42 -0.16 7.77 -10.35
CA ALA A 42 1.19 7.79 -9.72
C ALA A 42 2.23 8.21 -10.76
N GLU A 43 3.27 8.86 -10.33
CA GLU A 43 4.32 9.30 -11.30
C GLU A 43 5.31 8.16 -11.52
N VAL A 44 6.02 8.18 -12.62
CA VAL A 44 7.03 7.09 -12.90
C VAL A 44 8.31 7.72 -13.46
N GLU A 45 9.43 7.11 -13.22
CA GLU A 45 10.72 7.66 -13.73
C GLU A 45 11.17 6.85 -14.95
N PRO A 46 11.91 7.45 -15.87
CA PRO A 46 12.40 6.72 -17.08
C PRO A 46 13.02 5.35 -16.75
N GLU A 47 13.79 5.25 -15.71
CA GLU A 47 14.42 3.92 -15.39
C GLU A 47 14.67 3.79 -13.86
N PRO A 48 15.51 4.61 -13.29
CA PRO A 48 15.83 4.52 -11.82
C PRO A 48 14.60 4.71 -10.94
N GLY A 49 14.53 3.99 -9.84
CA GLY A 49 13.36 4.13 -8.93
C GLY A 49 13.62 5.27 -7.95
N GLY A 50 14.21 6.33 -8.42
CA GLY A 50 14.50 7.48 -7.51
C GLY A 50 13.19 8.17 -7.14
N LEU A 51 12.11 7.43 -7.01
CA LEU A 51 10.79 8.04 -6.65
C LEU A 51 10.29 7.41 -5.34
N TYR A 52 9.96 6.14 -5.39
CA TYR A 52 9.45 5.44 -4.17
C TYR A 52 8.13 6.06 -3.72
N LEU A 53 7.55 6.92 -4.50
CA LEU A 53 6.25 7.56 -4.12
C LEU A 53 5.14 7.06 -5.07
N VAL A 54 4.07 6.55 -4.50
CA VAL A 54 2.95 6.04 -5.35
C VAL A 54 1.63 6.52 -4.76
N ASN A 55 0.75 7.03 -5.59
CA ASN A 55 -0.57 7.53 -5.09
C ASN A 55 -0.35 8.80 -4.25
N VAL A 56 0.45 8.71 -3.22
CA VAL A 56 0.70 9.89 -2.36
C VAL A 56 1.44 10.97 -3.13
N THR A 57 1.09 12.22 -2.91
CA THR A 57 1.76 13.35 -3.62
C THR A 57 2.28 14.35 -2.60
N GLY A 58 3.22 15.16 -2.97
CA GLY A 58 3.78 16.17 -2.03
C GLY A 58 4.65 17.15 -2.80
N ALA A 59 5.56 17.79 -2.12
CA ALA A 59 6.47 18.77 -2.81
C ALA A 59 7.92 18.36 -2.60
N ARG A 60 8.22 17.08 -2.66
CA ARG A 60 9.63 16.62 -2.46
C ARG A 60 9.89 15.37 -3.29
N PHE A 61 11.06 15.27 -3.87
CA PHE A 61 11.40 14.08 -4.71
C PHE A 61 12.33 13.15 -3.92
N ALA A 62 13.29 13.68 -3.24
CA ALA A 62 14.23 12.83 -2.46
C ALA A 62 15.03 13.70 -1.49
N ARG A 63 14.68 13.69 -0.23
CA ARG A 63 15.43 14.53 0.76
C ARG A 63 15.39 13.87 2.14
N GLY A 64 16.25 14.29 3.04
CA GLY A 64 16.25 13.70 4.41
C GLY A 64 16.70 12.23 4.33
N SER A 65 15.93 11.33 4.91
CA SER A 65 16.33 9.89 4.88
C SER A 65 15.08 9.00 4.86
N PHE A 66 15.17 7.87 4.22
CA PHE A 66 13.99 6.95 4.14
C PHE A 66 13.83 6.17 5.45
N ARG A 67 12.62 5.86 5.81
CA ARG A 67 12.38 5.09 7.06
C ARG A 67 13.00 3.70 6.92
N GLU A 68 12.35 2.82 6.21
CA GLU A 68 12.91 1.45 6.03
C GLU A 68 12.60 0.97 4.61
N VAL A 69 13.58 0.45 3.93
CA VAL A 69 13.34 -0.04 2.54
C VAL A 69 14.28 -1.21 2.25
N VAL A 70 13.74 -2.40 2.13
CA VAL A 70 14.59 -3.59 1.82
C VAL A 70 13.85 -4.46 0.81
N PRO A 71 14.49 -4.90 -0.26
CA PRO A 71 13.82 -5.74 -1.30
C PRO A 71 13.53 -7.17 -0.81
N VAL A 72 12.52 -7.81 -1.40
CA VAL A 72 12.14 -9.21 -1.02
C VAL A 72 12.47 -9.52 0.44
N HIS A 73 12.22 -8.57 1.32
CA HIS A 73 12.51 -8.79 2.77
C HIS A 73 11.54 -7.96 3.60
N ARG A 74 11.81 -6.68 3.74
CA ARG A 74 10.91 -5.80 4.55
C ARG A 74 10.77 -4.42 3.87
N LEU A 75 9.64 -3.80 4.03
CA LEU A 75 9.43 -2.45 3.44
C LEU A 75 8.49 -1.65 4.34
N ALA A 76 8.84 -0.43 4.65
CA ALA A 76 7.94 0.39 5.53
C ALA A 76 8.07 1.87 5.13
N TYR A 77 6.96 2.52 4.93
CA TYR A 77 7.02 3.96 4.54
C TYR A 77 5.62 4.57 4.67
N SER A 78 5.49 5.85 4.40
CA SER A 78 4.16 6.51 4.51
C SER A 78 3.41 6.38 3.18
N PHE A 79 2.51 5.45 3.09
CA PHE A 79 1.71 5.27 1.83
C PHE A 79 0.32 5.86 2.03
N GLY A 80 0.05 6.33 3.22
CA GLY A 80 -1.30 6.93 3.50
C GLY A 80 -1.57 8.04 2.49
N TRP A 81 -2.82 8.24 2.15
CA TRP A 81 -3.17 9.30 1.16
C TRP A 81 -3.66 10.56 1.87
N ASP A 82 -3.20 11.70 1.43
CA ASP A 82 -3.64 12.99 2.06
C ASP A 82 -4.82 13.56 1.28
N GLY A 83 -5.22 12.91 0.23
CA GLY A 83 -6.37 13.42 -0.58
C GLY A 83 -7.69 13.03 0.07
N SER A 84 -8.22 11.88 -0.26
CA SER A 84 -9.51 11.44 0.34
C SER A 84 -9.33 11.20 1.84
N GLU A 85 -8.83 10.05 2.20
CA GLU A 85 -8.64 9.73 3.64
C GLU A 85 -7.74 10.78 4.29
N VAL A 86 -8.17 11.33 5.39
CA VAL A 86 -7.36 12.36 6.10
C VAL A 86 -6.07 11.74 6.61
N VAL A 87 -4.94 12.35 6.32
CA VAL A 87 -3.63 11.80 6.78
C VAL A 87 -2.61 12.95 6.87
N PRO A 88 -2.54 13.61 7.99
CA PRO A 88 -1.60 14.77 8.19
C PRO A 88 -0.14 14.36 7.92
N PRO A 89 0.81 15.23 8.19
CA PRO A 89 2.26 14.95 7.97
C PRO A 89 2.75 13.73 8.74
N GLY A 90 4.04 13.67 9.01
CA GLY A 90 4.63 12.51 9.76
C GLY A 90 3.69 12.07 10.88
N SER A 91 2.87 11.08 10.61
CA SER A 91 1.93 10.59 11.65
C SER A 91 1.63 9.11 11.40
N SER A 92 1.17 8.77 10.22
CA SER A 92 0.86 7.35 9.92
C SER A 92 2.13 6.59 9.56
N LEU A 93 2.07 5.28 9.61
CA LEU A 93 3.26 4.45 9.27
C LEU A 93 2.79 3.07 8.80
N VAL A 94 3.24 2.64 7.64
CA VAL A 94 2.83 1.30 7.12
C VAL A 94 4.02 0.34 7.25
N GLU A 95 3.78 -0.83 7.80
CA GLU A 95 4.87 -1.84 7.98
C GLU A 95 4.53 -3.08 7.16
N ILE A 96 5.46 -3.53 6.33
CA ILE A 96 5.20 -4.73 5.49
C ILE A 96 6.37 -5.71 5.65
N ASP A 97 6.08 -6.96 5.91
CA ASP A 97 7.17 -7.96 6.08
C ASP A 97 6.83 -9.22 5.27
N LEU A 98 7.75 -9.67 4.47
CA LEU A 98 7.49 -10.89 3.63
C LEU A 98 8.11 -12.11 4.33
N ILE A 99 7.35 -13.15 4.52
CA ILE A 99 7.88 -14.38 5.20
C ILE A 99 7.59 -15.60 4.33
N GLU A 100 8.58 -16.40 4.06
CA GLU A 100 8.38 -17.60 3.21
C GLU A 100 7.54 -18.64 3.95
N GLN A 101 6.65 -19.31 3.25
CA GLN A 101 5.80 -20.34 3.90
C GLN A 101 5.44 -21.42 2.88
N GLY A 102 6.27 -22.42 2.75
CA GLY A 102 5.98 -23.52 1.78
C GLY A 102 5.53 -22.95 0.43
N GLY A 103 6.45 -22.71 -0.47
CA GLY A 103 6.07 -22.18 -1.82
C GLY A 103 5.38 -20.82 -1.68
N GLY A 104 4.17 -20.79 -1.18
CA GLY A 104 3.43 -19.50 -1.05
C GLY A 104 4.22 -18.55 -0.15
N THR A 105 3.88 -17.28 -0.17
CA THR A 105 4.59 -16.28 0.69
C THR A 105 3.58 -15.62 1.63
N LEU A 106 3.88 -15.60 2.90
CA LEU A 106 2.96 -14.96 3.88
C LEU A 106 3.27 -13.48 3.97
N LEU A 107 2.28 -12.64 3.83
CA LEU A 107 2.49 -11.16 3.90
C LEU A 107 1.82 -10.60 5.14
N ARG A 108 2.56 -9.87 5.93
CA ARG A 108 1.99 -9.26 7.18
C ARG A 108 1.92 -7.75 7.01
N LEU A 109 0.76 -7.17 7.19
CA LEU A 109 0.60 -5.69 7.04
C LEU A 109 0.07 -5.12 8.35
N THR A 110 0.76 -4.17 8.93
CA THR A 110 0.30 -3.56 10.21
C THR A 110 0.24 -2.04 10.04
N HIS A 111 -0.88 -1.45 10.38
CA HIS A 111 -1.03 0.04 10.24
C HIS A 111 -0.97 0.66 11.64
N SER A 112 -0.07 1.60 11.87
CA SER A 112 0.02 2.23 13.22
C SER A 112 0.26 3.74 13.07
N GLY A 113 -0.12 4.51 14.06
CA GLY A 113 0.07 5.99 13.98
C GLY A 113 -1.14 6.60 13.29
N LEU A 114 -2.28 5.98 13.41
CA LEU A 114 -3.49 6.53 12.74
C LEU A 114 -3.92 7.84 13.44
N PRO A 115 -4.54 8.75 12.71
CA PRO A 115 -5.00 10.05 13.27
C PRO A 115 -6.14 9.85 14.29
N SER A 116 -6.95 8.83 14.11
CA SER A 116 -8.07 8.60 15.06
C SER A 116 -8.61 7.19 14.88
N ALA A 117 -9.40 6.73 15.81
CA ALA A 117 -9.99 5.36 15.69
C ALA A 117 -10.93 5.28 14.50
N GLU A 118 -11.65 6.33 14.24
CA GLU A 118 -12.60 6.32 13.08
C GLU A 118 -11.81 6.07 11.80
N GLN A 119 -10.64 6.63 11.68
CA GLN A 119 -9.82 6.41 10.46
C GLN A 119 -9.40 4.94 10.38
N CYS A 120 -9.21 4.32 11.51
CA CYS A 120 -8.79 2.88 11.50
C CYS A 120 -9.89 2.04 10.87
N ALA A 121 -11.12 2.30 11.22
CA ALA A 121 -12.25 1.52 10.65
C ALA A 121 -12.32 1.75 9.14
N GLY A 122 -12.13 2.97 8.70
CA GLY A 122 -12.19 3.25 7.24
C GLY A 122 -10.99 2.60 6.56
N HIS A 123 -9.81 2.74 7.13
CA HIS A 123 -8.61 2.13 6.52
C HIS A 123 -8.72 0.61 6.57
N GLU A 124 -9.20 0.08 7.66
CA GLU A 124 -9.33 -1.40 7.78
C GLU A 124 -10.14 -1.94 6.61
N GLU A 125 -11.25 -1.32 6.31
CA GLU A 125 -12.09 -1.81 5.19
C GLU A 125 -11.32 -1.61 3.87
N GLY A 126 -10.63 -0.51 3.74
CA GLY A 126 -9.87 -0.27 2.47
C GLY A 126 -8.72 -1.27 2.35
N TRP A 127 -8.00 -1.51 3.41
CA TRP A 127 -6.87 -2.47 3.33
C TRP A 127 -7.38 -3.86 2.96
N ALA A 128 -8.48 -4.26 3.53
CA ALA A 128 -9.03 -5.61 3.21
C ALA A 128 -9.35 -5.67 1.71
N HIS A 129 -9.94 -4.63 1.19
CA HIS A 129 -10.28 -4.62 -0.26
C HIS A 129 -8.98 -4.57 -1.09
N TYR A 130 -8.07 -3.73 -0.70
CA TYR A 130 -6.78 -3.60 -1.44
C TYR A 130 -6.02 -4.93 -1.38
N LEU A 131 -5.94 -5.52 -0.21
CA LEU A 131 -5.21 -6.80 -0.06
C LEU A 131 -5.91 -7.89 -0.88
N GLY A 132 -7.22 -7.90 -0.89
CA GLY A 132 -7.93 -8.94 -1.68
C GLY A 132 -7.57 -8.83 -3.16
N ARG A 133 -7.55 -7.63 -3.70
CA ARG A 133 -7.22 -7.48 -5.14
C ARG A 133 -5.77 -7.90 -5.39
N LEU A 134 -4.87 -7.56 -4.51
CA LEU A 134 -3.45 -7.94 -4.71
C LEU A 134 -3.30 -9.46 -4.70
N THR A 135 -3.96 -10.11 -3.78
CA THR A 135 -3.85 -11.60 -3.71
C THR A 135 -4.40 -12.22 -5.00
N GLU A 136 -5.50 -11.74 -5.48
CA GLU A 136 -6.10 -12.31 -6.73
C GLU A 136 -5.10 -12.16 -7.88
N VAL A 137 -4.52 -11.00 -8.04
CA VAL A 137 -3.55 -10.80 -9.15
C VAL A 137 -2.33 -11.68 -8.92
N ALA A 138 -1.84 -11.74 -7.72
CA ALA A 138 -0.64 -12.58 -7.45
C ALA A 138 -0.98 -14.04 -7.74
N ALA A 139 -2.24 -14.38 -7.73
CA ALA A 139 -2.62 -15.78 -8.02
C ALA A 139 -2.19 -16.16 -9.44
N GLY A 140 -1.53 -15.27 -10.13
CA GLY A 140 -1.07 -15.57 -11.53
C GLY A 140 -1.93 -14.79 -12.52
N ARG A 141 -3.00 -14.20 -12.06
CA ARG A 141 -3.87 -13.41 -12.98
C ARG A 141 -3.20 -12.07 -13.31
N ASP A 142 -3.52 -11.51 -14.46
CA ASP A 142 -2.92 -10.20 -14.86
C ASP A 142 -3.99 -9.34 -15.56
N PRO A 143 -4.91 -8.79 -14.82
CA PRO A 143 -6.03 -7.97 -15.38
C PRO A 143 -5.54 -6.58 -15.83
N GLY A 144 -6.26 -5.93 -16.72
CA GLY A 144 -5.86 -4.57 -17.22
C GLY A 144 -7.02 -3.59 -17.04
N PRO A 145 -7.33 -3.21 -15.83
CA PRO A 145 -8.45 -2.27 -15.53
C PRO A 145 -8.08 -0.81 -15.88
N ASP A 146 -9.07 -0.01 -16.21
CA ASP A 146 -8.79 1.42 -16.54
C ASP A 146 -10.05 2.25 -16.33
N PRO A 147 -10.55 2.27 -15.12
CA PRO A 147 -11.79 3.05 -14.78
C PRO A 147 -11.56 4.55 -14.86
N PHE A 148 -10.68 5.06 -14.03
CA PHE A 148 -10.39 6.53 -14.05
C PHE A 148 -9.09 6.76 -14.81
N TYR A 149 -8.45 5.71 -15.25
CA TYR A 149 -7.17 5.88 -16.00
C TYR A 149 -7.47 6.39 -17.41
N GLY A 150 -6.80 7.42 -17.84
CA GLY A 150 -7.05 7.95 -19.21
C GLY A 150 -6.72 9.44 -19.26
N ARG A 151 -6.97 10.06 -20.39
CA ARG A 151 -6.66 11.52 -20.54
C ARG A 151 -5.15 11.75 -20.39
N ARG A 152 -4.48 12.01 -21.48
CA ARG A 152 -3.02 12.25 -21.43
C ARG A 152 -2.73 13.69 -20.97
N LEU A 153 -1.65 13.90 -20.28
CA LEU A 153 -1.32 15.26 -19.77
C LEU A 153 -0.46 16.02 -20.80
N GLU A 154 -0.62 17.31 -20.89
CA GLU A 154 0.19 18.10 -21.87
C GLU A 154 0.07 17.50 -23.27
N HIS A 155 0.84 16.49 -23.57
CA HIS A 155 0.78 15.88 -24.93
C HIS A 155 0.89 16.96 -25.99
N HIS A 156 2.09 17.18 -26.48
CA HIS A 156 2.31 18.22 -27.54
C HIS A 156 1.66 19.54 -27.12
N HIS A 157 2.33 20.30 -26.30
CA HIS A 157 1.78 21.61 -25.86
C HIS A 157 1.73 22.58 -27.05
N HIS A 158 2.79 22.63 -27.81
CA HIS A 158 2.82 23.55 -28.98
C HIS A 158 4.06 23.26 -29.83
N HIS A 159 5.21 23.64 -29.35
CA HIS A 159 6.48 23.39 -30.11
C HIS A 159 7.46 22.61 -29.24
N HIS A 160 7.93 21.48 -29.72
CA HIS A 160 8.90 20.66 -28.94
C HIS A 160 8.46 20.58 -27.47
N MET A 1 4.41 -0.73 37.53
CA MET A 1 4.28 -0.03 36.23
C MET A 1 4.81 -0.94 35.13
N GLU A 2 4.99 -2.19 35.44
CA GLU A 2 5.50 -3.17 34.43
C GLU A 2 4.44 -3.38 33.35
N LYS A 3 3.20 -3.41 33.74
CA LYS A 3 2.11 -3.63 32.73
C LYS A 3 1.69 -2.30 32.12
N ALA A 4 1.63 -2.24 30.82
CA ALA A 4 1.20 -0.98 30.14
C ALA A 4 1.19 -1.22 28.63
N MET A 5 0.04 -1.53 28.09
CA MET A 5 -0.05 -1.81 26.62
C MET A 5 -0.42 -0.50 25.88
N PRO A 6 -0.12 -0.44 24.60
CA PRO A 6 -0.43 0.78 23.76
C PRO A 6 -1.88 1.25 23.90
N GLU A 7 -2.09 2.53 23.89
CA GLU A 7 -3.47 3.09 24.01
C GLU A 7 -4.02 3.39 22.61
N SER A 8 -3.16 3.55 21.66
CA SER A 8 -3.61 3.85 20.26
C SER A 8 -4.15 2.59 19.58
N PHE A 9 -5.02 2.76 18.63
CA PHE A 9 -5.60 1.59 17.90
C PHE A 9 -4.57 1.01 16.93
N VAL A 10 -4.54 -0.28 16.79
CA VAL A 10 -3.57 -0.95 15.87
C VAL A 10 -4.31 -1.90 14.95
N VAL A 11 -3.99 -1.87 13.67
CA VAL A 11 -4.67 -2.76 12.69
C VAL A 11 -3.64 -3.69 12.04
N ARG A 12 -3.94 -4.95 12.00
CA ARG A 12 -3.01 -5.96 11.38
C ARG A 12 -3.76 -6.74 10.31
N ARG A 13 -3.10 -7.05 9.22
CA ARG A 13 -3.77 -7.81 8.11
C ARG A 13 -2.86 -8.93 7.63
N GLU A 14 -3.45 -10.00 7.16
CA GLU A 14 -2.66 -11.16 6.66
C GLU A 14 -3.28 -11.66 5.35
N ALA A 15 -2.46 -12.14 4.46
CA ALA A 15 -2.98 -12.65 3.15
C ALA A 15 -2.05 -13.75 2.64
N HIS A 16 -2.62 -14.79 2.08
CA HIS A 16 -1.79 -15.92 1.56
C HIS A 16 -1.58 -15.76 0.05
N LEU A 17 -0.35 -15.55 -0.36
CA LEU A 17 -0.05 -15.38 -1.81
C LEU A 17 0.67 -16.61 -2.34
N ALA A 18 0.20 -17.12 -3.44
CA ALA A 18 0.83 -18.33 -4.05
C ALA A 18 1.98 -17.88 -4.95
N ALA A 19 2.28 -16.60 -4.95
CA ALA A 19 3.39 -16.09 -5.82
C ALA A 19 4.66 -15.90 -4.98
N PRO A 20 5.81 -15.99 -5.60
CA PRO A 20 7.12 -15.83 -4.89
C PRO A 20 7.29 -14.41 -4.32
N PRO A 21 8.21 -14.26 -3.39
CA PRO A 21 8.49 -12.93 -2.74
C PRO A 21 8.98 -11.89 -3.77
N ALA A 22 9.67 -12.34 -4.77
CA ALA A 22 10.19 -11.40 -5.80
C ALA A 22 9.02 -10.80 -6.58
N ALA A 23 8.01 -11.58 -6.85
CA ALA A 23 6.83 -11.06 -7.60
C ALA A 23 6.07 -10.03 -6.76
N VAL A 24 5.96 -10.27 -5.48
CA VAL A 24 5.23 -9.31 -4.61
C VAL A 24 5.95 -7.96 -4.57
N PHE A 25 7.23 -7.98 -4.39
CA PHE A 25 8.01 -6.69 -4.35
C PHE A 25 7.91 -6.00 -5.71
N ALA A 26 8.04 -6.75 -6.77
CA ALA A 26 7.98 -6.14 -8.13
C ALA A 26 6.66 -5.37 -8.28
N LEU A 27 5.59 -5.91 -7.79
CA LEU A 27 4.28 -5.21 -7.88
C LEU A 27 4.32 -3.90 -7.10
N MET A 28 4.89 -3.93 -5.93
CA MET A 28 4.97 -2.68 -5.11
C MET A 28 5.92 -1.69 -5.79
N THR A 29 6.99 -2.17 -6.33
CA THR A 29 7.97 -1.27 -7.00
C THR A 29 7.44 -0.84 -8.37
N ASP A 30 7.56 -1.71 -9.34
CA ASP A 30 7.09 -1.36 -10.71
C ASP A 30 5.71 -0.67 -10.65
N PRO A 31 5.64 0.61 -11.00
CA PRO A 31 4.36 1.38 -10.96
C PRO A 31 3.44 1.00 -12.13
N GLU A 32 4.02 0.50 -13.18
CA GLU A 32 3.22 0.12 -14.38
C GLU A 32 2.35 -1.12 -14.07
N LYS A 33 2.88 -2.03 -13.31
CA LYS A 33 2.11 -3.27 -12.96
C LYS A 33 0.89 -2.90 -12.10
N ILE A 34 1.03 -1.90 -11.30
CA ILE A 34 -0.11 -1.47 -10.43
C ILE A 34 -1.29 -1.02 -11.31
N LEU A 35 -1.00 -0.29 -12.34
CA LEU A 35 -2.10 0.19 -13.25
C LEU A 35 -2.88 -1.01 -13.80
N ARG A 36 -2.24 -2.14 -13.88
CA ARG A 36 -2.94 -3.35 -14.42
C ARG A 36 -4.14 -3.69 -13.53
N TRP A 37 -3.99 -3.60 -12.24
CA TRP A 37 -5.11 -3.93 -11.31
C TRP A 37 -5.49 -2.70 -10.48
N MET A 38 -5.93 -1.66 -11.14
CA MET A 38 -6.35 -0.41 -10.43
C MET A 38 -5.15 0.46 -10.07
N GLY A 39 -5.36 1.75 -10.02
CA GLY A 39 -4.24 2.68 -9.68
C GLY A 39 -4.34 3.90 -10.59
N THR A 40 -4.95 3.76 -11.74
CA THR A 40 -5.09 4.91 -12.68
C THR A 40 -3.70 5.43 -13.07
N GLU A 41 -3.02 6.06 -12.15
CA GLU A 41 -1.66 6.61 -12.44
C GLU A 41 -0.69 6.19 -11.34
N ALA A 42 0.53 5.94 -11.70
CA ALA A 42 1.55 5.54 -10.69
C ALA A 42 2.93 5.92 -11.20
N GLU A 43 3.67 6.68 -10.45
CA GLU A 43 5.03 7.10 -10.88
C GLU A 43 5.96 7.16 -9.67
N VAL A 44 6.93 6.30 -9.63
CA VAL A 44 7.89 6.28 -8.48
C VAL A 44 9.31 6.39 -9.03
N GLU A 45 10.09 7.26 -8.45
CA GLU A 45 11.50 7.43 -8.91
C GLU A 45 12.43 7.48 -7.69
N PRO A 46 13.68 7.13 -7.86
CA PRO A 46 14.68 7.14 -6.76
C PRO A 46 14.58 8.39 -5.87
N GLU A 47 14.72 8.19 -4.58
CA GLU A 47 14.66 9.33 -3.60
C GLU A 47 13.20 9.87 -3.53
N PRO A 48 12.86 10.50 -2.43
CA PRO A 48 11.50 11.09 -2.24
C PRO A 48 11.21 12.23 -3.24
N GLY A 49 9.99 12.34 -3.67
CA GLY A 49 9.60 13.43 -4.63
C GLY A 49 9.22 12.79 -5.97
N GLY A 50 8.18 11.99 -5.97
CA GLY A 50 7.75 11.31 -7.23
C GLY A 50 7.26 12.34 -8.26
N LEU A 51 7.44 12.03 -9.52
CA LEU A 51 6.99 12.96 -10.58
C LEU A 51 5.47 12.93 -10.71
N TYR A 52 4.88 14.05 -11.02
CA TYR A 52 3.40 14.13 -11.16
C TYR A 52 2.71 13.35 -10.05
N LEU A 53 1.46 13.02 -10.24
CA LEU A 53 0.71 12.28 -9.21
C LEU A 53 1.13 10.82 -9.19
N VAL A 54 1.15 10.21 -8.03
CA VAL A 54 1.55 8.79 -7.92
C VAL A 54 0.64 8.05 -6.94
N ASN A 55 0.25 6.86 -7.28
CA ASN A 55 -0.64 6.05 -6.39
C ASN A 55 0.21 5.24 -5.41
N VAL A 56 0.60 5.84 -4.32
CA VAL A 56 1.44 5.12 -3.31
C VAL A 56 0.61 4.08 -2.57
N THR A 57 1.00 3.76 -1.35
CA THR A 57 0.27 2.75 -0.53
C THR A 57 -0.32 3.41 0.72
N GLY A 58 -1.59 3.17 0.96
CA GLY A 58 -2.26 3.77 2.15
C GLY A 58 -2.88 5.11 1.77
N ALA A 59 -2.59 5.59 0.58
CA ALA A 59 -3.16 6.89 0.14
C ALA A 59 -2.79 7.15 -1.33
N ARG A 60 -2.63 8.40 -1.70
CA ARG A 60 -2.27 8.72 -3.12
C ARG A 60 -1.54 10.07 -3.17
N PHE A 61 -0.31 10.06 -3.59
CA PHE A 61 0.49 11.32 -3.68
C PHE A 61 0.46 12.08 -2.36
N ALA A 62 1.31 13.07 -2.24
CA ALA A 62 1.36 13.88 -1.00
C ALA A 62 1.92 13.03 0.13
N ARG A 63 1.92 11.73 -0.02
CA ARG A 63 2.43 10.82 1.05
C ARG A 63 3.42 9.83 0.46
N GLY A 64 4.29 9.33 1.29
CA GLY A 64 5.33 8.34 0.83
C GLY A 64 6.72 8.93 1.04
N SER A 65 7.25 8.80 2.23
CA SER A 65 8.62 9.34 2.52
C SER A 65 9.61 8.18 2.53
N PHE A 66 9.11 6.99 2.30
CA PHE A 66 9.99 5.77 2.28
C PHE A 66 11.04 5.85 3.40
N ARG A 67 10.65 5.55 4.60
CA ARG A 67 11.61 5.58 5.75
C ARG A 67 12.64 4.47 5.57
N GLU A 68 12.21 3.31 5.17
CA GLU A 68 13.17 2.19 4.99
C GLU A 68 12.66 1.24 3.92
N VAL A 69 13.49 0.92 2.96
CA VAL A 69 13.08 -0.02 1.86
C VAL A 69 14.10 -1.14 1.73
N VAL A 70 13.63 -2.35 1.71
CA VAL A 70 14.54 -3.53 1.56
C VAL A 70 13.82 -4.57 0.67
N PRO A 71 14.13 -4.60 -0.61
CA PRO A 71 13.48 -5.56 -1.57
C PRO A 71 13.50 -7.00 -1.07
N VAL A 72 12.50 -7.77 -1.44
CA VAL A 72 12.39 -9.21 -0.99
C VAL A 72 12.95 -9.35 0.42
N HIS A 73 12.42 -8.60 1.35
CA HIS A 73 12.93 -8.67 2.75
C HIS A 73 11.98 -7.88 3.67
N ARG A 74 12.06 -6.57 3.65
CA ARG A 74 11.17 -5.77 4.54
C ARG A 74 10.97 -4.37 3.95
N LEU A 75 9.78 -3.83 4.12
CA LEU A 75 9.51 -2.47 3.58
C LEU A 75 8.71 -1.68 4.63
N ALA A 76 9.23 -0.57 5.07
CA ALA A 76 8.51 0.26 6.08
C ALA A 76 8.60 1.73 5.68
N TYR A 77 7.53 2.47 5.90
CA TYR A 77 7.54 3.91 5.54
C TYR A 77 6.63 4.69 6.48
N SER A 78 6.94 5.92 6.71
CA SER A 78 6.11 6.77 7.62
C SER A 78 4.90 7.30 6.88
N PHE A 79 3.90 7.74 7.60
CA PHE A 79 2.67 8.27 6.94
C PHE A 79 2.26 9.58 7.63
N GLY A 80 1.58 10.43 6.91
CA GLY A 80 1.13 11.73 7.48
C GLY A 80 2.22 12.79 7.31
N TRP A 81 2.73 13.27 8.40
CA TRP A 81 3.80 14.32 8.35
C TRP A 81 3.31 15.56 7.59
N ASP A 82 3.33 16.69 8.25
CA ASP A 82 2.88 17.95 7.61
C ASP A 82 1.43 17.78 7.11
N GLY A 83 0.68 16.94 7.74
CA GLY A 83 -0.73 16.70 7.32
C GLY A 83 -1.65 17.77 7.90
N SER A 84 -2.69 18.11 7.19
CA SER A 84 -3.65 19.16 7.68
C SER A 84 -4.99 18.51 8.05
N GLU A 85 -5.41 18.70 9.27
CA GLU A 85 -6.70 18.11 9.74
C GLU A 85 -6.72 16.61 9.44
N VAL A 86 -5.57 15.99 9.37
CA VAL A 86 -5.53 14.54 9.07
C VAL A 86 -4.20 13.93 9.55
N VAL A 87 -4.26 13.06 10.51
CA VAL A 87 -3.03 12.41 11.05
C VAL A 87 -1.97 13.47 11.39
N PRO A 88 -1.96 13.95 12.62
CA PRO A 88 -0.97 14.97 13.07
C PRO A 88 0.48 14.54 12.78
N PRO A 89 1.40 15.46 12.77
CA PRO A 89 2.84 15.16 12.50
C PRO A 89 3.41 14.04 13.39
N GLY A 90 4.15 13.15 12.79
CA GLY A 90 4.77 12.03 13.56
C GLY A 90 3.78 10.88 13.72
N SER A 91 4.19 9.87 14.44
CA SER A 91 3.30 8.69 14.67
C SER A 91 2.88 8.05 13.35
N SER A 92 1.80 7.30 13.40
CA SER A 92 1.30 6.62 12.17
C SER A 92 2.45 6.01 11.39
N LEU A 93 2.80 4.79 11.72
CA LEU A 93 3.93 4.11 11.01
C LEU A 93 3.43 2.80 10.41
N VAL A 94 3.67 2.62 9.13
CA VAL A 94 3.23 1.37 8.44
C VAL A 94 4.43 0.47 8.23
N GLU A 95 4.30 -0.79 8.57
CA GLU A 95 5.44 -1.75 8.40
C GLU A 95 4.96 -3.00 7.68
N ILE A 96 5.76 -3.49 6.77
CA ILE A 96 5.40 -4.71 5.99
C ILE A 96 6.53 -5.73 6.12
N ASP A 97 6.19 -6.96 6.47
CA ASP A 97 7.24 -8.02 6.63
C ASP A 97 6.86 -9.23 5.77
N LEU A 98 7.83 -9.82 5.10
CA LEU A 98 7.55 -11.01 4.24
C LEU A 98 8.08 -12.26 4.93
N ILE A 99 7.23 -13.23 5.12
CA ILE A 99 7.66 -14.51 5.78
C ILE A 99 7.27 -15.69 4.90
N GLU A 100 8.21 -16.53 4.59
CA GLU A 100 7.91 -17.72 3.74
C GLU A 100 7.34 -18.86 4.60
N GLN A 101 6.36 -19.53 4.09
CA GLN A 101 5.75 -20.67 4.86
C GLN A 101 5.29 -21.77 3.89
N GLY A 102 4.48 -22.66 4.36
CA GLY A 102 3.99 -23.77 3.50
C GLY A 102 3.12 -23.21 2.37
N GLY A 103 2.29 -22.25 2.68
CA GLY A 103 1.41 -21.66 1.63
C GLY A 103 2.12 -20.50 0.94
N GLY A 104 2.74 -20.77 -0.18
CA GLY A 104 3.45 -19.71 -0.95
C GLY A 104 4.17 -18.74 -0.01
N THR A 105 3.84 -17.48 -0.07
CA THR A 105 4.49 -16.46 0.80
C THR A 105 3.43 -15.72 1.62
N LEU A 106 3.62 -15.66 2.91
CA LEU A 106 2.64 -14.96 3.78
C LEU A 106 3.01 -13.49 3.88
N LEU A 107 2.06 -12.61 3.69
CA LEU A 107 2.34 -11.15 3.77
C LEU A 107 1.72 -10.59 5.05
N ARG A 108 2.53 -10.00 5.88
CA ARG A 108 2.03 -9.42 7.17
C ARG A 108 2.11 -7.90 7.11
N LEU A 109 1.03 -7.24 7.43
CA LEU A 109 1.01 -5.74 7.41
C LEU A 109 0.57 -5.25 8.78
N THR A 110 1.39 -4.47 9.43
CA THR A 110 1.05 -3.92 10.78
C THR A 110 1.00 -2.40 10.73
N HIS A 111 -0.09 -1.82 11.15
CA HIS A 111 -0.23 -0.34 11.12
C HIS A 111 -0.46 0.15 12.55
N SER A 112 0.34 1.09 12.99
CA SER A 112 0.19 1.62 14.38
C SER A 112 0.28 3.14 14.37
N GLY A 113 -0.44 3.79 15.25
CA GLY A 113 -0.44 5.28 15.31
C GLY A 113 -1.75 5.80 14.71
N LEU A 114 -2.86 5.28 15.15
CA LEU A 114 -4.19 5.72 14.62
C LEU A 114 -4.97 6.42 15.75
N PRO A 115 -4.82 7.71 15.90
CA PRO A 115 -5.52 8.49 16.96
C PRO A 115 -7.00 8.72 16.63
N SER A 116 -7.43 8.33 15.45
CA SER A 116 -8.85 8.53 15.06
C SER A 116 -9.49 7.20 14.67
N ALA A 117 -10.66 6.93 15.18
CA ALA A 117 -11.38 5.66 14.89
C ALA A 117 -11.81 5.65 13.41
N GLU A 118 -12.19 6.78 12.89
CA GLU A 118 -12.63 6.84 11.47
C GLU A 118 -11.50 6.36 10.56
N GLN A 119 -10.30 6.73 10.85
CA GLN A 119 -9.14 6.29 10.02
C GLN A 119 -8.96 4.78 10.17
N CYS A 120 -9.22 4.26 11.34
CA CYS A 120 -9.06 2.79 11.56
C CYS A 120 -10.11 2.02 10.74
N ALA A 121 -11.33 2.48 10.77
CA ALA A 121 -12.39 1.78 9.98
C ALA A 121 -12.13 1.97 8.49
N GLY A 122 -11.75 3.15 8.09
CA GLY A 122 -11.46 3.42 6.65
C GLY A 122 -10.20 2.65 6.22
N HIS A 123 -9.20 2.66 7.06
CA HIS A 123 -7.94 1.93 6.71
C HIS A 123 -8.20 0.43 6.70
N GLU A 124 -8.92 -0.05 7.68
CA GLU A 124 -9.22 -1.51 7.74
C GLU A 124 -9.87 -1.96 6.44
N GLU A 125 -10.84 -1.20 5.98
CA GLU A 125 -11.53 -1.56 4.71
C GLU A 125 -10.59 -1.33 3.53
N GLY A 126 -9.81 -0.30 3.57
CA GLY A 126 -8.86 -0.01 2.45
C GLY A 126 -7.80 -1.10 2.34
N TRP A 127 -7.21 -1.45 3.45
CA TRP A 127 -6.15 -2.52 3.43
C TRP A 127 -6.79 -3.86 3.03
N ALA A 128 -7.96 -4.13 3.53
CA ALA A 128 -8.64 -5.42 3.19
C ALA A 128 -8.90 -5.50 1.68
N HIS A 129 -9.49 -4.46 1.14
CA HIS A 129 -9.77 -4.46 -0.33
C HIS A 129 -8.46 -4.35 -1.11
N TYR A 130 -7.57 -3.52 -0.65
CA TYR A 130 -6.26 -3.36 -1.35
C TYR A 130 -5.51 -4.70 -1.36
N LEU A 131 -5.40 -5.31 -0.22
CA LEU A 131 -4.69 -6.63 -0.13
C LEU A 131 -5.47 -7.68 -0.91
N GLY A 132 -6.78 -7.62 -0.84
CA GLY A 132 -7.61 -8.62 -1.57
C GLY A 132 -7.28 -8.61 -3.06
N ARG A 133 -7.18 -7.45 -3.65
CA ARG A 133 -6.86 -7.38 -5.10
C ARG A 133 -5.45 -7.91 -5.35
N LEU A 134 -4.52 -7.55 -4.50
CA LEU A 134 -3.11 -8.01 -4.69
C LEU A 134 -3.04 -9.54 -4.55
N THR A 135 -3.75 -10.08 -3.59
CA THR A 135 -3.73 -11.56 -3.40
C THR A 135 -4.29 -12.25 -4.65
N GLU A 136 -5.39 -11.79 -5.14
CA GLU A 136 -6.00 -12.41 -6.35
C GLU A 136 -5.09 -12.20 -7.57
N VAL A 137 -4.60 -11.00 -7.75
CA VAL A 137 -3.71 -10.72 -8.91
C VAL A 137 -2.39 -11.47 -8.74
N ALA A 138 -1.85 -11.47 -7.56
CA ALA A 138 -0.56 -12.19 -7.32
C ALA A 138 -0.80 -13.70 -7.33
N ALA A 139 -1.99 -14.10 -6.97
CA ALA A 139 -2.32 -15.56 -6.96
C ALA A 139 -3.03 -15.93 -8.25
N GLY A 140 -3.33 -14.96 -9.07
CA GLY A 140 -4.03 -15.25 -10.35
C GLY A 140 -3.81 -14.10 -11.34
N ARG A 141 -4.75 -13.90 -12.22
CA ARG A 141 -4.63 -12.81 -13.24
C ARG A 141 -6.03 -12.27 -13.54
N ASP A 142 -6.99 -12.58 -12.70
CA ASP A 142 -8.39 -12.09 -12.94
C ASP A 142 -8.84 -11.20 -11.76
N PRO A 143 -8.59 -9.91 -11.86
CA PRO A 143 -8.99 -8.94 -10.79
C PRO A 143 -10.49 -9.00 -10.49
N GLY A 144 -10.85 -8.79 -9.25
CA GLY A 144 -12.29 -8.85 -8.86
C GLY A 144 -13.06 -7.71 -9.53
N PRO A 145 -13.00 -6.52 -8.96
CA PRO A 145 -13.73 -5.33 -9.50
C PRO A 145 -13.23 -4.94 -10.90
N ASP A 146 -14.11 -4.41 -11.70
CA ASP A 146 -13.72 -3.99 -13.08
C ASP A 146 -14.72 -2.95 -13.58
N PRO A 147 -14.81 -1.82 -12.93
CA PRO A 147 -15.76 -0.73 -13.30
C PRO A 147 -15.32 0.00 -14.57
N PHE A 148 -14.53 1.03 -14.42
CA PHE A 148 -14.03 1.81 -15.59
C PHE A 148 -12.56 2.15 -15.37
N TYR A 149 -11.99 1.66 -14.30
CA TYR A 149 -10.55 1.93 -14.01
C TYR A 149 -10.22 3.40 -14.27
N GLY A 150 -10.25 4.20 -13.25
CA GLY A 150 -9.93 5.65 -13.40
C GLY A 150 -11.17 6.44 -13.83
N ARG A 151 -11.11 7.73 -13.70
CA ARG A 151 -12.26 8.58 -14.09
C ARG A 151 -12.21 8.84 -15.59
N ARG A 152 -11.08 8.58 -16.20
CA ARG A 152 -10.96 8.81 -17.66
C ARG A 152 -11.30 7.53 -18.43
N LEU A 153 -12.13 7.65 -19.43
CA LEU A 153 -12.54 6.46 -20.23
C LEU A 153 -11.31 5.89 -20.96
N GLU A 154 -10.47 6.75 -21.47
CA GLU A 154 -9.25 6.28 -22.21
C GLU A 154 -9.64 5.41 -23.39
N HIS A 155 -9.15 5.73 -24.56
CA HIS A 155 -9.47 4.94 -25.79
C HIS A 155 -8.20 4.70 -26.61
N HIS A 156 -8.22 3.70 -27.45
CA HIS A 156 -7.05 3.38 -28.30
C HIS A 156 -5.76 3.47 -27.47
N HIS A 157 -5.33 2.37 -26.93
CA HIS A 157 -4.09 2.36 -26.10
C HIS A 157 -2.88 2.35 -27.04
N HIS A 158 -3.07 2.71 -28.28
CA HIS A 158 -1.95 2.74 -29.26
C HIS A 158 -1.27 1.36 -29.31
N HIS A 159 -1.88 0.38 -28.70
CA HIS A 159 -1.30 -1.00 -28.71
C HIS A 159 0.16 -0.98 -28.25
N HIS A 160 1.07 -1.25 -29.14
CA HIS A 160 2.52 -1.27 -28.76
C HIS A 160 2.71 -1.99 -27.43
N MET A 1 -13.80 10.23 28.37
CA MET A 1 -12.40 10.69 28.19
C MET A 1 -11.46 9.51 28.44
N GLU A 2 -11.30 9.13 29.67
CA GLU A 2 -10.39 8.00 30.01
C GLU A 2 -11.01 6.66 29.59
N LYS A 3 -10.18 5.66 29.45
CA LYS A 3 -10.66 4.31 29.05
C LYS A 3 -11.36 4.35 27.69
N ALA A 4 -11.00 3.43 26.83
CA ALA A 4 -11.61 3.38 25.47
C ALA A 4 -11.20 4.60 24.65
N MET A 5 -11.45 4.54 23.36
CA MET A 5 -11.08 5.66 22.47
C MET A 5 -9.56 5.84 22.42
N PRO A 6 -8.84 4.78 22.16
CA PRO A 6 -7.35 4.82 22.10
C PRO A 6 -6.84 5.65 20.91
N GLU A 7 -5.78 6.37 21.10
CA GLU A 7 -5.21 7.22 20.00
C GLU A 7 -3.95 6.53 19.44
N SER A 8 -3.44 5.56 20.14
CA SER A 8 -2.21 4.84 19.66
C SER A 8 -2.61 3.44 19.18
N PHE A 9 -3.81 3.31 18.67
CA PHE A 9 -4.29 1.98 18.19
C PHE A 9 -3.47 1.55 16.98
N VAL A 10 -3.23 0.26 16.85
CA VAL A 10 -2.43 -0.27 15.70
C VAL A 10 -3.26 -1.29 14.94
N VAL A 11 -3.22 -1.23 13.64
CA VAL A 11 -3.99 -2.18 12.79
C VAL A 11 -3.04 -3.16 12.10
N ARG A 12 -3.36 -4.43 12.16
CA ARG A 12 -2.50 -5.47 11.51
C ARG A 12 -3.38 -6.37 10.64
N ARG A 13 -2.89 -6.73 9.48
CA ARG A 13 -3.67 -7.60 8.56
C ARG A 13 -2.76 -8.66 7.94
N GLU A 14 -3.33 -9.78 7.57
CA GLU A 14 -2.52 -10.87 6.95
C GLU A 14 -3.30 -11.50 5.79
N ALA A 15 -2.59 -12.01 4.82
CA ALA A 15 -3.28 -12.64 3.66
C ALA A 15 -2.30 -13.59 2.95
N HIS A 16 -2.82 -14.58 2.27
CA HIS A 16 -1.95 -15.56 1.55
C HIS A 16 -1.98 -15.26 0.05
N LEU A 17 -0.83 -15.22 -0.57
CA LEU A 17 -0.76 -14.92 -2.03
C LEU A 17 -0.22 -16.15 -2.77
N ALA A 18 -0.76 -16.40 -3.94
CA ALA A 18 -0.31 -17.57 -4.74
C ALA A 18 0.84 -17.14 -5.65
N ALA A 19 1.98 -16.85 -5.07
CA ALA A 19 3.15 -16.44 -5.89
C ALA A 19 4.36 -16.24 -4.95
N PRO A 20 5.56 -16.40 -5.46
CA PRO A 20 6.81 -16.23 -4.66
C PRO A 20 6.97 -14.80 -4.12
N PRO A 21 7.82 -14.62 -3.14
CA PRO A 21 8.07 -13.28 -2.53
C PRO A 21 8.69 -12.32 -3.54
N ALA A 22 9.44 -12.83 -4.49
CA ALA A 22 10.07 -11.96 -5.51
C ALA A 22 8.97 -11.28 -6.34
N ALA A 23 7.96 -12.02 -6.67
CA ALA A 23 6.84 -11.44 -7.48
C ALA A 23 6.13 -10.35 -6.65
N VAL A 24 5.99 -10.59 -5.38
CA VAL A 24 5.31 -9.60 -4.49
C VAL A 24 6.16 -8.33 -4.43
N PHE A 25 7.45 -8.48 -4.30
CA PHE A 25 8.35 -7.29 -4.25
C PHE A 25 8.24 -6.51 -5.56
N ALA A 26 8.20 -7.21 -6.66
CA ALA A 26 8.10 -6.53 -7.99
C ALA A 26 6.82 -5.70 -8.04
N LEU A 27 5.76 -6.22 -7.46
CA LEU A 27 4.47 -5.46 -7.47
C LEU A 27 4.65 -4.16 -6.68
N MET A 28 5.34 -4.22 -5.59
CA MET A 28 5.57 -3.00 -4.77
C MET A 28 6.81 -2.27 -5.27
N THR A 29 7.49 -2.85 -6.24
CA THR A 29 8.72 -2.20 -6.79
C THR A 29 8.56 -2.05 -8.30
N ASP A 30 7.56 -1.32 -8.71
CA ASP A 30 7.33 -1.07 -10.15
C ASP A 30 6.14 -0.11 -10.31
N PRO A 31 6.27 0.98 -11.03
CA PRO A 31 5.17 1.97 -11.21
C PRO A 31 4.10 1.48 -12.20
N GLU A 32 4.51 0.78 -13.21
CA GLU A 32 3.53 0.27 -14.23
C GLU A 32 2.72 -0.88 -13.63
N LYS A 33 3.34 -1.76 -12.91
CA LYS A 33 2.61 -2.92 -12.32
C LYS A 33 1.61 -2.42 -11.27
N ILE A 34 2.00 -1.45 -10.50
CA ILE A 34 1.08 -0.91 -9.45
C ILE A 34 -0.14 -0.26 -10.11
N LEU A 35 0.08 0.47 -11.17
CA LEU A 35 -1.05 1.16 -11.87
C LEU A 35 -1.88 0.12 -12.63
N ARG A 36 -1.44 -1.10 -12.66
CA ARG A 36 -2.21 -2.16 -13.38
C ARG A 36 -3.40 -2.60 -12.52
N TRP A 37 -3.34 -2.34 -11.24
CA TRP A 37 -4.45 -2.74 -10.34
C TRP A 37 -4.59 -1.71 -9.22
N MET A 38 -3.90 -0.61 -9.34
CA MET A 38 -3.98 0.44 -8.29
C MET A 38 -3.49 1.79 -8.85
N GLY A 39 -4.41 2.63 -9.21
CA GLY A 39 -4.04 3.97 -9.77
C GLY A 39 -3.99 3.94 -11.29
N THR A 40 -4.12 5.08 -11.91
CA THR A 40 -4.08 5.18 -13.40
C THR A 40 -2.78 5.87 -13.81
N GLU A 41 -2.18 6.62 -12.92
CA GLU A 41 -0.89 7.30 -13.24
C GLU A 41 -0.12 7.59 -11.96
N ALA A 42 1.12 7.17 -11.91
CA ALA A 42 1.95 7.41 -10.70
C ALA A 42 3.41 7.08 -11.01
N GLU A 43 4.33 7.73 -10.35
CA GLU A 43 5.78 7.45 -10.59
C GLU A 43 6.53 7.49 -9.26
N VAL A 44 7.27 6.46 -8.99
CA VAL A 44 8.04 6.39 -7.72
C VAL A 44 9.30 7.27 -7.86
N GLU A 45 10.29 6.80 -8.55
CA GLU A 45 11.54 7.57 -8.73
C GLU A 45 12.09 8.00 -7.36
N PRO A 46 12.56 7.05 -6.59
CA PRO A 46 13.13 7.34 -5.24
C PRO A 46 14.43 8.13 -5.36
N GLU A 47 14.83 8.42 -6.56
CA GLU A 47 16.07 9.20 -6.79
C GLU A 47 16.27 9.43 -8.30
N PRO A 48 16.10 8.39 -9.09
CA PRO A 48 16.27 8.48 -10.56
C PRO A 48 15.26 9.42 -11.22
N GLY A 49 15.74 10.29 -12.08
CA GLY A 49 14.84 11.24 -12.80
C GLY A 49 13.70 11.70 -11.88
N GLY A 50 13.90 12.80 -11.19
CA GLY A 50 12.84 13.30 -10.28
C GLY A 50 11.80 14.10 -11.06
N LEU A 51 10.85 13.42 -11.63
CA LEU A 51 9.79 14.10 -12.43
C LEU A 51 8.56 14.36 -11.56
N TYR A 52 7.51 14.84 -12.16
CA TYR A 52 6.25 15.11 -11.41
C TYR A 52 5.57 13.79 -11.02
N LEU A 53 5.16 13.70 -9.80
CA LEU A 53 4.49 12.46 -9.31
C LEU A 53 2.97 12.63 -9.40
N VAL A 54 2.27 11.53 -9.50
CA VAL A 54 0.77 11.58 -9.59
C VAL A 54 0.17 10.60 -8.59
N ASN A 55 -1.09 10.77 -8.30
CA ASN A 55 -1.80 9.87 -7.33
C ASN A 55 -1.07 9.85 -5.98
N VAL A 56 -1.55 9.03 -5.08
CA VAL A 56 -0.92 8.92 -3.73
C VAL A 56 -1.02 10.26 -3.00
N THR A 57 -1.59 10.25 -1.82
CA THR A 57 -1.75 11.50 -1.02
C THR A 57 -0.69 11.56 0.08
N GLY A 58 -0.66 12.64 0.82
CA GLY A 58 0.33 12.78 1.92
C GLY A 58 1.54 13.57 1.41
N ALA A 59 1.67 13.68 0.11
CA ALA A 59 2.83 14.45 -0.44
C ALA A 59 2.66 14.63 -1.95
N ARG A 60 2.79 15.84 -2.43
CA ARG A 60 2.64 16.12 -3.90
C ARG A 60 3.95 16.69 -4.45
N PHE A 61 4.63 17.49 -3.69
CA PHE A 61 5.92 18.08 -4.18
C PHE A 61 6.91 16.95 -4.46
N ALA A 62 7.03 16.01 -3.55
CA ALA A 62 7.97 14.88 -3.75
C ALA A 62 7.64 13.76 -2.75
N ARG A 63 8.48 12.75 -2.71
CA ARG A 63 8.27 11.62 -1.76
C ARG A 63 9.26 11.75 -0.59
N GLY A 64 10.08 12.77 -0.62
CA GLY A 64 11.06 12.97 0.48
C GLY A 64 12.12 11.87 0.46
N SER A 65 12.31 11.21 1.56
CA SER A 65 13.34 10.12 1.63
C SER A 65 12.76 8.90 2.33
N PHE A 66 13.10 7.73 1.85
CA PHE A 66 12.57 6.47 2.46
C PHE A 66 13.25 6.20 3.80
N ARG A 67 12.54 5.61 4.71
CA ARG A 67 13.11 5.29 6.05
C ARG A 67 14.09 4.13 5.92
N GLU A 68 13.57 2.93 5.76
CA GLU A 68 14.46 1.74 5.64
C GLU A 68 13.93 0.84 4.54
N VAL A 69 14.81 0.35 3.70
CA VAL A 69 14.38 -0.54 2.57
C VAL A 69 15.17 -1.84 2.60
N VAL A 70 14.49 -2.95 2.50
CA VAL A 70 15.17 -4.27 2.47
C VAL A 70 14.62 -5.07 1.26
N PRO A 71 15.38 -5.21 0.20
CA PRO A 71 14.92 -5.94 -1.02
C PRO A 71 14.29 -7.30 -0.70
N VAL A 72 13.17 -7.57 -1.33
CA VAL A 72 12.44 -8.85 -1.12
C VAL A 72 12.62 -9.37 0.31
N HIS A 73 12.16 -8.60 1.27
CA HIS A 73 12.30 -9.02 2.68
C HIS A 73 11.38 -8.17 3.56
N ARG A 74 11.73 -6.92 3.76
CA ARG A 74 10.89 -6.02 4.61
C ARG A 74 10.98 -4.59 4.09
N LEU A 75 9.88 -3.87 4.17
CA LEU A 75 9.87 -2.45 3.69
C LEU A 75 9.24 -1.56 4.76
N ALA A 76 9.84 -0.41 4.99
CA ALA A 76 9.29 0.54 6.00
C ALA A 76 9.23 1.94 5.42
N TYR A 77 8.04 2.45 5.24
CA TYR A 77 7.88 3.82 4.67
C TYR A 77 6.42 4.27 4.82
N SER A 78 6.13 5.48 4.42
CA SER A 78 4.75 6.00 4.51
C SER A 78 3.94 5.61 3.28
N PHE A 79 2.64 5.56 3.43
CA PHE A 79 1.76 5.20 2.28
C PHE A 79 0.36 5.76 2.53
N GLY A 80 0.04 6.85 1.89
CA GLY A 80 -1.29 7.48 2.09
C GLY A 80 -2.33 6.82 1.18
N TRP A 81 -3.51 7.39 1.13
CA TRP A 81 -4.59 6.82 0.27
C TRP A 81 -4.57 7.45 -1.12
N ASP A 82 -4.98 6.71 -2.11
CA ASP A 82 -4.98 7.23 -3.52
C ASP A 82 -6.01 8.36 -3.65
N GLY A 83 -7.01 8.35 -2.82
CA GLY A 83 -8.06 9.41 -2.90
C GLY A 83 -7.45 10.80 -2.67
N SER A 84 -7.98 11.55 -1.74
CA SER A 84 -7.46 12.92 -1.47
C SER A 84 -7.42 13.16 0.06
N GLU A 85 -7.65 12.13 0.83
CA GLU A 85 -7.64 12.29 2.31
C GLU A 85 -6.26 12.77 2.79
N VAL A 86 -6.26 13.67 3.72
CA VAL A 86 -4.98 14.22 4.25
C VAL A 86 -4.36 13.25 5.26
N VAL A 87 -3.16 12.81 5.00
CA VAL A 87 -2.47 11.86 5.92
C VAL A 87 -0.95 11.99 5.72
N PRO A 88 -0.33 12.93 6.40
CA PRO A 88 1.14 13.17 6.29
C PRO A 88 1.96 11.89 6.56
N PRO A 89 3.17 11.81 6.06
CA PRO A 89 4.05 10.63 6.26
C PRO A 89 4.49 10.50 7.71
N GLY A 90 4.46 11.58 8.45
CA GLY A 90 4.87 11.55 9.87
C GLY A 90 3.64 11.28 10.75
N SER A 91 2.48 11.58 10.26
CA SER A 91 1.24 11.35 11.04
C SER A 91 0.99 9.85 11.17
N SER A 92 1.33 9.10 10.16
CA SER A 92 1.11 7.62 10.22
C SER A 92 2.30 6.91 9.60
N LEU A 93 2.60 5.73 10.08
CA LEU A 93 3.74 4.95 9.53
C LEU A 93 3.24 3.57 9.08
N VAL A 94 3.58 3.19 7.87
CA VAL A 94 3.15 1.86 7.35
C VAL A 94 4.36 0.98 7.12
N GLU A 95 4.31 -0.23 7.57
CA GLU A 95 5.46 -1.18 7.40
C GLU A 95 4.94 -2.51 6.85
N ILE A 96 5.71 -3.13 5.98
CA ILE A 96 5.31 -4.43 5.38
C ILE A 96 6.41 -5.46 5.60
N ASP A 97 6.03 -6.63 6.06
CA ASP A 97 7.02 -7.71 6.32
C ASP A 97 6.68 -8.94 5.47
N LEU A 98 7.64 -9.43 4.73
CA LEU A 98 7.40 -10.63 3.87
C LEU A 98 7.94 -11.87 4.56
N ILE A 99 7.11 -12.86 4.75
CA ILE A 99 7.55 -14.11 5.43
C ILE A 99 7.18 -15.32 4.57
N GLU A 100 8.13 -16.17 4.32
CA GLU A 100 7.87 -17.37 3.48
C GLU A 100 7.22 -18.46 4.33
N GLN A 101 6.18 -19.05 3.81
CA GLN A 101 5.47 -20.14 4.56
C GLN A 101 4.94 -21.16 3.56
N GLY A 102 5.53 -22.33 3.56
CA GLY A 102 5.10 -23.42 2.63
C GLY A 102 4.69 -22.87 1.27
N GLY A 103 3.56 -23.29 0.79
CA GLY A 103 3.08 -22.83 -0.53
C GLY A 103 2.63 -21.37 -0.46
N GLY A 104 2.93 -20.60 -1.46
CA GLY A 104 2.51 -19.18 -1.49
C GLY A 104 3.40 -18.35 -0.56
N THR A 105 3.12 -17.08 -0.47
CA THR A 105 3.92 -16.17 0.40
C THR A 105 2.99 -15.43 1.35
N LEU A 106 3.31 -15.42 2.62
CA LEU A 106 2.45 -14.73 3.61
C LEU A 106 2.82 -13.25 3.65
N LEU A 107 1.83 -12.40 3.52
CA LEU A 107 2.10 -10.93 3.55
C LEU A 107 1.48 -10.32 4.80
N ARG A 108 2.28 -9.59 5.55
CA ARG A 108 1.79 -8.95 6.79
C ARG A 108 1.81 -7.43 6.62
N LEU A 109 0.73 -6.79 6.96
CA LEU A 109 0.65 -5.31 6.81
C LEU A 109 0.50 -4.67 8.18
N THR A 110 1.34 -3.71 8.49
CA THR A 110 1.28 -3.03 9.82
C THR A 110 1.05 -1.53 9.62
N HIS A 111 0.08 -0.99 10.31
CA HIS A 111 -0.22 0.46 10.19
C HIS A 111 -0.40 1.05 11.59
N SER A 112 0.28 2.13 11.87
CA SER A 112 0.17 2.77 13.22
C SER A 112 0.12 4.29 13.08
N GLY A 113 -0.46 4.93 14.05
CA GLY A 113 -0.57 6.42 14.01
C GLY A 113 -1.88 6.81 13.31
N LEU A 114 -2.98 6.35 13.82
CA LEU A 114 -4.29 6.68 13.20
C LEU A 114 -4.82 8.02 13.76
N PRO A 115 -4.96 9.03 12.92
CA PRO A 115 -5.46 10.37 13.36
C PRO A 115 -6.75 10.25 14.18
N SER A 116 -7.58 9.30 13.84
CA SER A 116 -8.87 9.13 14.58
C SER A 116 -9.29 7.66 14.54
N ALA A 117 -10.06 7.24 15.50
CA ALA A 117 -10.54 5.83 15.54
C ALA A 117 -11.41 5.54 14.31
N GLU A 118 -12.13 6.52 13.85
CA GLU A 118 -13.01 6.30 12.66
C GLU A 118 -12.19 5.74 11.51
N GLN A 119 -11.01 6.24 11.31
CA GLN A 119 -10.15 5.73 10.21
C GLN A 119 -9.75 4.28 10.49
N CYS A 120 -9.63 3.92 11.75
CA CYS A 120 -9.24 2.53 12.10
C CYS A 120 -10.28 1.54 11.55
N ALA A 121 -11.53 1.81 11.79
CA ALA A 121 -12.59 0.89 11.31
C ALA A 121 -12.62 0.89 9.76
N GLY A 122 -12.54 2.05 9.18
CA GLY A 122 -12.56 2.15 7.69
C GLY A 122 -11.31 1.48 7.12
N HIS A 123 -10.20 1.61 7.79
CA HIS A 123 -8.94 1.00 7.28
C HIS A 123 -9.07 -0.53 7.27
N GLU A 124 -9.60 -1.09 8.33
CA GLU A 124 -9.76 -2.57 8.38
C GLU A 124 -10.58 -3.04 7.16
N GLU A 125 -11.67 -2.39 6.89
CA GLU A 125 -12.51 -2.78 5.74
C GLU A 125 -11.76 -2.46 4.43
N GLY A 126 -11.05 -1.37 4.41
CA GLY A 126 -10.30 -0.99 3.18
C GLY A 126 -9.17 -1.99 2.92
N TRP A 127 -8.39 -2.29 3.92
CA TRP A 127 -7.26 -3.25 3.74
C TRP A 127 -7.80 -4.62 3.36
N ALA A 128 -8.90 -5.02 3.92
CA ALA A 128 -9.47 -6.36 3.60
C ALA A 128 -9.74 -6.46 2.09
N HIS A 129 -10.40 -5.48 1.55
CA HIS A 129 -10.70 -5.51 0.08
C HIS A 129 -9.41 -5.32 -0.72
N TYR A 130 -8.58 -4.41 -0.31
CA TYR A 130 -7.30 -4.15 -1.06
C TYR A 130 -6.44 -5.42 -1.03
N LEU A 131 -6.33 -6.04 0.10
CA LEU A 131 -5.50 -7.28 0.21
C LEU A 131 -6.09 -8.37 -0.69
N GLY A 132 -7.37 -8.48 -0.72
CA GLY A 132 -8.02 -9.52 -1.57
C GLY A 132 -7.70 -9.25 -3.05
N ARG A 133 -7.73 -8.01 -3.45
CA ARG A 133 -7.44 -7.67 -4.87
C ARG A 133 -5.96 -7.97 -5.17
N LEU A 134 -5.10 -7.70 -4.24
CA LEU A 134 -3.65 -7.96 -4.47
C LEU A 134 -3.43 -9.45 -4.75
N THR A 135 -4.10 -10.29 -4.03
CA THR A 135 -3.93 -11.76 -4.24
C THR A 135 -4.33 -12.12 -5.67
N GLU A 136 -5.41 -11.56 -6.14
CA GLU A 136 -5.87 -11.86 -7.53
C GLU A 136 -4.77 -11.51 -8.53
N VAL A 137 -4.16 -10.37 -8.38
CA VAL A 137 -3.08 -9.94 -9.30
C VAL A 137 -1.87 -10.86 -9.15
N ALA A 138 -1.52 -11.18 -7.94
CA ALA A 138 -0.33 -12.05 -7.70
C ALA A 138 -0.55 -13.44 -8.32
N ALA A 139 -1.77 -13.91 -8.29
CA ALA A 139 -2.06 -15.25 -8.88
C ALA A 139 -2.17 -15.14 -10.40
N GLY A 140 -2.09 -13.94 -10.91
CA GLY A 140 -2.16 -13.74 -12.39
C GLY A 140 -3.59 -13.93 -12.90
N ARG A 141 -4.15 -12.91 -13.49
CA ARG A 141 -5.54 -13.02 -14.03
C ARG A 141 -5.89 -11.77 -14.87
N ASP A 142 -7.04 -11.20 -14.61
CA ASP A 142 -7.48 -10.00 -15.36
C ASP A 142 -8.34 -9.13 -14.43
N PRO A 143 -7.72 -8.36 -13.56
CA PRO A 143 -8.45 -7.48 -12.61
C PRO A 143 -9.48 -6.60 -13.30
N GLY A 144 -10.09 -5.71 -12.56
CA GLY A 144 -11.12 -4.81 -13.13
C GLY A 144 -10.62 -4.18 -14.43
N PRO A 145 -11.45 -3.38 -15.05
CA PRO A 145 -11.09 -2.70 -16.34
C PRO A 145 -9.79 -1.90 -16.21
N ASP A 146 -9.62 -1.24 -15.10
CA ASP A 146 -8.38 -0.43 -14.89
C ASP A 146 -8.51 0.37 -13.58
N PRO A 147 -9.63 1.03 -13.38
CA PRO A 147 -9.86 1.87 -12.18
C PRO A 147 -10.37 1.05 -10.98
N PHE A 148 -10.56 1.70 -9.87
CA PHE A 148 -11.05 1.00 -8.65
C PHE A 148 -12.52 0.62 -8.81
N TYR A 149 -12.88 -0.53 -8.29
CA TYR A 149 -14.28 -1.01 -8.37
C TYR A 149 -14.80 -0.91 -9.81
N GLY A 150 -14.77 -2.00 -10.53
CA GLY A 150 -15.26 -2.01 -11.94
C GLY A 150 -16.72 -2.45 -11.96
N ARG A 151 -17.24 -2.89 -10.85
CA ARG A 151 -18.67 -3.35 -10.81
C ARG A 151 -19.60 -2.17 -11.09
N ARG A 152 -19.31 -1.04 -10.52
CA ARG A 152 -20.16 0.17 -10.77
C ARG A 152 -19.47 1.41 -10.22
N LEU A 153 -19.57 2.50 -10.94
CA LEU A 153 -18.92 3.77 -10.49
C LEU A 153 -19.75 4.43 -9.40
N GLU A 154 -19.09 5.05 -8.46
CA GLU A 154 -19.80 5.74 -7.34
C GLU A 154 -19.57 7.26 -7.46
N HIS A 155 -20.63 8.01 -7.43
CA HIS A 155 -20.53 9.49 -7.53
C HIS A 155 -20.25 10.07 -6.15
N HIS A 156 -19.71 9.28 -5.27
CA HIS A 156 -19.40 9.77 -3.89
C HIS A 156 -18.41 10.93 -3.97
N HIS A 157 -17.39 10.80 -4.78
CA HIS A 157 -16.39 11.90 -4.91
C HIS A 157 -15.91 11.95 -6.38
N HIS A 158 -16.54 11.19 -7.23
CA HIS A 158 -16.14 11.17 -8.66
C HIS A 158 -16.86 12.30 -9.42
N HIS A 159 -16.10 13.10 -10.13
CA HIS A 159 -16.70 14.22 -10.90
C HIS A 159 -16.03 14.36 -12.26
N HIS A 160 -16.82 14.50 -13.29
CA HIS A 160 -16.28 14.65 -14.67
C HIS A 160 -15.12 13.68 -14.89
N MET A 1 2.32 -9.31 23.03
CA MET A 1 1.45 -8.74 24.10
C MET A 1 2.04 -7.41 24.55
N GLU A 2 3.34 -7.29 24.48
CA GLU A 2 4.00 -6.02 24.91
C GLU A 2 3.66 -4.90 23.94
N LYS A 3 3.34 -3.74 24.47
CA LYS A 3 3.00 -2.59 23.60
C LYS A 3 4.23 -2.15 22.81
N ALA A 4 5.10 -1.39 23.43
CA ALA A 4 6.32 -0.89 22.74
C ALA A 4 5.95 -0.45 21.33
N MET A 5 4.71 -0.10 21.13
CA MET A 5 4.25 0.33 19.79
C MET A 5 4.60 1.82 19.58
N PRO A 6 4.90 2.22 18.37
CA PRO A 6 5.24 3.65 18.07
C PRO A 6 4.35 4.63 18.83
N GLU A 7 3.10 4.69 18.47
CA GLU A 7 2.17 5.63 19.17
C GLU A 7 0.75 5.41 18.64
N SER A 8 -0.21 5.39 19.55
CA SER A 8 -1.65 5.21 19.16
C SER A 8 -1.94 3.74 18.81
N PHE A 9 -3.09 3.50 18.22
CA PHE A 9 -3.48 2.11 17.85
C PHE A 9 -2.70 1.64 16.62
N VAL A 10 -2.44 0.36 16.54
CA VAL A 10 -1.69 -0.20 15.38
C VAL A 10 -2.55 -1.28 14.72
N VAL A 11 -2.60 -1.29 13.41
CA VAL A 11 -3.43 -2.31 12.70
C VAL A 11 -2.51 -3.35 12.05
N ARG A 12 -2.81 -4.60 12.25
CA ARG A 12 -1.99 -5.70 11.66
C ARG A 12 -2.87 -6.57 10.77
N ARG A 13 -2.35 -6.96 9.64
CA ARG A 13 -3.14 -7.81 8.69
C ARG A 13 -2.25 -8.90 8.12
N GLU A 14 -2.84 -9.99 7.70
CA GLU A 14 -2.06 -11.12 7.13
C GLU A 14 -2.76 -11.63 5.87
N ALA A 15 -2.01 -12.05 4.89
CA ALA A 15 -2.62 -12.56 3.63
C ALA A 15 -1.70 -13.59 2.99
N HIS A 16 -2.27 -14.52 2.26
CA HIS A 16 -1.44 -15.58 1.60
C HIS A 16 -1.39 -15.31 0.09
N LEU A 17 -0.21 -15.18 -0.45
CA LEU A 17 -0.05 -14.91 -1.91
C LEU A 17 0.59 -16.12 -2.58
N ALA A 18 -0.03 -16.60 -3.62
CA ALA A 18 0.53 -17.79 -4.34
C ALA A 18 1.54 -17.33 -5.38
N ALA A 19 2.71 -16.96 -4.95
CA ALA A 19 3.77 -16.53 -5.90
C ALA A 19 5.04 -16.16 -5.13
N PRO A 20 6.19 -16.35 -5.71
CA PRO A 20 7.49 -16.02 -5.05
C PRO A 20 7.45 -14.69 -4.29
N PRO A 21 8.32 -14.51 -3.31
CA PRO A 21 8.39 -13.25 -2.51
C PRO A 21 8.84 -12.06 -3.36
N ALA A 22 9.69 -12.32 -4.32
CA ALA A 22 10.20 -11.22 -5.19
C ALA A 22 9.06 -10.72 -6.10
N ALA A 23 8.23 -11.61 -6.55
CA ALA A 23 7.11 -11.21 -7.45
C ALA A 23 6.25 -10.15 -6.75
N VAL A 24 5.87 -10.40 -5.53
CA VAL A 24 5.03 -9.42 -4.78
C VAL A 24 5.84 -8.13 -4.53
N PHE A 25 7.06 -8.27 -4.14
CA PHE A 25 7.92 -7.08 -3.88
C PHE A 25 8.07 -6.27 -5.17
N ALA A 26 8.29 -6.93 -6.26
CA ALA A 26 8.45 -6.21 -7.56
C ALA A 26 7.21 -5.35 -7.85
N LEU A 27 6.05 -5.88 -7.58
CA LEU A 27 4.80 -5.10 -7.83
C LEU A 27 4.79 -3.85 -6.94
N MET A 28 5.16 -3.99 -5.70
CA MET A 28 5.16 -2.81 -4.79
C MET A 28 6.27 -1.85 -5.20
N THR A 29 7.41 -2.37 -5.60
CA THR A 29 8.54 -1.49 -6.02
C THR A 29 8.40 -1.16 -7.51
N ASP A 30 7.27 -0.65 -7.89
CA ASP A 30 7.05 -0.30 -9.32
C ASP A 30 5.71 0.44 -9.43
N PRO A 31 5.70 1.74 -9.30
CA PRO A 31 4.46 2.57 -9.38
C PRO A 31 3.63 2.29 -10.64
N GLU A 32 4.28 2.05 -11.74
CA GLU A 32 3.55 1.79 -13.01
C GLU A 32 2.75 0.48 -12.92
N LYS A 33 3.34 -0.57 -12.43
CA LYS A 33 2.61 -1.87 -12.31
C LYS A 33 1.46 -1.73 -11.30
N ILE A 34 1.69 -1.01 -10.24
CA ILE A 34 0.63 -0.83 -9.20
C ILE A 34 -0.63 -0.22 -9.83
N LEU A 35 -0.49 0.48 -10.93
CA LEU A 35 -1.69 1.10 -11.57
C LEU A 35 -2.63 0.00 -12.08
N ARG A 36 -2.14 -1.19 -12.26
CA ARG A 36 -3.01 -2.29 -12.74
C ARG A 36 -4.11 -2.58 -11.72
N TRP A 37 -3.78 -2.50 -10.45
CA TRP A 37 -4.79 -2.77 -9.38
C TRP A 37 -4.89 -1.56 -8.45
N MET A 38 -5.07 -0.41 -9.02
CA MET A 38 -5.18 0.83 -8.20
C MET A 38 -5.90 1.90 -9.00
N GLY A 39 -5.24 2.48 -9.97
CA GLY A 39 -5.89 3.53 -10.80
C GLY A 39 -4.95 3.98 -11.93
N THR A 40 -4.92 5.26 -12.19
CA THR A 40 -4.03 5.81 -13.26
C THR A 40 -3.01 6.74 -12.62
N GLU A 41 -2.97 6.76 -11.31
CA GLU A 41 -2.01 7.64 -10.58
C GLU A 41 -1.48 6.89 -9.36
N ALA A 42 -0.27 7.14 -8.98
CA ALA A 42 0.30 6.43 -7.79
C ALA A 42 1.40 7.28 -7.17
N GLU A 43 1.37 7.44 -5.87
CA GLU A 43 2.42 8.25 -5.17
C GLU A 43 3.36 7.30 -4.42
N VAL A 44 4.61 7.35 -4.75
CA VAL A 44 5.62 6.47 -4.10
C VAL A 44 6.88 7.30 -3.85
N GLU A 45 6.87 8.54 -4.27
CA GLU A 45 8.07 9.40 -4.07
C GLU A 45 8.06 9.95 -2.63
N PRO A 46 9.22 10.20 -2.07
CA PRO A 46 9.34 10.74 -0.69
C PRO A 46 8.90 12.22 -0.62
N GLU A 47 9.79 13.11 -0.92
CA GLU A 47 9.47 14.56 -0.89
C GLU A 47 10.44 15.30 -1.82
N PRO A 48 11.72 15.28 -1.52
CA PRO A 48 12.75 15.96 -2.34
C PRO A 48 12.39 16.01 -3.83
N GLY A 49 11.82 17.11 -4.26
CA GLY A 49 11.43 17.24 -5.69
C GLY A 49 10.58 16.05 -6.11
N GLY A 50 9.75 15.57 -5.23
CA GLY A 50 8.90 14.41 -5.58
C GLY A 50 7.72 14.31 -4.59
N LEU A 51 6.58 14.81 -4.98
CA LEU A 51 5.40 14.76 -4.08
C LEU A 51 4.12 14.87 -4.93
N TYR A 52 3.99 15.93 -5.68
CA TYR A 52 2.80 16.11 -6.53
C TYR A 52 2.94 15.26 -7.80
N LEU A 53 3.99 14.49 -7.88
CA LEU A 53 4.21 13.63 -9.07
C LEU A 53 3.60 12.25 -8.85
N VAL A 54 2.85 11.78 -9.82
CA VAL A 54 2.21 10.43 -9.70
C VAL A 54 2.36 9.69 -11.01
N ASN A 55 2.20 8.39 -10.99
CA ASN A 55 2.33 7.57 -12.23
C ASN A 55 3.79 7.55 -12.69
N VAL A 56 4.38 8.70 -12.83
CA VAL A 56 5.81 8.81 -13.27
C VAL A 56 6.17 7.70 -14.27
N THR A 57 7.43 7.37 -14.37
CA THR A 57 7.85 6.31 -15.32
C THR A 57 9.29 5.90 -15.03
N GLY A 58 10.12 5.88 -16.04
CA GLY A 58 11.54 5.49 -15.86
C GLY A 58 12.34 6.59 -15.17
N ALA A 59 13.52 6.27 -14.70
CA ALA A 59 14.37 7.28 -14.01
C ALA A 59 13.60 7.86 -12.82
N ARG A 60 12.57 7.19 -12.40
CA ARG A 60 11.75 7.68 -11.25
C ARG A 60 12.58 7.71 -9.96
N PHE A 61 12.24 8.60 -9.06
CA PHE A 61 13.00 8.70 -7.78
C PHE A 61 12.35 7.82 -6.71
N ALA A 62 13.12 6.96 -6.10
CA ALA A 62 12.58 6.06 -5.04
C ALA A 62 13.59 6.03 -3.88
N ARG A 63 14.34 7.09 -3.73
CA ARG A 63 15.36 7.15 -2.63
C ARG A 63 15.36 8.53 -1.99
N GLY A 64 15.58 8.59 -0.70
CA GLY A 64 15.60 9.91 -0.01
C GLY A 64 15.27 9.72 1.48
N SER A 65 14.12 10.17 1.90
CA SER A 65 13.73 10.01 3.33
C SER A 65 13.04 8.65 3.52
N PHE A 66 13.50 7.66 2.82
CA PHE A 66 12.88 6.31 2.94
C PHE A 66 13.07 5.75 4.35
N ARG A 67 12.04 5.20 4.92
CA ARG A 67 12.13 4.63 6.29
C ARG A 67 13.11 3.46 6.28
N GLU A 68 12.77 2.41 5.57
CA GLU A 68 13.69 1.24 5.51
C GLU A 68 13.37 0.41 4.28
N VAL A 69 14.38 -0.05 3.57
CA VAL A 69 14.14 -0.87 2.35
C VAL A 69 14.90 -2.19 2.47
N VAL A 70 14.20 -3.28 2.35
CA VAL A 70 14.85 -4.62 2.43
C VAL A 70 14.09 -5.59 1.51
N PRO A 71 14.55 -5.75 0.29
CA PRO A 71 13.90 -6.66 -0.71
C PRO A 71 13.68 -8.08 -0.16
N VAL A 72 12.62 -8.72 -0.64
CA VAL A 72 12.27 -10.10 -0.19
C VAL A 72 12.59 -10.28 1.30
N HIS A 73 12.17 -9.33 2.09
CA HIS A 73 12.41 -9.39 3.57
C HIS A 73 11.50 -8.39 4.28
N ARG A 74 11.84 -7.12 4.20
CA ARG A 74 11.00 -6.07 4.87
C ARG A 74 10.95 -4.80 4.04
N LEU A 75 9.87 -4.07 4.15
CA LEU A 75 9.74 -2.79 3.37
C LEU A 75 8.93 -1.79 4.21
N ALA A 76 9.39 -0.57 4.29
CA ALA A 76 8.66 0.47 5.08
C ALA A 76 8.80 1.83 4.39
N TYR A 77 7.72 2.55 4.25
CA TYR A 77 7.76 3.88 3.59
C TYR A 77 6.84 4.85 4.32
N SER A 78 7.01 6.13 4.07
CA SER A 78 6.16 7.14 4.74
C SER A 78 6.06 8.40 3.87
N PHE A 79 5.06 9.20 4.10
CA PHE A 79 4.88 10.44 3.29
C PHE A 79 4.01 11.44 4.07
N GLY A 80 3.30 12.28 3.38
CA GLY A 80 2.41 13.27 4.07
C GLY A 80 2.05 14.39 3.09
N TRP A 81 0.78 14.56 2.84
CA TRP A 81 0.34 15.64 1.91
C TRP A 81 0.59 17.01 2.54
N ASP A 82 -0.37 17.52 3.25
CA ASP A 82 -0.22 18.85 3.88
C ASP A 82 0.90 18.81 4.92
N GLY A 83 1.68 19.86 4.98
CA GLY A 83 2.79 19.92 5.97
C GLY A 83 2.25 19.79 7.39
N SER A 84 2.17 18.59 7.89
CA SER A 84 1.66 18.39 9.28
C SER A 84 2.23 17.09 9.84
N GLU A 85 3.26 17.20 10.64
CA GLU A 85 3.91 16.01 11.26
C GLU A 85 3.97 14.85 10.25
N VAL A 86 2.95 14.03 10.23
CA VAL A 86 2.94 12.88 9.29
C VAL A 86 1.50 12.41 9.07
N VAL A 87 1.01 12.55 7.88
CA VAL A 87 -0.39 12.10 7.58
C VAL A 87 -0.51 11.75 6.10
N PRO A 88 0.03 10.64 5.70
CA PRO A 88 -0.04 10.16 4.28
C PRO A 88 -1.48 9.85 3.86
N PRO A 89 -1.67 9.29 2.68
CA PRO A 89 -3.02 8.93 2.17
C PRO A 89 -3.76 8.00 3.15
N GLY A 90 -3.02 7.13 3.80
CA GLY A 90 -3.65 6.20 4.78
C GLY A 90 -3.64 6.85 6.16
N SER A 91 -2.90 7.92 6.29
CA SER A 91 -2.82 8.64 7.61
C SER A 91 -2.07 7.79 8.64
N SER A 92 -1.10 7.04 8.20
CA SER A 92 -0.32 6.19 9.15
C SER A 92 1.05 5.84 8.54
N LEU A 93 1.78 4.98 9.19
CA LEU A 93 3.13 4.58 8.67
C LEU A 93 3.01 3.21 7.99
N VAL A 94 3.55 3.11 6.80
CA VAL A 94 3.48 1.84 6.04
C VAL A 94 4.64 0.91 6.42
N GLU A 95 4.33 -0.27 6.86
CA GLU A 95 5.40 -1.26 7.24
C GLU A 95 4.96 -2.64 6.78
N ILE A 96 5.71 -3.25 5.91
CA ILE A 96 5.34 -4.61 5.39
C ILE A 96 6.49 -5.59 5.62
N ASP A 97 6.18 -6.74 6.15
CA ASP A 97 7.22 -7.78 6.41
C ASP A 97 6.92 -9.01 5.55
N LEU A 98 7.92 -9.57 4.93
CA LEU A 98 7.70 -10.77 4.06
C LEU A 98 8.20 -12.01 4.79
N ILE A 99 7.36 -13.02 4.89
CA ILE A 99 7.76 -14.28 5.58
C ILE A 99 7.44 -15.47 4.68
N GLU A 100 8.41 -16.32 4.45
CA GLU A 100 8.19 -17.51 3.57
C GLU A 100 7.34 -18.55 4.29
N GLN A 101 6.41 -19.15 3.60
CA GLN A 101 5.54 -20.17 4.24
C GLN A 101 5.24 -21.30 3.24
N GLY A 102 4.87 -22.45 3.76
CA GLY A 102 4.57 -23.62 2.88
C GLY A 102 3.49 -23.26 1.86
N GLY A 103 2.47 -22.57 2.27
CA GLY A 103 1.38 -22.21 1.31
C GLY A 103 1.67 -20.85 0.66
N GLY A 104 2.31 -20.87 -0.48
CA GLY A 104 2.61 -19.60 -1.19
C GLY A 104 3.51 -18.71 -0.34
N THR A 105 3.20 -17.44 -0.26
CA THR A 105 4.04 -16.49 0.54
C THR A 105 3.15 -15.74 1.52
N LEU A 106 3.57 -15.68 2.76
CA LEU A 106 2.76 -14.97 3.79
C LEU A 106 3.20 -13.52 3.86
N LEU A 107 2.29 -12.60 3.65
CA LEU A 107 2.62 -11.16 3.70
C LEU A 107 1.89 -10.51 4.86
N ARG A 108 2.61 -9.80 5.70
CA ARG A 108 1.99 -9.12 6.87
C ARG A 108 2.12 -7.63 6.70
N LEU A 109 1.03 -6.91 6.85
CA LEU A 109 1.07 -5.43 6.72
C LEU A 109 0.78 -4.79 8.06
N THR A 110 1.67 -3.92 8.50
CA THR A 110 1.49 -3.24 9.81
C THR A 110 1.33 -1.74 9.57
N HIS A 111 0.31 -1.15 10.14
CA HIS A 111 0.06 0.30 9.96
C HIS A 111 0.02 1.00 11.33
N SER A 112 0.65 2.13 11.44
CA SER A 112 0.65 2.86 12.74
C SER A 112 0.18 4.31 12.52
N GLY A 113 -0.80 4.73 13.28
CA GLY A 113 -1.32 6.12 13.15
C GLY A 113 -2.84 6.13 13.31
N LEU A 114 -3.53 6.69 12.36
CA LEU A 114 -5.02 6.76 12.42
C LEU A 114 -5.46 7.35 13.76
N PRO A 115 -5.20 8.61 13.98
CA PRO A 115 -5.58 9.30 15.24
C PRO A 115 -7.08 9.19 15.52
N SER A 116 -7.89 9.15 14.48
CA SER A 116 -9.36 9.04 14.69
C SER A 116 -9.82 7.59 14.55
N ALA A 117 -10.75 7.19 15.37
CA ALA A 117 -11.28 5.80 15.32
C ALA A 117 -12.03 5.58 14.02
N GLU A 118 -12.69 6.59 13.53
CA GLU A 118 -13.45 6.44 12.25
C GLU A 118 -12.49 6.06 11.13
N GLN A 119 -11.32 6.63 11.14
CA GLN A 119 -10.30 6.32 10.10
C GLN A 119 -9.88 4.85 10.23
N CYS A 120 -9.73 4.39 11.44
CA CYS A 120 -9.31 2.97 11.64
C CYS A 120 -10.35 2.03 11.03
N ALA A 121 -11.60 2.32 11.21
CA ALA A 121 -12.67 1.45 10.63
C ALA A 121 -12.65 1.55 9.10
N GLY A 122 -12.44 2.72 8.58
CA GLY A 122 -12.41 2.90 7.09
C GLY A 122 -11.17 2.22 6.52
N HIS A 123 -10.04 2.41 7.14
CA HIS A 123 -8.79 1.78 6.65
C HIS A 123 -8.86 0.25 6.82
N GLU A 124 -9.38 -0.19 7.93
CA GLU A 124 -9.48 -1.66 8.19
C GLU A 124 -10.23 -2.35 7.04
N GLU A 125 -11.39 -1.86 6.71
CA GLU A 125 -12.18 -2.48 5.60
C GLU A 125 -11.49 -2.21 4.26
N GLY A 126 -10.88 -1.06 4.14
CA GLY A 126 -10.20 -0.71 2.84
C GLY A 126 -9.05 -1.69 2.59
N TRP A 127 -8.24 -1.94 3.58
CA TRP A 127 -7.11 -2.89 3.40
C TRP A 127 -7.64 -4.29 3.08
N ALA A 128 -8.73 -4.66 3.68
CA ALA A 128 -9.30 -6.01 3.42
C ALA A 128 -9.59 -6.18 1.93
N HIS A 129 -10.20 -5.20 1.32
CA HIS A 129 -10.50 -5.30 -0.13
C HIS A 129 -9.20 -5.27 -0.95
N TYR A 130 -8.30 -4.40 -0.58
CA TYR A 130 -7.00 -4.30 -1.31
C TYR A 130 -6.24 -5.62 -1.20
N LEU A 131 -6.22 -6.20 -0.04
CA LEU A 131 -5.49 -7.49 0.16
C LEU A 131 -6.13 -8.56 -0.72
N GLY A 132 -7.43 -8.57 -0.78
CA GLY A 132 -8.14 -9.59 -1.61
C GLY A 132 -7.85 -9.33 -3.09
N ARG A 133 -7.88 -8.10 -3.50
CA ARG A 133 -7.62 -7.77 -4.93
C ARG A 133 -6.16 -8.08 -5.27
N LEU A 134 -5.27 -7.77 -4.38
CA LEU A 134 -3.83 -8.02 -4.63
C LEU A 134 -3.60 -9.52 -4.81
N THR A 135 -4.24 -10.32 -4.01
CA THR A 135 -4.06 -11.80 -4.10
C THR A 135 -4.50 -12.28 -5.50
N GLU A 136 -5.59 -11.76 -5.98
CA GLU A 136 -6.08 -12.18 -7.33
C GLU A 136 -5.01 -11.88 -8.38
N VAL A 137 -4.34 -10.77 -8.25
CA VAL A 137 -3.26 -10.41 -9.23
C VAL A 137 -2.12 -11.42 -9.12
N ALA A 138 -1.73 -11.76 -7.93
CA ALA A 138 -0.61 -12.72 -7.75
C ALA A 138 -0.99 -14.08 -8.32
N ALA A 139 -2.19 -14.53 -8.06
CA ALA A 139 -2.63 -15.85 -8.58
C ALA A 139 -3.32 -15.67 -9.93
N GLY A 140 -3.49 -14.45 -10.35
CA GLY A 140 -4.16 -14.20 -11.67
C GLY A 140 -4.06 -12.72 -12.01
N ARG A 141 -3.13 -12.35 -12.85
CA ARG A 141 -2.94 -10.92 -13.24
C ARG A 141 -4.29 -10.21 -13.33
N ASP A 142 -5.11 -10.60 -14.29
CA ASP A 142 -6.46 -9.97 -14.46
C ASP A 142 -6.98 -9.43 -13.12
N PRO A 143 -6.67 -8.18 -12.83
CA PRO A 143 -7.08 -7.53 -11.55
C PRO A 143 -8.60 -7.55 -11.35
N GLY A 144 -9.03 -7.40 -10.12
CA GLY A 144 -10.48 -7.42 -9.82
C GLY A 144 -11.25 -6.54 -10.81
N PRO A 145 -12.55 -6.50 -10.69
CA PRO A 145 -13.42 -5.68 -11.59
C PRO A 145 -13.14 -4.19 -11.41
N ASP A 146 -12.08 -3.86 -10.73
CA ASP A 146 -11.73 -2.43 -10.52
C ASP A 146 -12.90 -1.70 -9.85
N PRO A 147 -13.34 -2.21 -8.71
CA PRO A 147 -14.48 -1.61 -7.94
C PRO A 147 -14.18 -0.20 -7.40
N PHE A 148 -15.20 0.60 -7.28
CA PHE A 148 -15.02 2.00 -6.78
C PHE A 148 -14.69 1.99 -5.28
N TYR A 149 -13.75 2.80 -4.88
CA TYR A 149 -13.37 2.88 -3.45
C TYR A 149 -12.97 4.32 -3.13
N GLY A 150 -12.91 5.16 -4.13
CA GLY A 150 -12.52 6.58 -3.88
C GLY A 150 -12.18 7.27 -5.21
N ARG A 151 -11.22 8.15 -5.17
CA ARG A 151 -10.80 8.88 -6.41
C ARG A 151 -11.98 9.59 -7.06
N ARG A 152 -11.73 10.32 -8.12
CA ARG A 152 -12.82 11.07 -8.81
C ARG A 152 -13.65 10.12 -9.68
N LEU A 153 -14.92 10.39 -9.78
CA LEU A 153 -15.82 9.52 -10.61
C LEU A 153 -15.63 9.84 -12.10
N GLU A 154 -15.74 8.83 -12.92
CA GLU A 154 -15.56 9.03 -14.39
C GLU A 154 -16.86 9.52 -15.03
N HIS A 155 -16.79 9.97 -16.25
CA HIS A 155 -18.01 10.49 -16.94
C HIS A 155 -18.63 9.39 -17.81
N HIS A 156 -19.92 9.26 -17.75
CA HIS A 156 -20.62 8.22 -18.55
C HIS A 156 -20.63 8.60 -20.03
N HIS A 157 -20.35 7.67 -20.90
CA HIS A 157 -20.32 7.95 -22.35
C HIS A 157 -21.75 7.80 -22.91
N HIS A 158 -22.63 7.19 -22.15
CA HIS A 158 -24.04 7.02 -22.63
C HIS A 158 -24.70 8.39 -22.77
N HIS A 159 -24.46 9.26 -21.83
CA HIS A 159 -25.07 10.63 -21.88
C HIS A 159 -26.56 10.55 -22.22
N HIS A 160 -27.19 11.68 -22.39
CA HIS A 160 -28.64 11.71 -22.72
C HIS A 160 -29.04 13.12 -23.16
N MET A 1 -6.63 0.97 31.27
CA MET A 1 -5.98 1.25 29.95
C MET A 1 -5.48 -0.05 29.33
N GLU A 2 -6.13 -0.50 28.30
CA GLU A 2 -5.73 -1.77 27.63
C GLU A 2 -4.36 -1.62 26.96
N LYS A 3 -3.56 -2.65 27.02
CA LYS A 3 -2.21 -2.61 26.38
C LYS A 3 -1.97 -3.91 25.61
N ALA A 4 -2.12 -5.03 26.26
CA ALA A 4 -1.90 -6.35 25.58
C ALA A 4 -3.00 -6.61 24.52
N MET A 5 -2.61 -7.23 23.43
CA MET A 5 -3.61 -7.52 22.35
C MET A 5 -4.40 -6.27 22.00
N PRO A 6 -3.72 -5.22 21.61
CA PRO A 6 -4.36 -3.92 21.24
C PRO A 6 -5.07 -3.97 19.87
N GLU A 7 -6.10 -3.19 19.72
CA GLU A 7 -6.83 -3.17 18.42
C GLU A 7 -7.56 -1.82 18.29
N SER A 8 -6.84 -0.77 18.03
CA SER A 8 -7.47 0.58 17.89
C SER A 8 -6.57 1.49 17.06
N PHE A 9 -5.39 1.76 17.54
CA PHE A 9 -4.44 2.65 16.79
C PHE A 9 -3.47 1.79 15.97
N VAL A 10 -3.53 0.49 16.12
CA VAL A 10 -2.62 -0.41 15.36
C VAL A 10 -3.45 -1.53 14.74
N VAL A 11 -3.21 -1.83 13.48
CA VAL A 11 -3.98 -2.92 12.80
C VAL A 11 -3.00 -4.00 12.32
N ARG A 12 -3.32 -5.24 12.60
CA ARG A 12 -2.44 -6.37 12.17
C ARG A 12 -3.25 -7.36 11.34
N ARG A 13 -2.83 -7.62 10.12
CA ARG A 13 -3.56 -8.58 9.25
C ARG A 13 -2.57 -9.37 8.40
N GLU A 14 -2.98 -10.52 7.95
CA GLU A 14 -2.08 -11.38 7.12
C GLU A 14 -2.85 -11.91 5.92
N ALA A 15 -2.15 -12.35 4.91
CA ALA A 15 -2.82 -12.88 3.69
C ALA A 15 -1.92 -13.92 3.03
N HIS A 16 -2.50 -14.83 2.29
CA HIS A 16 -1.69 -15.88 1.60
C HIS A 16 -1.73 -15.64 0.08
N LEU A 17 -0.58 -15.46 -0.51
CA LEU A 17 -0.50 -15.20 -1.98
C LEU A 17 0.21 -16.36 -2.67
N ALA A 18 -0.32 -16.81 -3.76
CA ALA A 18 0.31 -17.94 -4.49
C ALA A 18 1.40 -17.42 -5.42
N ALA A 19 2.56 -17.19 -4.88
CA ALA A 19 3.70 -16.68 -5.71
C ALA A 19 4.86 -16.32 -4.79
N PRO A 20 6.08 -16.36 -5.28
CA PRO A 20 7.29 -16.03 -4.48
C PRO A 20 7.28 -14.57 -3.98
N PRO A 21 8.06 -14.28 -2.97
CA PRO A 21 8.14 -12.90 -2.40
C PRO A 21 8.78 -11.93 -3.40
N ALA A 22 9.57 -12.43 -4.30
CA ALA A 22 10.23 -11.55 -5.30
C ALA A 22 9.17 -10.86 -6.17
N ALA A 23 8.23 -11.61 -6.66
CA ALA A 23 7.16 -11.00 -7.52
C ALA A 23 6.28 -10.09 -6.66
N VAL A 24 5.97 -10.51 -5.48
CA VAL A 24 5.11 -9.67 -4.57
C VAL A 24 5.86 -8.39 -4.21
N PHE A 25 7.11 -8.51 -3.86
CA PHE A 25 7.90 -7.30 -3.48
C PHE A 25 7.94 -6.33 -4.67
N ALA A 26 8.20 -6.83 -5.84
CA ALA A 26 8.27 -5.94 -7.03
C ALA A 26 6.92 -5.23 -7.21
N LEU A 27 5.85 -5.97 -7.15
CA LEU A 27 4.51 -5.34 -7.31
C LEU A 27 4.24 -4.38 -6.15
N MET A 28 4.62 -4.77 -4.96
CA MET A 28 4.40 -3.90 -3.78
C MET A 28 5.39 -2.74 -3.78
N THR A 29 6.32 -2.74 -4.70
CA THR A 29 7.33 -1.63 -4.76
C THR A 29 7.30 -0.98 -6.13
N ASP A 30 6.13 -0.63 -6.62
CA ASP A 30 6.03 0.02 -7.95
C ASP A 30 4.67 0.71 -8.09
N PRO A 31 4.60 2.01 -7.87
CA PRO A 31 3.33 2.78 -8.00
C PRO A 31 2.64 2.54 -9.35
N GLU A 32 3.43 2.34 -10.37
CA GLU A 32 2.87 2.09 -11.72
C GLU A 32 2.15 0.74 -11.75
N LYS A 33 2.73 -0.26 -11.15
CA LYS A 33 2.09 -1.61 -11.12
C LYS A 33 0.80 -1.57 -10.31
N ILE A 34 0.73 -0.70 -9.34
CA ILE A 34 -0.50 -0.61 -8.51
C ILE A 34 -1.68 -0.21 -9.40
N LEU A 35 -1.46 0.71 -10.29
CA LEU A 35 -2.55 1.18 -11.19
C LEU A 35 -3.14 -0.03 -11.93
N ARG A 36 -2.35 -1.04 -12.18
CA ARG A 36 -2.86 -2.24 -12.91
C ARG A 36 -3.98 -2.89 -12.08
N TRP A 37 -3.79 -3.02 -10.79
CA TRP A 37 -4.83 -3.65 -9.92
C TRP A 37 -5.32 -2.64 -8.88
N MET A 38 -6.08 -1.67 -9.33
CA MET A 38 -6.63 -0.64 -8.40
C MET A 38 -5.60 0.47 -8.15
N GLY A 39 -5.98 1.70 -8.36
CA GLY A 39 -5.02 2.82 -8.14
C GLY A 39 -5.47 4.03 -8.96
N THR A 40 -5.57 3.85 -10.26
CA THR A 40 -6.00 4.96 -11.18
C THR A 40 -5.49 6.32 -10.66
N GLU A 41 -4.37 6.75 -11.16
CA GLU A 41 -3.77 8.06 -10.73
C GLU A 41 -3.48 8.01 -9.23
N ALA A 42 -2.28 7.67 -8.85
CA ALA A 42 -1.91 7.59 -7.41
C ALA A 42 -0.64 8.41 -7.15
N GLU A 43 -0.60 9.10 -6.03
CA GLU A 43 0.59 9.94 -5.70
C GLU A 43 1.50 9.20 -4.72
N VAL A 44 2.78 9.48 -4.77
CA VAL A 44 3.74 8.83 -3.85
C VAL A 44 4.72 9.89 -3.35
N GLU A 45 5.11 9.82 -2.10
CA GLU A 45 6.05 10.82 -1.53
C GLU A 45 7.32 10.10 -1.05
N PRO A 46 8.29 9.93 -1.93
CA PRO A 46 9.56 9.24 -1.58
C PRO A 46 10.26 9.88 -0.36
N GLU A 47 10.17 11.16 -0.24
CA GLU A 47 10.82 11.86 0.91
C GLU A 47 10.46 13.35 0.92
N PRO A 48 10.39 13.99 -0.23
CA PRO A 48 10.06 15.44 -0.33
C PRO A 48 8.70 15.81 0.28
N GLY A 49 8.62 16.94 0.92
CA GLY A 49 7.34 17.35 1.54
C GLY A 49 6.32 17.70 0.45
N GLY A 50 5.88 16.71 -0.28
CA GLY A 50 4.88 16.94 -1.35
C GLY A 50 5.55 17.28 -2.67
N LEU A 51 5.17 16.61 -3.73
CA LEU A 51 5.77 16.89 -5.06
C LEU A 51 4.77 16.44 -6.13
N TYR A 52 4.25 17.37 -6.89
CA TYR A 52 3.25 17.03 -7.95
C TYR A 52 3.75 15.83 -8.76
N LEU A 53 3.41 14.65 -8.34
CA LEU A 53 3.84 13.43 -9.08
C LEU A 53 2.78 12.35 -8.95
N VAL A 54 2.14 12.02 -10.04
CA VAL A 54 1.07 10.97 -10.01
C VAL A 54 1.09 10.20 -11.33
N ASN A 55 0.70 8.96 -11.28
CA ASN A 55 0.65 8.11 -12.53
C ASN A 55 2.07 7.75 -13.00
N VAL A 56 2.17 7.33 -14.25
CA VAL A 56 3.50 6.92 -14.80
C VAL A 56 4.48 8.09 -14.73
N THR A 57 5.63 7.84 -14.13
CA THR A 57 6.66 8.91 -13.99
C THR A 57 7.58 8.92 -15.22
N GLY A 58 8.41 9.93 -15.33
CA GLY A 58 9.34 10.03 -16.49
C GLY A 58 10.33 8.85 -16.48
N ALA A 59 10.73 8.42 -15.31
CA ALA A 59 11.70 7.27 -15.25
C ALA A 59 11.38 6.40 -14.03
N ARG A 60 12.27 5.49 -13.71
CA ARG A 60 12.03 4.59 -12.53
C ARG A 60 12.01 5.42 -11.24
N PHE A 61 12.99 6.27 -11.06
CA PHE A 61 13.06 7.13 -9.84
C PHE A 61 12.63 6.34 -8.59
N ALA A 62 12.37 7.05 -7.52
CA ALA A 62 11.95 6.38 -6.26
C ALA A 62 13.03 5.39 -5.81
N ARG A 63 14.24 5.85 -5.64
CA ARG A 63 15.35 4.96 -5.20
C ARG A 63 16.12 5.60 -4.05
N GLY A 64 16.44 4.81 -3.05
CA GLY A 64 17.19 5.34 -1.88
C GLY A 64 16.25 6.17 -1.01
N SER A 65 15.02 6.31 -1.43
CA SER A 65 14.05 7.12 -0.64
C SER A 65 13.33 6.24 0.40
N PHE A 66 12.10 6.58 0.69
CA PHE A 66 11.29 5.81 1.67
C PHE A 66 11.97 5.79 3.04
N ARG A 67 11.23 5.43 4.05
CA ARG A 67 11.80 5.38 5.44
C ARG A 67 12.89 4.32 5.50
N GLU A 68 12.63 3.16 4.95
CA GLU A 68 13.65 2.07 4.98
C GLU A 68 13.25 1.00 3.96
N VAL A 69 14.19 0.58 3.15
CA VAL A 69 13.88 -0.48 2.13
C VAL A 69 14.84 -1.64 2.29
N VAL A 70 14.33 -2.84 2.33
CA VAL A 70 15.21 -4.05 2.46
C VAL A 70 14.92 -5.01 1.29
N PRO A 71 15.91 -5.49 0.59
CA PRO A 71 15.71 -6.42 -0.56
C PRO A 71 14.73 -7.56 -0.23
N VAL A 72 13.74 -7.75 -1.09
CA VAL A 72 12.71 -8.83 -0.92
C VAL A 72 12.67 -9.37 0.52
N HIS A 73 12.38 -8.51 1.45
CA HIS A 73 12.33 -8.95 2.88
C HIS A 73 11.41 -8.03 3.67
N ARG A 74 11.81 -6.81 3.90
CA ARG A 74 10.95 -5.87 4.68
C ARG A 74 10.99 -4.48 4.08
N LEU A 75 9.87 -3.80 4.10
CA LEU A 75 9.79 -2.41 3.55
C LEU A 75 9.01 -1.54 4.53
N ALA A 76 9.45 -0.32 4.74
CA ALA A 76 8.74 0.59 5.67
C ALA A 76 8.51 1.95 5.00
N TYR A 77 7.28 2.42 5.04
CA TYR A 77 6.96 3.72 4.42
C TYR A 77 5.57 4.17 4.88
N SER A 78 5.27 5.44 4.74
CA SER A 78 3.93 5.95 5.16
C SER A 78 3.09 6.26 3.92
N PHE A 79 1.92 5.67 3.83
CA PHE A 79 1.03 5.91 2.66
C PHE A 79 -0.42 5.92 3.15
N GLY A 80 -0.87 4.82 3.69
CA GLY A 80 -2.27 4.75 4.20
C GLY A 80 -3.27 4.97 3.06
N TRP A 81 -4.29 5.76 3.31
CA TRP A 81 -5.32 6.03 2.27
C TRP A 81 -5.35 7.52 1.97
N ASP A 82 -4.81 7.91 0.85
CA ASP A 82 -4.81 9.35 0.47
C ASP A 82 -6.22 9.75 0.02
N GLY A 83 -7.07 8.79 -0.17
CA GLY A 83 -8.46 9.10 -0.62
C GLY A 83 -9.25 9.69 0.54
N SER A 84 -8.64 9.76 1.71
CA SER A 84 -9.35 10.34 2.90
C SER A 84 -8.49 11.42 3.53
N GLU A 85 -9.00 12.63 3.58
CA GLU A 85 -8.25 13.76 4.17
C GLU A 85 -6.78 13.72 3.76
N VAL A 86 -5.97 14.50 4.42
CA VAL A 86 -4.52 14.55 4.10
C VAL A 86 -3.72 13.88 5.21
N VAL A 87 -2.84 12.97 4.85
CA VAL A 87 -2.01 12.27 5.86
C VAL A 87 -0.58 12.16 5.36
N PRO A 88 0.17 13.23 5.43
CA PRO A 88 1.59 13.26 4.97
C PRO A 88 2.48 12.38 5.87
N PRO A 89 3.76 12.40 5.66
CA PRO A 89 4.73 11.59 6.47
C PRO A 89 4.69 11.97 7.97
N GLY A 90 4.84 11.00 8.83
CA GLY A 90 4.84 11.28 10.29
C GLY A 90 3.40 11.13 10.84
N SER A 91 2.43 11.56 10.09
CA SER A 91 1.02 11.44 10.55
C SER A 91 0.58 9.97 10.51
N SER A 92 1.31 9.13 9.84
CA SER A 92 0.92 7.69 9.78
C SER A 92 2.15 6.84 9.52
N LEU A 93 2.07 5.57 9.79
CA LEU A 93 3.25 4.70 9.55
C LEU A 93 2.77 3.30 9.14
N VAL A 94 3.21 2.84 8.00
CA VAL A 94 2.82 1.49 7.51
C VAL A 94 4.08 0.63 7.32
N GLU A 95 4.04 -0.59 7.78
CA GLU A 95 5.22 -1.51 7.63
C GLU A 95 4.73 -2.86 7.14
N ILE A 96 5.43 -3.43 6.19
CA ILE A 96 5.03 -4.75 5.64
C ILE A 96 6.23 -5.70 5.67
N ASP A 97 6.03 -6.88 6.21
CA ASP A 97 7.14 -7.87 6.29
C ASP A 97 6.82 -9.06 5.38
N LEU A 98 7.81 -9.55 4.66
CA LEU A 98 7.56 -10.72 3.75
C LEU A 98 8.20 -11.97 4.35
N ILE A 99 7.42 -13.01 4.50
CA ILE A 99 7.95 -14.28 5.10
C ILE A 99 7.65 -15.43 4.15
N GLU A 100 8.64 -16.23 3.85
CA GLU A 100 8.45 -17.39 2.94
C GLU A 100 7.59 -18.44 3.62
N GLN A 101 6.66 -19.03 2.91
CA GLN A 101 5.79 -20.07 3.51
C GLN A 101 5.37 -21.08 2.45
N GLY A 102 5.06 -22.28 2.86
CA GLY A 102 4.66 -23.35 1.90
C GLY A 102 3.29 -23.03 1.28
N GLY A 103 3.16 -23.29 0.00
CA GLY A 103 1.86 -23.04 -0.70
C GLY A 103 1.94 -21.67 -1.37
N GLY A 104 2.91 -20.87 -1.03
CA GLY A 104 3.03 -19.54 -1.66
C GLY A 104 3.88 -18.63 -0.78
N THR A 105 3.44 -17.41 -0.56
CA THR A 105 4.22 -16.46 0.28
C THR A 105 3.29 -15.81 1.32
N LEU A 106 3.71 -15.76 2.54
CA LEU A 106 2.88 -15.15 3.61
C LEU A 106 3.18 -13.66 3.69
N LEU A 107 2.16 -12.84 3.63
CA LEU A 107 2.36 -11.36 3.69
C LEU A 107 1.75 -10.82 4.97
N ARG A 108 2.50 -10.02 5.68
CA ARG A 108 1.99 -9.41 6.94
C ARG A 108 1.89 -7.90 6.76
N LEU A 109 0.75 -7.34 7.05
CA LEU A 109 0.56 -5.87 6.89
C LEU A 109 0.29 -5.24 8.25
N THR A 110 1.05 -4.25 8.60
CA THR A 110 0.86 -3.56 9.92
C THR A 110 0.71 -2.06 9.69
N HIS A 111 -0.29 -1.46 10.27
CA HIS A 111 -0.51 0.01 10.11
C HIS A 111 -0.60 0.65 11.49
N SER A 112 0.02 1.79 11.65
CA SER A 112 -0.01 2.48 12.97
C SER A 112 0.11 4.00 12.78
N GLY A 113 -0.19 4.74 13.81
CA GLY A 113 -0.10 6.23 13.70
C GLY A 113 -1.46 6.76 13.24
N LEU A 114 -2.42 5.88 13.09
CA LEU A 114 -3.76 6.32 12.62
C LEU A 114 -4.18 7.64 13.31
N PRO A 115 -4.37 8.71 12.56
CA PRO A 115 -4.78 10.02 13.14
C PRO A 115 -6.00 9.88 14.06
N SER A 116 -6.92 9.03 13.71
CA SER A 116 -8.14 8.85 14.55
C SER A 116 -8.69 7.44 14.35
N ALA A 117 -9.62 7.05 15.18
CA ALA A 117 -10.23 5.71 15.07
C ALA A 117 -10.99 5.60 13.73
N GLU A 118 -11.56 6.69 13.29
CA GLU A 118 -12.29 6.66 12.00
C GLU A 118 -11.35 6.23 10.88
N GLN A 119 -10.12 6.63 10.96
CA GLN A 119 -9.13 6.24 9.90
C GLN A 119 -8.90 4.73 9.97
N CYS A 120 -8.98 4.16 11.14
CA CYS A 120 -8.76 2.69 11.28
C CYS A 120 -9.86 1.92 10.54
N ALA A 121 -11.09 2.29 10.76
CA ALA A 121 -12.21 1.58 10.07
C ALA A 121 -12.12 1.81 8.56
N GLY A 122 -11.82 3.01 8.17
CA GLY A 122 -11.72 3.32 6.71
C GLY A 122 -10.49 2.61 6.13
N HIS A 123 -9.40 2.63 6.83
CA HIS A 123 -8.16 1.96 6.32
C HIS A 123 -8.37 0.45 6.28
N GLU A 124 -9.02 -0.08 7.28
CA GLU A 124 -9.26 -1.55 7.33
C GLU A 124 -10.05 -1.98 6.09
N GLU A 125 -11.04 -1.22 5.73
CA GLU A 125 -11.86 -1.57 4.53
C GLU A 125 -11.01 -1.38 3.27
N GLY A 126 -10.21 -0.35 3.24
CA GLY A 126 -9.36 -0.08 2.04
C GLY A 126 -8.34 -1.21 1.87
N TRP A 127 -7.64 -1.54 2.92
CA TRP A 127 -6.62 -2.63 2.84
C TRP A 127 -7.32 -3.96 2.55
N ALA A 128 -8.49 -4.16 3.09
CA ALA A 128 -9.21 -5.44 2.86
C ALA A 128 -9.40 -5.68 1.36
N HIS A 129 -9.83 -4.68 0.65
CA HIS A 129 -10.03 -4.83 -0.83
C HIS A 129 -8.69 -5.04 -1.53
N TYR A 130 -7.71 -4.26 -1.18
CA TYR A 130 -6.37 -4.38 -1.83
C TYR A 130 -5.77 -5.77 -1.55
N LEU A 131 -5.87 -6.23 -0.34
CA LEU A 131 -5.29 -7.56 -0.01
C LEU A 131 -6.02 -8.65 -0.80
N GLY A 132 -7.32 -8.55 -0.89
CA GLY A 132 -8.10 -9.57 -1.65
C GLY A 132 -7.80 -9.43 -3.15
N ARG A 133 -7.83 -8.22 -3.65
CA ARG A 133 -7.55 -7.98 -5.10
C ARG A 133 -6.10 -8.36 -5.40
N LEU A 134 -5.21 -8.07 -4.50
CA LEU A 134 -3.78 -8.41 -4.73
C LEU A 134 -3.59 -9.93 -4.68
N THR A 135 -4.31 -10.58 -3.82
CA THR A 135 -4.18 -12.06 -3.70
C THR A 135 -4.52 -12.73 -5.03
N GLU A 136 -5.63 -12.36 -5.61
CA GLU A 136 -6.04 -12.98 -6.90
C GLU A 136 -5.05 -12.55 -8.01
N VAL A 137 -4.57 -11.35 -7.94
CA VAL A 137 -3.60 -10.87 -8.97
C VAL A 137 -2.34 -11.74 -8.94
N ALA A 138 -1.86 -12.03 -7.76
CA ALA A 138 -0.62 -12.85 -7.64
C ALA A 138 -0.85 -14.21 -8.33
N ALA A 139 -2.04 -14.73 -8.24
CA ALA A 139 -2.32 -16.04 -8.89
C ALA A 139 -2.76 -15.82 -10.34
N GLY A 140 -2.92 -14.57 -10.73
CA GLY A 140 -3.34 -14.28 -12.13
C GLY A 140 -4.29 -13.08 -12.15
N ARG A 141 -4.28 -12.34 -13.22
CA ARG A 141 -5.18 -11.14 -13.34
C ARG A 141 -6.63 -11.54 -13.05
N ASP A 142 -7.52 -10.60 -13.19
CA ASP A 142 -8.96 -10.86 -12.91
C ASP A 142 -9.74 -9.55 -13.08
N PRO A 143 -9.42 -8.54 -12.31
CA PRO A 143 -10.13 -7.22 -12.37
C PRO A 143 -10.05 -6.56 -13.75
N GLY A 144 -11.09 -5.88 -14.14
CA GLY A 144 -11.10 -5.21 -15.46
C GLY A 144 -12.55 -4.90 -15.86
N PRO A 145 -13.25 -4.14 -15.04
CA PRO A 145 -14.68 -3.78 -15.32
C PRO A 145 -14.79 -2.85 -16.54
N ASP A 146 -13.68 -2.31 -16.97
CA ASP A 146 -13.68 -1.39 -18.14
C ASP A 146 -12.26 -0.83 -18.35
N PRO A 147 -11.62 -0.41 -17.29
CA PRO A 147 -10.26 0.19 -17.33
C PRO A 147 -9.21 -0.71 -17.99
N PHE A 148 -8.33 -0.13 -18.76
CA PHE A 148 -7.26 -0.91 -19.44
C PHE A 148 -5.97 -0.08 -19.47
N TYR A 149 -6.08 1.19 -19.17
CA TYR A 149 -4.88 2.09 -19.17
C TYR A 149 -4.23 2.10 -20.55
N GLY A 150 -3.96 3.27 -21.08
CA GLY A 150 -3.33 3.35 -22.43
C GLY A 150 -3.06 4.81 -22.79
N ARG A 151 -2.23 5.03 -23.77
CA ARG A 151 -1.90 6.42 -24.21
C ARG A 151 -3.16 7.08 -24.77
N ARG A 152 -3.99 6.31 -25.41
CA ARG A 152 -5.25 6.87 -26.00
C ARG A 152 -4.94 7.98 -27.00
N LEU A 153 -5.93 8.46 -27.69
CA LEU A 153 -5.71 9.55 -28.69
C LEU A 153 -5.24 10.82 -27.98
N GLU A 154 -5.86 11.14 -26.87
CA GLU A 154 -5.46 12.36 -26.12
C GLU A 154 -5.35 13.57 -27.06
N HIS A 155 -4.76 14.62 -26.58
CA HIS A 155 -4.59 15.85 -27.39
C HIS A 155 -5.93 16.28 -28.01
N HIS A 156 -5.88 17.24 -28.90
CA HIS A 156 -7.12 17.75 -29.57
C HIS A 156 -8.13 18.24 -28.51
N HIS A 157 -9.29 17.65 -28.49
CA HIS A 157 -10.35 18.06 -27.53
C HIS A 157 -10.48 19.59 -27.51
N HIS A 158 -11.46 20.10 -28.21
CA HIS A 158 -11.66 21.58 -28.26
C HIS A 158 -12.10 22.12 -26.90
N HIS A 159 -11.49 23.18 -26.47
CA HIS A 159 -11.84 23.77 -25.14
C HIS A 159 -13.16 24.55 -25.24
N HIS A 160 -14.04 24.34 -24.30
CA HIS A 160 -15.34 25.05 -24.30
C HIS A 160 -15.85 25.19 -22.87
N MET A 1 -26.70 -6.90 14.46
CA MET A 1 -25.96 -5.97 15.36
C MET A 1 -24.66 -5.54 14.68
N GLU A 2 -24.52 -4.25 14.44
CA GLU A 2 -23.31 -3.72 13.76
C GLU A 2 -22.07 -4.05 14.59
N LYS A 3 -21.03 -4.45 13.92
CA LYS A 3 -19.77 -4.82 14.63
C LYS A 3 -19.01 -3.56 15.02
N ALA A 4 -18.57 -3.52 16.25
CA ALA A 4 -17.82 -2.33 16.77
C ALA A 4 -16.42 -2.30 16.17
N MET A 5 -15.92 -1.11 15.96
CA MET A 5 -14.57 -0.95 15.38
C MET A 5 -13.50 -1.09 16.47
N PRO A 6 -12.31 -1.50 16.10
CA PRO A 6 -11.18 -1.68 17.05
C PRO A 6 -10.75 -0.36 17.64
N GLU A 7 -10.36 -0.37 18.90
CA GLU A 7 -9.91 0.88 19.58
C GLU A 7 -8.39 0.89 19.63
N SER A 8 -7.79 -0.23 19.30
CA SER A 8 -6.30 -0.35 19.32
C SER A 8 -5.68 0.61 18.31
N PHE A 9 -4.49 1.07 18.60
CA PHE A 9 -3.80 2.03 17.69
C PHE A 9 -2.95 1.24 16.70
N VAL A 10 -2.94 -0.08 16.83
CA VAL A 10 -2.14 -0.94 15.89
C VAL A 10 -3.06 -1.95 15.22
N VAL A 11 -2.93 -2.09 13.93
CA VAL A 11 -3.77 -3.04 13.16
C VAL A 11 -2.87 -4.04 12.42
N ARG A 12 -3.20 -5.30 12.52
CA ARG A 12 -2.39 -6.37 11.85
C ARG A 12 -3.28 -7.21 10.95
N ARG A 13 -2.84 -7.43 9.73
CA ARG A 13 -3.61 -8.23 8.75
C ARG A 13 -2.69 -9.25 8.08
N GLU A 14 -3.26 -10.35 7.65
CA GLU A 14 -2.46 -11.42 6.98
C GLU A 14 -3.22 -11.93 5.76
N ALA A 15 -2.50 -12.36 4.76
CA ALA A 15 -3.13 -12.89 3.52
C ALA A 15 -2.19 -13.90 2.85
N HIS A 16 -2.76 -14.84 2.16
CA HIS A 16 -1.95 -15.88 1.45
C HIS A 16 -1.92 -15.58 -0.03
N LEU A 17 -0.74 -15.34 -0.55
CA LEU A 17 -0.59 -15.02 -2.00
C LEU A 17 0.17 -16.14 -2.70
N ALA A 18 -0.37 -16.59 -3.80
CA ALA A 18 0.26 -17.68 -4.58
C ALA A 18 1.35 -17.11 -5.47
N ALA A 19 2.47 -16.78 -4.87
CA ALA A 19 3.61 -16.24 -5.64
C ALA A 19 4.78 -15.92 -4.67
N PRO A 20 6.00 -16.02 -5.15
CA PRO A 20 7.20 -15.74 -4.33
C PRO A 20 7.31 -14.27 -3.92
N PRO A 21 8.09 -13.98 -2.92
CA PRO A 21 8.29 -12.59 -2.42
C PRO A 21 8.90 -11.68 -3.49
N ALA A 22 9.69 -12.26 -4.37
CA ALA A 22 10.34 -11.48 -5.45
C ALA A 22 9.28 -10.95 -6.40
N ALA A 23 8.29 -11.76 -6.70
CA ALA A 23 7.20 -11.35 -7.62
C ALA A 23 6.38 -10.24 -6.98
N VAL A 24 6.11 -10.38 -5.69
CA VAL A 24 5.32 -9.36 -4.96
C VAL A 24 6.07 -8.04 -4.93
N PHE A 25 7.35 -8.10 -4.63
CA PHE A 25 8.18 -6.85 -4.56
C PHE A 25 8.21 -6.20 -5.93
N ALA A 26 8.37 -7.00 -6.96
CA ALA A 26 8.45 -6.45 -8.34
C ALA A 26 7.18 -5.67 -8.64
N LEU A 27 6.06 -6.16 -8.18
CA LEU A 27 4.77 -5.47 -8.41
C LEU A 27 4.79 -4.12 -7.70
N MET A 28 5.32 -4.10 -6.50
CA MET A 28 5.38 -2.83 -5.70
C MET A 28 6.30 -1.83 -6.39
N THR A 29 7.37 -2.30 -6.97
CA THR A 29 8.35 -1.39 -7.64
C THR A 29 7.85 -1.07 -9.03
N ASP A 30 8.01 -1.99 -9.96
CA ASP A 30 7.56 -1.77 -11.37
C ASP A 30 6.33 -0.87 -11.39
N PRO A 31 6.52 0.41 -11.59
CA PRO A 31 5.40 1.39 -11.60
C PRO A 31 4.29 0.97 -12.56
N GLU A 32 4.68 0.42 -13.69
CA GLU A 32 3.69 0.00 -14.72
C GLU A 32 2.76 -1.09 -14.17
N LYS A 33 3.31 -2.02 -13.40
CA LYS A 33 2.47 -3.12 -12.86
C LYS A 33 1.41 -2.57 -11.91
N ILE A 34 1.73 -1.51 -11.21
CA ILE A 34 0.75 -0.92 -10.25
C ILE A 34 -0.47 -0.42 -11.02
N LEU A 35 -0.24 0.23 -12.14
CA LEU A 35 -1.36 0.78 -12.94
C LEU A 35 -2.27 -0.35 -13.42
N ARG A 36 -1.76 -1.55 -13.44
CA ARG A 36 -2.57 -2.72 -13.90
C ARG A 36 -3.79 -2.88 -13.03
N TRP A 37 -3.64 -2.78 -11.72
CA TRP A 37 -4.81 -2.96 -10.79
C TRP A 37 -5.24 -1.61 -10.20
N MET A 38 -4.38 -0.62 -10.23
CA MET A 38 -4.74 0.72 -9.65
C MET A 38 -5.25 1.63 -10.77
N GLY A 39 -4.45 1.83 -11.78
CA GLY A 39 -4.85 2.70 -12.93
C GLY A 39 -4.74 4.17 -12.55
N THR A 40 -5.38 5.02 -13.31
CA THR A 40 -5.36 6.48 -13.04
C THR A 40 -3.93 7.00 -13.13
N GLU A 41 -3.14 6.73 -12.13
CA GLU A 41 -1.72 7.20 -12.13
C GLU A 41 -0.95 6.50 -11.02
N ALA A 42 0.33 6.30 -11.24
CA ALA A 42 1.19 5.64 -10.22
C ALA A 42 2.65 5.71 -10.65
N GLU A 43 3.48 6.34 -9.85
CA GLU A 43 4.93 6.47 -10.16
C GLU A 43 5.74 6.29 -8.89
N VAL A 44 6.59 5.29 -8.87
CA VAL A 44 7.43 4.99 -7.67
C VAL A 44 8.89 5.35 -7.97
N GLU A 45 9.34 5.08 -9.19
CA GLU A 45 10.74 5.39 -9.59
C GLU A 45 11.72 4.75 -8.60
N PRO A 46 12.00 3.48 -8.76
CA PRO A 46 12.93 2.74 -7.87
C PRO A 46 14.29 3.46 -7.74
N GLU A 47 14.75 4.04 -8.82
CA GLU A 47 16.05 4.75 -8.82
C GLU A 47 16.20 5.61 -7.56
N PRO A 48 17.42 5.90 -7.16
CA PRO A 48 17.68 6.72 -5.95
C PRO A 48 16.89 8.03 -5.96
N GLY A 49 16.31 8.37 -4.82
CA GLY A 49 15.52 9.62 -4.70
C GLY A 49 14.15 9.42 -5.34
N GLY A 50 14.12 9.46 -6.64
CA GLY A 50 12.84 9.27 -7.38
C GLY A 50 11.74 10.14 -6.80
N LEU A 51 10.55 10.02 -7.33
CA LEU A 51 9.40 10.81 -6.84
C LEU A 51 8.89 10.23 -5.53
N TYR A 52 8.52 11.10 -4.62
CA TYR A 52 8.03 10.66 -3.28
C TYR A 52 6.51 10.64 -3.27
N LEU A 53 5.90 10.98 -4.38
CA LEU A 53 4.40 11.00 -4.46
C LEU A 53 3.92 9.88 -5.37
N VAL A 54 2.89 9.19 -4.94
CA VAL A 54 2.33 8.06 -5.75
C VAL A 54 0.82 8.23 -5.91
N ASN A 55 0.35 8.02 -7.11
CA ASN A 55 -1.10 8.14 -7.43
C ASN A 55 -1.65 9.46 -6.87
N VAL A 56 -2.74 9.39 -6.15
CA VAL A 56 -3.35 10.61 -5.56
C VAL A 56 -3.46 11.69 -6.64
N THR A 57 -2.65 12.72 -6.52
CA THR A 57 -2.69 13.82 -7.50
C THR A 57 -1.31 14.46 -7.59
N GLY A 58 -0.96 14.91 -8.76
CA GLY A 58 0.37 15.54 -8.98
C GLY A 58 0.26 17.05 -8.80
N ALA A 59 0.51 17.52 -7.62
CA ALA A 59 0.45 18.98 -7.35
C ALA A 59 1.19 19.27 -6.05
N ARG A 60 2.03 18.36 -5.61
CA ARG A 60 2.80 18.57 -4.34
C ARG A 60 4.29 18.30 -4.57
N PHE A 61 5.13 18.98 -3.83
CA PHE A 61 6.60 18.82 -3.97
C PHE A 61 7.07 17.63 -3.13
N ALA A 62 6.39 17.36 -2.04
CA ALA A 62 6.77 16.22 -1.17
C ALA A 62 5.63 15.90 -0.20
N ARG A 63 5.55 14.65 0.21
CA ARG A 63 4.48 14.21 1.15
C ARG A 63 5.00 13.06 2.01
N GLY A 64 4.92 11.84 1.50
CA GLY A 64 5.36 10.64 2.27
C GLY A 64 6.81 10.31 1.96
N SER A 65 7.66 10.46 2.93
CA SER A 65 9.10 10.16 2.74
C SER A 65 9.37 8.66 2.89
N PHE A 66 10.53 8.22 2.48
CA PHE A 66 10.88 6.77 2.57
C PHE A 66 11.70 6.54 3.84
N ARG A 67 11.21 5.70 4.70
CA ARG A 67 11.94 5.41 5.98
C ARG A 67 13.02 4.38 5.69
N GLU A 68 12.62 3.14 5.50
CA GLU A 68 13.59 2.05 5.21
C GLU A 68 12.99 1.10 4.18
N VAL A 69 13.81 0.68 3.25
CA VAL A 69 13.32 -0.24 2.19
C VAL A 69 14.25 -1.46 2.13
N VAL A 70 13.65 -2.63 2.11
CA VAL A 70 14.43 -3.90 2.06
C VAL A 70 13.65 -4.93 1.21
N PRO A 71 13.98 -5.03 -0.05
CA PRO A 71 13.31 -5.98 -0.98
C PRO A 71 13.31 -7.42 -0.43
N VAL A 72 12.35 -8.21 -0.88
CA VAL A 72 12.21 -9.63 -0.44
C VAL A 72 12.60 -9.78 1.03
N HIS A 73 12.19 -8.85 1.86
CA HIS A 73 12.50 -8.92 3.32
C HIS A 73 11.49 -8.10 4.13
N ARG A 74 11.62 -6.80 4.10
CA ARG A 74 10.69 -5.92 4.86
C ARG A 74 10.64 -4.53 4.24
N LEU A 75 9.50 -3.90 4.33
CA LEU A 75 9.32 -2.53 3.78
C LEU A 75 8.78 -1.60 4.85
N ALA A 76 9.22 -0.37 4.84
CA ALA A 76 8.74 0.62 5.84
C ALA A 76 8.72 2.01 5.19
N TYR A 77 7.60 2.68 5.32
CA TYR A 77 7.47 4.05 4.73
C TYR A 77 6.24 4.74 5.30
N SER A 78 6.27 6.05 5.34
CA SER A 78 5.14 6.85 5.87
C SER A 78 4.04 6.97 4.83
N PHE A 79 2.83 7.14 5.27
CA PHE A 79 1.69 7.27 4.33
C PHE A 79 0.43 7.71 5.08
N GLY A 80 -0.53 8.19 4.35
CA GLY A 80 -1.80 8.66 4.98
C GLY A 80 -2.73 9.22 3.92
N TRP A 81 -3.94 9.56 4.31
CA TRP A 81 -4.93 10.12 3.35
C TRP A 81 -5.17 11.60 3.65
N ASP A 82 -5.01 12.42 2.66
CA ASP A 82 -5.20 13.88 2.82
C ASP A 82 -6.67 14.18 3.08
N GLY A 83 -7.54 13.48 2.38
CA GLY A 83 -9.01 13.68 2.54
C GLY A 83 -9.36 13.81 4.01
N SER A 84 -9.60 15.02 4.45
CA SER A 84 -9.96 15.29 5.86
C SER A 84 -8.89 14.73 6.80
N GLU A 85 -8.74 15.37 7.93
CA GLU A 85 -7.73 14.93 8.94
C GLU A 85 -6.40 14.67 8.25
N VAL A 86 -5.51 15.64 8.32
CA VAL A 86 -4.18 15.49 7.68
C VAL A 86 -3.30 14.58 8.54
N VAL A 87 -2.64 13.65 7.92
CA VAL A 87 -1.77 12.70 8.65
C VAL A 87 -0.29 12.90 8.21
N PRO A 88 0.38 13.86 8.78
CA PRO A 88 1.79 14.16 8.46
C PRO A 88 2.74 13.13 9.09
N PRO A 89 3.97 13.09 8.65
CA PRO A 89 4.98 12.14 9.17
C PRO A 89 5.03 12.14 10.70
N GLY A 90 5.13 10.97 11.28
CA GLY A 90 5.19 10.84 12.76
C GLY A 90 3.83 10.44 13.30
N SER A 91 2.78 11.00 12.76
CA SER A 91 1.40 10.69 13.24
C SER A 91 1.09 9.23 12.97
N SER A 92 1.45 8.75 11.79
CA SER A 92 1.18 7.32 11.45
C SER A 92 2.29 6.77 10.57
N LEU A 93 2.62 5.52 10.77
CA LEU A 93 3.71 4.86 9.98
C LEU A 93 3.20 3.54 9.41
N VAL A 94 3.47 3.31 8.16
CA VAL A 94 3.03 2.04 7.50
C VAL A 94 4.22 1.12 7.31
N GLU A 95 4.05 -0.13 7.69
CA GLU A 95 5.15 -1.14 7.55
C GLU A 95 4.57 -2.47 7.06
N ILE A 96 5.30 -3.15 6.22
CA ILE A 96 4.84 -4.47 5.67
C ILE A 96 5.97 -5.50 5.79
N ASP A 97 5.64 -6.67 6.30
CA ASP A 97 6.66 -7.75 6.49
C ASP A 97 6.38 -8.91 5.53
N LEU A 98 7.42 -9.44 4.94
CA LEU A 98 7.27 -10.59 3.99
C LEU A 98 7.78 -11.87 4.65
N ILE A 99 6.95 -12.89 4.66
CA ILE A 99 7.35 -14.19 5.27
C ILE A 99 7.01 -15.34 4.32
N GLU A 100 8.00 -16.16 4.04
CA GLU A 100 7.82 -17.32 3.14
C GLU A 100 6.99 -18.38 3.84
N GLN A 101 6.06 -18.97 3.13
CA GLN A 101 5.20 -20.03 3.71
C GLN A 101 4.80 -21.02 2.61
N GLY A 102 5.44 -22.15 2.59
CA GLY A 102 5.14 -23.20 1.60
C GLY A 102 5.35 -22.68 0.18
N GLY A 103 4.51 -23.11 -0.72
CA GLY A 103 4.62 -22.68 -2.14
C GLY A 103 4.27 -21.20 -2.26
N GLY A 104 3.25 -20.77 -1.55
CA GLY A 104 2.81 -19.34 -1.60
C GLY A 104 3.64 -18.51 -0.65
N THR A 105 3.37 -17.23 -0.61
CA THR A 105 4.12 -16.30 0.29
C THR A 105 3.15 -15.58 1.24
N LEU A 106 3.47 -15.59 2.50
CA LEU A 106 2.62 -14.94 3.52
C LEU A 106 2.99 -13.47 3.65
N LEU A 107 2.01 -12.62 3.49
CA LEU A 107 2.24 -11.16 3.59
C LEU A 107 1.51 -10.59 4.80
N ARG A 108 2.24 -9.91 5.65
CA ARG A 108 1.64 -9.30 6.87
C ARG A 108 1.71 -7.79 6.80
N LEU A 109 0.64 -7.13 7.13
CA LEU A 109 0.59 -5.64 7.09
C LEU A 109 0.42 -5.11 8.50
N THR A 110 1.31 -4.22 8.88
CA THR A 110 1.26 -3.60 10.24
C THR A 110 1.11 -2.08 10.10
N HIS A 111 0.17 -1.52 10.80
CA HIS A 111 -0.07 -0.05 10.74
C HIS A 111 -0.09 0.51 12.16
N SER A 112 0.50 1.67 12.32
CA SER A 112 0.55 2.31 13.66
C SER A 112 0.11 3.77 13.55
N GLY A 113 -0.65 4.21 14.51
CA GLY A 113 -1.15 5.62 14.53
C GLY A 113 -2.67 5.62 14.75
N LEU A 114 -3.40 5.87 13.70
CA LEU A 114 -4.89 5.91 13.77
C LEU A 114 -5.34 6.67 15.02
N PRO A 115 -5.22 7.98 15.01
CA PRO A 115 -5.61 8.83 16.17
C PRO A 115 -7.13 9.01 16.24
N SER A 116 -7.83 8.58 15.22
CA SER A 116 -9.32 8.72 15.19
C SER A 116 -9.96 7.36 14.90
N ALA A 117 -11.13 7.15 15.42
CA ALA A 117 -11.86 5.87 15.23
C ALA A 117 -12.27 5.73 13.78
N GLU A 118 -12.63 6.83 13.15
CA GLU A 118 -13.08 6.80 11.73
C GLU A 118 -11.94 6.29 10.86
N GLN A 119 -10.73 6.67 11.18
CA GLN A 119 -9.55 6.23 10.39
C GLN A 119 -9.36 4.72 10.54
N CYS A 120 -9.65 4.19 11.70
CA CYS A 120 -9.48 2.73 11.94
C CYS A 120 -10.44 1.97 11.03
N ALA A 121 -11.67 2.42 10.96
CA ALA A 121 -12.69 1.75 10.12
C ALA A 121 -12.29 1.86 8.65
N GLY A 122 -11.81 3.02 8.27
CA GLY A 122 -11.40 3.25 6.85
C GLY A 122 -10.19 2.39 6.51
N HIS A 123 -9.21 2.38 7.39
CA HIS A 123 -7.98 1.59 7.14
C HIS A 123 -8.30 0.10 7.21
N GLU A 124 -9.06 -0.29 8.22
CA GLU A 124 -9.41 -1.72 8.40
C GLU A 124 -9.96 -2.28 7.09
N GLU A 125 -11.05 -1.73 6.63
CA GLU A 125 -11.68 -2.21 5.37
C GLU A 125 -10.81 -1.83 4.18
N GLY A 126 -10.14 -0.69 4.28
CA GLY A 126 -9.28 -0.23 3.16
C GLY A 126 -8.20 -1.25 2.87
N TRP A 127 -7.44 -1.60 3.88
CA TRP A 127 -6.34 -2.59 3.70
C TRP A 127 -6.91 -3.93 3.29
N ALA A 128 -8.06 -4.28 3.83
CA ALA A 128 -8.68 -5.59 3.51
C ALA A 128 -8.92 -5.68 2.00
N HIS A 129 -9.35 -4.59 1.40
CA HIS A 129 -9.62 -4.60 -0.07
C HIS A 129 -8.31 -4.76 -0.83
N TYR A 130 -7.30 -4.03 -0.45
CA TYR A 130 -5.98 -4.12 -1.14
C TYR A 130 -5.39 -5.51 -0.95
N LEU A 131 -5.47 -6.01 0.26
CA LEU A 131 -4.91 -7.36 0.56
C LEU A 131 -5.64 -8.42 -0.25
N GLY A 132 -6.95 -8.31 -0.31
CA GLY A 132 -7.77 -9.29 -1.07
C GLY A 132 -7.56 -9.10 -2.57
N ARG A 133 -7.51 -7.86 -3.00
CA ARG A 133 -7.34 -7.57 -4.44
C ARG A 133 -5.93 -7.97 -4.88
N LEU A 134 -4.95 -7.67 -4.06
CA LEU A 134 -3.55 -8.00 -4.40
C LEU A 134 -3.39 -9.53 -4.48
N THR A 135 -4.05 -10.23 -3.58
CA THR A 135 -3.96 -11.71 -3.54
C THR A 135 -4.44 -12.30 -4.85
N GLU A 136 -5.53 -11.79 -5.38
CA GLU A 136 -6.09 -12.32 -6.66
C GLU A 136 -5.13 -12.03 -7.81
N VAL A 137 -4.57 -10.83 -7.84
CA VAL A 137 -3.64 -10.47 -8.94
C VAL A 137 -2.37 -11.31 -8.83
N ALA A 138 -1.87 -11.50 -7.63
CA ALA A 138 -0.63 -12.30 -7.43
C ALA A 138 -0.82 -13.69 -8.02
N ALA A 139 -2.06 -14.12 -8.12
CA ALA A 139 -2.35 -15.48 -8.68
C ALA A 139 -2.43 -15.39 -10.20
N GLY A 140 -2.30 -14.20 -10.73
CA GLY A 140 -2.31 -14.00 -12.20
C GLY A 140 -3.56 -14.62 -12.81
N ARG A 141 -4.49 -13.79 -13.23
CA ARG A 141 -5.76 -14.30 -13.84
C ARG A 141 -6.40 -13.19 -14.68
N ASP A 142 -7.52 -12.68 -14.22
CA ASP A 142 -8.25 -11.61 -14.96
C ASP A 142 -8.95 -10.68 -13.95
N PRO A 143 -8.19 -9.80 -13.33
CA PRO A 143 -8.73 -8.84 -12.33
C PRO A 143 -9.63 -7.78 -12.96
N GLY A 144 -10.63 -7.35 -12.23
CA GLY A 144 -11.59 -6.34 -12.73
C GLY A 144 -11.07 -4.92 -12.40
N PRO A 145 -11.95 -3.96 -12.43
CA PRO A 145 -11.61 -2.53 -12.16
C PRO A 145 -11.52 -2.22 -10.66
N ASP A 146 -11.43 -0.96 -10.33
CA ASP A 146 -11.33 -0.53 -8.90
C ASP A 146 -12.47 0.42 -8.53
N PRO A 147 -13.61 -0.13 -8.17
CA PRO A 147 -14.81 0.66 -7.76
C PRO A 147 -14.53 1.58 -6.58
N PHE A 148 -15.22 2.70 -6.53
CA PHE A 148 -15.03 3.67 -5.43
C PHE A 148 -15.10 2.97 -4.08
N TYR A 149 -14.37 3.48 -3.12
CA TYR A 149 -14.33 2.87 -1.76
C TYR A 149 -15.72 2.89 -1.15
N GLY A 150 -16.43 3.99 -1.30
CA GLY A 150 -17.79 4.12 -0.72
C GLY A 150 -18.83 3.55 -1.68
N ARG A 151 -19.31 2.37 -1.38
CA ARG A 151 -20.33 1.71 -2.26
C ARG A 151 -21.72 2.01 -1.71
N ARG A 152 -21.79 2.59 -0.53
CA ARG A 152 -23.11 2.92 0.08
C ARG A 152 -23.79 4.03 -0.74
N LEU A 153 -23.01 4.98 -1.20
CA LEU A 153 -23.57 6.11 -2.00
C LEU A 153 -24.73 6.73 -1.26
N GLU A 154 -24.92 6.35 -0.02
CA GLU A 154 -26.03 6.92 0.79
C GLU A 154 -25.66 6.86 2.27
N HIS A 155 -25.01 7.89 2.74
CA HIS A 155 -24.58 7.95 4.17
C HIS A 155 -25.70 8.50 5.04
N HIS A 156 -25.68 8.14 6.30
CA HIS A 156 -26.73 8.57 7.27
C HIS A 156 -26.59 10.07 7.53
N HIS A 157 -27.37 10.85 6.83
CA HIS A 157 -27.32 12.34 6.99
C HIS A 157 -27.83 12.70 8.37
N HIS A 158 -28.91 12.08 8.80
CA HIS A 158 -29.49 12.36 10.13
C HIS A 158 -30.38 11.20 10.57
N HIS A 159 -29.78 10.10 10.94
CA HIS A 159 -30.56 8.90 11.37
C HIS A 159 -31.30 9.22 12.68
N HIS A 160 -30.62 9.89 13.59
CA HIS A 160 -31.26 10.24 14.89
C HIS A 160 -32.25 11.39 14.71
N MET A 1 7.28 -11.57 27.60
CA MET A 1 8.37 -10.57 27.74
C MET A 1 8.86 -10.17 26.35
N GLU A 2 8.18 -10.64 25.34
CA GLU A 2 8.57 -10.31 23.93
C GLU A 2 7.32 -10.28 23.06
N LYS A 3 6.29 -10.94 23.51
CA LYS A 3 5.02 -10.98 22.72
C LYS A 3 4.24 -9.66 22.89
N ALA A 4 3.58 -9.24 21.85
CA ALA A 4 2.80 -7.98 21.91
C ALA A 4 3.67 -6.82 22.41
N MET A 5 3.14 -5.63 22.34
CA MET A 5 3.91 -4.43 22.80
C MET A 5 3.08 -3.16 22.51
N PRO A 6 2.52 -3.05 21.33
CA PRO A 6 1.71 -1.85 20.97
C PRO A 6 0.52 -1.66 21.91
N GLU A 7 0.17 -0.43 22.18
CA GLU A 7 -0.98 -0.13 23.09
C GLU A 7 -1.96 0.79 22.35
N SER A 8 -1.46 1.59 21.44
CA SER A 8 -2.36 2.52 20.70
C SER A 8 -3.13 1.76 19.61
N PHE A 9 -4.12 2.41 19.04
CA PHE A 9 -4.95 1.76 17.99
C PHE A 9 -4.06 1.36 16.81
N VAL A 10 -3.83 0.07 16.68
CA VAL A 10 -2.99 -0.44 15.55
C VAL A 10 -3.76 -1.54 14.83
N VAL A 11 -3.73 -1.51 13.52
CA VAL A 11 -4.46 -2.52 12.72
C VAL A 11 -3.45 -3.45 12.03
N ARG A 12 -3.67 -4.74 12.15
CA ARG A 12 -2.76 -5.73 11.51
C ARG A 12 -3.56 -6.62 10.56
N ARG A 13 -3.01 -6.88 9.41
CA ARG A 13 -3.72 -7.73 8.40
C ARG A 13 -2.76 -8.75 7.80
N GLU A 14 -3.31 -9.82 7.29
CA GLU A 14 -2.45 -10.89 6.68
C GLU A 14 -3.07 -11.35 5.37
N ALA A 15 -2.24 -11.79 4.46
CA ALA A 15 -2.76 -12.27 3.15
C ALA A 15 -1.76 -13.28 2.58
N HIS A 16 -2.26 -14.43 2.21
CA HIS A 16 -1.37 -15.49 1.65
C HIS A 16 -1.34 -15.36 0.12
N LEU A 17 -0.16 -15.31 -0.45
CA LEU A 17 -0.02 -15.19 -1.93
C LEU A 17 0.67 -16.43 -2.48
N ALA A 18 0.21 -16.89 -3.62
CA ALA A 18 0.81 -18.09 -4.24
C ALA A 18 2.04 -17.66 -5.05
N ALA A 19 2.37 -16.39 -5.00
CA ALA A 19 3.55 -15.89 -5.76
C ALA A 19 4.76 -15.78 -4.81
N PRO A 20 5.95 -15.99 -5.31
CA PRO A 20 7.18 -15.91 -4.49
C PRO A 20 7.47 -14.49 -4.00
N PRO A 21 8.34 -14.33 -3.03
CA PRO A 21 8.72 -12.99 -2.49
C PRO A 21 9.14 -12.04 -3.62
N ALA A 22 9.85 -12.55 -4.58
CA ALA A 22 10.30 -11.70 -5.72
C ALA A 22 9.10 -11.12 -6.46
N ALA A 23 8.08 -11.90 -6.65
CA ALA A 23 6.87 -11.41 -7.38
C ALA A 23 6.20 -10.29 -6.56
N VAL A 24 6.14 -10.46 -5.27
CA VAL A 24 5.51 -9.41 -4.41
C VAL A 24 6.35 -8.13 -4.46
N PHE A 25 7.63 -8.27 -4.34
CA PHE A 25 8.54 -7.08 -4.38
C PHE A 25 8.41 -6.39 -5.74
N ALA A 26 8.39 -7.16 -6.80
CA ALA A 26 8.29 -6.57 -8.16
C ALA A 26 7.01 -5.73 -8.28
N LEU A 27 5.93 -6.21 -7.73
CA LEU A 27 4.65 -5.45 -7.80
C LEU A 27 4.79 -4.11 -7.07
N MET A 28 5.42 -4.11 -5.94
CA MET A 28 5.58 -2.85 -5.17
C MET A 28 6.78 -2.06 -5.71
N THR A 29 7.55 -2.65 -6.59
CA THR A 29 8.74 -1.95 -7.16
C THR A 29 8.40 -1.43 -8.57
N ASP A 30 7.22 -1.76 -9.06
CA ASP A 30 6.81 -1.28 -10.41
C ASP A 30 5.60 -0.35 -10.27
N PRO A 31 5.84 0.94 -10.18
CA PRO A 31 4.75 1.96 -10.02
C PRO A 31 3.63 1.78 -11.06
N GLU A 32 3.99 1.49 -12.27
CA GLU A 32 2.97 1.31 -13.35
C GLU A 32 2.17 0.03 -13.08
N LYS A 33 2.81 -1.00 -12.64
CA LYS A 33 2.08 -2.28 -12.37
C LYS A 33 1.09 -2.08 -11.23
N ILE A 34 1.43 -1.27 -10.26
CA ILE A 34 0.51 -1.03 -9.12
C ILE A 34 -0.77 -0.37 -9.63
N LEU A 35 -0.62 0.59 -10.51
CA LEU A 35 -1.81 1.31 -11.05
C LEU A 35 -2.72 0.31 -11.76
N ARG A 36 -2.20 -0.86 -12.06
CA ARG A 36 -3.03 -1.88 -12.76
C ARG A 36 -4.14 -2.40 -11.86
N TRP A 37 -3.84 -2.68 -10.61
CA TRP A 37 -4.87 -3.21 -9.66
C TRP A 37 -5.18 -2.17 -8.59
N MET A 38 -4.91 -0.92 -8.86
CA MET A 38 -5.20 0.14 -7.86
C MET A 38 -5.35 1.49 -8.55
N GLY A 39 -6.49 2.12 -8.42
CA GLY A 39 -6.73 3.43 -9.08
C GLY A 39 -6.17 4.56 -8.20
N THR A 40 -4.94 4.93 -8.42
CA THR A 40 -4.34 6.03 -7.62
C THR A 40 -3.07 6.53 -8.31
N GLU A 41 -3.15 7.67 -8.95
CA GLU A 41 -1.96 8.22 -9.66
C GLU A 41 -0.74 8.21 -8.76
N ALA A 42 0.39 7.83 -9.30
CA ALA A 42 1.64 7.79 -8.48
C ALA A 42 2.85 7.86 -9.41
N GLU A 43 3.94 8.35 -8.89
CA GLU A 43 5.19 8.46 -9.71
C GLU A 43 6.38 8.33 -8.76
N VAL A 44 7.04 7.19 -8.77
CA VAL A 44 8.20 6.97 -7.84
C VAL A 44 9.38 6.43 -8.64
N GLU A 45 10.56 6.94 -8.39
CA GLU A 45 11.76 6.46 -9.14
C GLU A 45 12.46 5.37 -8.30
N PRO A 46 13.17 4.46 -8.94
CA PRO A 46 13.89 3.36 -8.25
C PRO A 46 14.67 3.86 -7.03
N GLU A 47 15.51 4.84 -7.20
CA GLU A 47 16.31 5.38 -6.06
C GLU A 47 16.44 6.91 -6.22
N PRO A 48 17.12 7.37 -7.26
CA PRO A 48 17.30 8.84 -7.49
C PRO A 48 15.96 9.57 -7.63
N GLY A 49 15.91 10.79 -7.15
CA GLY A 49 14.67 11.61 -7.24
C GLY A 49 14.06 11.75 -5.84
N GLY A 50 13.60 10.66 -5.27
CA GLY A 50 13.00 10.72 -3.90
C GLY A 50 11.57 11.28 -4.01
N LEU A 51 11.05 11.34 -5.19
CA LEU A 51 9.67 11.88 -5.40
C LEU A 51 8.63 10.89 -4.85
N TYR A 52 7.57 11.41 -4.29
CA TYR A 52 6.50 10.52 -3.76
C TYR A 52 5.21 11.33 -3.68
N LEU A 53 4.49 11.39 -4.77
CA LEU A 53 3.21 12.17 -4.80
C LEU A 53 2.04 11.23 -5.10
N VAL A 54 0.96 11.40 -4.40
CA VAL A 54 -0.25 10.54 -4.60
C VAL A 54 -1.46 11.43 -4.82
N ASN A 55 -2.26 11.09 -5.80
CA ASN A 55 -3.49 11.88 -6.12
C ASN A 55 -3.28 13.37 -5.87
N VAL A 56 -3.76 13.87 -4.76
CA VAL A 56 -3.61 15.33 -4.46
C VAL A 56 -2.14 15.69 -4.33
N THR A 57 -1.74 16.77 -4.96
CA THR A 57 -0.31 17.21 -4.89
C THR A 57 -0.23 18.55 -4.14
N GLY A 58 0.94 18.87 -3.65
CA GLY A 58 1.13 20.15 -2.90
C GLY A 58 2.18 19.93 -1.80
N ALA A 59 3.20 19.18 -2.12
CA ALA A 59 4.27 18.91 -1.12
C ALA A 59 3.69 18.31 0.16
N ARG A 60 4.39 18.47 1.26
CA ARG A 60 3.92 17.91 2.56
C ARG A 60 3.90 16.38 2.48
N PHE A 61 4.01 15.83 1.29
CA PHE A 61 4.01 14.35 1.15
C PHE A 61 5.38 13.77 1.53
N ALA A 62 5.37 12.62 2.16
CA ALA A 62 6.64 11.96 2.58
C ALA A 62 7.57 12.97 3.25
N ARG A 63 8.78 12.55 3.56
CA ARG A 63 9.77 13.45 4.23
C ARG A 63 10.87 13.79 3.22
N GLY A 64 10.80 13.24 2.05
CA GLY A 64 11.83 13.54 1.01
C GLY A 64 12.89 12.43 1.00
N SER A 65 12.87 11.56 1.99
CA SER A 65 13.89 10.45 2.03
C SER A 65 13.21 9.15 2.46
N PHE A 66 13.70 8.05 1.95
CA PHE A 66 13.10 6.72 2.30
C PHE A 66 13.55 6.29 3.69
N ARG A 67 12.67 5.66 4.42
CA ARG A 67 13.01 5.19 5.79
C ARG A 67 13.86 3.93 5.71
N GLU A 68 13.25 2.80 5.41
CA GLU A 68 14.03 1.54 5.33
C GLU A 68 13.42 0.63 4.27
N VAL A 69 14.24 0.13 3.37
CA VAL A 69 13.74 -0.79 2.31
C VAL A 69 14.60 -2.05 2.27
N VAL A 70 13.96 -3.19 2.21
CA VAL A 70 14.71 -4.49 2.16
C VAL A 70 13.95 -5.44 1.21
N PRO A 71 14.36 -5.55 -0.03
CA PRO A 71 13.69 -6.44 -1.03
C PRO A 71 13.50 -7.88 -0.54
N VAL A 72 12.53 -8.55 -1.12
CA VAL A 72 12.22 -9.97 -0.73
C VAL A 72 12.48 -10.21 0.75
N HIS A 73 12.19 -9.23 1.56
CA HIS A 73 12.40 -9.37 3.03
C HIS A 73 11.45 -8.45 3.78
N ARG A 74 11.82 -7.21 3.93
CA ARG A 74 10.96 -6.25 4.69
C ARG A 74 10.96 -4.87 4.03
N LEU A 75 9.92 -4.11 4.25
CA LEU A 75 9.84 -2.74 3.65
C LEU A 75 9.17 -1.81 4.65
N ALA A 76 9.85 -0.76 5.05
CA ALA A 76 9.26 0.21 6.03
C ALA A 76 9.13 1.58 5.37
N TYR A 77 7.99 2.20 5.50
CA TYR A 77 7.79 3.54 4.89
C TYR A 77 6.50 4.15 5.45
N SER A 78 6.49 5.45 5.61
CA SER A 78 5.29 6.13 6.17
C SER A 78 4.19 6.24 5.10
N PHE A 79 2.95 6.26 5.52
CA PHE A 79 1.83 6.37 4.55
C PHE A 79 0.50 6.53 5.30
N GLY A 80 -0.54 6.84 4.59
CA GLY A 80 -1.89 7.01 5.24
C GLY A 80 -2.71 7.98 4.40
N TRP A 81 -2.12 8.53 3.36
CA TRP A 81 -2.85 9.50 2.50
C TRP A 81 -3.75 8.76 1.49
N ASP A 82 -4.50 9.51 0.73
CA ASP A 82 -5.41 8.92 -0.30
C ASP A 82 -6.49 8.07 0.36
N GLY A 83 -7.74 8.42 0.11
CA GLY A 83 -8.87 7.65 0.70
C GLY A 83 -9.12 8.15 2.11
N SER A 84 -8.14 8.75 2.72
CA SER A 84 -8.30 9.25 4.12
C SER A 84 -8.95 10.63 4.12
N GLU A 85 -9.61 10.98 5.20
CA GLU A 85 -10.29 12.30 5.31
C GLU A 85 -9.44 13.27 6.14
N VAL A 86 -8.52 12.75 6.92
CA VAL A 86 -7.68 13.66 7.75
C VAL A 86 -6.35 12.96 8.06
N VAL A 87 -5.25 13.59 7.73
CA VAL A 87 -3.92 12.99 7.99
C VAL A 87 -2.90 14.13 8.21
N PRO A 88 -2.75 14.59 9.43
CA PRO A 88 -1.80 15.70 9.76
C PRO A 88 -0.36 15.34 9.38
N PRO A 89 0.59 16.17 9.73
CA PRO A 89 2.03 15.93 9.42
C PRO A 89 2.57 14.65 10.08
N GLY A 90 3.48 13.99 9.41
CA GLY A 90 4.06 12.74 9.97
C GLY A 90 3.12 11.57 9.71
N SER A 91 1.87 11.86 9.50
CA SER A 91 0.85 10.80 9.21
C SER A 91 1.14 9.52 10.00
N SER A 92 0.62 8.41 9.54
CA SER A 92 0.83 7.12 10.25
C SER A 92 2.08 6.41 9.73
N LEU A 93 2.33 5.23 10.25
CA LEU A 93 3.52 4.45 9.82
C LEU A 93 3.07 3.10 9.26
N VAL A 94 3.55 2.77 8.07
CA VAL A 94 3.15 1.49 7.43
C VAL A 94 4.40 0.62 7.22
N GLU A 95 4.31 -0.64 7.58
CA GLU A 95 5.46 -1.56 7.42
C GLU A 95 4.98 -2.87 6.78
N ILE A 96 5.78 -3.45 5.93
CA ILE A 96 5.39 -4.73 5.24
C ILE A 96 6.50 -5.78 5.44
N ASP A 97 6.11 -6.97 5.83
CA ASP A 97 7.11 -8.06 6.03
C ASP A 97 6.73 -9.26 5.16
N LEU A 98 7.71 -9.85 4.51
CA LEU A 98 7.45 -11.04 3.63
C LEU A 98 8.04 -12.28 4.29
N ILE A 99 7.26 -13.33 4.36
CA ILE A 99 7.76 -14.60 4.99
C ILE A 99 7.77 -15.72 3.95
N GLU A 100 8.88 -16.41 3.86
CA GLU A 100 8.99 -17.52 2.87
C GLU A 100 8.31 -18.76 3.42
N GLN A 101 7.21 -19.15 2.83
CA GLN A 101 6.47 -20.36 3.29
C GLN A 101 6.71 -21.49 2.27
N GLY A 102 7.32 -21.17 1.17
CA GLY A 102 7.60 -22.21 0.13
C GLY A 102 6.49 -22.27 -0.91
N GLY A 103 5.32 -22.70 -0.50
CA GLY A 103 4.18 -22.79 -1.46
C GLY A 103 3.54 -21.41 -1.66
N GLY A 104 4.04 -20.42 -0.98
CA GLY A 104 3.47 -19.05 -1.14
C GLY A 104 4.24 -18.07 -0.25
N THR A 105 3.84 -16.82 -0.24
CA THR A 105 4.54 -15.80 0.59
C THR A 105 3.54 -15.06 1.48
N LEU A 106 3.83 -14.99 2.74
CA LEU A 106 2.92 -14.29 3.68
C LEU A 106 3.21 -12.80 3.67
N LEU A 107 2.19 -11.99 3.60
CA LEU A 107 2.39 -10.52 3.59
C LEU A 107 1.70 -9.94 4.82
N ARG A 108 2.47 -9.36 5.71
CA ARG A 108 1.90 -8.77 6.96
C ARG A 108 1.90 -7.25 6.84
N LEU A 109 0.80 -6.64 7.18
CA LEU A 109 0.70 -5.14 7.10
C LEU A 109 0.46 -4.57 8.48
N THR A 110 1.30 -3.64 8.89
CA THR A 110 1.14 -3.01 10.23
C THR A 110 0.84 -1.52 10.05
N HIS A 111 -0.26 -1.08 10.59
CA HIS A 111 -0.65 0.36 10.47
C HIS A 111 -0.79 0.96 11.87
N SER A 112 0.03 1.93 12.17
CA SER A 112 -0.02 2.57 13.53
C SER A 112 0.13 4.08 13.38
N GLY A 113 -0.41 4.82 14.32
CA GLY A 113 -0.34 6.31 14.27
C GLY A 113 -1.56 6.85 13.53
N LEU A 114 -2.65 6.14 13.59
CA LEU A 114 -3.88 6.59 12.89
C LEU A 114 -4.43 7.85 13.56
N PRO A 115 -5.09 8.70 12.80
CA PRO A 115 -5.67 9.97 13.32
C PRO A 115 -6.81 9.72 14.30
N SER A 116 -7.93 9.22 13.81
CA SER A 116 -9.10 8.95 14.68
C SER A 116 -9.61 7.53 14.45
N ALA A 117 -10.43 7.05 15.34
CA ALA A 117 -10.98 5.67 15.20
C ALA A 117 -11.84 5.56 13.93
N GLU A 118 -12.54 6.61 13.59
CA GLU A 118 -13.40 6.58 12.37
C GLU A 118 -12.56 6.15 11.16
N GLN A 119 -11.43 6.75 10.98
CA GLN A 119 -10.56 6.37 9.83
C GLN A 119 -9.97 4.98 10.05
N CYS A 120 -9.75 4.62 11.29
CA CYS A 120 -9.17 3.27 11.58
C CYS A 120 -10.13 2.20 11.09
N ALA A 121 -11.40 2.36 11.35
CA ALA A 121 -12.40 1.35 10.90
C ALA A 121 -12.45 1.31 9.38
N GLY A 122 -12.48 2.47 8.76
CA GLY A 122 -12.54 2.52 7.26
C GLY A 122 -11.23 1.97 6.68
N HIS A 123 -10.13 2.25 7.31
CA HIS A 123 -8.82 1.75 6.79
C HIS A 123 -8.77 0.23 6.89
N GLU A 124 -9.19 -0.32 7.99
CA GLU A 124 -9.15 -1.80 8.16
C GLU A 124 -9.93 -2.46 7.02
N GLU A 125 -11.12 -1.98 6.75
CA GLU A 125 -11.92 -2.58 5.65
C GLU A 125 -11.27 -2.24 4.31
N GLY A 126 -10.70 -1.08 4.19
CA GLY A 126 -10.05 -0.68 2.91
C GLY A 126 -8.83 -1.58 2.66
N TRP A 127 -7.99 -1.73 3.64
CA TRP A 127 -6.78 -2.59 3.46
C TRP A 127 -7.19 -4.02 3.11
N ALA A 128 -8.24 -4.50 3.71
CA ALA A 128 -8.68 -5.90 3.42
C ALA A 128 -9.10 -6.00 1.95
N HIS A 129 -9.74 -4.98 1.43
CA HIS A 129 -10.17 -5.02 0.00
C HIS A 129 -8.93 -4.99 -0.91
N TYR A 130 -8.01 -4.11 -0.64
CA TYR A 130 -6.78 -4.02 -1.48
C TYR A 130 -5.97 -5.32 -1.34
N LEU A 131 -5.88 -5.84 -0.15
CA LEU A 131 -5.11 -7.09 0.07
C LEU A 131 -5.75 -8.23 -0.72
N GLY A 132 -7.05 -8.28 -0.72
CA GLY A 132 -7.76 -9.37 -1.45
C GLY A 132 -7.47 -9.26 -2.95
N ARG A 133 -7.44 -8.06 -3.46
CA ARG A 133 -7.17 -7.87 -4.92
C ARG A 133 -5.73 -8.29 -5.22
N LEU A 134 -4.83 -7.97 -4.33
CA LEU A 134 -3.40 -8.33 -4.56
C LEU A 134 -3.27 -9.86 -4.62
N THR A 135 -3.94 -10.55 -3.75
CA THR A 135 -3.85 -12.03 -3.72
C THR A 135 -4.39 -12.60 -5.04
N GLU A 136 -5.51 -12.09 -5.49
CA GLU A 136 -6.10 -12.59 -6.77
C GLU A 136 -5.20 -12.20 -7.94
N VAL A 137 -4.69 -11.00 -7.95
CA VAL A 137 -3.80 -10.57 -9.07
C VAL A 137 -2.51 -11.41 -9.04
N ALA A 138 -1.96 -11.59 -7.87
CA ALA A 138 -0.71 -12.40 -7.75
C ALA A 138 -0.98 -13.85 -8.13
N ALA A 139 -2.14 -14.35 -7.78
CA ALA A 139 -2.49 -15.76 -8.09
C ALA A 139 -3.42 -15.79 -9.31
N GLY A 140 -3.39 -14.74 -10.10
CA GLY A 140 -4.26 -14.69 -11.30
C GLY A 140 -4.08 -13.35 -12.01
N ARG A 141 -5.12 -12.81 -12.58
CA ARG A 141 -5.02 -11.51 -13.29
C ARG A 141 -6.42 -11.03 -13.68
N ASP A 142 -7.08 -10.33 -12.81
CA ASP A 142 -8.44 -9.82 -13.14
C ASP A 142 -8.93 -8.87 -12.03
N PRO A 143 -8.18 -7.84 -11.76
CA PRO A 143 -8.54 -6.83 -10.71
C PRO A 143 -9.68 -5.91 -11.14
N GLY A 144 -10.41 -5.38 -10.19
CA GLY A 144 -11.53 -4.47 -10.52
C GLY A 144 -12.13 -3.91 -9.22
N PRO A 145 -11.32 -3.26 -8.43
CA PRO A 145 -11.78 -2.65 -7.14
C PRO A 145 -12.65 -1.42 -7.38
N ASP A 146 -12.04 -0.30 -7.64
CA ASP A 146 -12.82 0.95 -7.89
C ASP A 146 -11.97 1.93 -8.71
N PRO A 147 -11.54 1.52 -9.88
CA PRO A 147 -10.70 2.38 -10.77
C PRO A 147 -11.44 3.65 -11.23
N PHE A 148 -10.71 4.72 -11.42
CA PHE A 148 -11.33 6.00 -11.88
C PHE A 148 -10.98 6.21 -13.35
N TYR A 149 -10.54 5.18 -14.01
CA TYR A 149 -10.17 5.29 -15.46
C TYR A 149 -9.17 6.42 -15.67
N GLY A 150 -9.63 7.56 -16.10
CA GLY A 150 -8.72 8.71 -16.35
C GLY A 150 -7.62 8.29 -17.33
N ARG A 151 -7.94 8.27 -18.60
CA ARG A 151 -6.93 7.86 -19.61
C ARG A 151 -5.84 8.94 -19.73
N ARG A 152 -4.60 8.53 -19.83
CA ARG A 152 -3.47 9.50 -19.95
C ARG A 152 -2.95 9.52 -21.39
N LEU A 153 -2.63 10.69 -21.87
CA LEU A 153 -2.13 10.81 -23.27
C LEU A 153 -0.63 10.52 -23.31
N GLU A 154 -0.22 9.69 -24.22
CA GLU A 154 1.22 9.35 -24.35
C GLU A 154 1.55 9.18 -25.83
N HIS A 155 2.45 9.99 -26.32
CA HIS A 155 2.84 9.90 -27.76
C HIS A 155 4.00 8.94 -27.92
N HIS A 156 3.77 7.84 -28.60
CA HIS A 156 4.85 6.83 -28.80
C HIS A 156 5.53 7.09 -30.15
N HIS A 157 6.81 7.37 -30.10
CA HIS A 157 7.57 7.65 -31.35
C HIS A 157 6.75 8.52 -32.29
N HIS A 158 6.81 9.81 -32.11
CA HIS A 158 6.03 10.76 -32.97
C HIS A 158 6.99 11.60 -33.81
N HIS A 159 6.86 11.52 -35.11
CA HIS A 159 7.75 12.30 -36.02
C HIS A 159 6.97 13.46 -36.64
N HIS A 160 7.54 14.64 -36.62
CA HIS A 160 6.86 15.82 -37.21
C HIS A 160 6.57 15.58 -38.69
N MET A 1 9.50 19.46 8.14
CA MET A 1 9.51 19.91 9.56
C MET A 1 10.01 18.75 10.43
N GLU A 2 10.00 17.56 9.89
CA GLU A 2 10.47 16.37 10.65
C GLU A 2 9.74 16.29 12.00
N LYS A 3 10.29 16.90 13.01
CA LYS A 3 9.67 16.86 14.35
C LYS A 3 9.37 15.43 14.79
N ALA A 4 8.84 15.28 15.96
CA ALA A 4 8.53 13.94 16.50
C ALA A 4 7.28 13.38 15.83
N MET A 5 7.18 12.09 15.73
CA MET A 5 5.98 11.46 15.10
C MET A 5 5.69 10.13 15.80
N PRO A 6 5.15 10.20 16.99
CA PRO A 6 4.80 8.98 17.79
C PRO A 6 3.88 8.02 17.03
N GLU A 7 3.20 7.17 17.76
CA GLU A 7 2.26 6.19 17.10
C GLU A 7 0.97 6.10 17.91
N SER A 8 -0.07 5.61 17.30
CA SER A 8 -1.36 5.47 18.01
C SER A 8 -2.13 4.27 17.45
N PHE A 9 -2.45 3.33 18.30
CA PHE A 9 -3.21 2.12 17.88
C PHE A 9 -2.46 1.39 16.76
N VAL A 10 -2.57 0.08 16.71
CA VAL A 10 -1.88 -0.71 15.66
C VAL A 10 -2.86 -1.70 15.03
N VAL A 11 -2.82 -1.79 13.73
CA VAL A 11 -3.73 -2.73 13.00
C VAL A 11 -2.88 -3.81 12.33
N ARG A 12 -3.25 -5.05 12.50
CA ARG A 12 -2.47 -6.17 11.89
C ARG A 12 -3.35 -6.93 10.90
N ARG A 13 -2.82 -7.22 9.75
CA ARG A 13 -3.58 -7.99 8.73
C ARG A 13 -2.68 -9.05 8.12
N GLU A 14 -3.24 -10.12 7.66
CA GLU A 14 -2.42 -11.21 7.06
C GLU A 14 -3.13 -11.79 5.85
N ALA A 15 -2.38 -12.21 4.87
CA ALA A 15 -2.99 -12.80 3.64
C ALA A 15 -1.99 -13.77 3.02
N HIS A 16 -2.48 -14.82 2.41
CA HIS A 16 -1.57 -15.82 1.77
C HIS A 16 -1.59 -15.64 0.26
N LEU A 17 -0.46 -15.37 -0.33
CA LEU A 17 -0.38 -15.17 -1.81
C LEU A 17 0.39 -16.33 -2.44
N ALA A 18 -0.18 -16.93 -3.44
CA ALA A 18 0.50 -18.06 -4.12
C ALA A 18 1.54 -17.51 -5.10
N ALA A 19 2.64 -17.03 -4.59
CA ALA A 19 3.70 -16.48 -5.48
C ALA A 19 4.91 -16.10 -4.63
N PRO A 20 6.08 -16.10 -5.21
CA PRO A 20 7.35 -15.73 -4.49
C PRO A 20 7.33 -14.28 -4.00
N PRO A 21 8.17 -13.95 -3.04
CA PRO A 21 8.25 -12.57 -2.47
C PRO A 21 8.73 -11.56 -3.53
N ALA A 22 9.51 -12.01 -4.47
CA ALA A 22 10.01 -11.10 -5.53
C ALA A 22 8.83 -10.64 -6.39
N ALA A 23 7.92 -11.52 -6.67
CA ALA A 23 6.75 -11.14 -7.52
C ALA A 23 5.93 -10.08 -6.79
N VAL A 24 5.67 -10.30 -5.53
CA VAL A 24 4.87 -9.31 -4.74
C VAL A 24 5.63 -7.98 -4.68
N PHE A 25 6.90 -8.05 -4.39
CA PHE A 25 7.72 -6.82 -4.31
C PHE A 25 7.75 -6.12 -5.67
N ALA A 26 7.94 -6.87 -6.72
CA ALA A 26 7.99 -6.24 -8.08
C ALA A 26 6.71 -5.45 -8.32
N LEU A 27 5.59 -5.96 -7.88
CA LEU A 27 4.31 -5.23 -8.07
C LEU A 27 4.34 -3.90 -7.32
N MET A 28 4.86 -3.92 -6.12
CA MET A 28 4.92 -2.66 -5.31
C MET A 28 6.16 -1.84 -5.68
N THR A 29 7.03 -2.40 -6.50
CA THR A 29 8.27 -1.65 -6.90
C THR A 29 8.14 -1.19 -8.33
N ASP A 30 6.99 -0.69 -8.71
CA ASP A 30 6.81 -0.20 -10.10
C ASP A 30 5.43 0.50 -10.22
N PRO A 31 5.37 1.67 -10.83
CA PRO A 31 4.09 2.42 -11.00
C PRO A 31 3.19 1.80 -12.08
N GLU A 32 3.79 1.24 -13.09
CA GLU A 32 3.00 0.63 -14.20
C GLU A 32 2.30 -0.64 -13.69
N LYS A 33 2.97 -1.44 -12.93
CA LYS A 33 2.35 -2.69 -12.42
C LYS A 33 1.20 -2.34 -11.46
N ILE A 34 1.39 -1.33 -10.65
CA ILE A 34 0.33 -0.93 -9.70
C ILE A 34 -0.91 -0.46 -10.48
N LEU A 35 -0.69 0.33 -11.50
CA LEU A 35 -1.84 0.82 -12.31
C LEU A 35 -2.45 -0.34 -13.09
N ARG A 36 -1.85 -1.49 -13.02
CA ARG A 36 -2.39 -2.66 -13.75
C ARG A 36 -3.73 -3.08 -13.14
N TRP A 37 -3.84 -3.08 -11.82
CA TRP A 37 -5.12 -3.49 -11.15
C TRP A 37 -5.85 -2.25 -10.62
N MET A 38 -5.14 -1.18 -10.42
CA MET A 38 -5.80 0.06 -9.90
C MET A 38 -6.41 0.84 -11.06
N GLY A 39 -5.59 1.50 -11.83
CA GLY A 39 -6.10 2.29 -12.99
C GLY A 39 -6.56 3.66 -12.49
N THR A 40 -6.33 3.96 -11.24
CA THR A 40 -6.75 5.27 -10.68
C THR A 40 -5.65 6.30 -10.96
N GLU A 41 -4.59 6.25 -10.22
CA GLU A 41 -3.48 7.21 -10.42
C GLU A 41 -2.27 6.80 -9.58
N ALA A 42 -1.08 7.11 -10.04
CA ALA A 42 0.14 6.75 -9.27
C ALA A 42 1.29 7.68 -9.70
N GLU A 43 1.98 8.24 -8.74
CA GLU A 43 3.10 9.17 -9.08
C GLU A 43 4.39 8.37 -9.28
N VAL A 44 5.26 8.88 -10.11
CA VAL A 44 6.56 8.19 -10.38
C VAL A 44 7.70 9.18 -10.17
N GLU A 45 8.81 8.71 -9.65
CA GLU A 45 9.97 9.63 -9.39
C GLU A 45 10.97 9.53 -10.54
N PRO A 46 11.73 10.58 -10.76
CA PRO A 46 12.77 10.61 -11.84
C PRO A 46 13.94 9.67 -11.52
N GLU A 47 14.06 9.24 -10.28
CA GLU A 47 15.17 8.32 -9.92
C GLU A 47 15.09 7.91 -8.43
N PRO A 48 14.90 8.85 -7.54
CA PRO A 48 14.83 8.54 -6.08
C PRO A 48 13.82 7.44 -5.75
N GLY A 49 14.19 6.56 -4.85
CA GLY A 49 13.28 5.43 -4.48
C GLY A 49 12.00 5.98 -3.85
N GLY A 50 11.10 6.49 -4.65
CA GLY A 50 9.82 7.03 -4.13
C GLY A 50 8.66 6.57 -5.02
N LEU A 51 8.69 5.33 -5.42
CA LEU A 51 7.59 4.80 -6.28
C LEU A 51 6.45 4.29 -5.40
N TYR A 52 6.66 4.26 -4.12
CA TYR A 52 5.60 3.77 -3.19
C TYR A 52 4.55 4.86 -2.99
N LEU A 53 4.22 5.58 -4.04
CA LEU A 53 3.22 6.67 -3.93
C LEU A 53 1.90 6.23 -4.56
N VAL A 54 0.82 6.41 -3.84
CA VAL A 54 -0.53 6.02 -4.36
C VAL A 54 -1.54 7.12 -4.02
N ASN A 55 -2.61 7.20 -4.76
CA ASN A 55 -3.66 8.22 -4.50
C ASN A 55 -4.91 7.51 -3.92
N VAL A 56 -4.73 6.32 -3.42
CA VAL A 56 -5.88 5.57 -2.85
C VAL A 56 -6.44 6.34 -1.65
N THR A 57 -5.58 6.80 -0.79
CA THR A 57 -6.02 7.57 0.41
C THR A 57 -5.18 8.84 0.53
N GLY A 58 -4.08 8.90 -0.18
CA GLY A 58 -3.22 10.11 -0.14
C GLY A 58 -2.45 10.19 1.18
N ALA A 59 -1.90 11.35 1.46
CA ALA A 59 -1.12 11.54 2.72
C ALA A 59 0.01 10.51 2.82
N ARG A 60 -0.03 9.68 3.82
CA ARG A 60 1.04 8.66 4.03
C ARG A 60 2.42 9.25 3.70
N PHE A 61 2.91 9.00 2.53
CA PHE A 61 4.25 9.54 2.14
C PHE A 61 4.20 11.07 2.17
N ALA A 62 3.18 11.65 1.60
CA ALA A 62 3.05 13.14 1.57
C ALA A 62 4.41 13.78 1.27
N ARG A 63 5.16 14.10 2.29
CA ARG A 63 6.49 14.73 2.07
C ARG A 63 7.49 14.25 3.13
N GLY A 64 8.72 14.07 2.75
CA GLY A 64 9.77 13.62 3.70
C GLY A 64 9.38 12.25 4.31
N SER A 65 10.10 11.22 3.96
CA SER A 65 9.79 9.88 4.51
C SER A 65 11.00 8.96 4.36
N PHE A 66 10.76 7.71 4.04
CA PHE A 66 11.87 6.72 3.88
C PHE A 66 12.69 6.63 5.16
N ARG A 67 12.73 5.45 5.73
CA ARG A 67 13.54 5.22 6.97
C ARG A 67 14.25 3.87 6.85
N GLU A 68 13.63 2.90 6.22
CA GLU A 68 14.29 1.58 6.08
C GLU A 68 13.71 0.83 4.88
N VAL A 69 14.56 0.37 4.01
CA VAL A 69 14.09 -0.39 2.80
C VAL A 69 14.81 -1.74 2.75
N VAL A 70 14.07 -2.79 2.60
CA VAL A 70 14.68 -4.15 2.52
C VAL A 70 13.82 -5.01 1.58
N PRO A 71 14.20 -5.09 0.32
CA PRO A 71 13.44 -5.90 -0.69
C PRO A 71 13.23 -7.35 -0.26
N VAL A 72 12.16 -7.95 -0.74
CA VAL A 72 11.83 -9.37 -0.40
C VAL A 72 12.23 -9.67 1.05
N HIS A 73 11.91 -8.78 1.94
CA HIS A 73 12.23 -8.98 3.38
C HIS A 73 11.33 -8.08 4.23
N ARG A 74 11.60 -6.80 4.22
CA ARG A 74 10.78 -5.85 5.04
C ARG A 74 10.70 -4.50 4.34
N LEU A 75 9.68 -3.74 4.63
CA LEU A 75 9.54 -2.40 3.99
C LEU A 75 8.91 -1.44 5.01
N ALA A 76 9.58 -0.36 5.33
CA ALA A 76 9.01 0.61 6.31
C ALA A 76 9.28 2.04 5.84
N TYR A 77 8.26 2.86 5.83
CA TYR A 77 8.43 4.27 5.39
C TYR A 77 7.18 5.06 5.80
N SER A 78 7.16 6.32 5.49
CA SER A 78 5.98 7.19 5.82
C SER A 78 6.09 7.73 7.23
N PHE A 79 5.39 8.79 7.52
CA PHE A 79 5.45 9.41 8.87
C PHE A 79 5.13 8.38 9.95
N GLY A 80 4.91 8.84 11.15
CA GLY A 80 4.58 7.92 12.27
C GLY A 80 5.79 7.07 12.64
N TRP A 81 6.18 7.09 13.89
CA TRP A 81 7.35 6.27 14.33
C TRP A 81 7.52 6.38 15.85
N ASP A 82 8.40 5.59 16.40
CA ASP A 82 8.64 5.61 17.87
C ASP A 82 7.33 5.39 18.63
N GLY A 83 7.20 4.23 19.23
CA GLY A 83 5.95 3.92 20.00
C GLY A 83 5.97 4.65 21.34
N SER A 84 5.15 5.66 21.48
CA SER A 84 5.11 6.42 22.77
C SER A 84 3.79 7.18 22.87
N GLU A 85 3.86 8.49 22.85
CA GLU A 85 2.63 9.31 22.96
C GLU A 85 1.78 9.21 21.69
N VAL A 86 0.79 10.06 21.59
CA VAL A 86 -0.12 10.03 20.41
C VAL A 86 0.44 10.88 19.27
N VAL A 87 -0.14 10.74 18.11
CA VAL A 87 0.29 11.52 16.92
C VAL A 87 -0.81 12.57 16.61
N PRO A 88 -0.63 13.80 17.04
CA PRO A 88 -1.63 14.87 16.77
C PRO A 88 -1.97 14.98 15.28
N PRO A 89 -0.98 14.94 14.41
CA PRO A 89 -1.21 15.05 12.95
C PRO A 89 -1.62 13.72 12.30
N GLY A 90 -2.16 13.79 11.12
CA GLY A 90 -2.59 12.56 10.40
C GLY A 90 -1.37 11.63 10.22
N SER A 91 -0.24 12.02 10.75
CA SER A 91 1.00 11.19 10.60
C SER A 91 0.66 9.70 10.74
N SER A 92 1.06 8.91 9.78
CA SER A 92 0.78 7.45 9.84
C SER A 92 2.02 6.68 9.46
N LEU A 93 2.17 5.50 10.00
CA LEU A 93 3.36 4.66 9.69
C LEU A 93 2.92 3.44 8.92
N VAL A 94 3.51 3.22 7.77
CA VAL A 94 3.14 2.03 6.94
C VAL A 94 4.32 1.04 6.92
N GLU A 95 4.07 -0.18 7.28
CA GLU A 95 5.16 -1.21 7.29
C GLU A 95 4.65 -2.51 6.66
N ILE A 96 5.49 -3.16 5.90
CA ILE A 96 5.07 -4.45 5.26
C ILE A 96 6.18 -5.48 5.48
N ASP A 97 5.84 -6.62 6.03
CA ASP A 97 6.86 -7.69 6.27
C ASP A 97 6.58 -8.85 5.33
N LEU A 98 7.60 -9.36 4.68
CA LEU A 98 7.41 -10.50 3.74
C LEU A 98 8.01 -11.77 4.35
N ILE A 99 7.25 -12.83 4.37
CA ILE A 99 7.76 -14.12 4.93
C ILE A 99 7.62 -15.23 3.89
N GLU A 100 8.69 -15.94 3.66
CA GLU A 100 8.64 -17.05 2.65
C GLU A 100 7.72 -18.16 3.16
N GLN A 101 6.91 -18.72 2.29
CA GLN A 101 5.98 -19.81 2.72
C GLN A 101 5.98 -20.94 1.70
N GLY A 102 5.84 -22.15 2.17
CA GLY A 102 5.82 -23.33 1.26
C GLY A 102 4.60 -23.25 0.34
N GLY A 103 3.49 -22.79 0.85
CA GLY A 103 2.26 -22.69 0.01
C GLY A 103 2.35 -21.42 -0.85
N GLY A 104 3.38 -20.65 -0.68
CA GLY A 104 3.52 -19.40 -1.48
C GLY A 104 4.32 -18.37 -0.68
N THR A 105 3.67 -17.32 -0.24
CA THR A 105 4.39 -16.28 0.56
C THR A 105 3.38 -15.59 1.48
N LEU A 106 3.66 -15.59 2.76
CA LEU A 106 2.74 -14.94 3.73
C LEU A 106 3.10 -13.46 3.86
N LEU A 107 2.12 -12.61 3.71
CA LEU A 107 2.37 -11.14 3.81
C LEU A 107 1.64 -10.57 5.02
N ARG A 108 2.36 -9.86 5.86
CA ARG A 108 1.75 -9.25 7.08
C ARG A 108 1.79 -7.73 6.93
N LEU A 109 0.69 -7.09 7.22
CA LEU A 109 0.62 -5.60 7.10
C LEU A 109 0.43 -4.99 8.48
N THR A 110 1.28 -4.06 8.84
CA THR A 110 1.18 -3.38 10.16
C THR A 110 1.00 -1.89 9.95
N HIS A 111 -0.01 -1.31 10.54
CA HIS A 111 -0.26 0.15 10.38
C HIS A 111 -0.41 0.79 11.76
N SER A 112 0.35 1.82 12.02
CA SER A 112 0.29 2.50 13.35
C SER A 112 0.16 4.01 13.15
N GLY A 113 -0.34 4.70 14.16
CA GLY A 113 -0.49 6.18 14.07
C GLY A 113 -1.94 6.52 13.70
N LEU A 114 -2.90 5.77 14.17
CA LEU A 114 -4.34 6.04 13.85
C LEU A 114 -5.08 6.42 15.13
N PRO A 115 -4.99 7.67 15.55
CA PRO A 115 -5.67 8.16 16.78
C PRO A 115 -7.17 8.36 16.54
N SER A 116 -7.59 8.27 15.30
CA SER A 116 -9.03 8.46 14.97
C SER A 116 -9.64 7.13 14.54
N ALA A 117 -10.84 6.86 14.99
CA ALA A 117 -11.53 5.58 14.63
C ALA A 117 -11.87 5.60 13.13
N GLU A 118 -12.18 6.74 12.60
CA GLU A 118 -12.53 6.83 11.16
C GLU A 118 -11.37 6.28 10.32
N GLN A 119 -10.17 6.68 10.64
CA GLN A 119 -8.99 6.19 9.86
C GLN A 119 -8.83 4.68 10.10
N CYS A 120 -9.06 4.25 11.31
CA CYS A 120 -8.91 2.78 11.61
C CYS A 120 -10.00 2.01 10.86
N ALA A 121 -11.22 2.48 10.92
CA ALA A 121 -12.33 1.78 10.21
C ALA A 121 -12.13 1.89 8.70
N GLY A 122 -11.74 3.04 8.23
CA GLY A 122 -11.53 3.24 6.76
C GLY A 122 -10.31 2.43 6.31
N HIS A 123 -9.27 2.43 7.09
CA HIS A 123 -8.04 1.69 6.71
C HIS A 123 -8.32 0.18 6.72
N GLU A 124 -9.01 -0.28 7.73
CA GLU A 124 -9.32 -1.74 7.81
C GLU A 124 -10.07 -2.18 6.55
N GLU A 125 -11.07 -1.44 6.16
CA GLU A 125 -11.85 -1.80 4.95
C GLU A 125 -10.99 -1.58 3.70
N GLY A 126 -10.21 -0.52 3.69
CA GLY A 126 -9.35 -0.23 2.51
C GLY A 126 -8.35 -1.36 2.29
N TRP A 127 -7.65 -1.72 3.34
CA TRP A 127 -6.65 -2.81 3.23
C TRP A 127 -7.35 -4.14 2.96
N ALA A 128 -8.53 -4.31 3.49
CA ALA A 128 -9.27 -5.59 3.30
C ALA A 128 -9.43 -5.89 1.81
N HIS A 129 -9.91 -4.94 1.05
CA HIS A 129 -10.09 -5.18 -0.41
C HIS A 129 -8.73 -5.18 -1.10
N TYR A 130 -7.81 -4.40 -0.61
CA TYR A 130 -6.47 -4.33 -1.25
C TYR A 130 -5.80 -5.70 -1.19
N LEU A 131 -5.80 -6.33 -0.05
CA LEU A 131 -5.17 -7.67 0.08
C LEU A 131 -5.92 -8.67 -0.80
N GLY A 132 -7.22 -8.61 -0.79
CA GLY A 132 -8.02 -9.55 -1.61
C GLY A 132 -7.75 -9.32 -3.11
N ARG A 133 -7.77 -8.08 -3.53
CA ARG A 133 -7.52 -7.78 -4.97
C ARG A 133 -6.10 -8.19 -5.34
N LEU A 134 -5.14 -7.89 -4.52
CA LEU A 134 -3.73 -8.27 -4.83
C LEU A 134 -3.60 -9.78 -4.86
N THR A 135 -4.28 -10.45 -3.96
CA THR A 135 -4.18 -11.94 -3.91
C THR A 135 -4.66 -12.53 -5.24
N GLU A 136 -5.74 -12.02 -5.77
CA GLU A 136 -6.26 -12.56 -7.06
C GLU A 136 -5.18 -12.42 -8.14
N VAL A 137 -4.55 -11.29 -8.23
CA VAL A 137 -3.50 -11.09 -9.26
C VAL A 137 -2.33 -12.04 -9.00
N ALA A 138 -1.89 -12.12 -7.78
CA ALA A 138 -0.75 -13.02 -7.43
C ALA A 138 -1.19 -14.48 -7.60
N ALA A 139 -2.42 -14.76 -7.27
CA ALA A 139 -2.93 -16.16 -7.38
C ALA A 139 -3.17 -16.50 -8.86
N GLY A 140 -2.72 -15.66 -9.76
CA GLY A 140 -2.92 -15.93 -11.20
C GLY A 140 -2.76 -14.63 -11.99
N ARG A 141 -3.77 -14.25 -12.72
CA ARG A 141 -3.70 -12.99 -13.51
C ARG A 141 -5.11 -12.48 -13.79
N ASP A 142 -5.49 -11.42 -13.15
CA ASP A 142 -6.85 -10.85 -13.36
C ASP A 142 -6.92 -9.46 -12.70
N PRO A 143 -5.95 -8.63 -12.95
CA PRO A 143 -5.92 -7.25 -12.37
C PRO A 143 -7.05 -6.37 -12.88
N GLY A 144 -7.77 -5.76 -11.97
CA GLY A 144 -8.90 -4.87 -12.35
C GLY A 144 -9.68 -5.44 -13.54
N PRO A 145 -10.48 -4.64 -14.17
CA PRO A 145 -11.30 -5.05 -15.35
C PRO A 145 -10.42 -5.63 -16.47
N ASP A 146 -10.69 -5.22 -17.69
CA ASP A 146 -9.89 -5.71 -18.86
C ASP A 146 -9.24 -4.53 -19.57
N PRO A 147 -8.48 -3.72 -18.86
CA PRO A 147 -7.79 -2.54 -19.46
C PRO A 147 -6.78 -2.96 -20.53
N PHE A 148 -6.62 -2.17 -21.56
CA PHE A 148 -5.67 -2.53 -22.65
C PHE A 148 -4.28 -1.95 -22.33
N TYR A 149 -3.56 -2.59 -21.45
CA TYR A 149 -2.18 -2.12 -21.10
C TYR A 149 -1.37 -3.28 -20.53
N GLY A 150 -0.37 -3.70 -21.24
CA GLY A 150 0.48 -4.84 -20.77
C GLY A 150 1.54 -4.35 -19.79
N ARG A 151 2.48 -5.19 -19.46
CA ARG A 151 3.55 -4.81 -18.50
C ARG A 151 4.43 -3.71 -19.11
N ARG A 152 5.50 -4.10 -19.74
CA ARG A 152 6.42 -3.09 -20.36
C ARG A 152 5.95 -2.78 -21.78
N LEU A 153 4.79 -3.24 -22.14
CA LEU A 153 4.26 -2.98 -23.50
C LEU A 153 3.83 -1.53 -23.63
N GLU A 154 4.16 -0.92 -24.75
CA GLU A 154 3.78 0.51 -24.98
C GLU A 154 2.73 0.58 -26.11
N HIS A 155 3.02 1.32 -27.15
CA HIS A 155 2.05 1.44 -28.27
C HIS A 155 2.84 1.40 -29.60
N HIS A 156 3.95 0.71 -29.60
CA HIS A 156 4.77 0.61 -30.84
C HIS A 156 4.05 -0.24 -31.87
N HIS A 157 2.97 0.26 -32.42
CA HIS A 157 2.20 -0.50 -33.44
C HIS A 157 3.05 -0.64 -34.71
N HIS A 158 3.77 0.39 -35.07
CA HIS A 158 4.61 0.32 -36.30
C HIS A 158 5.79 1.29 -36.17
N HIS A 159 6.83 1.08 -36.94
CA HIS A 159 8.02 1.97 -36.87
C HIS A 159 7.81 3.22 -37.74
N HIS A 160 8.01 4.37 -37.17
CA HIS A 160 7.83 5.65 -37.93
C HIS A 160 6.52 5.60 -38.72
N MET A 1 -21.38 0.18 23.16
CA MET A 1 -20.07 -0.06 23.83
C MET A 1 -19.12 -0.78 22.85
N GLU A 2 -18.25 -0.03 22.23
CA GLU A 2 -17.30 -0.63 21.25
C GLU A 2 -16.42 -1.67 21.95
N LYS A 3 -16.13 -2.75 21.26
CA LYS A 3 -15.28 -3.82 21.86
C LYS A 3 -13.81 -3.52 21.58
N ALA A 4 -13.55 -2.55 20.75
CA ALA A 4 -12.15 -2.21 20.41
C ALA A 4 -11.44 -1.59 21.62
N MET A 5 -10.20 -1.91 21.80
CA MET A 5 -9.43 -1.35 22.95
C MET A 5 -7.93 -1.36 22.60
N PRO A 6 -7.57 -0.81 21.46
CA PRO A 6 -6.15 -0.76 21.00
C PRO A 6 -5.28 0.15 21.87
N GLU A 7 -4.01 -0.17 21.96
CA GLU A 7 -3.08 0.65 22.77
C GLU A 7 -2.92 2.03 22.10
N SER A 8 -2.83 2.04 20.80
CA SER A 8 -2.67 3.34 20.08
C SER A 8 -3.20 3.20 18.65
N PHE A 9 -4.45 2.82 18.53
CA PHE A 9 -5.08 2.64 17.18
C PHE A 9 -4.07 2.06 16.18
N VAL A 10 -3.93 0.75 16.18
CA VAL A 10 -2.95 0.09 15.26
C VAL A 10 -3.69 -0.97 14.46
N VAL A 11 -3.43 -1.05 13.18
CA VAL A 11 -4.10 -2.07 12.32
C VAL A 11 -3.08 -3.05 11.78
N ARG A 12 -3.36 -4.32 11.87
CA ARG A 12 -2.42 -5.37 11.36
C ARG A 12 -3.20 -6.32 10.46
N ARG A 13 -2.76 -6.49 9.24
CA ARG A 13 -3.48 -7.40 8.28
C ARG A 13 -2.51 -8.46 7.77
N GLU A 14 -3.05 -9.58 7.36
CA GLU A 14 -2.21 -10.68 6.83
C GLU A 14 -2.89 -11.31 5.62
N ALA A 15 -2.11 -11.74 4.66
CA ALA A 15 -2.69 -12.37 3.44
C ALA A 15 -1.66 -13.31 2.82
N HIS A 16 -2.10 -14.39 2.23
CA HIS A 16 -1.18 -15.36 1.59
C HIS A 16 -1.26 -15.22 0.07
N LEU A 17 -0.18 -14.87 -0.56
CA LEU A 17 -0.17 -14.68 -2.04
C LEU A 17 0.58 -15.82 -2.72
N ALA A 18 0.01 -16.38 -3.74
CA ALA A 18 0.66 -17.49 -4.46
C ALA A 18 1.77 -16.95 -5.36
N ALA A 19 2.86 -16.53 -4.77
CA ALA A 19 3.99 -16.00 -5.57
C ALA A 19 5.18 -15.72 -4.64
N PRO A 20 6.39 -15.86 -5.11
CA PRO A 20 7.61 -15.62 -4.30
C PRO A 20 7.78 -14.13 -3.91
N PRO A 21 8.64 -13.84 -2.96
CA PRO A 21 8.90 -12.43 -2.53
C PRO A 21 9.21 -11.53 -3.73
N ALA A 22 9.94 -12.05 -4.68
CA ALA A 22 10.29 -11.25 -5.88
C ALA A 22 9.01 -10.88 -6.64
N ALA A 23 8.11 -11.82 -6.76
CA ALA A 23 6.84 -11.54 -7.48
C ALA A 23 6.03 -10.48 -6.72
N VAL A 24 5.86 -10.66 -5.45
CA VAL A 24 5.08 -9.67 -4.63
C VAL A 24 5.85 -8.35 -4.57
N PHE A 25 7.14 -8.42 -4.33
CA PHE A 25 7.95 -7.17 -4.26
C PHE A 25 7.90 -6.43 -5.61
N ALA A 26 8.05 -7.15 -6.67
CA ALA A 26 8.01 -6.52 -8.02
C ALA A 26 6.66 -5.81 -8.23
N LEU A 27 5.59 -6.48 -7.93
CA LEU A 27 4.24 -5.86 -8.10
C LEU A 27 4.11 -4.66 -7.16
N MET A 28 4.61 -4.79 -5.97
CA MET A 28 4.52 -3.67 -5.00
C MET A 28 5.56 -2.61 -5.35
N THR A 29 6.41 -2.91 -6.30
CA THR A 29 7.45 -1.93 -6.72
C THR A 29 7.30 -1.67 -8.22
N ASP A 30 6.40 -0.77 -8.55
CA ASP A 30 6.15 -0.41 -9.97
C ASP A 30 4.77 0.28 -10.04
N PRO A 31 4.70 1.52 -10.49
CA PRO A 31 3.39 2.25 -10.57
C PRO A 31 2.55 1.79 -11.76
N GLU A 32 3.18 1.46 -12.85
CA GLU A 32 2.42 1.00 -14.05
C GLU A 32 1.83 -0.39 -13.80
N LYS A 33 2.59 -1.27 -13.22
CA LYS A 33 2.09 -2.65 -12.95
C LYS A 33 0.95 -2.61 -11.93
N ILE A 34 1.12 -1.83 -10.90
CA ILE A 34 0.05 -1.73 -9.86
C ILE A 34 -1.23 -1.14 -10.47
N LEU A 35 -1.08 -0.14 -11.29
CA LEU A 35 -2.27 0.49 -11.94
C LEU A 35 -3.02 -0.56 -12.77
N ARG A 36 -2.47 -1.73 -12.88
CA ARG A 36 -3.12 -2.81 -13.67
C ARG A 36 -4.41 -3.28 -12.98
N TRP A 37 -4.37 -3.46 -11.68
CA TRP A 37 -5.58 -3.93 -10.94
C TRP A 37 -6.20 -2.75 -10.17
N MET A 38 -5.72 -1.56 -10.41
CA MET A 38 -6.30 -0.38 -9.70
C MET A 38 -5.98 0.89 -10.51
N GLY A 39 -6.80 1.20 -11.47
CA GLY A 39 -6.56 2.41 -12.31
C GLY A 39 -7.18 3.63 -11.64
N THR A 40 -6.43 4.29 -10.80
CA THR A 40 -6.96 5.49 -10.11
C THR A 40 -5.77 6.36 -9.69
N GLU A 41 -4.90 6.66 -10.62
CA GLU A 41 -3.69 7.49 -10.33
C GLU A 41 -2.91 6.89 -9.14
N ALA A 42 -1.77 6.32 -9.42
CA ALA A 42 -0.96 5.70 -8.32
C ALA A 42 0.52 5.96 -8.55
N GLU A 43 1.24 6.18 -7.48
CA GLU A 43 2.71 6.44 -7.59
C GLU A 43 3.38 5.95 -6.31
N VAL A 44 4.18 4.92 -6.41
CA VAL A 44 4.88 4.38 -5.21
C VAL A 44 6.24 5.07 -5.08
N GLU A 45 7.23 4.54 -5.74
CA GLU A 45 8.60 5.14 -5.67
C GLU A 45 9.39 4.71 -6.92
N PRO A 46 9.12 5.30 -8.04
CA PRO A 46 9.81 4.96 -9.31
C PRO A 46 11.24 5.52 -9.30
N GLU A 47 11.74 5.83 -8.14
CA GLU A 47 13.12 6.36 -8.03
C GLU A 47 13.49 6.53 -6.55
N PRO A 48 14.75 6.40 -6.20
CA PRO A 48 15.20 6.57 -4.79
C PRO A 48 14.66 7.84 -4.12
N GLY A 49 14.20 7.72 -2.91
CA GLY A 49 13.64 8.90 -2.17
C GLY A 49 12.24 9.21 -2.70
N GLY A 50 11.64 8.28 -3.38
CA GLY A 50 10.26 8.51 -3.94
C GLY A 50 9.24 8.66 -2.81
N LEU A 51 8.25 9.49 -3.02
CA LEU A 51 7.21 9.72 -1.97
C LEU A 51 5.92 8.98 -2.34
N TYR A 52 5.20 8.52 -1.36
CA TYR A 52 3.93 7.78 -1.62
C TYR A 52 2.79 8.77 -1.87
N LEU A 53 2.08 8.58 -2.95
CA LEU A 53 0.93 9.47 -3.26
C LEU A 53 -0.02 8.75 -4.22
N VAL A 54 -1.25 8.57 -3.82
CA VAL A 54 -2.24 7.86 -4.69
C VAL A 54 -3.54 8.64 -4.73
N ASN A 55 -4.03 8.90 -5.92
CA ASN A 55 -5.32 9.65 -6.08
C ASN A 55 -5.44 10.75 -5.03
N VAL A 56 -6.25 10.51 -4.03
CA VAL A 56 -6.44 11.52 -2.95
C VAL A 56 -5.10 12.15 -2.55
N THR A 57 -5.12 13.41 -2.22
CA THR A 57 -3.86 14.10 -1.82
C THR A 57 -4.16 15.11 -0.71
N GLY A 58 -3.16 15.46 0.04
CA GLY A 58 -3.37 16.43 1.15
C GLY A 58 -2.01 16.81 1.75
N ALA A 59 -1.82 18.08 2.01
CA ALA A 59 -0.54 18.55 2.61
C ALA A 59 0.64 18.01 1.82
N ARG A 60 1.72 17.68 2.50
CA ARG A 60 2.93 17.16 1.81
C ARG A 60 3.36 15.85 2.47
N PHE A 61 3.61 14.85 1.67
CA PHE A 61 4.05 13.53 2.22
C PHE A 61 5.56 13.58 2.50
N ALA A 62 6.19 14.65 2.13
CA ALA A 62 7.67 14.77 2.35
C ALA A 62 7.97 14.69 3.85
N ARG A 63 9.00 15.38 4.28
CA ARG A 63 9.39 15.36 5.72
C ARG A 63 9.62 13.94 6.21
N GLY A 64 10.35 13.79 7.27
CA GLY A 64 10.63 12.43 7.82
C GLY A 64 11.57 11.65 6.91
N SER A 65 11.83 10.42 7.26
CA SER A 65 12.74 9.58 6.43
C SER A 65 12.44 8.10 6.69
N PHE A 66 12.92 7.25 5.83
CA PHE A 66 12.67 5.79 6.00
C PHE A 66 13.39 5.29 7.26
N ARG A 67 12.85 4.25 7.87
CA ARG A 67 13.49 3.69 9.09
C ARG A 67 14.23 2.42 8.69
N GLU A 68 13.77 1.79 7.66
CA GLU A 68 14.43 0.54 7.18
C GLU A 68 14.05 0.34 5.72
N VAL A 69 15.00 -0.03 4.89
CA VAL A 69 14.68 -0.23 3.45
C VAL A 69 15.49 -1.40 2.92
N VAL A 70 14.83 -2.50 2.63
CA VAL A 70 15.55 -3.70 2.11
C VAL A 70 14.63 -4.39 1.07
N PRO A 71 15.14 -4.73 -0.10
CA PRO A 71 14.33 -5.38 -1.16
C PRO A 71 14.00 -6.85 -0.85
N VAL A 72 12.97 -7.36 -1.49
CA VAL A 72 12.52 -8.78 -1.30
C VAL A 72 12.84 -9.26 0.11
N HIS A 73 12.65 -8.42 1.09
CA HIS A 73 12.94 -8.80 2.49
C HIS A 73 12.02 -8.03 3.44
N ARG A 74 12.37 -6.80 3.75
CA ARG A 74 11.53 -5.99 4.68
C ARG A 74 11.58 -4.53 4.27
N LEU A 75 10.47 -3.84 4.35
CA LEU A 75 10.42 -2.40 3.96
C LEU A 75 9.56 -1.64 4.95
N ALA A 76 10.02 -0.52 5.43
CA ALA A 76 9.23 0.28 6.40
C ALA A 76 9.55 1.76 6.20
N TYR A 77 8.55 2.53 5.83
CA TYR A 77 8.77 4.00 5.59
C TYR A 77 7.90 4.80 6.57
N SER A 78 8.49 5.73 7.26
CA SER A 78 7.72 6.56 8.23
C SER A 78 7.41 7.92 7.60
N PHE A 79 6.19 8.35 7.70
CA PHE A 79 5.78 9.67 7.12
C PHE A 79 5.01 10.47 8.16
N GLY A 80 5.07 11.77 8.04
CA GLY A 80 4.36 12.65 9.00
C GLY A 80 5.11 12.69 10.34
N TRP A 81 4.47 12.24 11.38
CA TRP A 81 5.13 12.26 12.72
C TRP A 81 5.76 13.64 12.95
N ASP A 82 5.35 14.61 12.20
CA ASP A 82 5.91 15.99 12.36
C ASP A 82 5.50 16.53 13.74
N GLY A 83 4.30 16.24 14.16
CA GLY A 83 3.82 16.74 15.48
C GLY A 83 2.98 18.01 15.26
N SER A 84 3.30 18.76 14.25
CA SER A 84 2.53 20.01 13.96
C SER A 84 1.61 19.78 12.75
N GLU A 85 2.15 19.32 11.66
CA GLU A 85 1.32 19.09 10.44
C GLU A 85 0.44 17.85 10.63
N VAL A 86 -0.83 18.01 10.45
CA VAL A 86 -1.79 16.87 10.62
C VAL A 86 -1.30 15.64 9.86
N VAL A 87 -2.01 14.55 9.97
CA VAL A 87 -1.62 13.30 9.28
C VAL A 87 -2.83 12.73 8.54
N PRO A 88 -3.14 13.27 7.38
CA PRO A 88 -4.27 12.79 6.57
C PRO A 88 -4.16 11.28 6.27
N PRO A 89 -5.03 10.76 5.45
CA PRO A 89 -5.01 9.30 5.09
C PRO A 89 -3.71 8.87 4.40
N GLY A 90 -3.27 7.68 4.71
CA GLY A 90 -2.01 7.15 4.10
C GLY A 90 -0.80 7.81 4.78
N SER A 91 -0.99 8.96 5.36
CA SER A 91 0.15 9.65 6.04
C SER A 91 0.29 9.15 7.47
N SER A 92 1.22 8.26 7.70
CA SER A 92 1.45 7.73 9.07
C SER A 92 2.66 6.81 9.07
N LEU A 93 2.59 5.72 9.80
CA LEU A 93 3.74 4.76 9.85
C LEU A 93 3.36 3.48 9.12
N VAL A 94 4.11 3.12 8.11
CA VAL A 94 3.80 1.87 7.34
C VAL A 94 4.97 0.89 7.46
N GLU A 95 4.66 -0.35 7.77
CA GLU A 95 5.71 -1.39 7.90
C GLU A 95 5.28 -2.64 7.11
N ILE A 96 6.19 -3.23 6.37
CA ILE A 96 5.84 -4.45 5.57
C ILE A 96 6.86 -5.56 5.87
N ASP A 97 6.39 -6.73 6.21
CA ASP A 97 7.30 -7.88 6.51
C ASP A 97 6.89 -9.08 5.66
N LEU A 98 7.84 -9.76 5.07
CA LEU A 98 7.52 -10.95 4.21
C LEU A 98 7.93 -12.22 4.95
N ILE A 99 7.02 -13.15 5.09
CA ILE A 99 7.33 -14.44 5.80
C ILE A 99 6.89 -15.63 4.94
N GLU A 100 7.76 -16.58 4.75
CA GLU A 100 7.42 -17.78 3.94
C GLU A 100 6.55 -18.73 4.76
N GLN A 101 5.39 -19.06 4.27
CA GLN A 101 4.49 -19.98 5.01
C GLN A 101 3.35 -20.44 4.10
N GLY A 102 2.88 -21.64 4.30
CA GLY A 102 1.77 -22.18 3.46
C GLY A 102 2.31 -22.55 2.06
N GLY A 103 3.60 -22.68 1.96
CA GLY A 103 4.20 -23.04 0.64
C GLY A 103 4.22 -21.81 -0.26
N GLY A 104 3.37 -20.86 0.01
CA GLY A 104 3.32 -19.62 -0.83
C GLY A 104 4.13 -18.50 -0.15
N THR A 105 3.48 -17.42 0.20
CA THR A 105 4.20 -16.29 0.84
C THR A 105 3.22 -15.50 1.71
N LEU A 106 3.53 -15.37 2.98
CA LEU A 106 2.64 -14.62 3.90
C LEU A 106 3.08 -13.16 3.93
N LEU A 107 2.16 -12.26 3.71
CA LEU A 107 2.49 -10.81 3.72
C LEU A 107 1.83 -10.14 4.92
N ARG A 108 2.59 -9.45 5.71
CA ARG A 108 2.04 -8.77 6.92
C ARG A 108 2.14 -7.27 6.74
N LEU A 109 1.04 -6.58 6.87
CA LEU A 109 1.02 -5.10 6.72
C LEU A 109 0.53 -4.48 8.02
N THR A 110 1.27 -3.55 8.56
CA THR A 110 0.87 -2.89 9.84
C THR A 110 0.76 -1.38 9.64
N HIS A 111 -0.36 -0.82 10.00
CA HIS A 111 -0.56 0.66 9.84
C HIS A 111 -0.78 1.27 11.22
N SER A 112 0.12 2.13 11.64
CA SER A 112 -0.01 2.78 12.98
C SER A 112 0.25 4.28 12.85
N GLY A 113 -0.22 5.04 13.79
CA GLY A 113 -0.02 6.51 13.75
C GLY A 113 -1.21 7.16 13.04
N LEU A 114 -2.38 6.61 13.23
CA LEU A 114 -3.59 7.19 12.56
C LEU A 114 -4.30 8.17 13.51
N PRO A 115 -4.94 9.19 12.97
CA PRO A 115 -5.69 10.18 13.80
C PRO A 115 -6.56 9.53 14.88
N SER A 116 -7.38 8.59 14.51
CA SER A 116 -8.26 7.93 15.51
C SER A 116 -8.70 6.55 15.00
N ALA A 117 -9.27 5.75 15.86
CA ALA A 117 -9.73 4.40 15.43
C ALA A 117 -10.85 4.54 14.38
N GLU A 118 -11.50 5.67 14.36
CA GLU A 118 -12.59 5.88 13.37
C GLU A 118 -12.04 5.75 11.95
N GLN A 119 -11.01 6.48 11.65
CA GLN A 119 -10.41 6.41 10.28
C GLN A 119 -9.77 5.04 10.06
N CYS A 120 -9.19 4.47 11.09
CA CYS A 120 -8.56 3.13 10.95
C CYS A 120 -9.63 2.10 10.57
N ALA A 121 -10.78 2.20 11.19
CA ALA A 121 -11.87 1.24 10.90
C ALA A 121 -12.22 1.30 9.42
N GLY A 122 -12.42 2.49 8.91
CA GLY A 122 -12.75 2.64 7.47
C GLY A 122 -11.57 2.14 6.63
N HIS A 123 -10.37 2.36 7.10
CA HIS A 123 -9.17 1.91 6.34
C HIS A 123 -9.11 0.39 6.33
N GLU A 124 -9.46 -0.23 7.43
CA GLU A 124 -9.45 -1.73 7.49
C GLU A 124 -10.32 -2.28 6.36
N GLU A 125 -11.47 -1.70 6.17
CA GLU A 125 -12.37 -2.19 5.08
C GLU A 125 -11.66 -2.00 3.74
N GLY A 126 -11.01 -0.89 3.57
CA GLY A 126 -10.28 -0.63 2.28
C GLY A 126 -9.17 -1.67 2.10
N TRP A 127 -8.47 -1.97 3.15
CA TRP A 127 -7.38 -2.99 3.06
C TRP A 127 -7.96 -4.33 2.66
N ALA A 128 -9.13 -4.65 3.15
CA ALA A 128 -9.77 -5.94 2.81
C ALA A 128 -9.96 -6.04 1.29
N HIS A 129 -10.44 -4.99 0.68
CA HIS A 129 -10.66 -5.00 -0.79
C HIS A 129 -9.31 -5.10 -1.51
N TYR A 130 -8.37 -4.27 -1.13
CA TYR A 130 -7.03 -4.29 -1.78
C TYR A 130 -6.34 -5.63 -1.53
N LEU A 131 -6.37 -6.10 -0.33
CA LEU A 131 -5.71 -7.40 0.00
C LEU A 131 -6.41 -8.53 -0.78
N GLY A 132 -7.70 -8.50 -0.82
CA GLY A 132 -8.45 -9.56 -1.55
C GLY A 132 -8.18 -9.47 -3.05
N ARG A 133 -8.25 -8.29 -3.61
CA ARG A 133 -8.01 -8.12 -5.07
C ARG A 133 -6.52 -8.36 -5.39
N LEU A 134 -5.65 -7.87 -4.55
CA LEU A 134 -4.20 -8.04 -4.79
C LEU A 134 -3.83 -9.52 -4.78
N THR A 135 -4.42 -10.28 -3.89
CA THR A 135 -4.11 -11.73 -3.82
C THR A 135 -4.46 -12.41 -5.15
N GLU A 136 -5.59 -12.09 -5.70
CA GLU A 136 -6.02 -12.71 -6.99
C GLU A 136 -5.04 -12.30 -8.10
N VAL A 137 -4.53 -11.11 -8.04
CA VAL A 137 -3.58 -10.64 -9.09
C VAL A 137 -2.30 -11.51 -9.04
N ALA A 138 -1.80 -11.76 -7.86
CA ALA A 138 -0.56 -12.59 -7.73
C ALA A 138 -0.80 -13.96 -8.36
N ALA A 139 -1.99 -14.47 -8.25
CA ALA A 139 -2.30 -15.81 -8.83
C ALA A 139 -2.55 -15.64 -10.34
N GLY A 140 -2.58 -14.42 -10.80
CA GLY A 140 -2.80 -14.17 -12.25
C GLY A 140 -4.28 -13.86 -12.51
N ARG A 141 -4.53 -13.02 -13.49
CA ARG A 141 -5.93 -12.66 -13.84
C ARG A 141 -6.62 -12.01 -12.64
N ASP A 142 -7.40 -10.99 -12.91
CA ASP A 142 -8.12 -10.26 -11.82
C ASP A 142 -8.53 -8.86 -12.32
N PRO A 143 -7.68 -8.20 -13.07
CA PRO A 143 -7.98 -6.82 -13.57
C PRO A 143 -9.26 -6.77 -14.40
N GLY A 144 -10.01 -5.71 -14.27
CA GLY A 144 -11.27 -5.58 -15.04
C GLY A 144 -12.22 -4.65 -14.30
N PRO A 145 -12.75 -5.09 -13.18
CA PRO A 145 -13.70 -4.27 -12.37
C PRO A 145 -13.02 -3.08 -11.69
N ASP A 146 -13.77 -2.04 -11.44
CA ASP A 146 -13.18 -0.84 -10.79
C ASP A 146 -14.30 0.00 -10.16
N PRO A 147 -15.10 -0.60 -9.32
CA PRO A 147 -16.23 0.10 -8.63
C PRO A 147 -15.73 1.15 -7.62
N PHE A 148 -16.52 2.17 -7.41
CA PHE A 148 -16.11 3.24 -6.47
C PHE A 148 -16.27 2.76 -5.02
N TYR A 149 -15.28 3.03 -4.20
CA TYR A 149 -15.33 2.62 -2.78
C TYR A 149 -16.49 3.31 -2.07
N GLY A 150 -16.64 4.59 -2.29
CA GLY A 150 -17.73 5.34 -1.63
C GLY A 150 -19.10 4.81 -2.04
N ARG A 151 -20.06 4.90 -1.15
CA ARG A 151 -21.43 4.41 -1.45
C ARG A 151 -21.38 2.97 -1.99
N ARG A 152 -22.52 2.35 -2.13
CA ARG A 152 -22.56 0.94 -2.64
C ARG A 152 -23.73 0.79 -3.62
N LEU A 153 -23.54 0.00 -4.64
CA LEU A 153 -24.62 -0.20 -5.65
C LEU A 153 -24.42 -1.57 -6.30
N GLU A 154 -24.81 -2.63 -5.63
CA GLU A 154 -24.64 -4.00 -6.20
C GLU A 154 -26.01 -4.67 -6.34
N HIS A 155 -26.34 -5.08 -7.53
CA HIS A 155 -27.66 -5.75 -7.76
C HIS A 155 -27.51 -6.82 -8.83
N HIS A 156 -28.05 -7.99 -8.59
CA HIS A 156 -27.97 -9.09 -9.58
C HIS A 156 -28.77 -8.74 -10.83
N HIS A 157 -29.94 -8.18 -10.65
CA HIS A 157 -30.78 -7.80 -11.83
C HIS A 157 -31.61 -6.57 -11.46
N HIS A 158 -32.43 -6.68 -10.44
CA HIS A 158 -33.29 -5.52 -10.03
C HIS A 158 -32.83 -4.98 -8.67
N HIS A 159 -32.65 -3.69 -8.57
CA HIS A 159 -32.21 -3.08 -7.29
C HIS A 159 -33.31 -3.22 -6.24
N HIS A 160 -34.53 -3.00 -6.63
CA HIS A 160 -35.67 -3.12 -5.67
C HIS A 160 -35.90 -4.60 -5.31
N MET A 1 6.20 4.97 36.48
CA MET A 1 6.04 5.79 35.25
C MET A 1 5.11 5.08 34.25
N GLU A 2 4.51 5.83 33.37
CA GLU A 2 3.58 5.22 32.37
C GLU A 2 4.33 4.31 31.40
N LYS A 3 3.75 3.19 31.07
CA LYS A 3 4.40 2.23 30.13
C LYS A 3 3.91 2.52 28.70
N ALA A 4 2.93 3.38 28.57
CA ALA A 4 2.39 3.72 27.22
C ALA A 4 2.25 2.43 26.39
N MET A 5 1.37 1.57 26.82
CA MET A 5 1.18 0.28 26.09
C MET A 5 0.10 0.47 25.00
N PRO A 6 0.34 0.04 23.79
CA PRO A 6 -0.66 0.18 22.69
C PRO A 6 -1.87 -0.75 22.87
N GLU A 7 -3.02 -0.33 22.41
CA GLU A 7 -4.23 -1.18 22.57
C GLU A 7 -5.32 -0.69 21.61
N SER A 8 -5.81 -1.57 20.77
CA SER A 8 -6.88 -1.20 19.80
C SER A 8 -6.39 -0.05 18.90
N PHE A 9 -5.18 0.41 19.13
CA PHE A 9 -4.63 1.51 18.29
C PHE A 9 -3.71 0.91 17.23
N VAL A 10 -3.69 -0.40 17.13
CA VAL A 10 -2.81 -1.08 16.13
C VAL A 10 -3.66 -2.03 15.29
N VAL A 11 -3.48 -2.00 14.00
CA VAL A 11 -4.26 -2.89 13.09
C VAL A 11 -3.30 -3.86 12.39
N ARG A 12 -3.65 -5.12 12.38
CA ARG A 12 -2.79 -6.14 11.71
C ARG A 12 -3.62 -6.91 10.68
N ARG A 13 -3.05 -7.13 9.54
CA ARG A 13 -3.78 -7.87 8.46
C ARG A 13 -2.85 -8.93 7.86
N GLU A 14 -3.42 -10.01 7.39
CA GLU A 14 -2.58 -11.10 6.79
C GLU A 14 -3.28 -11.66 5.56
N ALA A 15 -2.52 -12.16 4.63
CA ALA A 15 -3.13 -12.75 3.40
C ALA A 15 -2.19 -13.79 2.81
N HIS A 16 -2.73 -14.79 2.17
CA HIS A 16 -1.88 -15.86 1.57
C HIS A 16 -1.69 -15.58 0.08
N LEU A 17 -0.46 -15.46 -0.35
CA LEU A 17 -0.17 -15.18 -1.79
C LEU A 17 0.59 -16.36 -2.39
N ALA A 18 0.08 -16.88 -3.47
CA ALA A 18 0.75 -18.04 -4.14
C ALA A 18 1.78 -17.52 -5.14
N ALA A 19 2.91 -17.07 -4.65
CA ALA A 19 3.97 -16.55 -5.55
C ALA A 19 5.20 -16.16 -4.71
N PRO A 20 6.36 -16.19 -5.29
CA PRO A 20 7.63 -15.83 -4.58
C PRO A 20 7.64 -14.34 -4.16
N PRO A 21 8.50 -13.98 -3.24
CA PRO A 21 8.62 -12.57 -2.76
C PRO A 21 9.11 -11.65 -3.88
N ALA A 22 9.84 -12.19 -4.82
CA ALA A 22 10.35 -11.36 -5.94
C ALA A 22 9.17 -10.88 -6.80
N ALA A 23 8.23 -11.75 -7.03
CA ALA A 23 7.05 -11.36 -7.87
C ALA A 23 6.21 -10.31 -7.13
N VAL A 24 6.00 -10.50 -5.86
CA VAL A 24 5.19 -9.52 -5.07
C VAL A 24 5.94 -8.18 -5.04
N PHE A 25 7.20 -8.22 -4.79
CA PHE A 25 8.01 -6.97 -4.73
C PHE A 25 7.97 -6.25 -6.08
N ALA A 26 8.14 -6.99 -7.15
CA ALA A 26 8.12 -6.36 -8.50
C ALA A 26 6.75 -5.70 -8.75
N LEU A 27 5.70 -6.37 -8.41
CA LEU A 27 4.33 -5.81 -8.62
C LEU A 27 4.14 -4.55 -7.77
N MET A 28 4.57 -4.58 -6.54
CA MET A 28 4.40 -3.40 -5.65
C MET A 28 5.30 -2.24 -6.11
N THR A 29 6.47 -2.54 -6.59
CA THR A 29 7.39 -1.44 -7.04
C THR A 29 7.37 -1.34 -8.57
N ASP A 30 6.59 -0.43 -9.08
CA ASP A 30 6.52 -0.22 -10.55
C ASP A 30 5.29 0.65 -10.88
N PRO A 31 5.36 1.45 -11.91
CA PRO A 31 4.23 2.34 -12.32
C PRO A 31 3.09 1.59 -13.02
N GLU A 32 3.40 0.95 -14.11
CA GLU A 32 2.34 0.22 -14.88
C GLU A 32 1.82 -0.97 -14.06
N LYS A 33 2.67 -1.61 -13.33
CA LYS A 33 2.23 -2.80 -12.54
C LYS A 33 1.20 -2.38 -11.49
N ILE A 34 1.42 -1.29 -10.82
CA ILE A 34 0.44 -0.84 -9.78
C ILE A 34 -0.89 -0.45 -10.47
N LEU A 35 -0.80 0.28 -11.54
CA LEU A 35 -2.04 0.72 -12.25
C LEU A 35 -2.68 -0.48 -12.94
N ARG A 36 -2.06 -1.62 -12.87
CA ARG A 36 -2.64 -2.84 -13.50
C ARG A 36 -3.92 -3.22 -12.77
N TRP A 37 -3.93 -3.12 -11.47
CA TRP A 37 -5.15 -3.47 -10.67
C TRP A 37 -5.78 -2.22 -10.08
N MET A 38 -5.09 -1.56 -9.19
CA MET A 38 -5.64 -0.31 -8.58
C MET A 38 -4.52 0.71 -8.40
N GLY A 39 -4.88 1.97 -8.37
CA GLY A 39 -3.87 3.05 -8.17
C GLY A 39 -4.20 4.21 -9.10
N THR A 40 -4.29 5.40 -8.56
CA THR A 40 -4.60 6.59 -9.40
C THR A 40 -3.30 7.33 -9.73
N GLU A 41 -2.25 7.05 -8.99
CA GLU A 41 -0.94 7.73 -9.26
C GLU A 41 0.21 6.76 -8.96
N ALA A 42 1.27 6.86 -9.70
CA ALA A 42 2.44 5.96 -9.46
C ALA A 42 3.67 6.54 -10.13
N GLU A 43 4.65 6.94 -9.36
CA GLU A 43 5.88 7.54 -9.95
C GLU A 43 6.86 6.43 -10.32
N VAL A 44 7.80 6.74 -11.18
CA VAL A 44 8.81 5.73 -11.60
C VAL A 44 10.21 6.26 -11.33
N GLU A 45 11.04 5.46 -10.73
CA GLU A 45 12.43 5.89 -10.43
C GLU A 45 13.19 4.72 -9.80
N PRO A 46 14.48 4.63 -10.02
CA PRO A 46 15.32 3.54 -9.46
C PRO A 46 15.40 3.59 -7.93
N GLU A 47 15.59 2.45 -7.30
CA GLU A 47 15.70 2.40 -5.81
C GLU A 47 16.52 3.60 -5.29
N PRO A 48 17.77 3.70 -5.67
CA PRO A 48 18.64 4.82 -5.23
C PRO A 48 18.10 6.17 -5.73
N GLY A 49 17.25 6.12 -6.74
CA GLY A 49 16.66 7.37 -7.29
C GLY A 49 16.28 8.33 -6.16
N GLY A 50 15.18 8.08 -5.52
CA GLY A 50 14.73 8.96 -4.41
C GLY A 50 13.37 8.47 -3.91
N LEU A 51 12.62 7.83 -4.76
CA LEU A 51 11.28 7.32 -4.34
C LEU A 51 10.52 8.42 -3.61
N TYR A 52 9.85 9.26 -4.35
CA TYR A 52 9.08 10.38 -3.74
C TYR A 52 7.81 9.84 -3.07
N LEU A 53 6.66 10.30 -3.52
CA LEU A 53 5.37 9.83 -2.92
C LEU A 53 4.48 9.24 -4.02
N VAL A 54 3.92 8.08 -3.76
CA VAL A 54 3.03 7.42 -4.76
C VAL A 54 1.73 6.94 -4.08
N ASN A 55 0.65 6.99 -4.81
CA ASN A 55 -0.68 6.55 -4.26
C ASN A 55 -1.09 7.38 -3.04
N VAL A 56 -2.30 7.90 -3.06
CA VAL A 56 -2.81 8.71 -1.92
C VAL A 56 -2.95 7.85 -0.65
N THR A 57 -3.39 6.63 -0.80
CA THR A 57 -3.55 5.74 0.41
C THR A 57 -4.34 6.47 1.49
N GLY A 58 -5.00 7.54 1.13
CA GLY A 58 -5.80 8.30 2.13
C GLY A 58 -5.87 9.77 1.70
N ALA A 59 -4.76 10.45 1.66
CA ALA A 59 -4.76 11.88 1.25
C ALA A 59 -3.34 12.35 0.95
N ARG A 60 -3.19 13.16 -0.06
CA ARG A 60 -1.84 13.66 -0.44
C ARG A 60 -1.32 14.66 0.61
N PHE A 61 -0.08 14.53 1.00
CA PHE A 61 0.52 15.46 2.01
C PHE A 61 1.36 16.53 1.30
N ALA A 62 2.66 16.39 1.33
CA ALA A 62 3.54 17.39 0.67
C ALA A 62 4.97 16.85 0.63
N ARG A 63 5.27 15.87 1.45
CA ARG A 63 6.66 15.30 1.46
C ARG A 63 6.61 13.78 1.62
N GLY A 64 7.59 13.09 1.10
CA GLY A 64 7.59 11.61 1.23
C GLY A 64 8.88 11.03 0.62
N SER A 65 9.60 10.27 1.40
CA SER A 65 10.86 9.63 0.89
C SER A 65 10.93 8.21 1.45
N PHE A 66 9.80 7.64 1.74
CA PHE A 66 9.74 6.26 2.29
C PHE A 66 10.56 6.13 3.58
N ARG A 67 10.16 5.22 4.43
CA ARG A 67 10.88 5.01 5.71
C ARG A 67 12.11 4.15 5.44
N GLU A 68 11.90 2.88 5.23
CA GLU A 68 13.04 1.96 4.97
C GLU A 68 12.58 0.89 4.00
N VAL A 69 13.43 0.48 3.09
CA VAL A 69 13.04 -0.57 2.11
C VAL A 69 14.16 -1.59 1.97
N VAL A 70 13.82 -2.85 2.06
CA VAL A 70 14.85 -3.93 1.92
C VAL A 70 14.35 -4.90 0.83
N PRO A 71 15.05 -5.02 -0.28
CA PRO A 71 14.64 -5.92 -1.39
C PRO A 71 14.26 -7.33 -0.91
N VAL A 72 13.18 -7.86 -1.43
CA VAL A 72 12.69 -9.23 -1.04
C VAL A 72 13.00 -9.51 0.42
N HIS A 73 12.48 -8.68 1.30
CA HIS A 73 12.73 -8.88 2.75
C HIS A 73 11.72 -8.09 3.58
N ARG A 74 12.11 -6.93 4.04
CA ARG A 74 11.18 -6.09 4.86
C ARG A 74 11.27 -4.61 4.47
N LEU A 75 10.14 -3.95 4.41
CA LEU A 75 10.13 -2.51 4.05
C LEU A 75 9.07 -1.81 4.89
N ALA A 76 9.28 -0.55 5.19
CA ALA A 76 8.27 0.21 6.01
C ALA A 76 7.92 1.51 5.32
N TYR A 77 6.69 1.95 5.49
CA TYR A 77 6.22 3.21 4.86
C TYR A 77 5.65 4.14 5.92
N SER A 78 6.12 5.35 5.98
CA SER A 78 5.63 6.32 6.99
C SER A 78 4.27 6.87 6.56
N PHE A 79 3.54 7.45 7.48
CA PHE A 79 2.20 8.00 7.13
C PHE A 79 1.91 9.24 7.99
N GLY A 80 1.38 10.26 7.39
CA GLY A 80 1.06 11.51 8.15
C GLY A 80 2.33 12.35 8.34
N TRP A 81 2.90 12.30 9.51
CA TRP A 81 4.13 13.09 9.79
C TRP A 81 3.91 14.56 9.40
N ASP A 82 4.19 14.90 8.17
CA ASP A 82 4.03 16.30 7.73
C ASP A 82 2.55 16.69 7.67
N GLY A 83 2.23 17.89 8.09
CA GLY A 83 0.82 18.36 8.05
C GLY A 83 -0.07 17.47 8.92
N SER A 84 -1.13 16.98 8.33
CA SER A 84 -2.07 16.10 9.08
C SER A 84 -2.70 16.86 10.25
N GLU A 85 -3.57 16.20 10.97
CA GLU A 85 -4.26 16.85 12.13
C GLU A 85 -4.39 15.84 13.27
N VAL A 86 -4.97 14.70 12.98
CA VAL A 86 -5.15 13.67 14.03
C VAL A 86 -3.94 12.72 14.03
N VAL A 87 -2.96 13.00 13.20
CA VAL A 87 -1.75 12.12 13.14
C VAL A 87 -0.48 12.99 13.24
N PRO A 88 -0.14 13.41 14.43
CA PRO A 88 1.07 14.26 14.66
C PRO A 88 2.36 13.53 14.22
N PRO A 89 3.50 14.11 14.50
CA PRO A 89 4.83 13.53 14.12
C PRO A 89 5.07 12.12 14.71
N GLY A 90 5.65 11.26 13.91
CA GLY A 90 5.94 9.86 14.39
C GLY A 90 4.76 9.31 15.18
N SER A 91 3.61 9.91 15.05
CA SER A 91 2.43 9.43 15.80
C SER A 91 1.93 8.14 15.14
N SER A 92 2.38 7.88 13.93
CA SER A 92 1.93 6.65 13.23
C SER A 92 3.04 6.12 12.31
N LEU A 93 3.01 4.85 12.02
CA LEU A 93 4.05 4.26 11.14
C LEU A 93 3.52 2.92 10.59
N VAL A 94 3.59 2.74 9.30
CA VAL A 94 3.10 1.48 8.68
C VAL A 94 4.29 0.56 8.36
N GLU A 95 4.18 -0.70 8.70
CA GLU A 95 5.29 -1.66 8.44
C GLU A 95 4.77 -2.87 7.68
N ILE A 96 5.51 -3.31 6.70
CA ILE A 96 5.11 -4.51 5.89
C ILE A 96 6.24 -5.52 5.91
N ASP A 97 5.95 -6.76 6.23
CA ASP A 97 7.02 -7.81 6.29
C ASP A 97 6.63 -9.00 5.41
N LEU A 98 7.59 -9.57 4.74
CA LEU A 98 7.32 -10.75 3.87
C LEU A 98 7.88 -12.00 4.56
N ILE A 99 7.06 -13.00 4.74
CA ILE A 99 7.51 -14.26 5.42
C ILE A 99 7.10 -15.47 4.59
N GLU A 100 8.04 -16.34 4.34
CA GLU A 100 7.75 -17.57 3.54
C GLU A 100 6.89 -18.52 4.36
N GLN A 101 5.78 -18.93 3.81
CA GLN A 101 4.88 -19.86 4.54
C GLN A 101 3.77 -20.35 3.61
N GLY A 102 3.41 -21.60 3.71
CA GLY A 102 2.33 -22.17 2.84
C GLY A 102 2.91 -22.52 1.46
N GLY A 103 4.21 -22.50 1.34
CA GLY A 103 4.84 -22.82 0.03
C GLY A 103 4.74 -21.61 -0.90
N GLY A 104 4.23 -20.52 -0.40
CA GLY A 104 4.08 -19.28 -1.24
C GLY A 104 4.76 -18.10 -0.54
N THR A 105 4.00 -17.11 -0.15
CA THR A 105 4.60 -15.93 0.54
C THR A 105 3.55 -15.24 1.39
N LEU A 106 3.75 -15.26 2.69
CA LEU A 106 2.78 -14.61 3.62
C LEU A 106 3.13 -13.15 3.79
N LEU A 107 2.16 -12.28 3.64
CA LEU A 107 2.41 -10.82 3.78
C LEU A 107 1.78 -10.32 5.07
N ARG A 108 2.58 -9.68 5.90
CA ARG A 108 2.06 -9.14 7.19
C ARG A 108 2.07 -7.62 7.14
N LEU A 109 0.95 -7.02 7.41
CA LEU A 109 0.87 -5.52 7.39
C LEU A 109 0.52 -5.04 8.80
N THR A 110 1.36 -4.21 9.36
CA THR A 110 1.12 -3.68 10.73
C THR A 110 1.03 -2.16 10.68
N HIS A 111 -0.04 -1.62 11.23
CA HIS A 111 -0.23 -0.13 11.22
C HIS A 111 -0.41 0.35 12.66
N SER A 112 0.30 1.38 13.03
CA SER A 112 0.20 1.90 14.43
C SER A 112 -0.13 3.39 14.40
N GLY A 113 -0.81 3.85 15.41
CA GLY A 113 -1.19 5.31 15.49
C GLY A 113 -2.57 5.53 14.84
N LEU A 114 -3.62 5.07 15.49
CA LEU A 114 -4.99 5.26 14.93
C LEU A 114 -5.91 5.81 16.03
N PRO A 115 -5.69 7.02 16.46
CA PRO A 115 -6.51 7.67 17.53
C PRO A 115 -7.88 8.09 17.01
N SER A 116 -8.09 8.01 15.71
CA SER A 116 -9.41 8.41 15.12
C SER A 116 -10.13 7.16 14.62
N ALA A 117 -11.35 6.98 15.05
CA ALA A 117 -12.15 5.80 14.63
C ALA A 117 -12.42 5.87 13.13
N GLU A 118 -12.66 7.05 12.63
CA GLU A 118 -12.95 7.20 11.16
C GLU A 118 -11.71 6.81 10.35
N GLN A 119 -10.56 7.23 10.78
CA GLN A 119 -9.31 6.88 10.04
C GLN A 119 -9.04 5.38 10.17
N CYS A 120 -9.28 4.82 11.33
CA CYS A 120 -9.04 3.37 11.53
C CYS A 120 -9.99 2.56 10.64
N ALA A 121 -11.22 2.96 10.57
CA ALA A 121 -12.21 2.23 9.72
C ALA A 121 -11.78 2.32 8.26
N GLY A 122 -11.30 3.46 7.85
CA GLY A 122 -10.86 3.63 6.43
C GLY A 122 -9.62 2.76 6.16
N HIS A 123 -8.72 2.69 7.09
CA HIS A 123 -7.49 1.86 6.88
C HIS A 123 -7.86 0.37 6.80
N GLU A 124 -8.70 -0.08 7.68
CA GLU A 124 -9.09 -1.51 7.67
C GLU A 124 -9.79 -1.86 6.35
N GLU A 125 -10.71 -1.05 5.93
CA GLU A 125 -11.43 -1.32 4.64
C GLU A 125 -10.48 -1.09 3.46
N GLY A 126 -9.66 -0.09 3.54
CA GLY A 126 -8.71 0.20 2.41
C GLY A 126 -7.68 -0.93 2.28
N TRP A 127 -7.04 -1.27 3.35
CA TRP A 127 -6.01 -2.36 3.30
C TRP A 127 -6.70 -3.70 3.01
N ALA A 128 -7.84 -3.92 3.59
CA ALA A 128 -8.55 -5.21 3.37
C ALA A 128 -8.83 -5.39 1.88
N HIS A 129 -9.37 -4.40 1.24
CA HIS A 129 -9.67 -4.50 -0.21
C HIS A 129 -8.36 -4.56 -1.01
N TYR A 130 -7.42 -3.74 -0.67
CA TYR A 130 -6.11 -3.71 -1.40
C TYR A 130 -5.41 -5.06 -1.26
N LEU A 131 -5.35 -5.58 -0.08
CA LEU A 131 -4.67 -6.90 0.13
C LEU A 131 -5.42 -7.98 -0.64
N GLY A 132 -6.71 -7.94 -0.63
CA GLY A 132 -7.50 -8.97 -1.37
C GLY A 132 -7.21 -8.86 -2.87
N ARG A 133 -7.10 -7.66 -3.37
CA ARG A 133 -6.82 -7.48 -4.82
C ARG A 133 -5.44 -8.03 -5.17
N LEU A 134 -4.48 -7.79 -4.33
CA LEU A 134 -3.10 -8.30 -4.60
C LEU A 134 -3.10 -9.84 -4.56
N THR A 135 -3.82 -10.41 -3.63
CA THR A 135 -3.85 -11.90 -3.52
C THR A 135 -4.41 -12.51 -4.81
N GLU A 136 -5.48 -11.95 -5.31
CA GLU A 136 -6.09 -12.49 -6.57
C GLU A 136 -5.09 -12.41 -7.72
N VAL A 137 -4.44 -11.29 -7.87
CA VAL A 137 -3.45 -11.14 -8.97
C VAL A 137 -2.25 -12.05 -8.69
N ALA A 138 -1.80 -12.09 -7.47
CA ALA A 138 -0.64 -12.96 -7.13
C ALA A 138 -1.02 -14.42 -7.34
N ALA A 139 -2.24 -14.76 -7.06
CA ALA A 139 -2.70 -16.17 -7.24
C ALA A 139 -2.72 -16.50 -8.74
N GLY A 140 -2.33 -15.57 -9.56
CA GLY A 140 -2.30 -15.83 -11.03
C GLY A 140 -2.48 -14.51 -11.79
N ARG A 141 -3.62 -14.33 -12.41
CA ARG A 141 -3.87 -13.07 -13.17
C ARG A 141 -5.34 -12.68 -13.02
N ASP A 142 -5.60 -11.65 -12.27
CA ASP A 142 -7.01 -11.19 -12.07
C ASP A 142 -7.01 -9.79 -11.45
N PRO A 143 -6.58 -8.80 -12.18
CA PRO A 143 -6.54 -7.39 -11.69
C PRO A 143 -7.93 -6.94 -11.24
N GLY A 144 -8.94 -7.48 -11.86
CA GLY A 144 -10.34 -7.12 -11.48
C GLY A 144 -10.67 -5.72 -12.00
N PRO A 145 -11.91 -5.32 -11.88
CA PRO A 145 -12.38 -3.99 -12.35
C PRO A 145 -11.77 -2.84 -11.55
N ASP A 146 -11.52 -1.75 -12.20
CA ASP A 146 -10.92 -0.58 -11.49
C ASP A 146 -11.21 0.70 -12.28
N PRO A 147 -12.46 0.96 -12.58
CA PRO A 147 -12.86 2.19 -13.34
C PRO A 147 -12.49 3.47 -12.59
N PHE A 148 -11.48 4.15 -13.06
CA PHE A 148 -11.03 5.41 -12.40
C PHE A 148 -11.88 6.59 -12.88
N TYR A 149 -12.15 7.51 -11.99
CA TYR A 149 -12.96 8.71 -12.37
C TYR A 149 -12.35 9.39 -13.59
N GLY A 150 -12.72 8.95 -14.76
CA GLY A 150 -12.18 9.56 -16.01
C GLY A 150 -12.66 11.00 -16.17
N ARG A 151 -11.78 11.94 -16.02
CA ARG A 151 -12.16 13.37 -16.15
C ARG A 151 -12.15 13.78 -17.62
N ARG A 152 -13.19 14.44 -18.07
CA ARG A 152 -13.26 14.89 -19.49
C ARG A 152 -12.25 16.02 -19.73
N LEU A 153 -12.06 16.84 -18.75
CA LEU A 153 -11.10 17.97 -18.90
C LEU A 153 -11.33 18.71 -20.23
N GLU A 154 -10.29 18.94 -20.97
CA GLU A 154 -10.39 19.64 -22.28
C GLU A 154 -11.36 20.82 -22.18
N HIS A 155 -11.72 21.38 -23.30
CA HIS A 155 -12.65 22.55 -23.31
C HIS A 155 -13.46 22.55 -24.61
N HIS A 156 -14.64 23.08 -24.55
CA HIS A 156 -15.52 23.14 -25.77
C HIS A 156 -15.41 21.82 -26.54
N HIS A 157 -15.54 20.72 -25.84
CA HIS A 157 -15.45 19.39 -26.51
C HIS A 157 -16.58 19.25 -27.53
N HIS A 158 -17.76 19.65 -27.18
CA HIS A 158 -18.91 19.56 -28.13
C HIS A 158 -20.06 20.43 -27.64
N HIS A 159 -19.96 21.71 -27.83
CA HIS A 159 -21.02 22.66 -27.39
C HIS A 159 -21.31 22.48 -25.90
N HIS A 160 -20.55 23.14 -25.08
CA HIS A 160 -20.75 23.05 -23.60
C HIS A 160 -20.17 24.29 -22.93
N MET A 1 8.97 -15.09 23.48
CA MET A 1 8.96 -13.71 24.03
C MET A 1 7.78 -13.56 25.00
N GLU A 2 6.58 -13.69 24.49
CA GLU A 2 5.37 -13.57 25.35
C GLU A 2 5.39 -12.22 26.05
N LYS A 3 6.03 -11.25 25.45
CA LYS A 3 6.11 -9.89 26.07
C LYS A 3 4.72 -9.25 26.11
N ALA A 4 4.36 -8.73 27.25
CA ALA A 4 3.02 -8.08 27.40
C ALA A 4 3.15 -6.57 27.29
N MET A 5 2.67 -6.02 26.21
CA MET A 5 2.75 -4.54 25.99
C MET A 5 1.93 -4.18 24.74
N PRO A 6 0.63 -4.22 24.86
CA PRO A 6 -0.29 -3.88 23.72
C PRO A 6 -0.07 -2.46 23.20
N GLU A 7 -0.15 -2.29 21.90
CA GLU A 7 0.06 -0.95 21.29
C GLU A 7 -1.27 -0.19 21.23
N SER A 8 -1.19 1.11 21.19
CA SER A 8 -2.42 1.94 21.15
C SER A 8 -3.06 1.87 19.77
N PHE A 9 -4.35 1.62 19.75
CA PHE A 9 -5.12 1.50 18.47
C PHE A 9 -4.22 1.03 17.34
N VAL A 10 -4.18 -0.26 17.11
CA VAL A 10 -3.32 -0.80 16.03
C VAL A 10 -4.10 -1.85 15.24
N VAL A 11 -3.98 -1.81 13.95
CA VAL A 11 -4.71 -2.78 13.08
C VAL A 11 -3.70 -3.70 12.40
N ARG A 12 -3.97 -4.97 12.44
CA ARG A 12 -3.05 -5.97 11.81
C ARG A 12 -3.82 -6.76 10.75
N ARG A 13 -3.17 -7.05 9.66
CA ARG A 13 -3.85 -7.81 8.56
C ARG A 13 -2.88 -8.88 8.02
N GLU A 14 -3.43 -9.92 7.47
CA GLU A 14 -2.58 -11.02 6.93
C GLU A 14 -3.21 -11.56 5.64
N ALA A 15 -2.39 -11.91 4.69
CA ALA A 15 -2.91 -12.42 3.38
C ALA A 15 -1.95 -13.44 2.78
N HIS A 16 -2.49 -14.48 2.18
CA HIS A 16 -1.64 -15.53 1.54
C HIS A 16 -1.58 -15.30 0.04
N LEU A 17 -0.39 -15.06 -0.47
CA LEU A 17 -0.22 -14.80 -1.93
C LEU A 17 0.45 -16.02 -2.57
N ALA A 18 -0.16 -16.51 -3.62
CA ALA A 18 0.38 -17.70 -4.34
C ALA A 18 1.35 -17.25 -5.43
N ALA A 19 2.53 -16.86 -5.03
CA ALA A 19 3.56 -16.44 -6.03
C ALA A 19 4.89 -16.19 -5.30
N PRO A 20 6.00 -16.49 -5.94
CA PRO A 20 7.34 -16.28 -5.33
C PRO A 20 7.45 -14.97 -4.55
N PRO A 21 8.38 -14.87 -3.61
CA PRO A 21 8.56 -13.64 -2.81
C PRO A 21 9.07 -12.46 -3.65
N ALA A 22 9.86 -12.77 -4.65
CA ALA A 22 10.40 -11.70 -5.55
C ALA A 22 9.27 -11.14 -6.40
N ALA A 23 8.37 -12.00 -6.81
CA ALA A 23 7.23 -11.54 -7.66
C ALA A 23 6.41 -10.50 -6.90
N VAL A 24 6.05 -10.81 -5.67
CA VAL A 24 5.26 -9.85 -4.85
C VAL A 24 6.12 -8.61 -4.55
N PHE A 25 7.35 -8.82 -4.19
CA PHE A 25 8.26 -7.67 -3.87
C PHE A 25 8.41 -6.78 -5.12
N ALA A 26 8.64 -7.39 -6.25
CA ALA A 26 8.81 -6.60 -7.51
C ALA A 26 7.56 -5.74 -7.74
N LEU A 27 6.40 -6.30 -7.55
CA LEU A 27 5.15 -5.52 -7.74
C LEU A 27 5.07 -4.40 -6.71
N MET A 28 5.44 -4.71 -5.50
CA MET A 28 5.40 -3.68 -4.41
C MET A 28 6.50 -2.66 -4.62
N THR A 29 7.39 -2.93 -5.55
CA THR A 29 8.51 -1.99 -5.85
C THR A 29 8.37 -1.48 -7.29
N ASP A 30 7.32 -1.87 -7.97
CA ASP A 30 7.10 -1.43 -9.38
C ASP A 30 5.83 -0.56 -9.43
N PRO A 31 5.97 0.74 -9.32
CA PRO A 31 4.82 1.69 -9.35
C PRO A 31 3.90 1.46 -10.56
N GLU A 32 4.46 1.16 -11.70
CA GLU A 32 3.64 0.94 -12.93
C GLU A 32 2.72 -0.28 -12.77
N LYS A 33 3.24 -1.36 -12.26
CA LYS A 33 2.42 -2.59 -12.09
C LYS A 33 1.36 -2.36 -11.01
N ILE A 34 1.70 -1.60 -10.01
CA ILE A 34 0.74 -1.32 -8.90
C ILE A 34 -0.47 -0.58 -9.45
N LEU A 35 -0.24 0.39 -10.30
CA LEU A 35 -1.36 1.19 -10.85
C LEU A 35 -2.29 0.30 -11.69
N ARG A 36 -1.87 -0.92 -11.95
CA ARG A 36 -2.72 -1.85 -12.73
C ARG A 36 -3.94 -2.26 -11.90
N TRP A 37 -3.72 -2.57 -10.65
CA TRP A 37 -4.84 -3.00 -9.75
C TRP A 37 -5.11 -1.89 -8.73
N MET A 38 -4.17 -1.00 -8.54
CA MET A 38 -4.35 0.12 -7.56
C MET A 38 -4.00 1.44 -8.26
N GLY A 39 -4.89 1.90 -9.11
CA GLY A 39 -4.65 3.18 -9.84
C GLY A 39 -4.70 4.36 -8.88
N THR A 40 -3.74 4.45 -8.01
CA THR A 40 -3.71 5.59 -7.02
C THR A 40 -2.87 6.73 -7.59
N GLU A 41 -1.59 6.72 -7.35
CA GLU A 41 -0.72 7.82 -7.86
C GLU A 41 0.76 7.47 -7.69
N ALA A 42 1.55 7.78 -8.67
CA ALA A 42 3.01 7.50 -8.60
C ALA A 42 3.71 8.11 -9.81
N GLU A 43 4.97 8.42 -9.66
CA GLU A 43 5.74 9.04 -10.79
C GLU A 43 6.44 7.94 -11.59
N VAL A 44 5.86 7.56 -12.69
CA VAL A 44 6.48 6.52 -13.56
C VAL A 44 5.87 6.57 -14.95
N GLU A 45 5.34 7.71 -15.35
CA GLU A 45 4.74 7.83 -16.72
C GLU A 45 5.07 9.21 -17.29
N PRO A 46 6.32 9.45 -17.64
CA PRO A 46 6.77 10.75 -18.23
C PRO A 46 5.92 11.12 -19.45
N GLU A 47 5.55 10.13 -20.23
CA GLU A 47 4.74 10.38 -21.46
C GLU A 47 3.58 11.33 -21.13
N PRO A 48 3.14 12.10 -22.10
CA PRO A 48 2.01 13.07 -21.91
C PRO A 48 0.67 12.36 -21.73
N GLY A 49 0.61 11.11 -22.11
CA GLY A 49 -0.67 10.35 -21.98
C GLY A 49 -1.03 10.22 -20.51
N GLY A 50 -0.07 10.04 -19.66
CA GLY A 50 -0.34 9.89 -18.20
C GLY A 50 -0.14 11.22 -17.49
N LEU A 51 0.99 11.37 -16.84
CA LEU A 51 1.30 12.62 -16.09
C LEU A 51 0.13 12.96 -15.16
N TYR A 52 -0.82 12.09 -15.05
CA TYR A 52 -2.00 12.33 -14.16
C TYR A 52 -1.53 12.53 -12.72
N LEU A 53 -2.32 12.06 -11.78
CA LEU A 53 -1.95 12.22 -10.35
C LEU A 53 -0.74 11.36 -10.02
N VAL A 54 0.19 11.91 -9.29
CA VAL A 54 1.43 11.17 -8.93
C VAL A 54 1.73 11.36 -7.44
N ASN A 55 2.55 10.51 -6.91
CA ASN A 55 2.90 10.57 -5.46
C ASN A 55 3.75 11.81 -5.18
N VAL A 56 3.11 12.95 -5.08
CA VAL A 56 3.83 14.22 -4.80
C VAL A 56 4.44 14.15 -3.39
N THR A 57 3.79 13.46 -2.51
CA THR A 57 4.30 13.34 -1.11
C THR A 57 4.07 14.65 -0.36
N GLY A 58 2.83 14.96 -0.08
CA GLY A 58 2.52 16.21 0.66
C GLY A 58 1.00 16.40 0.75
N ALA A 59 0.56 17.17 1.70
CA ALA A 59 -0.89 17.43 1.89
C ALA A 59 -1.70 16.14 1.79
N ARG A 60 -2.96 16.27 1.50
CA ARG A 60 -3.85 15.07 1.38
C ARG A 60 -3.53 14.31 0.09
N PHE A 61 -4.37 13.39 -0.27
CA PHE A 61 -4.15 12.58 -1.50
C PHE A 61 -2.72 12.03 -1.48
N ALA A 62 -2.10 12.05 -0.32
CA ALA A 62 -0.70 11.54 -0.21
C ALA A 62 -0.74 10.15 0.43
N ARG A 63 -0.72 9.13 -0.38
CA ARG A 63 -0.73 7.73 0.14
C ARG A 63 0.64 7.10 -0.13
N GLY A 64 1.30 7.51 -1.17
CA GLY A 64 2.64 6.94 -1.49
C GLY A 64 3.68 7.42 -0.48
N SER A 65 4.64 6.57 -0.20
CA SER A 65 5.71 6.95 0.78
C SER A 65 6.96 6.11 0.54
N PHE A 66 7.99 6.38 1.27
CA PHE A 66 9.27 5.61 1.11
C PHE A 66 10.00 5.61 2.47
N ARG A 67 9.40 5.09 3.51
CA ARG A 67 10.06 5.07 4.84
C ARG A 67 11.33 4.23 4.77
N GLU A 68 11.24 3.07 4.18
CA GLU A 68 12.44 2.19 4.08
C GLU A 68 12.19 1.09 3.04
N VAL A 69 13.19 0.78 2.27
CA VAL A 69 13.06 -0.28 1.23
C VAL A 69 14.19 -1.29 1.37
N VAL A 70 13.86 -2.55 1.43
CA VAL A 70 14.90 -3.61 1.54
C VAL A 70 14.64 -4.68 0.46
N PRO A 71 15.61 -4.96 -0.39
CA PRO A 71 15.44 -5.96 -1.47
C PRO A 71 14.83 -7.27 -0.98
N VAL A 72 13.90 -7.81 -1.74
CA VAL A 72 13.18 -9.09 -1.39
C VAL A 72 13.43 -9.47 0.07
N HIS A 73 13.00 -8.63 0.97
CA HIS A 73 13.21 -8.90 2.42
C HIS A 73 12.15 -8.18 3.25
N ARG A 74 12.33 -6.91 3.47
CA ARG A 74 11.36 -6.13 4.31
C ARG A 74 10.97 -4.82 3.61
N LEU A 75 9.77 -4.36 3.89
CA LEU A 75 9.27 -3.10 3.28
C LEU A 75 8.48 -2.33 4.33
N ALA A 76 8.61 -1.02 4.33
CA ALA A 76 7.86 -0.19 5.32
C ALA A 76 7.50 1.15 4.69
N TYR A 77 6.31 1.62 4.97
CA TYR A 77 5.85 2.93 4.41
C TYR A 77 5.46 3.88 5.54
N SER A 78 5.55 5.15 5.29
CA SER A 78 5.20 6.18 6.32
C SER A 78 3.73 6.58 6.15
N PHE A 79 3.04 5.89 5.26
CA PHE A 79 1.59 6.21 5.02
C PHE A 79 1.43 7.66 4.62
N GLY A 80 0.92 8.47 5.51
CA GLY A 80 0.71 9.91 5.21
C GLY A 80 1.97 10.69 5.56
N TRP A 81 2.20 10.90 6.83
CA TRP A 81 3.41 11.66 7.28
C TRP A 81 3.36 13.10 6.72
N ASP A 82 2.33 13.42 5.98
CA ASP A 82 2.21 14.79 5.40
C ASP A 82 2.01 15.81 6.52
N GLY A 83 1.32 15.42 7.56
CA GLY A 83 1.08 16.35 8.71
C GLY A 83 -0.08 17.31 8.38
N SER A 84 -0.90 16.93 7.44
CA SER A 84 -2.06 17.80 7.05
C SER A 84 -2.96 18.04 8.26
N GLU A 85 -3.81 17.10 8.57
CA GLU A 85 -4.74 17.28 9.73
C GLU A 85 -3.99 17.00 11.05
N VAL A 86 -3.83 15.74 11.39
CA VAL A 86 -3.11 15.39 12.66
C VAL A 86 -2.25 14.15 12.42
N VAL A 87 -1.13 14.33 11.75
CA VAL A 87 -0.21 13.18 11.46
C VAL A 87 1.24 13.67 11.52
N PRO A 88 1.62 14.27 12.62
CA PRO A 88 3.01 14.78 12.82
C PRO A 88 4.06 13.65 12.67
N PRO A 89 5.32 14.01 12.54
CA PRO A 89 6.41 13.01 12.39
C PRO A 89 6.30 11.86 13.40
N GLY A 90 6.40 10.66 12.91
CA GLY A 90 6.31 9.46 13.79
C GLY A 90 4.87 8.94 13.80
N SER A 91 3.94 9.81 13.51
CA SER A 91 2.51 9.38 13.50
C SER A 91 2.20 8.55 12.24
N SER A 92 1.24 7.68 12.36
CA SER A 92 0.83 6.79 11.22
C SER A 92 2.06 6.17 10.56
N LEU A 93 2.43 5.00 11.02
CA LEU A 93 3.60 4.28 10.44
C LEU A 93 3.17 2.90 9.95
N VAL A 94 3.50 2.59 8.73
CA VAL A 94 3.14 1.27 8.14
C VAL A 94 4.39 0.39 8.02
N GLU A 95 4.28 -0.83 8.48
CA GLU A 95 5.43 -1.78 8.42
C GLU A 95 4.99 -3.06 7.73
N ILE A 96 5.72 -3.46 6.73
CA ILE A 96 5.37 -4.70 5.98
C ILE A 96 6.57 -5.64 5.96
N ASP A 97 6.33 -6.89 6.27
CA ASP A 97 7.44 -7.91 6.29
C ASP A 97 7.05 -9.12 5.46
N LEU A 98 7.97 -9.59 4.66
CA LEU A 98 7.71 -10.77 3.80
C LEU A 98 8.33 -12.01 4.42
N ILE A 99 7.55 -13.05 4.57
CA ILE A 99 8.07 -14.32 5.18
C ILE A 99 7.76 -15.49 4.27
N GLU A 100 8.75 -16.29 3.98
CA GLU A 100 8.55 -17.47 3.09
C GLU A 100 7.73 -18.53 3.83
N GLN A 101 6.94 -19.25 3.10
CA GLN A 101 6.10 -20.32 3.71
C GLN A 101 5.94 -21.45 2.69
N GLY A 102 6.26 -21.17 1.44
CA GLY A 102 6.15 -22.22 0.38
C GLY A 102 4.85 -22.07 -0.41
N GLY A 103 4.82 -22.62 -1.60
CA GLY A 103 3.60 -22.53 -2.46
C GLY A 103 3.04 -21.11 -2.43
N GLY A 104 3.81 -20.17 -1.96
CA GLY A 104 3.33 -18.76 -1.90
C GLY A 104 4.18 -17.95 -0.91
N THR A 105 3.84 -16.70 -0.74
CA THR A 105 4.58 -15.81 0.21
C THR A 105 3.60 -15.13 1.15
N LEU A 106 3.87 -15.20 2.43
CA LEU A 106 2.98 -14.58 3.43
C LEU A 106 3.32 -13.11 3.58
N LEU A 107 2.31 -12.28 3.51
CA LEU A 107 2.53 -10.81 3.65
C LEU A 107 1.91 -10.31 4.96
N ARG A 108 2.71 -9.66 5.76
CA ARG A 108 2.22 -9.12 7.06
C ARG A 108 2.13 -7.60 6.97
N LEU A 109 1.04 -7.05 7.40
CA LEU A 109 0.86 -5.57 7.36
C LEU A 109 0.44 -5.05 8.72
N THR A 110 1.19 -4.12 9.25
CA THR A 110 0.88 -3.53 10.59
C THR A 110 0.76 -2.01 10.45
N HIS A 111 -0.32 -1.47 10.92
CA HIS A 111 -0.53 0.01 10.84
C HIS A 111 -0.79 0.57 12.24
N SER A 112 0.02 1.48 12.67
CA SER A 112 -0.15 2.09 14.02
C SER A 112 0.16 3.59 13.95
N GLY A 113 -0.52 4.36 14.75
CA GLY A 113 -0.31 5.83 14.77
C GLY A 113 -1.39 6.50 13.92
N LEU A 114 -2.62 6.12 14.12
CA LEU A 114 -3.73 6.71 13.32
C LEU A 114 -4.16 8.05 13.93
N PRO A 115 -4.58 8.99 13.12
CA PRO A 115 -5.00 10.33 13.60
C PRO A 115 -6.30 10.24 14.41
N SER A 116 -7.11 9.27 14.11
CA SER A 116 -8.40 9.09 14.84
C SER A 116 -8.91 7.67 14.63
N ALA A 117 -9.80 7.25 15.48
CA ALA A 117 -10.39 5.88 15.36
C ALA A 117 -11.20 5.78 14.08
N GLU A 118 -11.83 6.86 13.71
CA GLU A 118 -12.68 6.87 12.46
C GLU A 118 -11.85 6.36 11.28
N GLN A 119 -10.64 6.82 11.14
CA GLN A 119 -9.77 6.37 10.02
C GLN A 119 -9.45 4.88 10.18
N CYS A 120 -9.40 4.42 11.40
CA CYS A 120 -9.09 2.97 11.65
C CYS A 120 -10.15 2.10 10.98
N ALA A 121 -11.40 2.46 11.15
CA ALA A 121 -12.50 1.66 10.54
C ALA A 121 -12.42 1.73 9.01
N GLY A 122 -12.21 2.91 8.49
CA GLY A 122 -12.12 3.08 7.00
C GLY A 122 -10.88 2.36 6.46
N HIS A 123 -9.80 2.43 7.19
CA HIS A 123 -8.54 1.77 6.74
C HIS A 123 -8.74 0.25 6.73
N GLU A 124 -9.39 -0.27 7.72
CA GLU A 124 -9.61 -1.75 7.79
C GLU A 124 -10.37 -2.21 6.56
N GLU A 125 -11.42 -1.52 6.20
CA GLU A 125 -12.21 -1.91 5.00
C GLU A 125 -11.41 -1.62 3.73
N GLY A 126 -10.68 -0.55 3.73
CA GLY A 126 -9.86 -0.18 2.52
C GLY A 126 -8.74 -1.20 2.30
N TRP A 127 -7.98 -1.48 3.33
CA TRP A 127 -6.87 -2.46 3.18
C TRP A 127 -7.42 -3.85 2.89
N ALA A 128 -8.54 -4.19 3.48
CA ALA A 128 -9.13 -5.53 3.24
C ALA A 128 -9.42 -5.71 1.75
N HIS A 129 -10.07 -4.75 1.16
CA HIS A 129 -10.40 -4.83 -0.29
C HIS A 129 -9.12 -4.78 -1.13
N TYR A 130 -8.25 -3.86 -0.79
CA TYR A 130 -6.97 -3.69 -1.55
C TYR A 130 -6.14 -4.97 -1.45
N LEU A 131 -6.01 -5.50 -0.27
CA LEU A 131 -5.21 -6.74 -0.07
C LEU A 131 -5.86 -7.90 -0.83
N GLY A 132 -7.16 -7.98 -0.78
CA GLY A 132 -7.87 -9.08 -1.48
C GLY A 132 -7.61 -9.00 -2.99
N ARG A 133 -7.67 -7.81 -3.53
CA ARG A 133 -7.42 -7.63 -4.99
C ARG A 133 -5.96 -7.96 -5.32
N LEU A 134 -5.06 -7.53 -4.49
CA LEU A 134 -3.62 -7.82 -4.75
C LEU A 134 -3.37 -9.32 -4.71
N THR A 135 -4.01 -10.01 -3.80
CA THR A 135 -3.83 -11.48 -3.68
C THR A 135 -4.28 -12.15 -4.98
N GLU A 136 -5.40 -11.72 -5.51
CA GLU A 136 -5.92 -12.32 -6.77
C GLU A 136 -4.91 -12.13 -7.90
N VAL A 137 -4.30 -10.98 -7.97
CA VAL A 137 -3.31 -10.71 -9.04
C VAL A 137 -2.11 -11.66 -8.90
N ALA A 138 -1.62 -11.81 -7.69
CA ALA A 138 -0.45 -12.70 -7.46
C ALA A 138 -0.82 -14.16 -7.74
N ALA A 139 -2.02 -14.55 -7.35
CA ALA A 139 -2.46 -15.95 -7.58
C ALA A 139 -3.17 -16.06 -8.93
N GLY A 140 -3.33 -14.94 -9.61
CA GLY A 140 -4.03 -14.97 -10.94
C GLY A 140 -3.42 -13.92 -11.87
N ARG A 141 -4.22 -13.40 -12.77
CA ARG A 141 -3.73 -12.36 -13.72
C ARG A 141 -4.91 -11.81 -14.54
N ASP A 142 -4.76 -10.62 -15.03
CA ASP A 142 -5.83 -9.96 -15.85
C ASP A 142 -6.94 -9.44 -14.94
N PRO A 143 -6.63 -8.56 -14.02
CA PRO A 143 -7.65 -7.99 -13.09
C PRO A 143 -8.63 -7.06 -13.81
N GLY A 144 -9.81 -6.96 -13.27
CA GLY A 144 -10.86 -6.10 -13.88
C GLY A 144 -10.28 -4.73 -14.26
N PRO A 145 -11.09 -3.90 -14.87
CA PRO A 145 -10.66 -2.54 -15.30
C PRO A 145 -10.29 -1.64 -14.10
N ASP A 146 -9.27 -0.85 -14.25
CA ASP A 146 -8.84 0.10 -13.18
C ASP A 146 -8.68 1.54 -13.73
N PRO A 147 -9.34 1.89 -14.83
CA PRO A 147 -9.26 3.27 -15.40
C PRO A 147 -9.46 4.35 -14.32
N PHE A 148 -8.45 4.60 -13.55
CA PHE A 148 -8.53 5.63 -12.48
C PHE A 148 -9.79 5.44 -11.62
N TYR A 149 -9.93 6.23 -10.60
CA TYR A 149 -11.12 6.13 -9.69
C TYR A 149 -12.39 6.52 -10.46
N GLY A 150 -12.56 7.77 -10.73
CA GLY A 150 -13.80 8.21 -11.47
C GLY A 150 -13.98 9.71 -11.32
N ARG A 151 -14.82 10.29 -12.14
CA ARG A 151 -15.10 11.77 -12.10
C ARG A 151 -13.87 12.53 -11.63
N ARG A 152 -12.79 12.42 -12.35
CA ARG A 152 -11.53 13.11 -11.96
C ARG A 152 -11.67 14.61 -12.15
N LEU A 153 -11.30 15.36 -11.15
CA LEU A 153 -11.39 16.85 -11.24
C LEU A 153 -10.08 17.49 -10.78
N GLU A 154 -9.50 18.32 -11.61
CA GLU A 154 -8.21 19.00 -11.25
C GLU A 154 -8.30 20.49 -11.58
N HIS A 155 -7.54 21.28 -10.88
CA HIS A 155 -7.54 22.76 -11.11
C HIS A 155 -6.90 23.09 -12.45
N HIS A 156 -6.56 24.33 -12.66
CA HIS A 156 -5.93 24.74 -13.96
C HIS A 156 -5.13 26.04 -13.77
N HIS A 157 -4.72 26.61 -14.87
CA HIS A 157 -3.94 27.88 -14.83
C HIS A 157 -2.65 27.68 -14.03
N HIS A 158 -2.75 27.70 -12.73
CA HIS A 158 -1.55 27.54 -11.86
C HIS A 158 -1.34 26.06 -11.51
N HIS A 159 -0.16 25.57 -11.77
CA HIS A 159 0.17 24.14 -11.47
C HIS A 159 -0.92 23.23 -12.00
N HIS A 160 -0.78 21.96 -11.75
CA HIS A 160 -1.78 20.96 -12.23
C HIS A 160 -3.19 21.45 -11.90
#